data_2ZUS
#
_entry.id   2ZUS
#
_cell.length_a   67.764
_cell.length_b   111.483
_cell.length_c   118.793
_cell.angle_alpha   105.130
_cell.angle_beta   90.220
_cell.angle_gamma   107.780
#
_symmetry.space_group_name_H-M   'P 1'
#
loop_
_entity.id
_entity.type
_entity.pdbx_description
1 polymer 'Lacto-N-biose phosphorylase'
2 non-polymer 'MAGNESIUM ION'
3 water water
#
_entity_poly.entity_id   1
_entity_poly.type   'polypeptide(L)'
_entity_poly.pdbx_seq_one_letter_code
;MTSTGRFTLPSEENFAEKTKELAELWGADAIRNSDGTHLDEAVLALGKKIYNAYFPTRAHNEWITLHMDETPQVYLLTDR
ILAESDTVDIPLMESFFAEQLKPNRDADPHKYWEVVDRTTGEVVDSANWTLDADEDTVHVSGVAAWHEYTVSFLAYIIWD
PVEMYNHLTNDWGDKEHEIPFDIYHPATRKFVFDTFEQWLKDSPQTDVVRFTTFFYQFTLLFDEKRREKVVDWFGCACTV
SPRALDDFEAKYGYRLRPEDFVDGGAYNSAWRVPRKAQRDWIDFLSGFVRENVKQLADMSHAAGKEAMMFLGDQWIGTEP
YKDGFDELGLDAVVGSIGDGTTTRMIADIPGVKYTEGRFLPYFFPDTFYEGNDPSIEGLDNWRKARRAILRSPISRMGYG
GYLSLAAKFPKFVDTVTHIANEFRDIHDRTGGVAAEGELNVAILNSWGKMRSWMAFTVAHALPNKQTYSYYGILESLSGM
RVNVRFISFDDVLAHGIDSDIDVIINGGPVDTAFTGGDVWTNPKLVETVRAWVRGGGAFVGVGEPSSAPRFQTGRFFQLA
DVIGVDEERYQTLSVDKYFPPVVPDHFITADVPVDPAAREAWEQAGYRIPLSGCGGGQSIKPLGGIDFGEPVLNTYPVNE
NVTLLRADGGQVQLATNDYGKGRGVYISGLPYSAANARLLERVLFYASHNEDKYAAWSSSNPECEVAHFPEQGLYCVINN
TDQPQKTTVTLADGTTEDFDLPDSGIAWREALEHHHHHH
;
_entity_poly.pdbx_strand_id   A,B,C,D
#
# COMPACT_ATOMS: atom_id res chain seq x y z
N THR A 2 25.62 29.46 -10.18
CA THR A 2 24.52 28.54 -10.09
C THR A 2 23.67 28.55 -11.30
N SER A 3 23.78 27.52 -12.14
CA SER A 3 23.07 27.37 -13.39
C SER A 3 21.72 28.00 -13.47
N THR A 4 21.42 28.55 -14.65
CA THR A 4 20.06 28.96 -14.95
C THR A 4 19.69 28.54 -16.38
N GLY A 5 18.38 28.47 -16.66
CA GLY A 5 17.87 28.21 -18.00
C GLY A 5 17.41 26.77 -18.26
N ARG A 6 17.06 26.47 -19.50
CA ARG A 6 16.53 25.14 -19.88
C ARG A 6 15.28 24.75 -19.07
N PHE A 7 14.53 25.72 -18.61
CA PHE A 7 13.42 25.47 -17.69
C PHE A 7 12.24 26.41 -17.93
N THR A 8 11.06 25.81 -18.11
CA THR A 8 9.80 26.52 -18.37
C THR A 8 8.84 26.47 -17.17
N LEU A 9 8.40 27.64 -16.73
CA LEU A 9 7.59 27.78 -15.53
C LEU A 9 6.17 28.26 -15.88
N PRO A 10 5.14 27.65 -15.29
CA PRO A 10 3.81 28.16 -15.53
C PRO A 10 3.51 29.45 -14.74
N SER A 11 2.76 30.37 -15.34
CA SER A 11 2.29 31.56 -14.63
C SER A 11 0.77 31.67 -14.64
N GLU A 12 0.27 32.64 -13.87
CA GLU A 12 -1.18 32.90 -13.73
C GLU A 12 -1.34 34.29 -13.16
N GLU A 13 -2.49 34.90 -13.43
CA GLU A 13 -2.81 36.26 -12.94
C GLU A 13 -2.80 36.34 -11.41
N ASN A 14 -2.58 37.56 -10.89
CA ASN A 14 -2.53 37.80 -9.46
C ASN A 14 -1.43 37.02 -8.76
N PHE A 15 -0.29 36.87 -9.43
CA PHE A 15 0.77 36.03 -8.88
C PHE A 15 2.18 36.49 -9.26
N ALA A 16 2.36 37.81 -9.37
CA ALA A 16 3.62 38.41 -9.81
C ALA A 16 4.82 38.10 -8.88
N GLU A 17 4.66 38.33 -7.57
CA GLU A 17 5.71 38.06 -6.56
C GLU A 17 6.29 36.64 -6.57
N LYS A 18 5.41 35.65 -6.51
CA LYS A 18 5.78 34.25 -6.38
C LYS A 18 6.35 33.69 -7.67
N THR A 19 5.80 34.13 -8.80
CA THR A 19 6.36 33.83 -10.11
C THR A 19 7.84 34.24 -10.19
N LYS A 20 8.18 35.47 -9.82
CA LYS A 20 9.59 35.88 -9.93
C LYS A 20 10.49 35.14 -8.93
N GLU A 21 9.95 34.86 -7.74
CA GLU A 21 10.68 34.10 -6.72
C GLU A 21 11.01 32.71 -7.23
N LEU A 22 10.01 32.04 -7.79
CA LEU A 22 10.18 30.66 -8.25
C LEU A 22 11.00 30.60 -9.53
N ALA A 23 10.79 31.55 -10.45
CA ALA A 23 11.61 31.64 -11.65
C ALA A 23 13.11 31.79 -11.29
N GLU A 24 13.36 32.66 -10.30
CA GLU A 24 14.69 32.86 -9.70
C GLU A 24 15.24 31.56 -9.09
N LEU A 25 14.43 30.93 -8.24
CA LEU A 25 14.77 29.74 -7.47
C LEU A 25 15.05 28.51 -8.36
N TRP A 26 14.23 28.36 -9.38
CA TRP A 26 14.29 27.21 -10.29
C TRP A 26 15.13 27.48 -11.55
N GLY A 27 15.57 28.73 -11.71
CA GLY A 27 16.35 29.14 -12.87
C GLY A 27 15.60 29.01 -14.20
N ALA A 28 14.32 29.35 -14.20
CA ALA A 28 13.51 29.43 -15.42
C ALA A 28 13.98 30.50 -16.40
N ASP A 29 14.10 30.14 -17.68
CA ASP A 29 14.32 31.13 -18.73
C ASP A 29 13.06 31.30 -19.60
N ALA A 30 11.98 30.59 -19.25
CA ALA A 30 10.74 30.72 -19.99
C ALA A 30 9.53 30.66 -19.09
N ILE A 31 8.50 31.40 -19.47
CA ILE A 31 7.26 31.41 -18.74
C ILE A 31 6.10 31.14 -19.67
N ARG A 32 5.25 30.20 -19.24
CA ARG A 32 4.02 29.87 -19.93
C ARG A 32 2.85 30.69 -19.39
N ASN A 33 2.46 31.68 -20.19
CA ASN A 33 1.28 32.51 -20.01
C ASN A 33 0.06 31.60 -19.88
N SER A 34 -0.80 31.85 -18.89
CA SER A 34 -2.01 31.06 -18.78
C SER A 34 -2.90 31.35 -19.99
N ASP A 35 -3.46 30.27 -20.55
CA ASP A 35 -4.14 30.30 -21.85
C ASP A 35 -5.12 31.49 -22.00
N GLY A 36 -5.26 32.00 -23.22
CA GLY A 36 -5.96 33.28 -23.44
C GLY A 36 -5.08 34.38 -22.89
N THR A 37 -5.61 35.15 -21.93
CA THR A 37 -4.80 35.99 -21.02
C THR A 37 -3.64 36.79 -21.65
N HIS A 38 -3.64 38.11 -21.46
CA HIS A 38 -2.39 38.89 -21.61
C HIS A 38 -1.83 38.91 -20.19
N LEU A 39 -0.51 38.76 -20.03
CA LEU A 39 0.02 38.56 -18.66
C LEU A 39 0.50 39.83 -17.97
N ASP A 40 0.64 39.77 -16.64
CA ASP A 40 1.14 40.88 -15.81
C ASP A 40 2.41 41.50 -16.40
N GLU A 41 2.49 42.83 -16.37
CA GLU A 41 3.67 43.55 -16.87
C GLU A 41 4.91 43.26 -16.03
N ALA A 42 4.69 42.96 -14.75
CA ALA A 42 5.75 42.60 -13.83
C ALA A 42 6.39 41.26 -14.24
N VAL A 43 5.57 40.37 -14.78
CA VAL A 43 6.03 39.10 -15.37
C VAL A 43 6.75 39.33 -16.71
N LEU A 44 6.16 40.18 -17.56
CA LEU A 44 6.75 40.48 -18.88
C LEU A 44 8.06 41.23 -18.78
N ALA A 45 8.18 42.06 -17.74
CA ALA A 45 9.43 42.78 -17.43
C ALA A 45 10.59 41.89 -16.97
N LEU A 46 10.29 40.62 -16.63
CA LEU A 46 11.36 39.67 -16.23
C LEU A 46 12.22 39.25 -17.41
N GLY A 47 11.74 39.53 -18.62
CA GLY A 47 12.51 39.30 -19.84
C GLY A 47 12.76 37.83 -20.13
N LYS A 48 11.85 36.99 -19.66
CA LYS A 48 11.86 35.57 -19.97
C LYS A 48 11.28 35.31 -21.36
N LYS A 49 11.59 34.16 -21.94
CA LYS A 49 10.97 33.71 -23.17
C LYS A 49 9.49 33.35 -22.90
N ILE A 50 8.56 34.04 -23.57
CA ILE A 50 7.13 33.86 -23.30
C ILE A 50 6.45 32.80 -24.21
N TYR A 51 5.95 31.73 -23.60
CA TYR A 51 5.18 30.71 -24.30
C TYR A 51 3.73 31.08 -24.24
N ASN A 52 3.06 31.06 -25.38
CA ASN A 52 1.61 31.15 -25.41
C ASN A 52 1.07 30.02 -26.24
N ALA A 53 0.08 29.31 -25.67
CA ALA A 53 -0.52 28.15 -26.33
C ALA A 53 -1.56 28.57 -27.35
N TYR A 54 -1.59 27.84 -28.47
CA TYR A 54 -2.54 28.05 -29.54
C TYR A 54 -3.38 26.79 -29.83
N PHE A 55 -4.68 27.01 -30.00
CA PHE A 55 -5.65 25.93 -30.11
C PHE A 55 -6.37 26.08 -31.47
N PRO A 56 -5.69 25.68 -32.55
CA PRO A 56 -6.16 26.10 -33.89
C PRO A 56 -7.52 25.58 -34.34
N THR A 57 -7.97 24.43 -33.84
CA THR A 57 -9.22 23.85 -34.36
C THR A 57 -10.35 23.69 -33.33
N ARG A 58 -10.35 24.60 -32.35
CA ARG A 58 -11.39 24.75 -31.33
C ARG A 58 -11.38 26.16 -30.72
N ALA A 59 -12.32 26.40 -29.80
CA ALA A 59 -12.45 27.67 -29.08
C ALA A 59 -12.97 28.77 -29.98
N HIS A 60 -13.73 28.40 -31.02
CA HIS A 60 -14.38 29.37 -31.87
C HIS A 60 -15.75 28.86 -32.34
N ASN A 61 -16.64 28.60 -31.39
CA ASN A 61 -18.02 28.18 -31.68
C ASN A 61 -18.77 29.15 -32.59
N GLU A 62 -18.38 30.43 -32.53
CA GLU A 62 -19.08 31.46 -33.30
C GLU A 62 -18.87 31.24 -34.80
N TRP A 63 -17.76 30.58 -35.17
CA TRP A 63 -17.57 30.18 -36.55
C TRP A 63 -18.33 28.90 -36.83
N ILE A 64 -18.00 27.85 -36.08
CA ILE A 64 -18.38 26.49 -36.48
C ILE A 64 -19.88 26.17 -36.35
N THR A 65 -20.57 26.82 -35.42
CA THR A 65 -22.04 26.68 -35.31
C THR A 65 -22.73 27.18 -36.57
N LEU A 66 -22.02 27.99 -37.35
CA LEU A 66 -22.56 28.53 -38.60
C LEU A 66 -22.13 27.70 -39.80
N HIS A 67 -21.31 26.66 -39.55
CA HIS A 67 -20.84 25.76 -40.60
C HIS A 67 -20.67 24.34 -40.06
N MET A 68 -21.75 23.78 -39.50
CA MET A 68 -21.70 22.52 -38.77
C MET A 68 -21.40 21.28 -39.63
N ASP A 69 -21.51 21.38 -40.95
CA ASP A 69 -21.11 20.30 -41.82
C ASP A 69 -19.58 20.28 -41.99
N GLU A 70 -18.90 21.18 -41.30
CA GLU A 70 -17.42 21.27 -41.40
C GLU A 70 -16.67 20.86 -40.13
N THR A 71 -17.37 20.23 -39.19
CA THR A 71 -16.75 19.60 -38.02
C THR A 71 -16.01 18.31 -38.47
N PRO A 72 -15.10 17.79 -37.65
CA PRO A 72 -14.43 16.55 -38.08
C PRO A 72 -15.40 15.37 -38.03
N GLN A 73 -15.02 14.26 -38.64
CA GLN A 73 -15.90 13.11 -38.77
C GLN A 73 -15.10 11.83 -38.52
N VAL A 74 -15.85 10.79 -38.18
CA VAL A 74 -15.30 9.48 -37.95
C VAL A 74 -16.32 8.47 -38.49
N TYR A 75 -15.85 7.36 -39.07
CA TYR A 75 -16.72 6.17 -39.24
C TYR A 75 -16.98 5.48 -37.90
N LEU A 76 -18.26 5.24 -37.61
CA LEU A 76 -18.66 4.55 -36.41
C LEU A 76 -19.25 3.20 -36.80
N LEU A 77 -19.01 2.19 -35.99
CA LEU A 77 -19.64 0.88 -36.19
C LEU A 77 -20.67 0.64 -35.09
N THR A 78 -21.91 0.31 -35.47
CA THR A 78 -22.99 0.03 -34.50
C THR A 78 -22.74 -1.26 -33.70
N ASP A 79 -23.56 -1.50 -32.67
CA ASP A 79 -23.60 -2.82 -32.05
C ASP A 79 -24.04 -3.86 -33.06
N ARG A 80 -23.65 -5.11 -32.84
CA ARG A 80 -24.08 -6.22 -33.69
C ARG A 80 -25.55 -6.54 -33.40
N ILE A 81 -26.44 -6.48 -34.40
CA ILE A 81 -27.88 -6.77 -34.18
C ILE A 81 -28.31 -8.10 -34.81
N LEU A 82 -28.95 -8.94 -34.01
CA LEU A 82 -29.31 -10.27 -34.46
C LEU A 82 -30.65 -10.24 -35.21
N ALA A 83 -30.62 -10.62 -36.48
CA ALA A 83 -31.86 -10.75 -37.24
C ALA A 83 -32.53 -12.03 -36.79
N GLU A 84 -33.84 -11.98 -36.53
CA GLU A 84 -34.58 -13.22 -36.19
C GLU A 84 -35.61 -13.60 -37.26
N SER A 85 -35.55 -12.88 -38.38
CA SER A 85 -36.27 -13.19 -39.62
C SER A 85 -35.49 -12.51 -40.77
N ASP A 86 -36.12 -12.27 -41.91
CA ASP A 86 -35.45 -11.59 -43.04
C ASP A 86 -35.40 -10.05 -42.96
N THR A 87 -35.79 -9.47 -41.83
CA THR A 87 -35.66 -8.04 -41.64
C THR A 87 -34.98 -7.83 -40.31
N VAL A 88 -34.32 -6.68 -40.18
CA VAL A 88 -33.68 -6.31 -38.93
C VAL A 88 -33.59 -4.80 -38.89
N ASP A 89 -33.78 -4.23 -37.71
CA ASP A 89 -33.61 -2.80 -37.52
C ASP A 89 -32.38 -2.55 -36.65
N ILE A 90 -31.56 -1.59 -37.07
CA ILE A 90 -30.28 -1.29 -36.42
C ILE A 90 -30.25 0.16 -35.97
N PRO A 91 -30.32 0.39 -34.64
CA PRO A 91 -30.12 1.74 -34.10
C PRO A 91 -28.67 2.20 -34.25
N LEU A 92 -28.47 3.43 -34.68
CA LEU A 92 -27.15 3.96 -34.96
C LEU A 92 -26.40 4.40 -33.72
N MET A 93 -27.12 5.03 -32.79
CA MET A 93 -26.50 5.86 -31.76
C MET A 93 -26.55 5.32 -30.34
N GLU A 94 -27.15 4.12 -30.15
CA GLU A 94 -27.41 3.58 -28.82
C GLU A 94 -26.18 3.22 -28.02
N SER A 95 -25.07 2.93 -28.69
CA SER A 95 -23.82 2.59 -27.97
C SER A 95 -22.81 3.77 -27.84
N PHE A 96 -23.18 4.94 -28.31
CA PHE A 96 -22.27 6.09 -28.41
C PHE A 96 -22.81 7.28 -27.63
N PHE A 97 -21.90 8.20 -27.31
CA PHE A 97 -22.20 9.40 -26.55
C PHE A 97 -22.75 10.53 -27.43
N ALA A 98 -24.05 10.80 -27.28
CA ALA A 98 -24.77 11.73 -28.14
C ALA A 98 -24.27 13.17 -28.01
N GLU A 99 -23.56 13.47 -26.93
CA GLU A 99 -22.98 14.82 -26.75
C GLU A 99 -21.66 15.04 -27.51
N GLN A 100 -21.07 13.94 -27.99
CA GLN A 100 -19.81 14.00 -28.74
C GLN A 100 -20.06 13.73 -30.22
N LEU A 101 -21.05 12.90 -30.53
CA LEU A 101 -21.16 12.30 -31.85
C LEU A 101 -22.62 12.38 -32.34
N LYS A 102 -22.78 12.53 -33.64
CA LYS A 102 -24.06 12.81 -34.30
C LYS A 102 -23.98 12.26 -35.71
N PRO A 103 -24.90 11.34 -36.08
CA PRO A 103 -24.89 10.85 -37.44
C PRO A 103 -24.94 11.97 -38.47
N ASN A 104 -24.23 11.77 -39.59
CA ASN A 104 -24.18 12.71 -40.70
C ASN A 104 -25.29 12.31 -41.66
N ARG A 105 -26.36 13.10 -41.68
CA ARG A 105 -27.51 12.83 -42.55
C ARG A 105 -27.43 13.67 -43.82
N ASP A 106 -26.44 14.56 -43.92
CA ASP A 106 -26.30 15.46 -45.06
C ASP A 106 -25.69 14.71 -46.29
N ALA A 107 -24.66 13.90 -46.06
CA ALA A 107 -23.97 13.22 -47.15
C ALA A 107 -24.63 11.87 -47.35
N ASP A 108 -25.16 11.67 -48.55
CA ASP A 108 -25.87 10.46 -48.94
C ASP A 108 -25.41 9.14 -48.23
N PRO A 109 -26.24 8.60 -47.32
CA PRO A 109 -25.89 7.36 -46.63
C PRO A 109 -25.60 6.20 -47.59
N HIS A 110 -26.32 6.13 -48.70
CA HIS A 110 -26.10 5.03 -49.61
C HIS A 110 -24.77 5.10 -50.35
N LYS A 111 -24.19 6.29 -50.43
CA LYS A 111 -22.85 6.41 -50.99
C LYS A 111 -21.75 6.12 -49.95
N TYR A 112 -21.93 6.62 -48.73
CA TYR A 112 -20.84 6.77 -47.78
C TYR A 112 -20.85 5.73 -46.66
N TRP A 113 -21.96 5.01 -46.50
CA TRP A 113 -22.16 4.04 -45.41
C TRP A 113 -22.19 2.62 -45.96
N GLU A 114 -22.08 1.64 -45.04
CA GLU A 114 -22.10 0.22 -45.38
C GLU A 114 -22.87 -0.57 -44.30
N VAL A 115 -23.80 -1.40 -44.75
CA VAL A 115 -24.44 -2.38 -43.87
C VAL A 115 -23.77 -3.71 -44.16
N VAL A 116 -23.28 -4.34 -43.09
CA VAL A 116 -22.54 -5.58 -43.19
C VAL A 116 -23.27 -6.68 -42.41
N ASP A 117 -23.38 -7.84 -43.05
CA ASP A 117 -23.69 -9.11 -42.41
C ASP A 117 -22.43 -9.68 -41.78
N ARG A 118 -22.30 -9.56 -40.47
CA ARG A 118 -21.04 -9.91 -39.81
C ARG A 118 -20.81 -11.41 -39.76
N THR A 119 -21.90 -12.17 -39.89
CA THR A 119 -21.84 -13.63 -39.90
C THR A 119 -21.17 -14.18 -41.18
N THR A 120 -21.38 -13.51 -42.31
CA THR A 120 -20.73 -13.93 -43.54
C THR A 120 -19.58 -13.00 -43.99
N GLY A 121 -19.47 -11.81 -43.39
CA GLY A 121 -18.57 -10.77 -43.88
C GLY A 121 -19.04 -9.99 -45.10
N GLU A 122 -20.22 -10.33 -45.64
CA GLU A 122 -20.75 -9.66 -46.83
C GLU A 122 -21.42 -8.30 -46.63
N VAL A 123 -21.16 -7.39 -47.56
CA VAL A 123 -21.84 -6.11 -47.60
C VAL A 123 -23.29 -6.35 -48.05
N VAL A 124 -24.24 -5.77 -47.32
CA VAL A 124 -25.64 -5.84 -47.74
C VAL A 124 -25.90 -4.82 -48.87
N ASP A 125 -26.61 -5.27 -49.89
CA ASP A 125 -27.03 -4.40 -50.99
C ASP A 125 -27.68 -3.12 -50.50
N SER A 126 -27.27 -1.97 -51.04
CA SER A 126 -27.81 -0.71 -50.52
C SER A 126 -29.28 -0.53 -50.94
N ALA A 127 -29.72 -1.35 -51.89
CA ALA A 127 -31.13 -1.41 -52.24
C ALA A 127 -31.96 -2.14 -51.15
N ASN A 128 -31.30 -2.86 -50.23
CA ASN A 128 -31.99 -3.58 -49.17
C ASN A 128 -32.08 -2.82 -47.83
N TRP A 129 -31.68 -1.56 -47.81
CA TRP A 129 -31.80 -0.80 -46.55
C TRP A 129 -32.19 0.63 -46.73
N THR A 130 -32.81 1.19 -45.69
CA THR A 130 -33.20 2.59 -45.72
C THR A 130 -32.86 3.19 -44.39
N LEU A 131 -32.51 4.48 -44.39
CA LEU A 131 -32.39 5.23 -43.16
C LEU A 131 -33.75 5.89 -42.88
N ASP A 132 -34.34 5.56 -41.74
CA ASP A 132 -35.59 6.18 -41.24
C ASP A 132 -35.49 7.70 -41.23
N ALA A 133 -36.52 8.37 -41.75
CA ALA A 133 -36.56 9.83 -41.78
C ALA A 133 -36.67 10.49 -40.39
N ASP A 134 -37.24 9.78 -39.42
CA ASP A 134 -37.57 10.38 -38.10
C ASP A 134 -36.64 10.10 -36.93
N GLU A 135 -35.81 9.08 -37.07
CA GLU A 135 -34.93 8.67 -35.99
C GLU A 135 -33.71 7.93 -36.54
N ASP A 136 -32.70 7.78 -35.70
CA ASP A 136 -31.42 7.25 -36.20
C ASP A 136 -31.39 5.73 -36.20
N THR A 137 -32.15 5.17 -37.13
CA THR A 137 -32.35 3.73 -37.25
C THR A 137 -32.34 3.35 -38.72
N VAL A 138 -31.56 2.31 -39.04
CA VAL A 138 -31.49 1.75 -40.39
C VAL A 138 -32.34 0.51 -40.47
N HIS A 139 -33.23 0.44 -41.46
CA HIS A 139 -34.09 -0.74 -41.66
C HIS A 139 -33.55 -1.61 -42.78
N VAL A 140 -33.30 -2.88 -42.46
CA VAL A 140 -32.78 -3.81 -43.44
C VAL A 140 -33.81 -4.88 -43.73
N SER A 141 -33.92 -5.26 -45.00
CA SER A 141 -34.84 -6.34 -45.37
C SER A 141 -34.20 -7.27 -46.38
N GLY A 142 -34.83 -8.41 -46.62
CA GLY A 142 -34.27 -9.42 -47.53
C GLY A 142 -32.92 -9.99 -47.10
N VAL A 143 -32.66 -10.10 -45.80
CA VAL A 143 -31.40 -10.69 -45.36
C VAL A 143 -31.67 -12.03 -44.66
N ALA A 144 -30.60 -12.69 -44.17
CA ALA A 144 -30.70 -14.00 -43.53
C ALA A 144 -31.03 -13.87 -42.06
N ALA A 145 -31.96 -14.71 -41.59
CA ALA A 145 -32.27 -14.80 -40.17
C ALA A 145 -31.13 -15.47 -39.45
N TRP A 146 -30.91 -15.07 -38.20
CA TRP A 146 -29.90 -15.65 -37.32
C TRP A 146 -28.47 -15.26 -37.66
N HIS A 147 -28.33 -14.22 -38.50
CA HIS A 147 -27.06 -13.53 -38.72
C HIS A 147 -27.02 -12.21 -37.91
N GLU A 148 -25.81 -11.72 -37.62
CA GLU A 148 -25.61 -10.40 -37.00
C GLU A 148 -25.30 -9.34 -38.05
N TYR A 149 -25.86 -8.14 -37.88
CA TYR A 149 -25.71 -7.03 -38.85
C TYR A 149 -25.27 -5.77 -38.14
N THR A 150 -24.52 -4.95 -38.85
CA THR A 150 -24.11 -3.66 -38.32
C THR A 150 -24.18 -2.67 -39.45
N VAL A 151 -24.12 -1.40 -39.07
CA VAL A 151 -23.98 -0.30 -40.00
C VAL A 151 -22.68 0.41 -39.70
N SER A 152 -21.95 0.80 -40.74
CA SER A 152 -20.82 1.68 -40.55
C SER A 152 -21.28 3.01 -41.08
N PHE A 153 -21.22 4.03 -40.24
CA PHE A 153 -21.81 5.29 -40.65
C PHE A 153 -20.91 6.48 -40.33
N LEU A 154 -21.05 7.54 -41.12
CA LEU A 154 -20.33 8.78 -40.88
C LEU A 154 -21.01 9.55 -39.77
N ALA A 155 -20.21 9.97 -38.81
CA ALA A 155 -20.66 10.80 -37.70
C ALA A 155 -19.85 12.10 -37.57
N TYR A 156 -20.54 13.23 -37.48
CA TYR A 156 -19.92 14.48 -37.07
C TYR A 156 -19.47 14.33 -35.62
N ILE A 157 -18.27 14.83 -35.33
CA ILE A 157 -17.75 14.97 -33.96
C ILE A 157 -18.07 16.41 -33.49
N ILE A 158 -18.95 16.55 -32.50
CA ILE A 158 -19.44 17.87 -32.10
C ILE A 158 -18.81 18.43 -30.81
N TRP A 159 -17.89 17.67 -30.21
CA TRP A 159 -17.31 18.08 -28.94
C TRP A 159 -15.83 17.69 -28.95
N ASP A 160 -14.96 18.70 -28.88
CA ASP A 160 -13.55 18.46 -28.94
C ASP A 160 -13.16 17.60 -27.73
N PRO A 161 -12.38 16.53 -27.98
CA PRO A 161 -12.07 15.50 -26.97
C PRO A 161 -11.27 16.05 -25.80
N VAL A 162 -10.37 16.97 -26.06
CA VAL A 162 -9.61 17.55 -24.97
C VAL A 162 -10.53 18.38 -24.07
N GLU A 163 -11.33 19.26 -24.65
CA GLU A 163 -12.28 20.07 -23.89
C GLU A 163 -13.32 19.19 -23.20
N MET A 164 -13.76 18.14 -23.88
CA MET A 164 -14.68 17.15 -23.29
C MET A 164 -14.11 16.44 -22.06
N TYR A 165 -12.93 15.84 -22.23
CA TYR A 165 -12.27 15.12 -21.15
C TYR A 165 -12.12 16.00 -19.91
N ASN A 166 -11.67 17.24 -20.10
CA ASN A 166 -11.57 18.18 -18.98
C ASN A 166 -12.93 18.44 -18.32
N HIS A 167 -13.90 18.84 -19.12
CA HIS A 167 -15.26 19.06 -18.66
C HIS A 167 -15.77 17.91 -17.78
N LEU A 168 -15.74 16.68 -18.30
CA LEU A 168 -16.24 15.49 -17.59
C LEU A 168 -15.40 15.16 -16.36
N THR A 169 -14.09 15.41 -16.47
CA THR A 169 -13.13 15.14 -15.39
C THR A 169 -13.17 16.17 -14.25
N ASN A 170 -13.43 17.43 -14.55
CA ASN A 170 -13.50 18.49 -13.53
C ASN A 170 -14.91 19.09 -13.45
N ASP A 171 -15.93 18.26 -13.69
CA ASP A 171 -17.30 18.71 -14.04
C ASP A 171 -17.54 20.22 -14.07
N TRP A 172 -17.33 20.80 -15.25
CA TRP A 172 -17.58 22.24 -15.48
C TRP A 172 -19.07 22.53 -15.71
N GLY A 173 -19.92 21.60 -15.27
CA GLY A 173 -21.36 21.77 -15.26
C GLY A 173 -22.00 21.97 -16.61
N ASP A 174 -22.64 23.13 -16.78
CA ASP A 174 -23.35 23.49 -18.01
C ASP A 174 -22.56 24.48 -18.88
N LYS A 175 -21.26 24.63 -18.62
CA LYS A 175 -20.38 25.40 -19.51
C LYS A 175 -20.53 24.90 -20.95
N GLU A 176 -20.49 25.83 -21.91
CA GLU A 176 -20.67 25.54 -23.33
C GLU A 176 -19.64 24.52 -23.82
N HIS A 177 -20.08 23.54 -24.61
CA HIS A 177 -19.15 22.56 -25.19
C HIS A 177 -18.45 23.15 -26.41
N GLU A 178 -17.12 23.08 -26.43
CA GLU A 178 -16.34 23.54 -27.59
C GLU A 178 -16.42 22.58 -28.78
N ILE A 179 -16.88 23.08 -29.92
CA ILE A 179 -17.06 22.28 -31.11
C ILE A 179 -15.81 22.33 -31.99
N PRO A 180 -15.24 21.14 -32.32
CA PRO A 180 -14.04 21.14 -33.17
C PRO A 180 -14.38 21.43 -34.63
N PHE A 181 -13.37 21.86 -35.40
CA PHE A 181 -13.55 22.12 -36.83
C PHE A 181 -12.45 21.55 -37.74
N ASP A 182 -12.86 21.11 -38.92
CA ASP A 182 -11.97 20.38 -39.82
C ASP A 182 -11.47 21.28 -40.93
N ILE A 183 -10.18 21.59 -40.90
CA ILE A 183 -9.58 22.46 -41.92
C ILE A 183 -9.48 21.85 -43.34
N TYR A 184 -9.83 20.57 -43.53
CA TYR A 184 -9.91 20.03 -44.88
C TYR A 184 -10.87 20.84 -45.75
N HIS A 185 -11.87 21.43 -45.12
CA HIS A 185 -12.81 22.30 -45.82
C HIS A 185 -12.26 23.72 -45.96
N PRO A 186 -12.24 24.26 -47.19
CA PRO A 186 -11.59 25.56 -47.46
C PRO A 186 -12.12 26.77 -46.66
N ALA A 187 -13.42 26.81 -46.39
CA ALA A 187 -14.04 27.88 -45.59
C ALA A 187 -13.46 27.90 -44.16
N THR A 188 -13.55 26.75 -43.49
CA THR A 188 -12.92 26.56 -42.19
C THR A 188 -11.41 26.83 -42.24
N ARG A 189 -10.73 26.32 -43.25
CA ARG A 189 -9.29 26.51 -43.32
C ARG A 189 -8.95 28.01 -43.39
N LYS A 190 -9.70 28.76 -44.20
CA LYS A 190 -9.52 30.22 -44.32
C LYS A 190 -9.81 30.91 -42.98
N PHE A 191 -10.89 30.53 -42.31
CA PHE A 191 -11.15 31.03 -40.96
C PHE A 191 -9.94 30.81 -40.02
N VAL A 192 -9.32 29.63 -40.09
CA VAL A 192 -8.23 29.28 -39.17
C VAL A 192 -6.98 30.13 -39.41
N PHE A 193 -6.53 30.18 -40.64
CA PHE A 193 -5.35 30.98 -40.95
C PHE A 193 -5.54 32.49 -40.78
N ASP A 194 -6.75 32.99 -41.07
CA ASP A 194 -7.07 34.41 -40.89
C ASP A 194 -7.05 34.76 -39.40
N THR A 195 -7.66 33.89 -38.61
CA THR A 195 -7.66 34.04 -37.19
C THR A 195 -6.22 33.97 -36.64
N PHE A 196 -5.41 33.07 -37.18
CA PHE A 196 -4.05 32.94 -36.66
C PHE A 196 -3.21 34.17 -36.98
N GLU A 197 -3.50 34.79 -38.11
CA GLU A 197 -2.78 35.96 -38.59
C GLU A 197 -3.03 37.16 -37.67
N GLN A 198 -4.29 37.31 -37.26
CA GLN A 198 -4.78 38.36 -36.37
C GLN A 198 -4.28 38.18 -34.93
N TRP A 199 -4.33 36.94 -34.45
CA TRP A 199 -3.77 36.59 -33.16
C TRP A 199 -2.27 36.89 -33.11
N LEU A 200 -1.55 36.61 -34.17
CA LEU A 200 -0.13 36.90 -34.22
C LEU A 200 0.08 38.42 -34.01
N LYS A 201 -0.69 39.23 -34.73
CA LYS A 201 -0.70 40.70 -34.62
C LYS A 201 -1.06 41.13 -33.19
N ASP A 202 -2.01 40.42 -32.59
CA ASP A 202 -2.50 40.75 -31.26
C ASP A 202 -1.63 40.20 -30.11
N SER A 203 -0.51 39.55 -30.42
CA SER A 203 0.35 38.96 -29.38
C SER A 203 1.83 39.34 -29.58
N PRO A 204 2.14 40.63 -29.52
CA PRO A 204 3.54 41.00 -29.78
C PRO A 204 4.56 40.39 -28.79
N GLN A 205 4.14 40.11 -27.56
CA GLN A 205 5.02 39.64 -26.49
C GLN A 205 5.19 38.11 -26.35
N THR A 206 4.46 37.34 -27.15
CA THR A 206 4.66 35.90 -27.21
C THR A 206 5.93 35.61 -27.99
N ASP A 207 6.82 34.81 -27.41
CA ASP A 207 8.02 34.41 -28.12
C ASP A 207 7.87 33.07 -28.80
N VAL A 208 7.08 32.19 -28.17
CA VAL A 208 6.88 30.81 -28.63
C VAL A 208 5.39 30.50 -28.70
N VAL A 209 4.96 30.10 -29.88
CA VAL A 209 3.61 29.69 -30.12
C VAL A 209 3.62 28.19 -29.86
N ARG A 210 2.96 27.80 -28.78
CA ARG A 210 2.93 26.40 -28.39
C ARG A 210 1.64 25.79 -28.97
N PHE A 211 1.77 25.21 -30.16
CA PHE A 211 0.59 24.65 -30.80
C PHE A 211 0.14 23.43 -30.01
N THR A 212 -1.10 23.47 -29.53
CA THR A 212 -1.63 22.44 -28.64
C THR A 212 -3.02 22.02 -29.11
N THR A 213 -3.11 21.30 -30.22
CA THR A 213 -1.95 20.96 -31.04
C THR A 213 -2.22 21.47 -32.45
N PHE A 214 -2.72 20.61 -33.34
CA PHE A 214 -3.01 21.03 -34.73
C PHE A 214 -4.45 20.73 -35.16
N PHE A 215 -4.62 19.80 -36.10
CA PHE A 215 -5.88 19.70 -36.86
C PHE A 215 -6.78 18.49 -36.59
N TYR A 216 -6.23 17.41 -36.06
CA TYR A 216 -7.00 16.17 -35.93
C TYR A 216 -6.69 15.49 -34.62
N GLN A 217 -7.74 15.20 -33.85
CA GLN A 217 -7.67 14.36 -32.67
C GLN A 217 -7.19 12.93 -32.98
N PHE A 218 -6.59 12.27 -31.98
CA PHE A 218 -6.32 10.84 -32.07
C PHE A 218 -7.63 10.11 -31.79
N THR A 219 -7.69 8.84 -32.15
CA THR A 219 -8.92 8.06 -32.01
C THR A 219 -9.40 8.02 -30.56
N LEU A 220 -10.58 8.57 -30.33
CA LEU A 220 -11.13 8.63 -28.97
C LEU A 220 -12.63 8.80 -29.08
N LEU A 221 -13.37 7.77 -28.67
CA LEU A 221 -14.82 7.72 -28.80
C LEU A 221 -15.35 7.35 -27.44
N PHE A 222 -16.52 7.91 -27.13
CA PHE A 222 -17.17 7.71 -25.85
C PHE A 222 -18.50 7.00 -26.05
N ASP A 223 -18.94 6.26 -25.02
CA ASP A 223 -20.19 5.53 -25.11
C ASP A 223 -21.34 6.29 -24.45
N GLU A 224 -22.53 5.69 -24.48
CA GLU A 224 -23.75 6.34 -24.05
C GLU A 224 -23.76 6.53 -22.52
N LYS A 225 -22.93 5.76 -21.81
CA LYS A 225 -22.75 5.97 -20.38
C LYS A 225 -21.68 7.00 -20.03
N ARG A 226 -21.26 7.79 -21.03
CA ARG A 226 -20.18 8.77 -20.87
C ARG A 226 -18.85 8.14 -20.42
N ARG A 227 -18.57 6.92 -20.85
CA ARG A 227 -17.24 6.35 -20.61
C ARG A 227 -16.43 6.38 -21.91
N GLU A 228 -15.11 6.31 -21.80
CA GLU A 228 -14.28 6.00 -22.96
C GLU A 228 -14.77 4.68 -23.59
N LYS A 229 -14.97 4.71 -24.90
CA LYS A 229 -15.44 3.53 -25.62
C LYS A 229 -14.31 2.93 -26.46
N VAL A 230 -13.63 3.77 -27.26
CA VAL A 230 -12.51 3.36 -28.09
C VAL A 230 -11.42 4.39 -27.96
N VAL A 231 -10.17 3.95 -27.80
CA VAL A 231 -9.00 4.88 -27.76
C VAL A 231 -7.78 4.31 -28.50
N ASP A 232 -7.11 5.17 -29.27
CA ASP A 232 -5.82 4.80 -29.88
C ASP A 232 -5.07 6.08 -30.01
N TRP A 233 -4.03 6.22 -29.21
CA TRP A 233 -3.26 7.46 -29.14
C TRP A 233 -2.56 7.81 -30.47
N PHE A 234 -2.37 6.79 -31.33
CA PHE A 234 -1.74 6.96 -32.65
C PHE A 234 -2.72 6.89 -33.79
N GLY A 235 -3.99 6.69 -33.47
CA GLY A 235 -5.02 6.41 -34.50
C GLY A 235 -5.60 7.61 -35.21
N CYS A 236 -5.91 7.42 -36.48
CA CYS A 236 -6.49 8.49 -37.29
C CYS A 236 -7.93 8.16 -37.74
N ALA A 237 -8.71 7.56 -36.86
CA ALA A 237 -10.13 7.32 -37.15
C ALA A 237 -10.90 8.63 -37.44
N CYS A 238 -10.61 9.68 -36.67
CA CYS A 238 -11.43 10.89 -36.66
C CYS A 238 -10.88 11.94 -37.64
N THR A 239 -10.70 11.52 -38.90
CA THR A 239 -10.03 12.35 -39.87
C THR A 239 -10.70 12.27 -41.23
N VAL A 240 -11.92 11.74 -41.28
CA VAL A 240 -12.58 11.54 -42.57
C VAL A 240 -13.63 12.61 -42.80
N SER A 241 -14.04 12.72 -44.05
CA SER A 241 -15.22 13.52 -44.42
C SER A 241 -15.57 13.04 -45.81
N PRO A 242 -16.82 13.29 -46.25
CA PRO A 242 -17.20 12.92 -47.60
C PRO A 242 -16.22 13.45 -48.67
N ARG A 243 -15.86 14.73 -48.56
CA ARG A 243 -14.94 15.36 -49.54
C ARG A 243 -13.55 14.70 -49.48
N ALA A 244 -13.04 14.50 -48.27
CA ALA A 244 -11.71 13.82 -48.09
C ALA A 244 -11.73 12.44 -48.69
N LEU A 245 -12.77 11.66 -48.42
CA LEU A 245 -12.89 10.30 -48.95
C LEU A 245 -12.99 10.24 -50.48
N ASP A 246 -13.77 11.18 -51.03
CA ASP A 246 -13.97 11.30 -52.47
C ASP A 246 -12.66 11.77 -53.16
N ASP A 247 -11.94 12.73 -52.55
CA ASP A 247 -10.63 13.15 -53.07
C ASP A 247 -9.60 12.01 -53.03
N PHE A 248 -9.56 11.27 -51.91
CA PHE A 248 -8.71 10.11 -51.84
C PHE A 248 -8.95 9.13 -53.01
N GLU A 249 -10.20 8.79 -53.29
CA GLU A 249 -10.51 7.89 -54.42
C GLU A 249 -9.89 8.39 -55.74
N ALA A 250 -10.01 9.69 -55.97
CA ALA A 250 -9.50 10.28 -57.19
C ALA A 250 -7.99 10.12 -57.26
N LYS A 251 -7.33 10.48 -56.17
CA LYS A 251 -5.84 10.49 -56.13
C LYS A 251 -5.23 9.10 -56.12
N TYR A 252 -5.84 8.14 -55.43
CA TYR A 252 -5.20 6.83 -55.27
C TYR A 252 -5.72 5.79 -56.24
N GLY A 253 -6.84 6.09 -56.89
CA GLY A 253 -7.39 5.20 -57.93
C GLY A 253 -8.25 4.05 -57.42
N TYR A 254 -8.70 4.13 -56.16
CA TYR A 254 -9.65 3.15 -55.61
C TYR A 254 -10.42 3.78 -54.45
N ARG A 255 -11.64 3.31 -54.22
CA ARG A 255 -12.50 3.87 -53.16
C ARG A 255 -12.34 3.06 -51.88
N LEU A 256 -12.00 3.73 -50.78
CA LEU A 256 -11.96 3.08 -49.48
C LEU A 256 -13.35 2.62 -49.08
N ARG A 257 -13.42 1.48 -48.41
CA ARG A 257 -14.68 1.00 -47.79
C ARG A 257 -14.80 1.61 -46.38
N PRO A 258 -16.02 1.85 -45.88
CA PRO A 258 -16.08 2.16 -44.45
C PRO A 258 -15.34 1.13 -43.58
N GLU A 259 -15.32 -0.12 -44.05
CA GLU A 259 -14.60 -1.19 -43.39
C GLU A 259 -13.11 -0.90 -43.22
N ASP A 260 -12.52 -0.13 -44.13
CA ASP A 260 -11.09 0.18 -44.04
C ASP A 260 -10.79 1.13 -42.86
N PHE A 261 -11.85 1.68 -42.29
CA PHE A 261 -11.74 2.50 -41.05
C PHE A 261 -12.24 1.76 -39.82
N VAL A 262 -13.48 1.28 -39.86
CA VAL A 262 -14.01 0.55 -38.67
C VAL A 262 -13.26 -0.78 -38.41
N ASP A 263 -12.76 -1.43 -39.47
CA ASP A 263 -11.81 -2.56 -39.36
C ASP A 263 -12.38 -3.70 -38.46
N GLY A 264 -13.65 -4.05 -38.69
CA GLY A 264 -14.30 -5.13 -37.92
C GLY A 264 -14.62 -4.77 -36.49
N GLY A 265 -14.44 -3.51 -36.11
CA GLY A 265 -14.56 -3.09 -34.71
C GLY A 265 -13.24 -2.80 -34.00
N ALA A 266 -12.12 -3.15 -34.65
CA ALA A 266 -10.74 -2.77 -34.19
C ALA A 266 -10.34 -1.31 -34.35
N TYR A 267 -11.02 -0.59 -35.28
CA TYR A 267 -10.73 0.83 -35.54
C TYR A 267 -9.24 1.11 -35.89
N ASN A 268 -8.59 0.21 -36.63
CA ASN A 268 -7.19 0.41 -37.06
C ASN A 268 -6.24 0.72 -35.90
N SER A 269 -6.45 0.03 -34.79
CA SER A 269 -5.50 -0.05 -33.68
C SER A 269 -4.08 -0.21 -34.21
N ALA A 270 -3.11 0.48 -33.60
CA ALA A 270 -1.69 0.32 -33.98
C ALA A 270 -1.19 -1.13 -33.86
N TRP A 271 -1.87 -1.92 -33.03
CA TRP A 271 -1.55 -3.34 -32.85
C TRP A 271 -1.90 -4.20 -34.08
N ARG A 272 -2.80 -3.72 -34.93
CA ARG A 272 -3.22 -4.47 -36.12
C ARG A 272 -2.11 -4.34 -37.20
N VAL A 273 -1.74 -5.46 -37.85
CA VAL A 273 -0.85 -5.40 -39.04
C VAL A 273 -1.52 -4.46 -40.05
N PRO A 274 -0.84 -3.35 -40.44
CA PRO A 274 -1.52 -2.44 -41.38
C PRO A 274 -1.56 -3.02 -42.77
N ARG A 275 -2.62 -2.78 -43.52
CA ARG A 275 -2.63 -3.08 -44.97
C ARG A 275 -2.50 -1.79 -45.78
N LYS A 276 -2.57 -1.94 -47.10
CA LYS A 276 -2.42 -0.84 -48.05
C LYS A 276 -3.34 0.34 -47.78
N ALA A 277 -4.62 0.03 -47.49
CA ALA A 277 -5.64 1.04 -47.19
C ALA A 277 -5.20 1.97 -46.03
N GLN A 278 -4.71 1.37 -44.95
CA GLN A 278 -4.25 2.10 -43.77
C GLN A 278 -2.99 2.92 -44.08
N ARG A 279 -2.05 2.33 -44.81
CA ARG A 279 -0.81 3.02 -45.18
C ARG A 279 -1.15 4.17 -46.15
N ASP A 280 -2.00 3.90 -47.14
CA ASP A 280 -2.45 4.97 -48.05
C ASP A 280 -3.14 6.13 -47.31
N TRP A 281 -4.06 5.82 -46.38
CA TRP A 281 -4.78 6.90 -45.68
C TRP A 281 -3.79 7.75 -44.88
N ILE A 282 -2.88 7.07 -44.20
CA ILE A 282 -1.83 7.71 -43.41
C ILE A 282 -1.05 8.69 -44.27
N ASP A 283 -0.63 8.22 -45.45
CA ASP A 283 0.08 9.00 -46.43
C ASP A 283 -0.75 10.19 -46.93
N PHE A 284 -2.04 9.96 -47.19
CA PHE A 284 -2.91 11.03 -47.73
C PHE A 284 -3.10 12.11 -46.67
N LEU A 285 -3.46 11.67 -45.48
CA LEU A 285 -3.68 12.57 -44.35
C LEU A 285 -2.45 13.36 -43.91
N SER A 286 -1.29 12.69 -43.94
CA SER A 286 -0.02 13.29 -43.50
C SER A 286 0.48 14.38 -44.45
N GLY A 287 0.38 14.13 -45.77
CA GLY A 287 0.69 15.19 -46.75
C GLY A 287 -0.10 16.48 -46.48
N PHE A 288 -1.40 16.32 -46.24
CA PHE A 288 -2.28 17.45 -45.99
C PHE A 288 -2.03 18.10 -44.62
N VAL A 289 -1.94 17.30 -43.56
CA VAL A 289 -1.60 17.89 -42.25
C VAL A 289 -0.26 18.62 -42.27
N ARG A 290 0.77 17.99 -42.82
CA ARG A 290 2.10 18.60 -42.94
C ARG A 290 2.14 19.91 -43.73
N GLU A 291 1.44 19.96 -44.86
CA GLU A 291 1.39 21.20 -45.64
C GLU A 291 0.92 22.36 -44.77
N ASN A 292 -0.09 22.08 -43.96
CA ASN A 292 -0.70 23.10 -43.14
C ASN A 292 0.06 23.46 -41.85
N VAL A 293 0.73 22.47 -41.24
CA VAL A 293 1.63 22.76 -40.15
C VAL A 293 2.76 23.67 -40.64
N LYS A 294 3.35 23.33 -41.77
CA LYS A 294 4.37 24.19 -42.36
C LYS A 294 3.88 25.64 -42.47
N GLN A 295 2.64 25.84 -42.96
CA GLN A 295 2.18 27.21 -43.12
C GLN A 295 2.15 27.96 -41.77
N LEU A 296 1.61 27.28 -40.75
CA LEU A 296 1.63 27.80 -39.40
C LEU A 296 3.04 28.16 -38.88
N ALA A 297 4.02 27.30 -39.17
CA ALA A 297 5.39 27.54 -38.74
C ALA A 297 5.93 28.78 -39.47
N ASP A 298 5.74 28.81 -40.79
CA ASP A 298 6.17 29.91 -41.63
C ASP A 298 5.61 31.25 -41.13
N MET A 299 4.31 31.28 -40.86
CA MET A 299 3.65 32.47 -40.35
C MET A 299 4.20 32.87 -38.97
N SER A 300 4.34 31.87 -38.08
CA SER A 300 5.01 32.10 -36.80
C SER A 300 6.38 32.77 -37.01
N HIS A 301 7.18 32.24 -37.94
CA HIS A 301 8.54 32.76 -38.15
C HIS A 301 8.53 34.19 -38.73
N ALA A 302 7.64 34.44 -39.69
CA ALA A 302 7.57 35.73 -40.36
C ALA A 302 7.25 36.82 -39.35
N ALA A 303 6.47 36.45 -38.32
CA ALA A 303 6.12 37.35 -37.22
C ALA A 303 7.20 37.45 -36.11
N GLY A 304 8.36 36.82 -36.33
CA GLY A 304 9.46 36.77 -35.34
C GLY A 304 9.32 35.80 -34.15
N LYS A 305 8.57 34.71 -34.31
CA LYS A 305 8.31 33.81 -33.18
C LYS A 305 8.62 32.34 -33.49
N GLU A 306 8.82 31.55 -32.44
CA GLU A 306 9.09 30.13 -32.60
C GLU A 306 7.80 29.32 -32.76
N ALA A 307 7.90 28.20 -33.46
CA ALA A 307 6.77 27.26 -33.61
C ALA A 307 7.10 25.97 -32.86
N MET A 308 6.28 25.66 -31.87
CA MET A 308 6.49 24.54 -30.97
C MET A 308 5.23 23.67 -30.96
N MET A 309 5.43 22.38 -31.17
CA MET A 309 4.33 21.43 -31.25
C MET A 309 4.22 20.61 -29.97
N PHE A 310 3.01 20.45 -29.44
CA PHE A 310 2.79 19.52 -28.35
C PHE A 310 2.63 18.13 -28.92
N LEU A 311 3.38 17.16 -28.40
CA LEU A 311 3.26 15.77 -28.84
C LEU A 311 2.09 15.12 -28.11
N GLY A 312 0.86 15.46 -28.51
CA GLY A 312 -0.33 14.93 -27.83
C GLY A 312 -1.52 15.67 -28.39
N ASP A 313 -2.70 15.45 -27.80
CA ASP A 313 -3.94 16.07 -28.27
C ASP A 313 -4.08 15.90 -29.79
N GLN A 314 -4.33 16.99 -30.52
CA GLN A 314 -4.61 16.91 -31.95
C GLN A 314 -3.31 16.84 -32.78
N TRP A 315 -2.54 15.78 -32.54
CA TRP A 315 -1.23 15.58 -33.18
C TRP A 315 -1.26 14.68 -34.43
N ILE A 316 -2.42 14.14 -34.78
CA ILE A 316 -2.48 13.12 -35.85
C ILE A 316 -2.13 13.69 -37.23
N GLY A 317 -1.33 12.94 -38.00
CA GLY A 317 -0.93 13.33 -39.35
C GLY A 317 0.43 14.02 -39.39
N THR A 318 0.95 14.41 -38.24
CA THR A 318 2.25 15.05 -38.17
C THR A 318 3.34 14.03 -38.55
N GLU A 319 3.26 12.83 -37.99
CA GLU A 319 4.21 11.75 -38.23
C GLU A 319 5.66 12.15 -37.96
N PRO A 320 5.97 12.55 -36.70
CA PRO A 320 7.31 13.10 -36.38
C PRO A 320 8.49 12.19 -36.78
N TYR A 321 8.26 10.89 -36.85
CA TYR A 321 9.33 9.93 -37.20
C TYR A 321 9.37 9.50 -38.68
N LYS A 322 8.45 9.97 -39.52
CA LYS A 322 8.49 9.70 -40.97
C LYS A 322 9.40 10.72 -41.66
N ASP A 323 10.07 10.27 -42.73
CA ASP A 323 10.96 11.15 -43.52
C ASP A 323 10.24 12.44 -43.88
N GLY A 324 10.96 13.55 -43.84
CA GLY A 324 10.38 14.82 -44.27
C GLY A 324 9.84 15.70 -43.16
N PHE A 325 9.75 15.18 -41.94
CA PHE A 325 9.31 15.99 -40.78
C PHE A 325 10.11 17.31 -40.63
N ASP A 326 11.41 17.24 -40.94
CA ASP A 326 12.30 18.43 -40.91
C ASP A 326 11.83 19.56 -41.83
N GLU A 327 11.22 19.21 -42.95
CA GLU A 327 10.68 20.18 -43.93
C GLU A 327 9.64 21.15 -43.37
N LEU A 328 8.98 20.80 -42.26
CA LEU A 328 8.02 21.69 -41.61
C LEU A 328 8.67 22.93 -40.98
N GLY A 329 9.96 22.83 -40.63
CA GLY A 329 10.67 23.91 -39.95
C GLY A 329 10.15 24.21 -38.54
N LEU A 330 9.54 23.22 -37.90
CA LEU A 330 9.18 23.37 -36.47
C LEU A 330 10.43 23.58 -35.60
N ASP A 331 10.37 24.54 -34.68
CA ASP A 331 11.51 24.81 -33.79
C ASP A 331 11.66 23.76 -32.70
N ALA A 332 10.53 23.23 -32.22
CA ALA A 332 10.53 22.34 -31.05
C ALA A 332 9.34 21.41 -30.99
N VAL A 333 9.54 20.29 -30.29
CA VAL A 333 8.44 19.44 -29.83
C VAL A 333 8.49 19.37 -28.28
N VAL A 334 7.34 19.53 -27.63
CA VAL A 334 7.20 19.43 -26.18
C VAL A 334 6.24 18.26 -25.91
N GLY A 335 6.56 17.37 -24.98
CA GLY A 335 5.64 16.28 -24.63
C GLY A 335 5.58 15.96 -23.13
N SER A 336 4.68 15.07 -22.77
CA SER A 336 4.50 14.72 -21.36
C SER A 336 5.44 13.63 -21.00
N ILE A 337 6.16 13.85 -19.92
CA ILE A 337 7.11 12.85 -19.47
C ILE A 337 6.38 11.88 -18.58
N GLY A 338 6.08 10.68 -19.09
CA GLY A 338 5.33 9.68 -18.30
C GLY A 338 6.19 8.57 -17.72
N ASP A 339 7.36 8.38 -18.32
CA ASP A 339 8.27 7.30 -18.02
C ASP A 339 9.43 7.41 -19.01
N GLY A 340 10.29 6.40 -19.00
CA GLY A 340 11.45 6.34 -19.90
C GLY A 340 11.07 6.23 -21.37
N THR A 341 10.09 5.39 -21.66
CA THR A 341 9.65 5.15 -23.04
C THR A 341 9.12 6.44 -23.67
N THR A 342 8.19 7.12 -22.99
CA THR A 342 7.66 8.41 -23.45
C THR A 342 8.71 9.53 -23.43
N THR A 343 9.70 9.42 -22.55
CA THR A 343 10.81 10.39 -22.58
C THR A 343 11.54 10.28 -23.96
N ARG A 344 11.91 9.04 -24.33
CA ARG A 344 12.51 8.73 -25.65
C ARG A 344 11.65 9.08 -26.88
N MET A 345 10.36 8.81 -26.80
CA MET A 345 9.44 9.17 -27.88
C MET A 345 9.60 10.65 -28.27
N ILE A 346 9.74 11.50 -27.27
CA ILE A 346 10.05 12.93 -27.47
C ILE A 346 11.51 13.15 -27.90
N ALA A 347 12.44 12.57 -27.16
CA ALA A 347 13.86 12.89 -27.31
C ALA A 347 14.41 12.52 -28.65
N ASP A 348 13.96 11.37 -29.18
CA ASP A 348 14.52 10.81 -30.43
C ASP A 348 14.00 11.44 -31.72
N ILE A 349 13.07 12.41 -31.62
CA ILE A 349 12.44 13.00 -32.79
C ILE A 349 13.48 13.77 -33.62
N PRO A 350 13.59 13.46 -34.92
CA PRO A 350 14.49 14.30 -35.72
C PRO A 350 13.77 15.48 -36.38
N GLY A 351 14.53 16.45 -36.83
CA GLY A 351 13.95 17.50 -37.66
C GLY A 351 13.46 18.71 -36.90
N VAL A 352 13.84 18.83 -35.62
CA VAL A 352 13.48 20.03 -34.84
C VAL A 352 14.74 20.63 -34.23
N LYS A 353 14.70 21.87 -33.75
CA LYS A 353 15.92 22.45 -33.18
C LYS A 353 16.14 22.00 -31.73
N TYR A 354 15.03 21.83 -31.01
CA TYR A 354 15.14 21.36 -29.65
C TYR A 354 13.90 20.60 -29.19
N THR A 355 14.02 19.91 -28.07
CA THR A 355 12.90 19.16 -27.48
C THR A 355 12.69 19.61 -26.05
N GLU A 356 11.46 19.43 -25.56
CA GLU A 356 11.12 19.82 -24.21
C GLU A 356 10.21 18.81 -23.51
N GLY A 357 10.55 18.52 -22.25
CA GLY A 357 9.79 17.61 -21.43
C GLY A 357 8.92 18.40 -20.47
N ARG A 358 7.70 17.92 -20.31
CA ARG A 358 6.82 18.42 -19.28
C ARG A 358 6.67 17.32 -18.25
N PHE A 359 7.29 17.55 -17.09
CA PHE A 359 7.42 16.56 -16.02
C PHE A 359 6.18 16.51 -15.13
N LEU A 360 6.08 15.45 -14.33
CA LEU A 360 4.97 15.19 -13.43
C LEU A 360 5.45 15.47 -12.01
N PRO A 361 4.53 15.82 -11.11
CA PRO A 361 3.09 15.97 -11.33
C PRO A 361 2.74 17.32 -11.95
N TYR A 362 1.66 17.31 -12.73
CA TYR A 362 1.01 18.54 -13.19
C TYR A 362 0.50 19.27 -11.93
N PHE A 363 0.53 20.61 -11.91
CA PHE A 363 0.23 21.34 -10.67
C PHE A 363 -1.27 21.55 -10.53
N PHE A 364 -1.98 20.52 -10.07
CA PHE A 364 -3.46 20.51 -10.04
C PHE A 364 -3.92 19.84 -8.71
N PRO A 365 -5.17 20.12 -8.24
CA PRO A 365 -5.67 19.60 -6.95
C PRO A 365 -5.72 18.08 -6.77
N ASP A 366 -5.79 17.32 -7.87
CA ASP A 366 -5.76 15.85 -7.78
C ASP A 366 -4.46 15.30 -7.19
N THR A 367 -3.39 16.06 -7.25
CA THR A 367 -2.19 15.65 -6.54
C THR A 367 -1.71 16.63 -5.47
N PHE A 368 -1.97 17.92 -5.68
CA PHE A 368 -1.62 18.96 -4.69
C PHE A 368 -2.81 19.21 -3.77
N TYR A 369 -3.01 18.27 -2.85
CA TYR A 369 -3.97 18.39 -1.76
C TYR A 369 -3.30 18.12 -0.39
N GLU A 370 -3.84 18.74 0.66
CA GLU A 370 -3.28 18.64 2.01
C GLU A 370 -3.10 17.20 2.45
N GLY A 371 -1.89 16.90 2.92
CA GLY A 371 -1.52 15.56 3.34
C GLY A 371 -1.01 14.63 2.24
N ASN A 372 -0.98 15.11 1.01
CA ASN A 372 -0.26 14.37 -0.03
C ASN A 372 1.17 14.89 -0.14
N ASP A 373 2.09 14.06 -0.60
CA ASP A 373 3.49 14.47 -0.74
C ASP A 373 3.89 14.37 -2.22
N PRO A 374 3.61 15.43 -3.01
CA PRO A 374 3.85 15.41 -4.49
C PRO A 374 5.33 15.25 -4.85
N SER A 375 6.21 15.59 -3.91
CA SER A 375 7.65 15.50 -4.14
C SER A 375 8.12 14.07 -4.49
N ILE A 376 7.49 13.04 -3.90
CA ILE A 376 7.86 11.64 -4.15
C ILE A 376 7.67 11.31 -5.64
N GLU A 377 6.50 11.65 -6.18
CA GLU A 377 6.18 11.45 -7.61
C GLU A 377 7.09 12.31 -8.49
N GLY A 378 7.41 13.50 -8.05
CA GLY A 378 8.30 14.36 -8.78
C GLY A 378 9.65 13.75 -9.02
N LEU A 379 10.23 13.22 -7.97
CA LEU A 379 11.48 12.54 -8.03
C LEU A 379 11.41 11.24 -8.79
N ASP A 380 10.33 10.55 -8.64
CA ASP A 380 10.14 9.28 -9.31
C ASP A 380 10.18 9.48 -10.85
N ASN A 381 9.41 10.48 -11.27
CA ASN A 381 9.31 10.88 -12.66
C ASN A 381 10.67 11.36 -13.18
N TRP A 382 11.35 12.21 -12.41
CA TRP A 382 12.70 12.59 -12.78
C TRP A 382 13.62 11.40 -12.95
N ARG A 383 13.59 10.43 -12.03
CA ARG A 383 14.49 9.31 -12.13
C ARG A 383 14.23 8.42 -13.37
N LYS A 384 12.95 8.21 -13.72
CA LYS A 384 12.57 7.38 -14.88
C LYS A 384 12.96 8.08 -16.19
N ALA A 385 12.82 9.42 -16.22
CA ALA A 385 13.19 10.20 -17.41
C ALA A 385 14.71 10.35 -17.48
N ARG A 386 15.36 10.58 -16.33
CA ARG A 386 16.83 10.79 -16.26
C ARG A 386 17.64 9.68 -16.90
N ARG A 387 17.32 8.44 -16.56
CA ARG A 387 18.05 7.32 -17.13
C ARG A 387 17.98 7.30 -18.69
N ALA A 388 16.85 7.71 -19.23
CA ALA A 388 16.62 7.80 -20.67
C ALA A 388 17.33 9.01 -21.29
N ILE A 389 17.33 10.13 -20.57
CA ILE A 389 17.96 11.38 -21.02
C ILE A 389 19.45 11.21 -21.27
N LEU A 390 20.10 10.33 -20.52
CA LEU A 390 21.52 10.07 -20.72
C LEU A 390 21.78 9.37 -22.07
N ARG A 391 20.78 8.68 -22.59
CA ARG A 391 20.92 7.88 -23.83
C ARG A 391 20.52 8.75 -24.99
N SER A 392 19.59 9.67 -24.74
CA SER A 392 19.14 10.58 -25.79
C SER A 392 18.64 11.84 -25.09
N PRO A 393 19.47 12.89 -25.06
CA PRO A 393 19.07 14.05 -24.23
C PRO A 393 17.86 14.82 -24.74
N ILE A 394 17.10 15.43 -23.81
CA ILE A 394 16.10 16.42 -24.21
C ILE A 394 16.67 17.78 -23.84
N SER A 395 16.22 18.83 -24.51
CA SER A 395 16.92 20.12 -24.42
C SER A 395 16.53 20.92 -23.17
N ARG A 396 15.28 20.77 -22.76
CA ARG A 396 14.65 21.63 -21.75
C ARG A 396 13.68 20.78 -20.92
N MET A 397 13.38 21.27 -19.72
CA MET A 397 12.35 20.68 -18.88
C MET A 397 11.45 21.80 -18.45
N GLY A 398 10.34 21.46 -17.80
CA GLY A 398 9.40 22.42 -17.24
C GLY A 398 8.17 21.73 -16.64
N TYR A 399 7.24 22.53 -16.13
CA TYR A 399 6.06 21.96 -15.47
C TYR A 399 4.86 22.75 -15.90
N GLY A 400 3.67 22.15 -15.75
CA GLY A 400 2.42 22.79 -16.18
C GLY A 400 1.42 22.86 -15.03
N GLY A 401 0.36 23.64 -15.21
CA GLY A 401 -0.71 23.78 -14.21
C GLY A 401 -0.66 25.10 -13.43
N TYR A 402 -0.94 25.02 -12.14
CA TYR A 402 -1.12 26.18 -11.28
C TYR A 402 0.05 26.37 -10.32
N LEU A 403 0.86 27.39 -10.57
CA LEU A 403 2.02 27.71 -9.74
C LEU A 403 1.61 27.95 -8.29
N SER A 404 0.46 28.60 -8.12
CA SER A 404 -0.05 28.96 -6.79
C SER A 404 -0.35 27.73 -5.94
N LEU A 405 -0.66 26.62 -6.61
CA LEU A 405 -0.79 25.32 -5.94
C LEU A 405 0.54 24.70 -5.52
N ALA A 406 1.51 24.63 -6.43
CA ALA A 406 2.84 24.08 -6.10
C ALA A 406 3.53 24.89 -4.99
N ALA A 407 3.34 26.20 -5.02
CA ALA A 407 3.94 27.13 -4.06
C ALA A 407 3.52 26.90 -2.60
N LYS A 408 2.41 26.19 -2.39
CA LYS A 408 1.92 25.82 -1.06
C LYS A 408 2.57 24.58 -0.48
N PHE A 409 3.52 23.97 -1.21
CA PHE A 409 4.18 22.72 -0.81
C PHE A 409 5.71 22.91 -0.86
N PRO A 410 6.29 23.50 0.20
CA PRO A 410 7.71 23.82 0.26
C PRO A 410 8.65 22.63 -0.01
N LYS A 411 8.29 21.44 0.44
CA LYS A 411 9.06 20.23 0.16
C LYS A 411 9.12 19.91 -1.35
N PHE A 412 7.95 19.97 -2.00
CA PHE A 412 7.87 19.87 -3.45
C PHE A 412 8.68 20.95 -4.16
N VAL A 413 8.58 22.19 -3.68
CA VAL A 413 9.35 23.31 -4.25
C VAL A 413 10.86 23.04 -4.19
N ASP A 414 11.33 22.54 -3.04
CA ASP A 414 12.77 22.24 -2.84
C ASP A 414 13.25 21.05 -3.68
N THR A 415 12.33 20.15 -3.96
CA THR A 415 12.59 19.01 -4.81
C THR A 415 12.80 19.47 -6.27
N VAL A 416 11.94 20.36 -6.77
CA VAL A 416 12.12 20.95 -8.12
C VAL A 416 13.45 21.73 -8.26
N THR A 417 13.78 22.56 -7.26
CA THR A 417 15.10 23.22 -7.19
C THR A 417 16.26 22.28 -7.48
N HIS A 418 16.28 21.15 -6.79
CA HIS A 418 17.25 20.06 -6.98
C HIS A 418 17.19 19.40 -8.38
N ILE A 419 15.98 19.12 -8.86
CA ILE A 419 15.82 18.48 -10.18
C ILE A 419 16.33 19.42 -11.29
N ALA A 420 15.95 20.69 -11.18
CA ALA A 420 16.30 21.67 -12.18
C ALA A 420 17.81 21.85 -12.22
N ASN A 421 18.46 22.00 -11.05
CA ASN A 421 19.93 22.12 -11.01
C ASN A 421 20.57 20.88 -11.59
N GLU A 422 20.00 19.73 -11.29
CA GLU A 422 20.58 18.48 -11.75
C GLU A 422 20.44 18.33 -13.27
N PHE A 423 19.29 18.72 -13.82
CA PHE A 423 19.04 18.71 -15.28
C PHE A 423 20.10 19.56 -15.99
N ARG A 424 20.34 20.76 -15.47
CA ARG A 424 21.33 21.65 -16.06
C ARG A 424 22.73 21.12 -15.93
N ASP A 425 23.04 20.48 -14.79
CA ASP A 425 24.39 19.90 -14.58
C ASP A 425 24.72 18.82 -15.61
N ILE A 426 23.72 17.97 -15.88
CA ILE A 426 23.89 16.87 -16.83
C ILE A 426 24.14 17.45 -18.20
N HIS A 427 23.32 18.41 -18.59
CA HIS A 427 23.50 19.07 -19.86
C HIS A 427 24.87 19.71 -20.01
N ASP A 428 25.25 20.50 -19.00
CA ASP A 428 26.53 21.24 -19.04
C ASP A 428 27.76 20.36 -19.03
N ARG A 429 27.68 19.22 -18.39
CA ARG A 429 28.84 18.34 -18.34
C ARG A 429 28.99 17.52 -19.63
N THR A 430 27.89 17.28 -20.35
CA THR A 430 27.91 16.38 -21.53
C THR A 430 27.81 17.12 -22.86
N GLY A 431 27.52 18.42 -22.79
CA GLY A 431 27.22 19.22 -23.99
C GLY A 431 25.94 18.80 -24.70
N GLY A 432 25.03 18.16 -23.97
CA GLY A 432 23.79 17.66 -24.55
C GLY A 432 24.01 16.58 -25.61
N VAL A 433 25.01 15.74 -25.39
CA VAL A 433 25.35 14.66 -26.32
C VAL A 433 24.95 13.31 -25.69
N ALA A 434 24.51 12.36 -26.53
CA ALA A 434 24.18 11.00 -26.05
C ALA A 434 25.39 10.24 -25.50
N ALA A 435 25.16 9.47 -24.43
CA ALA A 435 26.13 8.50 -23.95
C ALA A 435 26.50 7.48 -25.03
N GLU A 436 27.68 6.90 -24.87
CA GLU A 436 28.14 5.83 -25.72
C GLU A 436 27.25 4.57 -25.60
N GLY A 437 26.70 4.12 -26.72
CA GLY A 437 25.97 2.85 -26.72
C GLY A 437 26.97 1.75 -26.92
N GLU A 438 26.80 0.65 -26.20
CA GLU A 438 27.72 -0.48 -26.21
C GLU A 438 27.33 -1.63 -27.21
N LEU A 439 26.09 -1.59 -27.69
CA LEU A 439 25.64 -2.54 -28.71
C LEU A 439 24.60 -1.79 -29.51
N ASN A 440 24.41 -2.25 -30.74
CA ASN A 440 23.36 -1.73 -31.62
C ASN A 440 22.23 -2.72 -31.67
N VAL A 441 21.09 -2.29 -31.17
CA VAL A 441 19.93 -3.14 -31.02
C VAL A 441 18.80 -2.59 -31.88
N ALA A 442 18.07 -3.47 -32.55
CA ALA A 442 17.04 -3.07 -33.47
C ALA A 442 15.75 -3.76 -33.12
N ILE A 443 14.71 -2.98 -32.85
CA ILE A 443 13.39 -3.57 -32.76
C ILE A 443 12.75 -3.70 -34.14
N LEU A 444 12.35 -4.91 -34.48
CA LEU A 444 11.77 -5.24 -35.78
C LEU A 444 10.26 -5.51 -35.67
N ASN A 445 9.47 -4.73 -36.39
CA ASN A 445 8.01 -4.94 -36.45
C ASN A 445 7.45 -4.40 -37.77
N SER A 446 6.12 -4.36 -37.93
CA SER A 446 5.50 -3.91 -39.17
C SER A 446 5.69 -2.43 -39.46
N TRP A 447 5.87 -1.62 -38.41
CA TRP A 447 5.86 -0.16 -38.52
C TRP A 447 7.25 0.46 -38.68
N GLY A 448 8.21 -0.12 -37.97
CA GLY A 448 9.56 0.43 -37.95
C GLY A 448 9.64 1.78 -37.31
N LYS A 449 10.48 2.63 -37.93
CA LYS A 449 10.85 3.90 -37.34
C LYS A 449 9.67 4.86 -37.12
N MET A 450 8.67 4.82 -38.01
CA MET A 450 7.51 5.72 -37.87
C MET A 450 6.79 5.57 -36.55
N ARG A 451 6.90 4.38 -35.94
CA ARG A 451 6.37 4.16 -34.59
C ARG A 451 7.48 3.94 -33.52
N SER A 452 8.56 4.73 -33.61
CA SER A 452 9.64 4.67 -32.61
C SER A 452 9.11 5.01 -31.21
N TRP A 453 9.36 4.09 -30.28
CA TRP A 453 8.93 4.19 -28.89
C TRP A 453 7.39 4.22 -28.75
N MET A 454 6.70 3.77 -29.80
CA MET A 454 5.23 3.83 -29.83
C MET A 454 4.61 2.42 -29.85
N ALA A 455 5.46 1.40 -29.84
CA ALA A 455 5.01 0.02 -29.82
C ALA A 455 4.32 -0.36 -28.51
N PHE A 456 3.45 -1.36 -28.57
CA PHE A 456 2.89 -1.98 -27.36
C PHE A 456 2.09 -1.01 -26.51
N THR A 457 1.55 0.01 -27.17
CA THR A 457 0.83 1.10 -26.53
C THR A 457 -0.59 1.23 -27.09
N VAL A 458 -1.54 1.44 -26.19
CA VAL A 458 -2.92 1.76 -26.58
C VAL A 458 -3.18 3.21 -26.16
N ALA A 459 -3.21 3.47 -24.85
CA ALA A 459 -3.24 4.84 -24.34
C ALA A 459 -1.85 5.28 -23.82
N HIS A 460 -1.56 6.57 -23.96
CA HIS A 460 -0.28 7.14 -23.57
C HIS A 460 0.14 6.80 -22.13
N ALA A 461 1.33 6.20 -21.98
CA ALA A 461 1.91 5.81 -20.68
C ALA A 461 0.94 5.09 -19.75
N LEU A 462 0.07 4.23 -20.29
CA LEU A 462 -0.85 3.45 -19.41
C LEU A 462 -0.86 1.97 -19.74
N PRO A 463 0.23 1.24 -19.39
CA PRO A 463 0.31 -0.20 -19.72
C PRO A 463 -0.65 -0.98 -18.85
N ASN A 464 -1.20 -2.07 -19.38
CA ASN A 464 -2.23 -2.79 -18.62
C ASN A 464 -1.92 -4.29 -18.71
N LYS A 465 -2.82 -5.12 -18.18
CA LYS A 465 -2.64 -6.57 -18.21
C LYS A 465 -2.20 -7.09 -19.58
N GLN A 466 -2.80 -6.57 -20.65
CA GLN A 466 -2.57 -7.09 -22.00
C GLN A 466 -1.25 -6.58 -22.65
N THR A 467 -0.71 -5.47 -22.16
CA THR A 467 0.44 -4.85 -22.85
C THR A 467 1.75 -4.85 -22.03
N TYR A 468 1.66 -5.01 -20.72
CA TYR A 468 2.84 -4.77 -19.82
C TYR A 468 4.01 -5.76 -19.98
N SER A 469 3.72 -6.99 -20.41
CA SER A 469 4.77 -8.00 -20.65
C SER A 469 5.65 -7.65 -21.87
N TYR A 470 5.10 -6.79 -22.74
CA TYR A 470 5.82 -6.28 -23.91
C TYR A 470 6.29 -4.84 -23.75
N TYR A 471 5.41 -3.99 -23.24
CA TYR A 471 5.82 -2.61 -22.98
C TYR A 471 7.09 -2.57 -22.14
N GLY A 472 7.25 -3.52 -21.21
CA GLY A 472 8.46 -3.61 -20.37
C GLY A 472 9.78 -3.69 -21.14
N ILE A 473 9.72 -4.22 -22.35
CA ILE A 473 10.89 -4.27 -23.23
C ILE A 473 11.35 -2.86 -23.61
N LEU A 474 10.40 -2.01 -23.99
CA LEU A 474 10.72 -0.63 -24.33
C LEU A 474 11.23 0.13 -23.10
N GLU A 475 10.58 -0.08 -21.95
CA GLU A 475 10.93 0.69 -20.76
C GLU A 475 12.36 0.33 -20.28
N SER A 476 12.69 -0.96 -20.36
CA SER A 476 14.07 -1.45 -20.11
C SER A 476 15.09 -0.79 -21.02
N LEU A 477 14.79 -0.81 -22.32
CA LEU A 477 15.68 -0.24 -23.35
C LEU A 477 15.80 1.27 -23.30
N SER A 478 14.74 1.94 -22.86
CA SER A 478 14.71 3.39 -22.92
C SER A 478 15.88 4.04 -22.19
N GLY A 479 16.36 3.38 -21.15
CA GLY A 479 17.49 3.92 -20.39
C GLY A 479 18.72 3.03 -20.39
N MET A 480 18.72 2.01 -21.25
CA MET A 480 19.78 1.03 -21.30
C MET A 480 21.02 1.55 -22.06
N ARG A 481 22.22 1.07 -21.69
CA ARG A 481 23.50 1.51 -22.33
C ARG A 481 23.78 0.89 -23.73
N VAL A 482 22.76 0.86 -24.59
CA VAL A 482 22.89 0.35 -25.95
C VAL A 482 22.24 1.38 -26.88
N ASN A 483 22.46 1.26 -28.18
CA ASN A 483 21.81 2.11 -29.15
C ASN A 483 20.59 1.36 -29.67
N VAL A 484 19.43 2.00 -29.64
CA VAL A 484 18.20 1.35 -30.03
C VAL A 484 17.62 2.02 -31.25
N ARG A 485 17.26 1.23 -32.27
CA ARG A 485 16.63 1.75 -33.48
C ARG A 485 15.38 0.91 -33.77
N PHE A 486 14.45 1.46 -34.53
CA PHE A 486 13.23 0.69 -34.88
C PHE A 486 13.21 0.48 -36.39
N ILE A 487 13.02 -0.78 -36.80
CA ILE A 487 13.01 -1.15 -38.19
C ILE A 487 11.80 -1.99 -38.57
N SER A 488 11.46 -1.94 -39.86
CA SER A 488 10.29 -2.63 -40.37
C SER A 488 10.58 -3.84 -41.26
N PHE A 489 9.61 -4.74 -41.34
CA PHE A 489 9.73 -5.85 -42.29
C PHE A 489 9.97 -5.36 -43.70
N ASP A 490 9.31 -4.26 -44.11
CA ASP A 490 9.60 -3.65 -45.40
C ASP A 490 11.08 -3.27 -45.59
N ASP A 491 11.68 -2.60 -44.59
CA ASP A 491 13.09 -2.21 -44.68
C ASP A 491 13.93 -3.46 -44.91
N VAL A 492 13.63 -4.50 -44.13
CA VAL A 492 14.43 -5.71 -44.15
C VAL A 492 14.31 -6.46 -45.49
N LEU A 493 13.08 -6.59 -46.00
CA LEU A 493 12.84 -7.21 -47.29
C LEU A 493 13.46 -6.37 -48.44
N ALA A 494 13.40 -5.05 -48.35
CA ALA A 494 13.98 -4.21 -49.39
C ALA A 494 15.51 -4.14 -49.32
N HIS A 495 16.10 -4.10 -48.13
CA HIS A 495 17.55 -3.80 -48.02
C HIS A 495 18.40 -4.79 -47.23
N GLY A 496 17.79 -5.85 -46.70
CA GLY A 496 18.49 -6.77 -45.82
C GLY A 496 18.64 -6.14 -44.44
N ILE A 497 19.51 -6.74 -43.62
CA ILE A 497 19.75 -6.28 -42.26
C ILE A 497 21.05 -5.46 -42.24
N ASP A 498 20.97 -4.19 -41.83
CA ASP A 498 22.17 -3.33 -41.74
C ASP A 498 23.32 -3.99 -40.98
N SER A 499 24.54 -3.76 -41.46
CA SER A 499 25.65 -4.56 -41.00
C SER A 499 26.16 -4.14 -39.62
N ASP A 500 25.84 -2.91 -39.19
CA ASP A 500 26.17 -2.46 -37.83
C ASP A 500 25.28 -3.04 -36.70
N ILE A 501 24.15 -3.67 -37.03
CA ILE A 501 23.22 -4.18 -35.99
C ILE A 501 23.77 -5.42 -35.30
N ASP A 502 23.76 -5.42 -33.97
CA ASP A 502 24.23 -6.57 -33.19
C ASP A 502 23.12 -7.54 -32.85
N VAL A 503 21.96 -7.01 -32.49
CA VAL A 503 20.85 -7.82 -31.97
C VAL A 503 19.54 -7.33 -32.58
N ILE A 504 18.71 -8.27 -33.06
CA ILE A 504 17.34 -7.94 -33.45
C ILE A 504 16.37 -8.48 -32.41
N ILE A 505 15.41 -7.64 -32.03
CA ILE A 505 14.35 -8.03 -31.13
C ILE A 505 13.02 -8.07 -31.88
N ASN A 506 12.31 -9.18 -31.75
CA ASN A 506 10.94 -9.32 -32.27
C ASN A 506 10.06 -9.84 -31.16
N GLY A 507 8.97 -9.12 -30.87
CA GLY A 507 8.17 -9.44 -29.71
C GLY A 507 6.71 -9.06 -29.84
N GLY A 508 5.85 -9.81 -29.15
CA GLY A 508 4.42 -9.51 -29.16
C GLY A 508 3.57 -10.75 -29.20
N PRO A 509 2.26 -10.58 -29.27
CA PRO A 509 1.37 -11.70 -29.53
C PRO A 509 1.33 -11.95 -31.01
N VAL A 510 0.94 -13.17 -31.36
CA VAL A 510 0.67 -13.56 -32.73
C VAL A 510 -0.35 -12.59 -33.36
N ASP A 511 -0.22 -12.40 -34.68
CA ASP A 511 -1.17 -11.63 -35.48
C ASP A 511 -1.31 -10.14 -35.08
N THR A 512 -0.20 -9.54 -34.63
CA THR A 512 -0.13 -8.13 -34.38
C THR A 512 0.97 -7.48 -35.22
N ALA A 513 0.88 -6.15 -35.37
CA ALA A 513 1.92 -5.37 -36.05
C ALA A 513 3.28 -5.62 -35.40
N PHE A 514 3.28 -6.02 -34.13
CA PHE A 514 4.53 -6.16 -33.40
C PHE A 514 5.28 -7.49 -33.64
N THR A 515 4.57 -8.58 -33.81
CA THR A 515 5.27 -9.80 -34.24
C THR A 515 5.35 -9.85 -35.74
N GLY A 516 4.23 -9.59 -36.42
CA GLY A 516 4.25 -9.32 -37.86
C GLY A 516 3.26 -10.10 -38.72
N GLY A 517 2.68 -11.16 -38.18
CA GLY A 517 1.63 -11.87 -38.90
C GLY A 517 2.21 -12.68 -40.05
N ASP A 518 1.51 -12.70 -41.18
CA ASP A 518 1.89 -13.55 -42.32
C ASP A 518 3.17 -13.15 -43.08
N VAL A 519 3.72 -11.98 -42.79
CA VAL A 519 5.06 -11.63 -43.28
C VAL A 519 6.03 -12.78 -42.94
N TRP A 520 5.78 -13.52 -41.84
CA TRP A 520 6.60 -14.70 -41.47
C TRP A 520 6.46 -15.98 -42.32
N THR A 521 5.53 -15.99 -43.25
CA THR A 521 5.41 -17.05 -44.24
C THR A 521 6.09 -16.58 -45.54
N ASN A 522 6.63 -15.37 -45.55
CA ASN A 522 7.42 -14.90 -46.71
C ASN A 522 8.85 -15.46 -46.59
N PRO A 523 9.16 -16.53 -47.38
CA PRO A 523 10.44 -17.23 -47.34
C PRO A 523 11.64 -16.29 -47.41
N LYS A 524 11.52 -15.16 -48.12
CA LYS A 524 12.63 -14.19 -48.19
C LYS A 524 12.97 -13.55 -46.81
N LEU A 525 11.95 -13.36 -45.97
CA LEU A 525 12.21 -12.81 -44.63
C LEU A 525 12.93 -13.86 -43.77
N VAL A 526 12.44 -15.09 -43.85
CA VAL A 526 13.00 -16.18 -43.04
C VAL A 526 14.47 -16.44 -43.46
N GLU A 527 14.72 -16.45 -44.77
CA GLU A 527 16.07 -16.62 -45.31
C GLU A 527 17.02 -15.54 -44.82
N THR A 528 16.56 -14.30 -44.89
CA THR A 528 17.36 -13.13 -44.53
C THR A 528 17.73 -13.18 -43.05
N VAL A 529 16.76 -13.49 -42.19
CA VAL A 529 17.05 -13.54 -40.76
C VAL A 529 17.91 -14.77 -40.40
N ARG A 530 17.58 -15.93 -40.96
CA ARG A 530 18.35 -17.13 -40.69
C ARG A 530 19.81 -16.96 -41.12
N ALA A 531 20.03 -16.43 -42.32
CA ALA A 531 21.39 -16.26 -42.85
C ALA A 531 22.15 -15.36 -41.91
N TRP A 532 21.50 -14.27 -41.54
CA TRP A 532 22.10 -13.27 -40.66
C TRP A 532 22.41 -13.86 -39.29
N VAL A 533 21.48 -14.57 -38.65
CA VAL A 533 21.84 -15.20 -37.37
C VAL A 533 22.99 -16.21 -37.54
N ARG A 534 22.95 -17.00 -38.60
CA ARG A 534 23.97 -18.00 -38.80
C ARG A 534 25.39 -17.40 -38.93
N GLY A 535 25.47 -16.18 -39.47
CA GLY A 535 26.74 -15.48 -39.64
C GLY A 535 27.20 -14.70 -38.40
N GLY A 536 26.49 -14.85 -37.28
CA GLY A 536 26.90 -14.19 -36.02
C GLY A 536 25.94 -13.12 -35.55
N GLY A 537 24.76 -13.02 -36.17
CA GLY A 537 23.71 -12.16 -35.67
C GLY A 537 23.05 -12.75 -34.43
N ALA A 538 22.26 -11.94 -33.72
CA ALA A 538 21.60 -12.36 -32.52
C ALA A 538 20.10 -12.06 -32.69
N PHE A 539 19.24 -13.04 -32.44
CA PHE A 539 17.76 -12.85 -32.57
C PHE A 539 17.12 -13.12 -31.21
N VAL A 540 16.48 -12.09 -30.64
CA VAL A 540 15.79 -12.26 -29.35
C VAL A 540 14.31 -12.19 -29.57
N GLY A 541 13.62 -13.26 -29.25
CA GLY A 541 12.19 -13.32 -29.50
C GLY A 541 11.40 -13.34 -28.19
N VAL A 542 10.37 -12.49 -28.11
CA VAL A 542 9.61 -12.32 -26.85
C VAL A 542 8.13 -12.62 -27.08
N GLY A 543 7.61 -13.59 -26.33
CA GLY A 543 6.19 -13.87 -26.31
C GLY A 543 5.92 -14.83 -27.43
N GLU A 544 5.52 -14.30 -28.59
CA GLU A 544 5.17 -15.13 -29.73
C GLU A 544 5.92 -14.64 -30.97
N PRO A 545 7.26 -14.67 -30.92
CA PRO A 545 8.00 -14.08 -32.02
C PRO A 545 7.92 -14.97 -33.26
N SER A 546 7.90 -14.33 -34.42
CA SER A 546 7.90 -15.00 -35.75
C SER A 546 6.69 -15.89 -35.97
N SER A 547 5.63 -15.65 -35.20
CA SER A 547 4.46 -16.52 -35.21
C SER A 547 3.55 -16.36 -36.43
N ALA A 548 3.07 -17.47 -36.94
CA ALA A 548 2.16 -17.47 -38.07
C ALA A 548 1.21 -18.64 -37.90
N PRO A 549 -0.08 -18.37 -37.73
CA PRO A 549 -0.94 -19.52 -37.49
C PRO A 549 -1.19 -20.29 -38.78
N ARG A 550 -1.38 -21.59 -38.64
CA ARG A 550 -1.86 -22.42 -39.75
C ARG A 550 -0.90 -22.70 -40.90
N PHE A 551 0.11 -21.87 -41.08
CA PHE A 551 1.05 -22.07 -42.17
C PHE A 551 1.68 -23.48 -42.13
N GLN A 552 2.23 -23.87 -40.98
CA GLN A 552 2.72 -25.23 -40.81
C GLN A 552 1.98 -25.86 -39.65
N THR A 553 1.48 -27.07 -39.84
CA THR A 553 0.89 -27.80 -38.74
C THR A 553 1.85 -27.96 -37.57
N GLY A 554 3.14 -28.09 -37.88
CA GLY A 554 4.13 -28.44 -36.85
C GLY A 554 5.08 -27.37 -36.37
N ARG A 555 4.84 -26.13 -36.77
CA ARG A 555 5.73 -25.02 -36.48
C ARG A 555 4.91 -23.74 -36.40
N PHE A 556 4.74 -23.21 -35.18
CA PHE A 556 3.99 -21.95 -34.96
C PHE A 556 4.92 -20.75 -35.09
N PHE A 557 5.96 -20.72 -34.26
CA PHE A 557 7.02 -19.71 -34.37
C PHE A 557 7.85 -20.12 -35.57
N GLN A 558 7.86 -19.32 -36.64
CA GLN A 558 8.53 -19.74 -37.89
C GLN A 558 10.04 -19.81 -37.73
N LEU A 559 10.55 -19.04 -36.77
CA LEU A 559 11.95 -19.15 -36.46
C LEU A 559 12.17 -19.96 -35.18
N ALA A 560 11.32 -20.95 -34.92
CA ALA A 560 11.58 -21.84 -33.78
C ALA A 560 12.97 -22.45 -33.81
N ASP A 561 13.54 -22.68 -35.00
CA ASP A 561 14.87 -23.34 -35.09
C ASP A 561 15.97 -22.45 -34.54
N VAL A 562 15.80 -21.15 -34.73
CA VAL A 562 16.76 -20.14 -34.31
C VAL A 562 16.76 -20.01 -32.78
N ILE A 563 15.57 -19.82 -32.21
CA ILE A 563 15.48 -19.56 -30.78
C ILE A 563 15.34 -20.83 -29.93
N GLY A 564 15.16 -21.97 -30.57
CA GLY A 564 15.10 -23.24 -29.84
C GLY A 564 13.77 -23.59 -29.18
N VAL A 565 12.75 -22.80 -29.42
CA VAL A 565 11.50 -22.92 -28.68
C VAL A 565 10.34 -22.75 -29.67
N ASP A 566 9.27 -23.52 -29.48
CA ASP A 566 8.03 -23.28 -30.22
C ASP A 566 6.87 -23.33 -29.24
N GLU A 567 5.69 -22.90 -29.68
CA GLU A 567 4.47 -23.02 -28.89
C GLU A 567 3.56 -24.13 -29.40
N GLU A 568 3.20 -25.04 -28.51
CA GLU A 568 2.29 -26.12 -28.85
C GLU A 568 0.91 -25.51 -29.07
N ARG A 569 0.28 -25.89 -30.18
CA ARG A 569 -1.01 -25.33 -30.59
C ARG A 569 -2.14 -26.36 -30.59
N TYR A 570 -1.92 -27.42 -29.83
CA TYR A 570 -2.83 -28.57 -29.72
C TYR A 570 -2.99 -29.38 -31.02
N GLN A 571 -2.05 -29.19 -31.95
CA GLN A 571 -1.99 -29.98 -33.19
C GLN A 571 -0.94 -31.09 -33.06
N THR A 572 -0.05 -30.97 -32.08
CA THR A 572 1.08 -31.88 -31.99
C THR A 572 1.15 -32.56 -30.64
N LEU A 573 -0.01 -32.86 -30.10
CA LEU A 573 -0.08 -33.45 -28.76
C LEU A 573 0.37 -34.89 -28.77
N SER A 574 0.34 -35.52 -29.94
CA SER A 574 0.82 -36.92 -30.05
C SER A 574 2.33 -37.03 -29.91
N VAL A 575 3.01 -35.91 -30.14
CA VAL A 575 4.46 -35.81 -30.05
C VAL A 575 4.93 -35.53 -28.61
N ASP A 576 5.59 -36.50 -28.00
CA ASP A 576 6.11 -36.35 -26.62
C ASP A 576 7.18 -35.26 -26.68
N LYS A 577 7.09 -34.29 -25.78
CA LYS A 577 8.09 -33.21 -25.68
C LYS A 577 9.11 -33.56 -24.60
N TYR A 578 10.40 -33.47 -24.93
CA TYR A 578 11.48 -33.79 -23.99
C TYR A 578 12.28 -32.56 -23.63
N PHE A 579 12.25 -32.20 -22.36
CA PHE A 579 12.87 -30.97 -21.88
C PHE A 579 14.24 -31.33 -21.35
N PRO A 580 15.32 -30.72 -21.85
CA PRO A 580 16.61 -30.98 -21.23
C PRO A 580 16.66 -30.34 -19.83
N PRO A 581 17.63 -30.77 -18.99
CA PRO A 581 17.67 -30.22 -17.63
C PRO A 581 17.97 -28.72 -17.67
N VAL A 582 17.26 -27.95 -16.84
CA VAL A 582 17.51 -26.51 -16.70
C VAL A 582 18.92 -26.23 -16.18
N VAL A 583 19.58 -25.26 -16.81
CA VAL A 583 20.89 -24.72 -16.39
C VAL A 583 20.70 -23.48 -15.48
N PRO A 584 20.77 -23.66 -14.14
CA PRO A 584 20.45 -22.52 -13.27
C PRO A 584 21.60 -21.54 -13.08
N ASP A 585 22.80 -21.91 -13.51
CA ASP A 585 23.97 -21.07 -13.34
C ASP A 585 24.44 -20.66 -14.72
N HIS A 586 24.29 -19.39 -15.07
CA HIS A 586 24.48 -18.96 -16.48
C HIS A 586 24.67 -17.47 -16.52
N PHE A 587 25.47 -17.01 -17.46
CA PHE A 587 25.68 -15.57 -17.69
C PHE A 587 24.38 -14.73 -17.67
N ILE A 588 23.34 -15.20 -18.36
CA ILE A 588 22.12 -14.37 -18.53
C ILE A 588 21.42 -14.15 -17.18
N THR A 589 21.41 -15.20 -16.37
CA THR A 589 20.73 -15.19 -15.07
C THR A 589 21.63 -14.82 -13.86
N ALA A 590 22.85 -14.33 -14.11
CA ALA A 590 23.82 -14.18 -13.01
C ALA A 590 23.37 -13.17 -11.94
N ASP A 591 22.62 -12.15 -12.34
CA ASP A 591 22.16 -11.12 -11.41
C ASP A 591 20.80 -11.42 -10.80
N VAL A 592 20.16 -12.51 -11.20
CA VAL A 592 18.86 -12.89 -10.59
C VAL A 592 19.07 -13.31 -9.12
N PRO A 593 18.40 -12.64 -8.14
CA PRO A 593 18.56 -13.00 -6.72
C PRO A 593 18.28 -14.49 -6.45
N VAL A 594 19.18 -15.17 -5.74
CA VAL A 594 18.99 -16.60 -5.44
C VAL A 594 18.13 -16.81 -4.21
N ASP A 595 17.20 -17.75 -4.32
CA ASP A 595 16.29 -18.10 -3.24
C ASP A 595 16.55 -19.58 -2.90
N PRO A 596 17.39 -19.86 -1.88
CA PRO A 596 17.80 -21.24 -1.59
C PRO A 596 16.63 -22.13 -1.23
N ALA A 597 15.61 -21.56 -0.57
CA ALA A 597 14.40 -22.32 -0.26
C ALA A 597 13.68 -22.86 -1.51
N ALA A 598 13.60 -22.05 -2.57
CA ALA A 598 12.93 -22.47 -3.80
C ALA A 598 13.80 -23.39 -4.64
N ARG A 599 15.11 -23.07 -4.69
CA ARG A 599 16.08 -23.87 -5.42
C ARG A 599 16.17 -25.28 -4.84
N GLU A 600 16.15 -25.35 -3.50
CA GLU A 600 16.20 -26.60 -2.77
C GLU A 600 14.95 -27.41 -3.03
N ALA A 601 13.80 -26.77 -2.94
CA ALA A 601 12.50 -27.40 -3.22
C ALA A 601 12.46 -27.92 -4.65
N TRP A 602 13.02 -27.12 -5.57
CA TRP A 602 13.16 -27.42 -7.01
C TRP A 602 14.09 -28.62 -7.21
N GLU A 603 15.25 -28.60 -6.57
CA GLU A 603 16.20 -29.71 -6.70
C GLU A 603 15.68 -31.01 -6.10
N GLN A 604 14.92 -30.91 -5.01
CA GLN A 604 14.45 -32.09 -4.30
C GLN A 604 13.39 -32.79 -5.10
N ALA A 605 12.51 -31.99 -5.71
CA ALA A 605 11.34 -32.49 -6.42
C ALA A 605 11.70 -33.18 -7.74
N GLY A 606 12.80 -32.75 -8.37
CA GLY A 606 13.29 -33.37 -9.60
C GLY A 606 12.49 -33.17 -10.90
N TYR A 607 12.89 -33.93 -11.91
CA TYR A 607 12.32 -33.85 -13.25
C TYR A 607 11.34 -34.98 -13.51
N ARG A 608 10.28 -34.71 -14.26
CA ARG A 608 9.29 -35.76 -14.60
C ARG A 608 9.95 -36.82 -15.43
N ILE A 609 9.80 -38.07 -15.05
CA ILE A 609 10.36 -39.16 -15.88
C ILE A 609 9.43 -39.36 -17.09
N PRO A 610 9.98 -39.76 -18.24
CA PRO A 610 9.17 -40.04 -19.43
C PRO A 610 7.92 -40.82 -19.10
N LEU A 611 6.78 -40.30 -19.57
CA LEU A 611 5.47 -40.96 -19.47
C LEU A 611 4.67 -40.82 -20.77
N SER A 612 3.95 -41.89 -21.12
CA SER A 612 3.19 -41.96 -22.37
C SER A 612 2.29 -40.77 -22.58
N GLY A 613 2.38 -40.15 -23.76
CA GLY A 613 1.64 -38.94 -24.08
C GLY A 613 1.95 -37.69 -23.26
N CYS A 614 2.94 -37.77 -22.37
CA CYS A 614 3.33 -36.60 -21.54
C CYS A 614 4.77 -36.14 -21.70
N GLY A 615 5.53 -36.79 -22.58
CA GLY A 615 6.96 -36.51 -22.69
C GLY A 615 7.67 -36.66 -21.35
N GLY A 616 8.70 -35.85 -21.12
CA GLY A 616 9.44 -35.86 -19.85
C GLY A 616 10.50 -34.76 -19.76
N GLY A 617 11.11 -34.61 -18.59
CA GLY A 617 12.14 -33.63 -18.35
C GLY A 617 11.70 -32.34 -17.65
N GLN A 618 10.39 -32.14 -17.52
CA GLN A 618 9.83 -30.92 -16.95
C GLN A 618 10.05 -30.93 -15.44
N SER A 619 10.43 -29.80 -14.86
CA SER A 619 10.68 -29.75 -13.41
C SER A 619 9.35 -29.92 -12.71
N ILE A 620 9.30 -30.83 -11.75
CA ILE A 620 8.07 -31.05 -11.00
C ILE A 620 7.67 -29.81 -10.18
N LYS A 621 8.68 -29.07 -9.72
CA LYS A 621 8.39 -27.84 -8.99
C LYS A 621 9.09 -26.64 -9.64
N PRO A 622 8.54 -25.45 -9.48
CA PRO A 622 9.12 -24.31 -10.20
C PRO A 622 10.38 -23.72 -9.53
N LEU A 623 11.43 -23.49 -10.30
CA LEU A 623 12.61 -22.80 -9.79
C LEU A 623 12.26 -21.32 -9.45
N GLY A 624 11.50 -20.66 -10.32
CA GLY A 624 11.08 -19.27 -10.13
C GLY A 624 12.19 -18.22 -10.01
N GLY A 625 11.87 -17.12 -9.32
CA GLY A 625 12.80 -16.02 -9.11
C GLY A 625 12.81 -14.89 -10.13
N ILE A 626 12.04 -15.06 -11.22
CA ILE A 626 11.90 -14.08 -12.29
C ILE A 626 10.43 -13.89 -12.67
N ASP A 627 9.98 -12.63 -12.69
CA ASP A 627 8.64 -12.24 -13.12
C ASP A 627 8.63 -12.15 -14.64
N PHE A 628 8.03 -13.14 -15.30
CA PHE A 628 7.94 -13.20 -16.76
C PHE A 628 6.62 -12.65 -17.33
N GLY A 629 5.77 -12.09 -16.50
CA GLY A 629 4.52 -11.52 -16.97
C GLY A 629 3.46 -12.55 -17.34
N GLU A 630 2.68 -12.21 -18.37
CA GLU A 630 1.64 -13.08 -18.89
C GLU A 630 2.20 -14.38 -19.48
N PRO A 631 1.65 -15.54 -19.08
CA PRO A 631 2.26 -16.76 -19.62
C PRO A 631 2.00 -16.96 -21.12
N VAL A 632 2.94 -17.62 -21.80
CA VAL A 632 2.68 -18.16 -23.14
C VAL A 632 2.56 -19.68 -22.95
N LEU A 633 1.34 -20.18 -23.04
CA LEU A 633 1.03 -21.55 -22.68
C LEU A 633 1.69 -22.55 -23.64
N ASN A 634 2.23 -23.61 -23.04
CA ASN A 634 2.76 -24.78 -23.74
C ASN A 634 3.89 -24.50 -24.72
N THR A 635 4.73 -23.49 -24.42
CA THR A 635 6.02 -23.40 -25.10
C THR A 635 6.88 -24.60 -24.70
N TYR A 636 7.74 -25.04 -25.60
CA TYR A 636 8.57 -26.21 -25.32
C TYR A 636 9.88 -26.16 -26.10
N PRO A 637 10.92 -26.86 -25.64
CA PRO A 637 12.13 -26.81 -26.44
C PRO A 637 12.01 -27.68 -27.70
N VAL A 638 12.52 -27.22 -28.83
CA VAL A 638 12.39 -27.98 -30.08
C VAL A 638 13.29 -29.24 -30.11
N ASN A 639 14.43 -29.19 -29.43
CA ASN A 639 15.25 -30.39 -29.25
C ASN A 639 15.99 -30.20 -27.92
N GLU A 640 16.74 -31.21 -27.52
CA GLU A 640 17.42 -31.20 -26.25
C GLU A 640 18.77 -30.47 -26.25
N ASN A 641 19.18 -29.89 -27.37
CA ASN A 641 20.41 -29.09 -27.36
C ASN A 641 20.14 -27.62 -27.06
N VAL A 642 18.87 -27.23 -27.03
CA VAL A 642 18.51 -25.89 -26.56
C VAL A 642 18.87 -25.80 -25.09
N THR A 643 19.35 -24.64 -24.64
CA THR A 643 19.62 -24.40 -23.22
C THR A 643 18.39 -23.78 -22.57
N LEU A 644 17.77 -24.50 -21.63
CA LEU A 644 16.66 -23.96 -20.88
C LEU A 644 17.18 -23.27 -19.61
N LEU A 645 16.79 -22.01 -19.41
CA LEU A 645 17.25 -21.26 -18.24
C LEU A 645 16.13 -21.15 -17.26
N ARG A 646 14.90 -21.05 -17.78
CA ARG A 646 13.71 -21.18 -16.97
C ARG A 646 12.64 -21.93 -17.77
N ALA A 647 12.17 -23.03 -17.18
CA ALA A 647 11.08 -23.84 -17.74
C ALA A 647 10.17 -24.41 -16.64
N ASP A 648 9.48 -23.52 -15.95
CA ASP A 648 8.62 -23.84 -14.84
C ASP A 648 7.18 -24.10 -15.27
N GLY A 649 6.48 -24.92 -14.50
CA GLY A 649 5.06 -25.22 -14.77
C GLY A 649 4.82 -25.91 -16.12
N GLY A 650 5.74 -26.77 -16.55
CA GLY A 650 5.54 -27.57 -17.78
C GLY A 650 5.60 -26.79 -19.11
N GLN A 651 6.24 -25.61 -19.09
CA GLN A 651 6.45 -24.78 -20.29
C GLN A 651 7.73 -23.94 -20.16
N VAL A 652 8.05 -23.16 -21.17
CA VAL A 652 9.30 -22.42 -21.22
C VAL A 652 9.14 -20.90 -21.08
N GLN A 653 9.97 -20.31 -20.23
CA GLN A 653 9.99 -18.87 -20.08
C GLN A 653 11.27 -18.26 -20.66
N LEU A 654 12.38 -18.98 -20.56
CA LEU A 654 13.70 -18.41 -20.91
C LEU A 654 14.62 -19.51 -21.44
N ALA A 655 15.14 -19.27 -22.63
CA ALA A 655 15.92 -20.27 -23.36
C ALA A 655 16.91 -19.60 -24.29
N THR A 656 18.03 -20.27 -24.51
CA THR A 656 19.03 -19.78 -25.46
C THR A 656 19.53 -20.92 -26.35
N ASN A 657 19.86 -20.60 -27.59
CA ASN A 657 20.17 -21.62 -28.62
C ASN A 657 21.29 -21.16 -29.57
N ASP A 658 22.31 -21.98 -29.76
CA ASP A 658 23.37 -21.62 -30.67
C ASP A 658 22.88 -21.95 -32.07
N TYR A 659 23.18 -21.07 -33.00
CA TYR A 659 22.73 -21.22 -34.36
C TYR A 659 23.86 -20.79 -35.28
N GLY A 660 24.73 -21.74 -35.64
CA GLY A 660 25.92 -21.38 -36.44
C GLY A 660 26.80 -20.47 -35.61
N LYS A 661 27.17 -19.32 -36.16
CA LYS A 661 28.01 -18.39 -35.40
C LYS A 661 27.18 -17.61 -34.39
N GLY A 662 25.87 -17.47 -34.62
CA GLY A 662 25.05 -16.59 -33.81
C GLY A 662 24.19 -17.31 -32.81
N ARG A 663 23.32 -16.56 -32.12
CA ARG A 663 22.46 -17.16 -31.13
C ARG A 663 21.06 -16.67 -31.25
N GLY A 664 20.13 -17.49 -30.77
CA GLY A 664 18.75 -17.10 -30.60
C GLY A 664 18.41 -17.19 -29.12
N VAL A 665 17.59 -16.27 -28.63
CA VAL A 665 17.10 -16.31 -27.27
C VAL A 665 15.58 -16.15 -27.25
N TYR A 666 14.91 -16.98 -26.46
CA TYR A 666 13.47 -16.84 -26.25
C TYR A 666 13.17 -16.30 -24.84
N ILE A 667 12.28 -15.32 -24.76
CA ILE A 667 11.75 -14.81 -23.47
C ILE A 667 10.22 -14.79 -23.56
N SER A 668 9.51 -15.37 -22.62
CA SER A 668 8.05 -15.47 -22.75
C SER A 668 7.36 -14.16 -22.49
N GLY A 669 7.96 -13.30 -21.66
CA GLY A 669 7.48 -11.91 -21.44
C GLY A 669 8.41 -11.21 -20.47
N LEU A 670 8.33 -9.89 -20.41
CA LEU A 670 9.33 -9.10 -19.68
C LEU A 670 8.73 -7.81 -19.12
N PRO A 671 7.98 -7.89 -18.00
CA PRO A 671 7.58 -6.67 -17.30
C PRO A 671 8.81 -5.84 -16.94
N TYR A 672 8.69 -4.51 -16.98
CA TYR A 672 9.81 -3.68 -16.54
C TYR A 672 10.07 -3.81 -15.04
N SER A 673 11.32 -4.10 -14.69
CA SER A 673 11.87 -3.95 -13.35
C SER A 673 13.39 -3.78 -13.50
N ALA A 674 14.06 -3.22 -12.48
CA ALA A 674 15.52 -3.16 -12.50
C ALA A 674 16.12 -4.55 -12.84
N ALA A 675 15.60 -5.61 -12.23
CA ALA A 675 16.15 -6.96 -12.43
C ALA A 675 15.93 -7.48 -13.88
N ASN A 676 14.72 -7.32 -14.38
CA ASN A 676 14.40 -7.63 -15.78
C ASN A 676 15.12 -6.79 -16.84
N ALA A 677 15.42 -5.54 -16.52
CA ALA A 677 16.21 -4.74 -17.44
C ALA A 677 17.63 -5.29 -17.54
N ARG A 678 18.17 -5.71 -16.39
CA ARG A 678 19.48 -6.34 -16.34
C ARG A 678 19.40 -7.68 -17.06
N LEU A 679 18.33 -8.44 -16.82
CA LEU A 679 18.15 -9.72 -17.51
C LEU A 679 18.21 -9.47 -19.04
N LEU A 680 17.35 -8.57 -19.53
CA LEU A 680 17.38 -8.21 -20.95
C LEU A 680 18.79 -7.79 -21.40
N GLU A 681 19.40 -6.88 -20.65
CA GLU A 681 20.71 -6.43 -21.01
C GLU A 681 21.73 -7.55 -21.15
N ARG A 682 21.80 -8.45 -20.16
CA ARG A 682 22.66 -9.63 -20.28
C ARG A 682 22.32 -10.51 -21.50
N VAL A 683 21.02 -10.69 -21.78
CA VAL A 683 20.58 -11.38 -23.02
C VAL A 683 21.23 -10.72 -24.26
N LEU A 684 21.20 -9.40 -24.37
CA LEU A 684 21.74 -8.71 -25.56
C LEU A 684 23.23 -9.00 -25.74
N PHE A 685 23.96 -8.89 -24.64
CA PHE A 685 25.40 -9.20 -24.66
C PHE A 685 25.70 -10.66 -24.92
N TYR A 686 24.93 -11.55 -24.29
CA TYR A 686 25.18 -12.98 -24.45
C TYR A 686 24.86 -13.46 -25.89
N ALA A 687 23.74 -13.00 -26.43
CA ALA A 687 23.28 -13.47 -27.75
C ALA A 687 24.16 -12.95 -28.88
N SER A 688 24.77 -11.79 -28.68
CA SER A 688 25.67 -11.23 -29.68
C SER A 688 27.12 -11.71 -29.51
N HIS A 689 27.34 -12.74 -28.68
CA HIS A 689 28.66 -13.29 -28.36
C HIS A 689 29.58 -12.22 -27.82
N ASN A 690 29.02 -11.29 -27.04
CA ASN A 690 29.77 -10.14 -26.56
C ASN A 690 29.89 -10.18 -25.03
N GLU A 691 29.93 -11.37 -24.46
CA GLU A 691 30.13 -11.49 -23.03
C GLU A 691 31.37 -10.71 -22.59
N ASP A 692 32.46 -10.80 -23.37
CA ASP A 692 33.72 -10.13 -23.00
C ASP A 692 33.63 -8.61 -23.05
N LYS A 693 32.57 -8.09 -23.63
CA LYS A 693 32.39 -6.65 -23.73
C LYS A 693 31.43 -6.11 -22.64
N TYR A 694 30.79 -7.03 -21.91
CA TYR A 694 29.76 -6.66 -20.92
C TYR A 694 30.25 -5.75 -19.75
N ALA A 695 31.37 -6.14 -19.15
CA ALA A 695 31.91 -5.47 -17.96
C ALA A 695 32.27 -4.00 -18.18
N ALA A 696 32.94 -3.67 -19.28
CA ALA A 696 33.20 -2.25 -19.55
C ALA A 696 32.00 -1.30 -19.37
N TRP A 697 32.17 -0.30 -18.50
CA TRP A 697 31.17 0.76 -18.25
C TRP A 697 29.86 0.16 -17.74
N SER A 698 29.97 -0.74 -16.76
CA SER A 698 28.81 -1.40 -16.18
C SER A 698 28.75 -1.16 -14.67
N SER A 699 27.54 -1.20 -14.13
CA SER A 699 27.32 -1.16 -12.71
C SER A 699 26.98 -2.57 -12.25
N SER A 700 27.70 -3.08 -11.24
CA SER A 700 27.40 -4.38 -10.59
C SER A 700 25.98 -4.50 -10.03
N ASN A 701 25.54 -3.45 -9.32
CA ASN A 701 24.16 -3.33 -8.82
C ASN A 701 23.15 -3.00 -9.96
N PRO A 702 22.13 -3.85 -10.16
CA PRO A 702 21.12 -3.54 -11.21
C PRO A 702 20.30 -2.28 -10.96
N GLU A 703 20.28 -1.77 -9.73
CA GLU A 703 19.51 -0.53 -9.40
C GLU A 703 20.18 0.73 -9.87
N CYS A 704 21.43 0.60 -10.34
CA CYS A 704 22.18 1.73 -10.84
C CYS A 704 22.59 1.57 -12.29
N GLU A 705 22.77 2.69 -13.00
CA GLU A 705 23.28 2.65 -14.39
C GLU A 705 24.50 3.52 -14.62
N VAL A 706 25.29 3.13 -15.63
CA VAL A 706 26.47 3.89 -16.05
C VAL A 706 26.27 4.51 -17.45
N ALA A 707 26.74 5.74 -17.62
CA ALA A 707 26.77 6.40 -18.92
C ALA A 707 28.18 6.93 -19.21
N HIS A 708 28.77 6.46 -20.31
CA HIS A 708 30.13 6.85 -20.70
C HIS A 708 30.08 7.92 -21.78
N PHE A 709 30.83 9.01 -21.56
CA PHE A 709 30.92 10.14 -22.50
C PHE A 709 32.39 10.35 -22.97
N PRO A 710 32.88 9.46 -23.87
CA PRO A 710 34.28 9.46 -24.33
C PRO A 710 34.77 10.83 -24.81
N GLU A 711 33.94 11.59 -25.50
CA GLU A 711 34.35 12.91 -26.00
C GLU A 711 34.57 14.00 -24.94
N GLN A 712 33.91 13.91 -23.78
CA GLN A 712 34.24 14.87 -22.72
C GLN A 712 35.05 14.33 -21.54
N GLY A 713 35.58 13.12 -21.71
CA GLY A 713 36.43 12.44 -20.72
C GLY A 713 35.76 12.09 -19.39
N LEU A 714 34.46 11.80 -19.44
CA LEU A 714 33.61 11.59 -18.25
C LEU A 714 32.86 10.27 -18.27
N TYR A 715 32.52 9.80 -17.09
CA TYR A 715 31.35 8.94 -16.98
C TYR A 715 30.54 9.35 -15.75
N CYS A 716 29.24 9.02 -15.76
CA CYS A 716 28.44 9.08 -14.55
C CYS A 716 27.83 7.73 -14.17
N VAL A 717 27.36 7.68 -12.93
CA VAL A 717 26.65 6.53 -12.43
C VAL A 717 25.44 7.09 -11.68
N ILE A 718 24.28 6.52 -11.95
CA ILE A 718 23.03 7.02 -11.40
C ILE A 718 22.30 5.95 -10.63
N ASN A 719 21.58 6.38 -9.58
CA ASN A 719 20.81 5.51 -8.74
C ASN A 719 19.37 5.72 -9.19
N ASN A 720 18.78 4.68 -9.75
CA ASN A 720 17.44 4.75 -10.32
C ASN A 720 16.31 4.57 -9.28
N THR A 721 16.69 4.48 -8.02
CA THR A 721 15.76 4.22 -6.91
C THR A 721 15.75 5.37 -5.87
N ASP A 722 14.79 5.31 -4.95
CA ASP A 722 14.72 6.27 -3.83
C ASP A 722 15.38 5.77 -2.55
N GLN A 723 16.19 4.72 -2.68
CA GLN A 723 16.96 4.08 -1.57
C GLN A 723 18.46 4.25 -1.81
N PRO A 724 19.27 4.25 -0.74
CA PRO A 724 20.73 4.29 -0.97
C PRO A 724 21.17 3.05 -1.75
N GLN A 725 22.13 3.19 -2.68
CA GLN A 725 22.64 2.02 -3.40
C GLN A 725 24.16 2.01 -3.43
N LYS A 726 24.76 0.89 -3.03
CA LYS A 726 26.20 0.71 -3.24
C LYS A 726 26.41 -0.07 -4.54
N THR A 727 27.45 0.28 -5.30
CA THR A 727 27.70 -0.39 -6.58
C THR A 727 29.14 -0.20 -6.98
N THR A 728 29.68 -1.19 -7.69
CA THR A 728 31.04 -1.12 -8.22
C THR A 728 30.96 -0.88 -9.73
N VAL A 729 31.47 0.26 -10.18
CA VAL A 729 31.53 0.51 -11.62
C VAL A 729 32.80 -0.09 -12.20
N THR A 730 32.67 -0.78 -13.34
CA THR A 730 33.85 -1.30 -14.07
C THR A 730 34.15 -0.44 -15.31
N LEU A 731 35.40 0.04 -15.39
CA LEU A 731 35.81 0.95 -16.45
C LEU A 731 36.33 0.14 -17.63
N ALA A 732 36.59 0.79 -18.77
CA ALA A 732 37.02 0.08 -19.98
C ALA A 732 38.31 -0.70 -19.75
N ASP A 733 39.27 -0.09 -19.06
CA ASP A 733 40.59 -0.75 -18.85
C ASP A 733 40.56 -1.89 -17.80
N GLY A 734 39.38 -2.20 -17.27
CA GLY A 734 39.24 -3.25 -16.26
C GLY A 734 39.41 -2.77 -14.82
N THR A 735 39.72 -1.50 -14.63
CA THR A 735 39.70 -0.90 -13.28
C THR A 735 38.25 -0.79 -12.76
N THR A 736 38.09 -0.61 -11.44
CA THR A 736 36.79 -0.48 -10.81
C THR A 736 36.78 0.66 -9.79
N GLU A 737 35.60 1.22 -9.55
CA GLU A 737 35.41 2.11 -8.43
C GLU A 737 34.11 1.78 -7.70
N ASP A 738 34.18 1.86 -6.37
CA ASP A 738 33.02 1.63 -5.53
C ASP A 738 32.29 2.93 -5.25
N PHE A 739 30.97 2.88 -5.25
CA PHE A 739 30.16 4.06 -4.96
C PHE A 739 29.17 3.79 -3.85
N ASP A 740 28.85 4.83 -3.11
CA ASP A 740 27.70 4.79 -2.22
C ASP A 740 26.78 5.94 -2.68
N LEU A 741 25.74 5.60 -3.43
CA LEU A 741 24.89 6.63 -4.00
C LEU A 741 23.66 6.82 -3.10
N PRO A 742 23.44 8.05 -2.63
CA PRO A 742 22.19 8.33 -1.93
C PRO A 742 20.97 8.16 -2.85
N ASP A 743 19.81 8.09 -2.21
CA ASP A 743 18.51 8.34 -2.81
C ASP A 743 18.57 9.21 -4.08
N SER A 744 18.24 8.59 -5.24
CA SER A 744 18.15 9.26 -6.54
C SER A 744 19.41 10.00 -6.99
N GLY A 745 20.57 9.59 -6.50
CA GLY A 745 21.79 10.38 -6.67
C GLY A 745 22.53 10.07 -7.97
N ILE A 746 23.55 10.88 -8.23
CA ILE A 746 24.40 10.77 -9.39
C ILE A 746 25.84 11.13 -8.96
N ALA A 747 26.81 10.36 -9.46
CA ALA A 747 28.22 10.66 -9.30
C ALA A 747 28.91 10.70 -10.68
N TRP A 748 29.84 11.64 -10.82
CA TRP A 748 30.62 11.86 -12.04
C TRP A 748 32.10 11.65 -11.77
N ARG A 749 32.79 11.03 -12.72
CA ARG A 749 34.23 10.79 -12.63
C ARG A 749 34.87 10.96 -14.00
N GLU A 750 36.15 11.37 -13.99
CA GLU A 750 37.01 11.40 -15.19
C GLU A 750 36.86 10.16 -16.08
N SER B 3 -26.66 -64.68 -5.63
CA SER B 3 -25.52 -63.86 -6.18
C SER B 3 -24.20 -64.61 -6.39
N THR B 4 -23.95 -65.07 -7.62
CA THR B 4 -22.62 -65.55 -8.02
C THR B 4 -22.44 -65.34 -9.51
N GLY B 5 -21.20 -65.31 -9.98
CA GLY B 5 -20.93 -65.11 -11.41
C GLY B 5 -20.70 -63.65 -11.80
N ARG B 6 -20.59 -63.43 -13.11
CA ARG B 6 -20.28 -62.11 -13.70
C ARG B 6 -18.87 -61.64 -13.33
N PHE B 7 -17.99 -62.61 -13.07
CA PHE B 7 -16.66 -62.33 -12.51
C PHE B 7 -15.65 -63.27 -13.13
N THR B 8 -14.57 -62.72 -13.65
CA THR B 8 -13.54 -63.49 -14.34
C THR B 8 -12.24 -63.44 -13.54
N LEU B 9 -11.69 -64.62 -13.28
CA LEU B 9 -10.55 -64.80 -12.41
C LEU B 9 -9.38 -65.33 -13.22
N PRO B 10 -8.17 -64.78 -13.00
CA PRO B 10 -7.03 -65.29 -13.74
C PRO B 10 -6.36 -66.44 -12.98
N SER B 11 -5.69 -67.31 -13.72
CA SER B 11 -4.90 -68.35 -13.08
C SER B 11 -3.58 -68.59 -13.80
N GLU B 12 -2.57 -68.91 -13.00
CA GLU B 12 -1.25 -69.33 -13.47
C GLU B 12 -1.23 -70.86 -13.55
N GLU B 13 -0.07 -71.47 -13.35
CA GLU B 13 0.01 -72.92 -13.20
C GLU B 13 0.23 -73.28 -11.72
N ASN B 14 0.06 -74.56 -11.39
CA ASN B 14 0.36 -75.09 -10.05
C ASN B 14 -0.29 -74.33 -8.89
N PHE B 15 -1.63 -74.21 -8.94
CA PHE B 15 -2.35 -73.39 -7.99
C PHE B 15 -3.77 -73.90 -7.71
N ALA B 16 -4.05 -75.13 -8.17
CA ALA B 16 -5.40 -75.71 -8.07
C ALA B 16 -6.19 -75.40 -6.79
N GLU B 17 -5.56 -75.57 -5.64
CA GLU B 17 -6.22 -75.44 -4.33
C GLU B 17 -6.74 -74.02 -4.01
N LYS B 18 -5.84 -73.05 -4.08
CA LYS B 18 -6.20 -71.66 -3.74
C LYS B 18 -7.11 -71.04 -4.81
N THR B 19 -6.81 -71.31 -6.09
CA THR B 19 -7.69 -70.97 -7.21
C THR B 19 -9.15 -71.32 -6.90
N LYS B 20 -9.38 -72.53 -6.38
CA LYS B 20 -10.72 -73.00 -6.06
C LYS B 20 -11.32 -72.21 -4.91
N GLU B 21 -10.48 -71.88 -3.93
CA GLU B 21 -10.92 -71.10 -2.77
C GLU B 21 -11.32 -69.66 -3.17
N LEU B 22 -10.51 -69.01 -4.01
CA LEU B 22 -10.79 -67.63 -4.44
C LEU B 22 -11.98 -67.54 -5.38
N ALA B 23 -12.04 -68.47 -6.36
CA ALA B 23 -13.18 -68.55 -7.27
C ALA B 23 -14.49 -68.66 -6.50
N GLU B 24 -14.48 -69.36 -5.37
CA GLU B 24 -15.68 -69.48 -4.55
C GLU B 24 -15.85 -68.29 -3.59
N LEU B 25 -14.75 -67.69 -3.14
CA LEU B 25 -14.86 -66.48 -2.33
C LEU B 25 -15.48 -65.33 -3.14
N TRP B 26 -14.97 -65.14 -4.35
CA TRP B 26 -15.35 -64.03 -5.22
C TRP B 26 -16.57 -64.31 -6.11
N GLY B 27 -16.99 -65.57 -6.15
CA GLY B 27 -18.11 -66.00 -6.98
C GLY B 27 -17.80 -65.99 -8.46
N ALA B 28 -16.59 -66.39 -8.82
CA ALA B 28 -16.13 -66.42 -10.20
C ALA B 28 -16.81 -67.51 -11.00
N ASP B 29 -17.29 -67.15 -12.19
CA ASP B 29 -17.96 -68.11 -13.09
C ASP B 29 -17.12 -68.36 -14.33
N ALA B 30 -15.95 -67.73 -14.37
CA ALA B 30 -15.03 -67.89 -15.48
C ALA B 30 -13.59 -67.81 -15.01
N ILE B 31 -12.72 -68.48 -15.74
CA ILE B 31 -11.29 -68.42 -15.46
C ILE B 31 -10.49 -68.12 -16.71
N ARG B 32 -9.51 -67.23 -16.53
CA ARG B 32 -8.58 -66.86 -17.57
C ARG B 32 -7.25 -67.59 -17.36
N ASN B 33 -6.99 -68.54 -18.24
CA ASN B 33 -5.73 -69.25 -18.25
C ASN B 33 -4.67 -68.47 -19.02
N SER B 34 -3.41 -68.57 -18.57
CA SER B 34 -2.25 -67.93 -19.20
C SER B 34 -2.09 -68.32 -20.67
N THR B 37 -1.07 -71.22 -19.59
CA THR B 37 -1.38 -72.30 -20.52
C THR B 37 -1.85 -73.54 -19.74
N HIS B 38 -2.73 -74.32 -20.39
CA HIS B 38 -3.50 -75.44 -19.81
C HIS B 38 -3.01 -76.10 -18.51
N LEU B 39 -3.91 -76.24 -17.53
CA LEU B 39 -3.65 -77.10 -16.36
C LEU B 39 -4.89 -77.59 -15.57
N ASP B 40 -4.59 -78.15 -14.40
CA ASP B 40 -5.47 -78.97 -13.55
C ASP B 40 -6.85 -79.46 -14.00
N GLU B 41 -7.02 -80.77 -13.86
CA GLU B 41 -8.29 -81.46 -13.94
C GLU B 41 -9.10 -81.19 -12.67
N VAL B 43 -9.14 -77.94 -11.81
CA VAL B 43 -10.14 -76.87 -11.73
C VAL B 43 -11.20 -77.01 -12.84
N LEU B 44 -10.82 -77.70 -13.92
CA LEU B 44 -11.72 -77.99 -15.03
C LEU B 44 -12.99 -78.73 -14.60
N GLY B 47 -16.39 -76.65 -13.39
CA GLY B 47 -17.12 -76.35 -14.62
C GLY B 47 -17.13 -74.86 -14.90
N LYS B 48 -15.93 -74.28 -15.03
CA LYS B 48 -15.79 -72.85 -15.26
C LYS B 48 -15.63 -72.50 -16.73
N LYS B 49 -16.25 -71.40 -17.12
CA LYS B 49 -16.05 -70.79 -18.44
C LYS B 49 -14.57 -70.40 -18.61
N ILE B 50 -13.95 -70.87 -19.68
CA ILE B 50 -12.51 -70.75 -19.86
C ILE B 50 -12.15 -69.69 -20.93
N TYR B 51 -11.37 -68.68 -20.54
CA TYR B 51 -10.92 -67.66 -21.50
C TYR B 51 -9.51 -67.96 -21.92
N ASN B 52 -9.27 -67.93 -23.23
CA ASN B 52 -7.92 -68.03 -23.75
C ASN B 52 -7.64 -66.89 -24.69
N ALA B 53 -6.52 -66.21 -24.49
CA ALA B 53 -6.18 -65.05 -25.29
C ALA B 53 -5.60 -65.50 -26.63
N TYR B 54 -5.89 -64.75 -27.68
CA TYR B 54 -5.32 -65.00 -29.00
C TYR B 54 -4.71 -63.74 -29.61
N PHE B 55 -3.56 -63.91 -30.25
CA PHE B 55 -2.71 -62.81 -30.70
C PHE B 55 -2.46 -62.91 -32.19
N PRO B 56 -3.48 -62.55 -33.00
CA PRO B 56 -3.51 -62.79 -34.44
C PRO B 56 -2.25 -62.45 -35.22
N THR B 57 -1.63 -61.31 -34.91
CA THR B 57 -0.59 -60.77 -35.78
C THR B 57 0.81 -60.68 -35.16
N ARG B 58 1.04 -61.52 -34.14
CA ARG B 58 2.39 -61.69 -33.54
C ARG B 58 2.67 -63.13 -33.03
N ALA B 59 3.88 -63.34 -32.51
CA ALA B 59 4.32 -64.63 -31.90
C ALA B 59 4.46 -65.78 -32.92
N HIS B 60 4.83 -65.42 -34.16
CA HIS B 60 5.09 -66.37 -35.23
C HIS B 60 6.22 -65.82 -36.08
N ASN B 61 7.36 -65.65 -35.42
CA ASN B 61 8.58 -65.24 -36.07
C ASN B 61 8.99 -66.22 -37.16
N GLU B 62 8.74 -67.51 -36.93
CA GLU B 62 9.00 -68.56 -37.94
C GLU B 62 8.39 -68.23 -39.31
N TRP B 63 7.17 -67.68 -39.30
CA TRP B 63 6.55 -67.18 -40.55
C TRP B 63 7.18 -65.89 -41.08
N ILE B 64 7.18 -64.84 -40.26
CA ILE B 64 7.43 -63.47 -40.74
C ILE B 64 8.88 -63.22 -41.20
N THR B 65 9.81 -63.92 -40.57
CA THR B 65 11.23 -63.83 -40.96
C THR B 65 11.41 -64.28 -42.41
N LEU B 66 10.51 -65.13 -42.90
CA LEU B 66 10.55 -65.57 -44.29
C LEU B 66 9.82 -64.60 -45.24
N HIS B 67 9.11 -63.63 -44.68
CA HIS B 67 8.37 -62.65 -45.51
C HIS B 67 8.40 -61.21 -44.92
N MET B 68 9.60 -60.72 -44.62
CA MET B 68 9.77 -59.42 -43.92
C MET B 68 9.20 -58.21 -44.67
N ASP B 69 8.84 -58.39 -45.95
CA ASP B 69 8.18 -57.32 -46.68
C ASP B 69 6.67 -57.28 -46.39
N GLU B 70 6.21 -58.19 -45.54
CA GLU B 70 4.80 -58.20 -45.11
C GLU B 70 4.59 -57.80 -43.65
N THR B 71 5.63 -57.24 -43.03
CA THR B 71 5.46 -56.57 -41.76
C THR B 71 4.62 -55.31 -41.98
N PRO B 72 3.89 -54.85 -40.94
CA PRO B 72 3.23 -53.53 -41.06
C PRO B 72 4.22 -52.39 -41.28
N GLN B 73 3.69 -51.28 -41.77
CA GLN B 73 4.48 -50.14 -42.18
C GLN B 73 3.82 -48.83 -41.78
N VAL B 74 4.65 -47.80 -41.72
CA VAL B 74 4.20 -46.49 -41.34
C VAL B 74 5.05 -45.48 -42.09
N TYR B 75 4.45 -44.33 -42.38
CA TYR B 75 5.17 -43.17 -42.86
C TYR B 75 5.83 -42.43 -41.69
N LEU B 76 7.13 -42.21 -41.81
CA LEU B 76 7.89 -41.53 -40.78
C LEU B 76 8.34 -40.21 -41.33
N LEU B 77 8.26 -39.18 -40.49
CA LEU B 77 8.71 -37.83 -40.87
C LEU B 77 10.07 -37.53 -40.23
N THR B 78 11.07 -37.16 -41.04
CA THR B 78 12.39 -36.91 -40.44
C THR B 78 12.40 -35.59 -39.68
N ASP B 79 13.51 -35.37 -38.94
CA ASP B 79 13.83 -34.05 -38.37
C ASP B 79 13.91 -33.05 -39.48
N ARG B 80 13.72 -31.79 -39.14
CA ARG B 80 13.90 -30.66 -40.04
C ARG B 80 15.38 -30.36 -40.19
N ILE B 81 15.90 -30.40 -41.42
CA ILE B 81 17.31 -30.15 -41.61
C ILE B 81 17.45 -28.84 -42.36
N LEU B 82 18.30 -27.98 -41.82
CA LEU B 82 18.52 -26.68 -42.41
C LEU B 82 19.50 -26.77 -43.58
N ALA B 83 19.09 -26.26 -44.73
CA ALA B 83 20.02 -26.10 -45.86
C ALA B 83 20.79 -24.80 -45.70
N GLU B 84 22.13 -24.86 -45.86
CA GLU B 84 22.97 -23.66 -45.78
C GLU B 84 23.63 -23.32 -47.14
N SER B 85 23.15 -23.98 -48.20
CA SER B 85 23.49 -23.70 -49.60
C SER B 85 22.45 -24.48 -50.41
N ASP B 86 22.72 -24.74 -51.69
CA ASP B 86 21.76 -25.44 -52.55
C ASP B 86 21.65 -26.97 -52.42
N THR B 87 22.37 -27.57 -51.46
CA THR B 87 22.28 -29.01 -51.19
C THR B 87 22.16 -29.24 -49.69
N VAL B 88 21.56 -30.35 -49.31
CA VAL B 88 21.41 -30.64 -47.89
C VAL B 88 21.23 -32.13 -47.79
N ASP B 89 21.73 -32.73 -46.70
CA ASP B 89 21.59 -34.17 -46.45
C ASP B 89 20.66 -34.41 -45.28
N ILE B 90 19.81 -35.43 -45.42
CA ILE B 90 18.79 -35.75 -44.44
C ILE B 90 18.87 -37.19 -44.00
N PRO B 91 19.43 -37.42 -42.79
CA PRO B 91 19.40 -38.78 -42.26
C PRO B 91 17.98 -39.21 -41.91
N LEU B 92 17.64 -40.45 -42.23
CA LEU B 92 16.27 -40.92 -42.09
C LEU B 92 15.98 -41.39 -40.67
N MET B 93 16.96 -42.05 -40.05
CA MET B 93 16.72 -42.84 -38.84
C MET B 93 17.22 -42.30 -37.51
N GLU B 94 18.02 -41.25 -37.57
CA GLU B 94 18.61 -40.66 -36.39
C GLU B 94 17.68 -40.29 -35.25
N SER B 95 16.44 -39.89 -35.56
CA SER B 95 15.48 -39.59 -34.50
C SER B 95 14.60 -40.78 -34.10
N PHE B 96 14.77 -41.94 -34.73
CA PHE B 96 13.87 -43.09 -34.48
C PHE B 96 14.56 -44.32 -33.83
N PHE B 97 13.78 -45.18 -33.17
CA PHE B 97 14.27 -46.44 -32.55
C PHE B 97 14.49 -47.55 -33.61
N ALA B 98 15.77 -47.87 -33.84
CA ALA B 98 16.20 -48.77 -34.92
C ALA B 98 15.77 -50.23 -34.69
N GLU B 99 15.41 -50.55 -33.46
CA GLU B 99 14.97 -51.88 -33.16
C GLU B 99 13.46 -52.01 -33.39
N GLN B 100 12.80 -50.88 -33.68
CA GLN B 100 11.37 -50.83 -33.95
C GLN B 100 11.07 -50.57 -35.41
N LEU B 101 11.93 -49.77 -36.04
CA LEU B 101 11.62 -49.22 -37.33
C LEU B 101 12.84 -49.36 -38.26
N LYS B 102 12.58 -49.73 -39.50
CA LYS B 102 13.60 -49.87 -40.52
C LYS B 102 13.05 -49.29 -41.80
N PRO B 103 13.82 -48.40 -42.44
CA PRO B 103 13.36 -47.86 -43.71
C PRO B 103 13.08 -48.97 -44.75
N ASN B 104 11.96 -48.82 -45.47
CA ASN B 104 11.63 -49.72 -46.54
C ASN B 104 12.42 -49.33 -47.77
N ARG B 105 13.49 -50.06 -48.03
CA ARG B 105 14.29 -49.84 -49.23
C ARG B 105 13.71 -50.66 -50.40
N ASP B 106 12.77 -51.55 -50.12
CA ASP B 106 12.22 -52.44 -51.16
C ASP B 106 11.29 -51.75 -52.17
N ALA B 107 10.42 -50.86 -51.70
CA ALA B 107 9.47 -50.17 -52.56
C ALA B 107 10.06 -48.87 -53.01
N ASP B 108 10.04 -48.63 -54.33
CA ASP B 108 10.64 -47.46 -54.96
C ASP B 108 10.36 -46.14 -54.19
N PRO B 109 11.40 -45.60 -53.53
CA PRO B 109 11.32 -44.35 -52.74
C PRO B 109 10.78 -43.16 -53.55
N HIS B 110 11.14 -43.08 -54.83
CA HIS B 110 10.68 -41.98 -55.67
C HIS B 110 9.21 -42.01 -56.02
N LYS B 111 8.58 -43.16 -55.86
CA LYS B 111 7.15 -43.26 -56.05
C LYS B 111 6.40 -43.13 -54.71
N TYR B 112 7.00 -43.63 -53.61
CA TYR B 112 6.27 -43.76 -52.35
C TYR B 112 6.61 -42.73 -51.25
N TRP B 113 7.72 -42.00 -51.42
CA TRP B 113 8.22 -41.06 -50.42
C TRP B 113 8.01 -39.66 -50.92
N GLU B 114 8.17 -38.70 -50.01
CA GLU B 114 8.10 -37.31 -50.34
C GLU B 114 9.16 -36.50 -49.60
N VAL B 115 9.85 -35.63 -50.31
CA VAL B 115 10.72 -34.67 -49.70
C VAL B 115 10.01 -33.32 -49.74
N VAL B 116 9.92 -32.66 -48.58
CA VAL B 116 9.20 -31.38 -48.47
C VAL B 116 10.09 -30.23 -48.03
N ASP B 117 9.98 -29.09 -48.70
CA ASP B 117 10.54 -27.85 -48.18
C ASP B 117 9.54 -27.31 -47.15
N ARG B 118 9.84 -27.47 -45.87
CA ARG B 118 8.91 -27.04 -44.80
C ARG B 118 8.69 -25.54 -44.67
N THR B 119 9.61 -24.76 -45.22
CA THR B 119 9.58 -23.32 -45.16
C THR B 119 8.55 -22.76 -46.13
N THR B 120 8.36 -23.43 -47.27
CA THR B 120 7.42 -22.98 -48.30
C THR B 120 6.19 -23.90 -48.35
N GLY B 121 6.31 -25.10 -47.82
CA GLY B 121 5.27 -26.12 -47.94
C GLY B 121 5.33 -26.92 -49.24
N GLU B 122 6.20 -26.53 -50.15
CA GLU B 122 6.28 -27.17 -51.47
C GLU B 122 6.93 -28.54 -51.38
N VAL B 123 6.47 -29.46 -52.23
CA VAL B 123 7.10 -30.77 -52.39
C VAL B 123 8.35 -30.57 -53.24
N VAL B 124 9.50 -31.10 -52.80
CA VAL B 124 10.72 -31.05 -53.64
C VAL B 124 10.64 -32.12 -54.77
N ASP B 125 10.85 -31.69 -56.00
CA ASP B 125 10.78 -32.62 -57.16
C ASP B 125 11.64 -33.87 -56.96
N SER B 126 11.07 -35.04 -57.25
CA SER B 126 11.80 -36.33 -57.15
C SER B 126 13.15 -36.35 -57.85
N ALA B 127 13.29 -35.54 -58.89
CA ALA B 127 14.55 -35.44 -59.63
C ALA B 127 15.60 -34.62 -58.87
N ASN B 128 15.19 -33.94 -57.80
CA ASN B 128 16.16 -33.23 -56.97
C ASN B 128 16.67 -33.96 -55.72
N TRP B 129 16.29 -35.23 -55.57
CA TRP B 129 16.81 -36.02 -54.45
C TRP B 129 17.11 -37.45 -54.79
N THR B 130 18.07 -37.99 -54.04
CA THR B 130 18.42 -39.40 -54.13
C THR B 130 18.57 -40.02 -52.77
N LEU B 131 18.44 -41.33 -52.71
CA LEU B 131 18.67 -42.04 -51.47
C LEU B 131 20.04 -42.69 -51.55
N ASP B 132 20.90 -42.38 -50.58
CA ASP B 132 22.21 -43.04 -50.51
C ASP B 132 22.14 -44.57 -50.59
N ALA B 133 23.03 -45.13 -51.38
CA ALA B 133 23.14 -46.57 -51.56
C ALA B 133 23.59 -47.35 -50.29
N ASP B 134 24.41 -46.73 -49.45
CA ASP B 134 25.02 -47.44 -48.31
C ASP B 134 24.59 -46.94 -46.95
N GLU B 135 23.92 -45.79 -46.92
CA GLU B 135 23.39 -45.30 -45.67
C GLU B 135 22.02 -44.65 -45.86
N ASP B 136 21.28 -44.59 -44.76
CA ASP B 136 19.90 -44.11 -44.73
C ASP B 136 19.93 -42.61 -44.61
N THR B 137 20.21 -41.98 -45.73
CA THR B 137 20.42 -40.57 -45.83
C THR B 137 19.93 -40.23 -47.21
N VAL B 138 19.13 -39.19 -47.30
CA VAL B 138 18.70 -38.67 -48.59
C VAL B 138 19.52 -37.41 -48.93
N HIS B 139 20.03 -37.36 -50.15
CA HIS B 139 20.76 -36.20 -50.68
C HIS B 139 19.84 -35.31 -51.50
N VAL B 140 19.71 -34.06 -51.10
CA VAL B 140 18.80 -33.14 -51.78
C VAL B 140 19.61 -32.08 -52.48
N SER B 141 19.31 -31.77 -53.73
CA SER B 141 20.09 -30.75 -54.40
C SER B 141 19.12 -29.87 -55.14
N GLY B 142 19.64 -28.79 -55.72
CA GLY B 142 18.85 -27.75 -56.35
C GLY B 142 17.80 -27.11 -55.46
N VAL B 143 18.10 -26.96 -54.17
CA VAL B 143 17.16 -26.33 -53.23
C VAL B 143 17.59 -24.96 -52.71
N ALA B 144 16.71 -24.31 -51.94
CA ALA B 144 16.96 -22.96 -51.48
C ALA B 144 17.67 -22.99 -50.15
N ALA B 145 18.74 -22.22 -50.07
CA ALA B 145 19.48 -22.05 -48.84
C ALA B 145 18.54 -21.46 -47.77
N TRP B 146 18.71 -21.87 -46.51
CA TRP B 146 18.01 -21.26 -45.34
C TRP B 146 16.53 -21.68 -45.18
N HIS B 147 16.14 -22.73 -45.91
CA HIS B 147 14.90 -23.46 -45.67
C HIS B 147 15.19 -24.74 -44.91
N GLU B 148 14.18 -25.24 -44.21
CA GLU B 148 14.23 -26.54 -43.57
C GLU B 148 13.59 -27.58 -44.50
N TYR B 149 14.17 -28.78 -44.52
CA TYR B 149 13.68 -29.85 -45.40
C TYR B 149 13.50 -31.11 -44.59
N THR B 150 12.56 -31.97 -44.99
CA THR B 150 12.31 -33.21 -44.29
C THR B 150 12.08 -34.30 -45.34
N VAL B 151 12.23 -35.56 -44.97
CA VAL B 151 11.74 -36.63 -45.82
C VAL B 151 10.62 -37.30 -45.07
N SER B 152 9.55 -37.65 -45.80
CA SER B 152 8.55 -38.63 -45.34
C SER B 152 8.77 -39.98 -46.02
N PHE B 153 8.98 -41.02 -45.25
CA PHE B 153 9.38 -42.28 -45.86
C PHE B 153 8.66 -43.40 -45.19
N LEU B 154 8.42 -44.44 -45.98
CA LEU B 154 7.94 -45.72 -45.52
C LEU B 154 8.93 -46.49 -44.66
N ALA B 155 8.46 -46.87 -43.48
CA ALA B 155 9.23 -47.70 -42.58
C ALA B 155 8.52 -48.98 -42.27
N TYR B 156 9.27 -50.08 -42.31
CA TYR B 156 8.81 -51.35 -41.77
C TYR B 156 8.78 -51.28 -40.25
N ILE B 157 7.74 -51.84 -39.65
CA ILE B 157 7.67 -52.04 -38.22
C ILE B 157 8.14 -53.46 -37.87
N ILE B 158 9.30 -53.59 -37.25
CA ILE B 158 9.94 -54.91 -37.04
C ILE B 158 9.76 -55.46 -35.62
N TRP B 159 9.08 -54.69 -34.78
CA TRP B 159 8.84 -55.09 -33.41
C TRP B 159 7.45 -54.66 -33.00
N ASP B 160 6.65 -55.61 -32.53
CA ASP B 160 5.29 -55.33 -32.08
C ASP B 160 5.36 -54.45 -30.82
N PRO B 161 4.49 -53.42 -30.72
CA PRO B 161 4.59 -52.43 -29.64
C PRO B 161 4.10 -52.90 -28.28
N VAL B 162 3.22 -53.89 -28.24
CA VAL B 162 2.87 -54.49 -26.95
C VAL B 162 4.04 -55.32 -26.38
N GLU B 163 4.60 -56.21 -27.21
CA GLU B 163 5.78 -56.99 -26.84
C GLU B 163 6.96 -56.03 -26.52
N MET B 164 7.16 -55.02 -27.36
CA MET B 164 8.20 -54.02 -27.11
C MET B 164 8.02 -53.12 -25.87
N TYR B 165 6.78 -52.72 -25.56
CA TYR B 165 6.54 -51.95 -24.35
C TYR B 165 6.90 -52.81 -23.16
N ASN B 166 6.35 -54.03 -23.14
CA ASN B 166 6.55 -54.94 -22.03
C ASN B 166 8.01 -55.33 -21.85
N HIS B 167 8.70 -55.54 -22.97
CA HIS B 167 10.12 -55.86 -22.95
C HIS B 167 10.88 -54.78 -22.19
N LEU B 168 10.80 -53.54 -22.69
CA LEU B 168 11.49 -52.37 -22.12
C LEU B 168 11.05 -52.02 -20.72
N THR B 169 9.82 -52.39 -20.35
CA THR B 169 9.32 -52.13 -19.00
C THR B 169 9.93 -53.05 -17.93
N ASN B 170 10.24 -54.30 -18.28
CA ASN B 170 10.96 -55.22 -17.37
C ASN B 170 12.19 -55.83 -18.05
N ASP B 171 13.23 -55.04 -18.29
CA ASP B 171 14.27 -55.38 -19.29
C ASP B 171 14.54 -56.89 -19.51
N TRP B 172 13.86 -57.45 -20.50
CA TRP B 172 14.00 -58.87 -20.83
C TRP B 172 15.32 -59.16 -21.54
N GLY B 173 16.07 -58.10 -21.81
CA GLY B 173 17.40 -58.18 -22.38
C GLY B 173 17.42 -58.77 -23.78
N ASP B 174 17.99 -59.96 -23.90
CA ASP B 174 18.21 -60.59 -25.20
C ASP B 174 17.06 -61.48 -25.64
N LYS B 175 16.01 -61.53 -24.84
CA LYS B 175 14.80 -62.25 -25.21
C LYS B 175 14.38 -61.83 -26.63
N GLU B 176 14.18 -62.82 -27.51
CA GLU B 176 13.91 -62.54 -28.92
C GLU B 176 12.74 -61.57 -29.10
N HIS B 177 12.84 -60.65 -30.06
CA HIS B 177 11.77 -59.67 -30.34
C HIS B 177 10.70 -60.24 -31.27
N GLU B 178 9.47 -60.26 -30.79
CA GLU B 178 8.32 -60.63 -31.63
C GLU B 178 8.12 -59.60 -32.73
N ILE B 179 8.20 -60.09 -33.97
CA ILE B 179 7.98 -59.29 -35.17
C ILE B 179 6.49 -59.36 -35.56
N PRO B 180 5.82 -58.20 -35.77
CA PRO B 180 4.41 -58.19 -36.18
C PRO B 180 4.25 -58.44 -37.68
N PHE B 181 3.08 -58.93 -38.08
CA PHE B 181 2.80 -59.13 -39.50
C PHE B 181 1.46 -58.49 -39.95
N ASP B 182 1.43 -58.01 -41.18
CA ASP B 182 0.28 -57.30 -41.76
C ASP B 182 -0.55 -58.27 -42.64
N ILE B 183 -1.80 -58.51 -42.25
CA ILE B 183 -2.65 -59.46 -43.00
C ILE B 183 -3.20 -58.91 -44.31
N TYR B 184 -2.89 -57.66 -44.61
CA TYR B 184 -3.30 -57.07 -45.88
C TYR B 184 -2.68 -57.86 -47.07
N HIS B 185 -1.51 -58.45 -46.87
CA HIS B 185 -0.89 -59.24 -47.92
C HIS B 185 -1.45 -60.64 -47.87
N PRO B 186 -1.76 -61.22 -49.06
CA PRO B 186 -2.44 -62.52 -49.13
C PRO B 186 -1.74 -63.69 -48.44
N ALA B 187 -0.43 -63.79 -48.58
CA ALA B 187 0.35 -64.88 -47.97
C ALA B 187 0.28 -64.83 -46.44
N THR B 188 0.47 -63.64 -45.87
CA THR B 188 0.35 -63.52 -44.41
C THR B 188 -1.08 -63.76 -43.95
N ARG B 189 -2.06 -63.23 -44.68
CA ARG B 189 -3.45 -63.47 -44.29
C ARG B 189 -3.75 -64.95 -44.24
N LYS B 190 -3.34 -65.68 -45.29
CA LYS B 190 -3.58 -67.13 -45.34
C LYS B 190 -2.94 -67.85 -44.16
N PHE B 191 -1.73 -67.44 -43.80
CA PHE B 191 -1.05 -68.05 -42.65
C PHE B 191 -1.83 -67.82 -41.36
N VAL B 192 -2.37 -66.62 -41.20
CA VAL B 192 -3.08 -66.29 -39.96
C VAL B 192 -4.35 -67.12 -39.82
N PHE B 193 -5.15 -67.21 -40.88
CA PHE B 193 -6.40 -67.98 -40.80
C PHE B 193 -6.19 -69.50 -40.63
N ASP B 194 -5.25 -70.07 -41.39
CA ASP B 194 -4.92 -71.50 -41.24
C ASP B 194 -4.45 -71.80 -39.82
N THR B 195 -3.55 -70.96 -39.31
CA THR B 195 -3.03 -71.13 -37.97
C THR B 195 -4.19 -71.05 -36.98
N PHE B 196 -5.04 -70.05 -37.14
CA PHE B 196 -6.18 -69.91 -36.23
C PHE B 196 -7.11 -71.14 -36.30
N GLU B 197 -7.39 -71.61 -37.52
CA GLU B 197 -8.22 -72.82 -37.72
C GLU B 197 -7.67 -74.01 -36.93
N GLN B 198 -6.36 -74.24 -37.05
CA GLN B 198 -5.65 -75.32 -36.34
C GLN B 198 -5.73 -75.13 -34.82
N TRP B 199 -5.45 -73.90 -34.37
CA TRP B 199 -5.51 -73.54 -32.96
C TRP B 199 -6.87 -73.86 -32.38
N LEU B 200 -7.93 -73.58 -33.14
CA LEU B 200 -9.28 -73.87 -32.66
C LEU B 200 -9.47 -75.37 -32.38
N LYS B 201 -9.04 -76.20 -33.33
CA LYS B 201 -9.11 -77.66 -33.20
C LYS B 201 -8.48 -78.10 -31.86
N ASP B 202 -7.25 -77.60 -31.62
CA ASP B 202 -6.46 -77.94 -30.44
C ASP B 202 -6.96 -77.36 -29.10
N SER B 203 -8.00 -76.53 -29.10
CA SER B 203 -8.45 -75.87 -27.88
C SER B 203 -9.91 -76.14 -27.53
N PRO B 204 -10.26 -77.40 -27.19
CA PRO B 204 -11.66 -77.74 -26.85
C PRO B 204 -12.18 -77.18 -25.50
N GLN B 205 -11.28 -76.95 -24.55
CA GLN B 205 -11.64 -76.46 -23.21
C GLN B 205 -11.86 -74.93 -23.18
N THR B 206 -11.28 -74.24 -24.16
CA THR B 206 -11.44 -72.80 -24.37
C THR B 206 -12.88 -72.50 -24.78
N ASP B 207 -13.59 -71.72 -23.96
CA ASP B 207 -14.97 -71.34 -24.28
C ASP B 207 -15.11 -69.96 -24.93
N VAL B 208 -14.10 -69.12 -24.73
CA VAL B 208 -14.12 -67.71 -25.16
C VAL B 208 -12.76 -67.37 -25.74
N VAL B 209 -12.71 -67.06 -27.02
CA VAL B 209 -11.48 -66.59 -27.64
C VAL B 209 -11.38 -65.09 -27.31
N ARG B 210 -10.47 -64.75 -26.40
CA ARG B 210 -10.18 -63.36 -26.03
C ARG B 210 -9.11 -62.77 -26.97
N PHE B 211 -9.57 -62.20 -28.09
CA PHE B 211 -8.68 -61.60 -29.07
C PHE B 211 -8.07 -60.32 -28.47
N THR B 212 -6.75 -60.29 -28.45
CA THR B 212 -5.99 -59.24 -27.79
C THR B 212 -4.83 -58.92 -28.71
N THR B 213 -5.08 -58.21 -29.82
CA THR B 213 -6.42 -57.83 -30.28
C THR B 213 -6.59 -58.30 -31.72
N PHE B 214 -6.40 -57.44 -32.73
CA PHE B 214 -6.52 -57.88 -34.13
C PHE B 214 -5.33 -57.63 -35.03
N PHE B 215 -5.47 -56.73 -35.98
CA PHE B 215 -4.52 -56.63 -37.10
C PHE B 215 -3.59 -55.40 -37.15
N TYR B 216 -3.96 -54.34 -36.44
CA TYR B 216 -3.21 -53.08 -36.51
C TYR B 216 -3.04 -52.40 -35.16
N GLN B 217 -1.79 -52.07 -34.85
CA GLN B 217 -1.43 -51.32 -33.64
C GLN B 217 -1.91 -49.88 -33.73
N PHE B 218 -2.17 -49.25 -32.59
CA PHE B 218 -2.50 -47.82 -32.63
C PHE B 218 -1.19 -47.05 -32.80
N THR B 219 -1.27 -45.81 -33.27
CA THR B 219 -0.08 -45.03 -33.52
C THR B 219 0.80 -45.05 -32.27
N LEU B 220 1.97 -45.69 -32.36
CA LEU B 220 2.97 -45.70 -31.28
C LEU B 220 4.38 -45.82 -31.86
N LEU B 221 5.18 -44.76 -31.77
CA LEU B 221 6.51 -44.71 -32.35
C LEU B 221 7.52 -44.31 -31.27
N PHE B 222 8.71 -44.92 -31.32
CA PHE B 222 9.76 -44.70 -30.31
C PHE B 222 10.98 -44.00 -30.91
N ASP B 223 11.71 -43.24 -30.10
CA ASP B 223 12.88 -42.53 -30.62
C ASP B 223 14.19 -43.32 -30.45
N GLU B 224 15.29 -42.71 -30.88
CA GLU B 224 16.61 -43.32 -30.84
C GLU B 224 17.14 -43.54 -29.41
N LYS B 225 16.51 -42.90 -28.44
CA LYS B 225 16.87 -43.04 -27.03
C LYS B 225 15.95 -44.02 -26.33
N ARG B 226 15.13 -44.75 -27.09
CA ARG B 226 14.24 -45.80 -26.55
C ARG B 226 13.04 -45.26 -25.79
N ARG B 227 12.71 -43.98 -26.02
CA ARG B 227 11.54 -43.34 -25.39
C ARG B 227 10.38 -43.26 -26.40
N GLU B 228 9.16 -43.22 -25.85
CA GLU B 228 7.99 -42.91 -26.68
C GLU B 228 8.22 -41.58 -27.43
N LYS B 229 8.00 -41.61 -28.74
CA LYS B 229 8.21 -40.47 -29.59
C LYS B 229 6.88 -39.82 -29.97
N VAL B 230 5.91 -40.67 -30.36
CA VAL B 230 4.61 -40.25 -30.89
C VAL B 230 3.59 -41.28 -30.43
N VAL B 231 2.45 -40.83 -29.92
CA VAL B 231 1.39 -41.74 -29.47
C VAL B 231 0.01 -41.15 -29.77
N ASP B 232 -0.90 -42.04 -30.20
CA ASP B 232 -2.32 -41.73 -30.41
C ASP B 232 -3.05 -43.06 -30.29
N TRP B 233 -3.71 -43.23 -29.16
CA TRP B 233 -4.50 -44.43 -28.89
C TRP B 233 -5.55 -44.72 -29.98
N PHE B 234 -6.00 -43.70 -30.69
CA PHE B 234 -7.03 -43.88 -31.75
C PHE B 234 -6.46 -43.79 -33.13
N GLY B 235 -5.15 -43.59 -33.24
CA GLY B 235 -4.54 -43.26 -34.52
C GLY B 235 -4.21 -44.47 -35.38
N CYS B 236 -4.37 -44.30 -36.69
CA CYS B 236 -4.07 -45.41 -37.59
C CYS B 236 -2.86 -45.15 -38.48
N ALA B 237 -1.78 -44.59 -37.91
CA ALA B 237 -0.55 -44.33 -38.64
C ALA B 237 0.11 -45.59 -39.19
N CYS B 238 0.06 -46.64 -38.38
CA CYS B 238 0.84 -47.86 -38.63
C CYS B 238 0.03 -48.91 -39.40
N THR B 239 -0.44 -48.53 -40.57
CA THR B 239 -1.41 -49.38 -41.29
C THR B 239 -1.24 -49.27 -42.80
N VAL B 240 -0.11 -48.71 -43.26
CA VAL B 240 0.13 -48.55 -44.68
C VAL B 240 1.01 -49.65 -45.23
N SER B 241 1.11 -49.68 -46.55
CA SER B 241 2.02 -50.56 -47.27
C SER B 241 1.93 -50.11 -48.72
N PRO B 242 3.00 -50.33 -49.52
CA PRO B 242 2.85 -49.93 -50.92
C PRO B 242 1.58 -50.53 -51.59
N ARG B 243 1.25 -51.80 -51.34
CA ARG B 243 0.03 -52.41 -51.89
C ARG B 243 -1.29 -51.69 -51.46
N ALA B 244 -1.46 -51.52 -50.14
CA ALA B 244 -2.61 -50.77 -49.59
C ALA B 244 -2.79 -49.39 -50.26
N LEU B 245 -1.70 -48.67 -50.43
CA LEU B 245 -1.78 -47.32 -51.03
C LEU B 245 -2.13 -47.36 -52.51
N ASP B 246 -1.52 -48.30 -53.23
CA ASP B 246 -1.87 -48.52 -54.63
C ASP B 246 -3.35 -48.87 -54.81
N ASP B 247 -3.84 -49.77 -53.96
CA ASP B 247 -5.22 -50.20 -53.96
C ASP B 247 -6.11 -49.04 -53.57
N PHE B 248 -5.70 -48.26 -52.57
CA PHE B 248 -6.47 -47.08 -52.17
C PHE B 248 -6.71 -46.17 -53.36
N GLU B 249 -5.67 -45.92 -54.15
CA GLU B 249 -5.85 -45.05 -55.31
C GLU B 249 -6.88 -45.62 -56.34
N ALA B 250 -6.86 -46.95 -56.52
CA ALA B 250 -7.78 -47.62 -57.44
C ALA B 250 -9.23 -47.42 -56.96
N LYS B 251 -9.43 -47.61 -55.66
CA LYS B 251 -10.77 -47.49 -55.08
C LYS B 251 -11.26 -46.07 -54.94
N TYR B 252 -10.38 -45.14 -54.55
CA TYR B 252 -10.86 -43.80 -54.15
C TYR B 252 -10.71 -42.75 -55.23
N GLY B 253 -9.92 -43.05 -56.25
CA GLY B 253 -9.86 -42.15 -57.40
C GLY B 253 -8.92 -40.97 -57.20
N TYR B 254 -7.99 -41.09 -56.26
CA TYR B 254 -6.87 -40.14 -56.12
C TYR B 254 -5.73 -40.82 -55.35
N ARG B 255 -4.50 -40.36 -55.57
CA ARG B 255 -3.34 -40.87 -54.83
C ARG B 255 -3.09 -40.07 -53.55
N LEU B 256 -3.02 -40.76 -52.41
CA LEU B 256 -2.65 -40.11 -51.16
C LEU B 256 -1.18 -39.66 -51.20
N ARG B 257 -0.91 -38.49 -50.61
CA ARG B 257 0.47 -38.04 -50.42
C ARG B 257 0.96 -38.60 -49.09
N PRO B 258 2.28 -38.80 -48.95
CA PRO B 258 2.76 -39.18 -47.60
C PRO B 258 2.34 -38.16 -46.51
N GLU B 259 2.22 -36.90 -46.92
CA GLU B 259 1.75 -35.80 -46.07
C GLU B 259 0.37 -36.06 -45.49
N ASP B 260 -0.47 -36.84 -46.20
CA ASP B 260 -1.80 -37.19 -45.68
C ASP B 260 -1.72 -38.09 -44.45
N PHE B 261 -0.54 -38.63 -44.18
CA PHE B 261 -0.31 -39.45 -42.99
C PHE B 261 0.56 -38.73 -41.92
N VAL B 262 1.74 -38.25 -42.29
CA VAL B 262 2.61 -37.56 -41.29
C VAL B 262 2.03 -36.21 -40.82
N ASP B 263 1.31 -35.52 -41.71
CA ASP B 263 0.41 -34.43 -41.34
C ASP B 263 1.21 -33.30 -40.72
N GLY B 264 2.31 -32.94 -41.41
CA GLY B 264 3.26 -31.87 -41.02
C GLY B 264 3.95 -32.07 -39.69
N GLY B 265 3.91 -33.31 -39.18
CA GLY B 265 4.40 -33.65 -37.85
C GLY B 265 3.34 -34.10 -36.85
N ALA B 266 2.06 -33.91 -37.17
CA ALA B 266 1.00 -34.21 -36.19
C ALA B 266 0.59 -35.66 -36.20
N TYR B 267 0.89 -36.36 -37.32
CA TYR B 267 0.51 -37.78 -37.48
C TYR B 267 -0.99 -38.07 -37.24
N ASN B 268 -1.85 -37.13 -37.57
CA ASN B 268 -3.31 -37.42 -37.58
C ASN B 268 -3.86 -37.68 -36.19
N SER B 269 -3.27 -36.99 -35.23
CA SER B 269 -3.80 -36.93 -33.89
C SER B 269 -5.32 -36.74 -34.01
N ALA B 270 -6.09 -37.49 -33.21
CA ALA B 270 -7.54 -37.26 -33.11
C ALA B 270 -7.91 -35.80 -32.74
N TRP B 271 -6.95 -35.01 -32.26
CA TRP B 271 -7.25 -33.59 -31.97
C TRP B 271 -7.28 -32.74 -33.23
N ARG B 272 -6.73 -33.27 -34.31
CA ARG B 272 -6.71 -32.50 -35.55
C ARG B 272 -8.11 -32.54 -36.18
N VAL B 273 -8.55 -31.43 -36.79
CA VAL B 273 -9.82 -31.46 -37.55
C VAL B 273 -9.60 -32.42 -38.75
N PRO B 274 -10.38 -33.51 -38.80
CA PRO B 274 -10.17 -34.49 -39.88
C PRO B 274 -10.56 -33.91 -41.24
N ARG B 275 -9.68 -34.11 -42.23
CA ARG B 275 -9.97 -33.72 -43.60
C ARG B 275 -10.36 -34.98 -44.39
N LYS B 276 -10.64 -34.80 -45.68
CA LYS B 276 -11.21 -35.90 -46.49
C LYS B 276 -10.30 -37.15 -46.58
N ALA B 277 -9.00 -36.95 -46.77
CA ALA B 277 -8.02 -38.03 -46.78
C ALA B 277 -8.07 -38.89 -45.51
N GLN B 278 -8.09 -38.23 -44.34
CA GLN B 278 -8.10 -38.95 -43.09
C GLN B 278 -9.33 -39.84 -43.01
N ARG B 279 -10.47 -39.29 -43.40
CA ARG B 279 -11.75 -40.01 -43.38
C ARG B 279 -11.75 -41.14 -44.41
N ASP B 280 -11.23 -40.89 -45.59
CA ASP B 280 -11.16 -41.92 -46.64
C ASP B 280 -10.32 -43.10 -46.15
N TRP B 281 -9.19 -42.81 -45.51
CA TRP B 281 -8.35 -43.88 -45.01
C TRP B 281 -9.06 -44.66 -43.92
N ILE B 282 -9.63 -43.97 -42.94
CA ILE B 282 -10.42 -44.65 -41.91
C ILE B 282 -11.44 -45.64 -42.52
N ASP B 283 -12.11 -45.20 -43.58
CA ASP B 283 -13.15 -46.01 -44.21
C ASP B 283 -12.52 -47.22 -44.94
N PHE B 284 -11.52 -46.98 -45.78
CA PHE B 284 -10.81 -48.07 -46.47
C PHE B 284 -10.33 -49.11 -45.46
N LEU B 285 -9.57 -48.65 -44.47
CA LEU B 285 -8.99 -49.51 -43.47
C LEU B 285 -10.03 -50.28 -42.65
N SER B 286 -11.10 -49.58 -42.26
CA SER B 286 -12.18 -50.16 -41.48
C SER B 286 -12.88 -51.29 -42.21
N GLY B 287 -13.16 -51.06 -43.51
CA GLY B 287 -13.80 -52.07 -44.39
C GLY B 287 -12.99 -53.36 -44.35
N PHE B 288 -11.72 -53.25 -44.73
CA PHE B 288 -10.79 -54.37 -44.60
C PHE B 288 -10.74 -55.03 -43.23
N VAL B 289 -10.50 -54.25 -42.17
CA VAL B 289 -10.35 -54.81 -40.83
C VAL B 289 -11.60 -55.59 -40.41
N ARG B 290 -12.76 -54.97 -40.62
CA ARG B 290 -14.04 -55.57 -40.17
C ARG B 290 -14.33 -56.91 -40.86
N GLU B 291 -14.13 -56.92 -42.17
CA GLU B 291 -14.26 -58.11 -42.98
C GLU B 291 -13.49 -59.27 -42.33
N ASN B 292 -12.23 -59.00 -41.99
CA ASN B 292 -11.41 -60.01 -41.35
C ASN B 292 -11.74 -60.36 -39.90
N VAL B 293 -12.17 -59.37 -39.11
CA VAL B 293 -12.69 -59.65 -37.78
C VAL B 293 -13.96 -60.51 -37.88
N LYS B 294 -14.84 -60.27 -38.85
CA LYS B 294 -16.05 -61.10 -38.94
C LYS B 294 -15.67 -62.56 -39.16
N GLN B 295 -14.66 -62.79 -39.99
CA GLN B 295 -14.22 -64.16 -40.25
C GLN B 295 -13.78 -64.85 -38.98
N LEU B 296 -12.98 -64.15 -38.18
CA LEU B 296 -12.53 -64.69 -36.91
C LEU B 296 -13.72 -64.97 -36.02
N ALA B 297 -14.71 -64.09 -36.04
CA ALA B 297 -15.87 -64.31 -35.18
C ALA B 297 -16.65 -65.55 -35.70
N ASP B 298 -16.86 -65.59 -37.02
CA ASP B 298 -17.47 -66.75 -37.68
C ASP B 298 -16.76 -68.07 -37.32
N MET B 299 -15.44 -68.11 -37.48
CA MET B 299 -14.64 -69.31 -37.17
C MET B 299 -14.77 -69.77 -35.72
N SER B 300 -14.62 -68.83 -34.79
CA SER B 300 -14.84 -69.08 -33.37
C SER B 300 -16.21 -69.71 -33.15
N HIS B 301 -17.20 -69.16 -33.83
CA HIS B 301 -18.60 -69.59 -33.68
C HIS B 301 -18.83 -71.02 -34.18
N ALA B 302 -18.26 -71.35 -35.34
CA ALA B 302 -18.38 -72.69 -35.90
C ALA B 302 -17.56 -73.76 -35.13
N ALA B 303 -16.91 -73.34 -34.04
CA ALA B 303 -16.17 -74.24 -33.18
C ALA B 303 -16.81 -74.26 -31.81
N GLY B 304 -17.95 -73.58 -31.70
CA GLY B 304 -18.74 -73.54 -30.48
C GLY B 304 -18.22 -72.57 -29.44
N LYS B 305 -17.34 -71.66 -29.87
CA LYS B 305 -16.69 -70.73 -28.95
C LYS B 305 -17.18 -69.31 -29.16
N GLU B 306 -17.19 -68.53 -28.08
CA GLU B 306 -17.43 -67.10 -28.14
C GLU B 306 -16.20 -66.34 -28.67
N ALA B 307 -16.46 -65.24 -29.39
CA ALA B 307 -15.42 -64.30 -29.82
C ALA B 307 -15.53 -63.01 -28.99
N MET B 308 -14.41 -62.63 -28.38
CA MET B 308 -14.38 -61.50 -27.46
C MET B 308 -13.24 -60.59 -27.89
N MET B 309 -13.52 -59.28 -27.94
CA MET B 309 -12.55 -58.25 -28.36
C MET B 309 -12.00 -57.43 -27.17
N PHE B 310 -10.67 -57.33 -27.11
CA PHE B 310 -10.02 -56.45 -26.14
C PHE B 310 -10.00 -55.02 -26.69
N LEU B 311 -10.58 -54.08 -25.95
CA LEU B 311 -10.60 -52.68 -26.42
C LEU B 311 -9.29 -52.02 -26.07
N GLY B 312 -8.31 -52.20 -26.94
CA GLY B 312 -6.93 -51.76 -26.69
C GLY B 312 -5.99 -52.58 -27.54
N ASP B 313 -4.69 -52.32 -27.37
CA ASP B 313 -3.65 -52.94 -28.19
C ASP B 313 -3.97 -52.80 -29.66
N GLN B 314 -4.05 -53.93 -30.38
CA GLN B 314 -4.22 -53.93 -31.84
C GLN B 314 -5.68 -53.78 -32.29
N TRP B 315 -6.33 -52.71 -31.86
CA TRP B 315 -7.77 -52.56 -32.09
C TRP B 315 -8.11 -51.69 -33.27
N ILE B 316 -7.09 -51.21 -33.99
CA ILE B 316 -7.33 -50.19 -35.00
C ILE B 316 -8.15 -50.71 -36.19
N GLY B 317 -9.20 -49.96 -36.55
CA GLY B 317 -10.01 -50.30 -37.73
C GLY B 317 -11.32 -50.95 -37.38
N THR B 318 -11.52 -51.23 -36.12
CA THR B 318 -12.72 -51.91 -35.69
C THR B 318 -13.90 -50.91 -35.64
N GLU B 319 -13.60 -49.71 -35.12
CA GLU B 319 -14.52 -48.57 -35.06
C GLU B 319 -15.83 -48.92 -34.35
N PRO B 320 -15.73 -49.31 -33.06
CA PRO B 320 -16.81 -49.91 -32.30
C PRO B 320 -18.08 -49.04 -32.25
N TYR B 321 -17.90 -47.73 -32.41
CA TYR B 321 -19.02 -46.79 -32.37
C TYR B 321 -19.58 -46.40 -33.74
N LYS B 322 -18.95 -46.87 -34.81
CA LYS B 322 -19.45 -46.65 -36.16
C LYS B 322 -20.53 -47.69 -36.49
N ASP B 323 -21.51 -47.29 -37.29
CA ASP B 323 -22.60 -48.20 -37.65
C ASP B 323 -22.04 -49.41 -38.37
N GLY B 324 -22.72 -50.54 -38.22
CA GLY B 324 -22.30 -51.78 -38.85
C GLY B 324 -21.42 -52.64 -37.96
N PHE B 325 -20.96 -52.08 -36.84
CA PHE B 325 -20.16 -52.83 -35.88
C PHE B 325 -20.85 -54.11 -35.47
N ASP B 326 -22.15 -54.01 -35.20
CA ASP B 326 -23.01 -55.17 -34.92
C ASP B 326 -22.87 -56.32 -35.93
N GLU B 327 -22.58 -56.00 -37.18
CA GLU B 327 -22.54 -57.02 -38.20
C GLU B 327 -21.36 -58.00 -38.08
N LEU B 328 -20.39 -57.67 -37.23
CA LEU B 328 -19.23 -58.56 -37.04
C LEU B 328 -19.59 -59.80 -36.23
N GLY B 329 -20.64 -59.71 -35.44
CA GLY B 329 -21.11 -60.79 -34.57
C GLY B 329 -20.26 -61.08 -33.35
N LEU B 330 -19.53 -60.06 -32.87
CA LEU B 330 -18.69 -60.21 -31.69
C LEU B 330 -19.59 -60.40 -30.48
N ASP B 331 -19.29 -61.41 -29.67
CA ASP B 331 -20.04 -61.61 -28.43
C ASP B 331 -19.76 -60.57 -27.37
N ALA B 332 -18.50 -60.18 -27.25
CA ALA B 332 -18.16 -59.26 -26.20
C ALA B 332 -17.01 -58.31 -26.55
N VAL B 333 -17.00 -57.20 -25.82
CA VAL B 333 -15.83 -56.35 -25.68
C VAL B 333 -15.41 -56.39 -24.19
N VAL B 334 -14.12 -56.61 -23.95
CA VAL B 334 -13.51 -56.45 -22.65
C VAL B 334 -12.56 -55.24 -22.73
N GLY B 335 -12.47 -54.45 -21.67
CA GLY B 335 -11.65 -53.25 -21.71
C GLY B 335 -11.07 -52.97 -20.33
N SER B 336 -10.05 -52.12 -20.30
CA SER B 336 -9.37 -51.77 -19.05
C SER B 336 -10.09 -50.63 -18.35
N ILE B 337 -10.38 -50.83 -17.07
CA ILE B 337 -11.09 -49.82 -16.29
C ILE B 337 -10.08 -48.82 -15.71
N GLY B 338 -9.94 -47.67 -16.37
CA GLY B 338 -9.00 -46.62 -15.93
C GLY B 338 -9.67 -45.55 -15.11
N ASP B 339 -10.92 -45.28 -15.45
CA ASP B 339 -11.68 -44.21 -14.79
C ASP B 339 -13.13 -44.26 -15.26
N GLY B 340 -13.88 -43.23 -14.92
CA GLY B 340 -15.27 -43.14 -15.35
C GLY B 340 -15.37 -43.16 -16.86
N THR B 341 -14.49 -42.40 -17.51
CA THR B 341 -14.62 -42.13 -18.94
C THR B 341 -14.33 -43.40 -19.72
N THR B 342 -13.34 -44.15 -19.25
CA THR B 342 -12.92 -45.35 -19.93
C THR B 342 -13.90 -46.48 -19.66
N THR B 343 -14.53 -46.47 -18.50
CA THR B 343 -15.64 -47.38 -18.20
C THR B 343 -16.79 -47.17 -19.20
N ARG B 344 -17.21 -45.92 -19.35
CA ARG B 344 -18.25 -45.55 -20.31
C ARG B 344 -17.84 -45.94 -21.72
N MET B 345 -16.58 -45.72 -22.06
CA MET B 345 -16.10 -46.07 -23.38
C MET B 345 -16.35 -47.55 -23.71
N ILE B 346 -16.28 -48.41 -22.71
CA ILE B 346 -16.56 -49.83 -22.90
C ILE B 346 -18.08 -50.06 -22.83
N ALA B 347 -18.72 -49.48 -21.82
CA ALA B 347 -20.11 -49.75 -21.49
C ALA B 347 -21.10 -49.39 -22.60
N ASP B 348 -20.83 -48.27 -23.29
CA ASP B 348 -21.80 -47.70 -24.21
C ASP B 348 -21.72 -48.32 -25.61
N ILE B 349 -20.81 -49.28 -25.81
CA ILE B 349 -20.64 -49.91 -27.13
C ILE B 349 -21.87 -50.74 -27.53
N PRO B 350 -22.52 -50.36 -28.64
CA PRO B 350 -23.61 -51.18 -29.18
C PRO B 350 -23.08 -52.28 -30.12
N GLY B 351 -23.94 -53.23 -30.46
CA GLY B 351 -23.58 -54.27 -31.44
C GLY B 351 -22.93 -55.52 -30.87
N VAL B 352 -22.84 -55.62 -29.54
CA VAL B 352 -22.31 -56.83 -28.90
C VAL B 352 -23.29 -57.33 -27.85
N LYS B 353 -23.16 -58.61 -27.47
CA LYS B 353 -24.06 -59.24 -26.47
C LYS B 353 -23.77 -58.88 -25.01
N TYR B 354 -22.49 -58.77 -24.64
CA TYR B 354 -22.12 -58.32 -23.31
C TYR B 354 -20.78 -57.55 -23.28
N THR B 355 -20.57 -56.81 -22.18
CA THR B 355 -19.34 -56.06 -21.97
C THR B 355 -18.66 -56.49 -20.69
N GLU B 356 -17.33 -56.39 -20.67
CA GLU B 356 -16.54 -56.72 -19.47
C GLU B 356 -15.47 -55.69 -19.17
N GLY B 357 -15.35 -55.33 -17.90
CA GLY B 357 -14.25 -54.50 -17.45
C GLY B 357 -13.19 -55.30 -16.71
N ARG B 358 -11.94 -55.02 -17.01
CA ARG B 358 -10.79 -55.54 -16.28
C ARG B 358 -10.37 -54.46 -15.27
N PHE B 359 -10.75 -54.64 -14.01
CA PHE B 359 -10.57 -53.61 -12.98
C PHE B 359 -9.14 -53.52 -12.46
N LEU B 360 -8.84 -52.47 -11.71
CA LEU B 360 -7.48 -52.28 -11.21
C LEU B 360 -7.43 -52.50 -9.69
N PRO B 361 -6.23 -52.78 -9.13
CA PRO B 361 -4.91 -52.93 -9.78
C PRO B 361 -4.72 -54.27 -10.48
N TYR B 362 -3.88 -54.26 -11.52
CA TYR B 362 -3.36 -55.47 -12.14
C TYR B 362 -2.55 -56.25 -11.07
N PHE B 363 -2.65 -57.58 -11.04
CA PHE B 363 -2.02 -58.38 -9.98
C PHE B 363 -0.52 -58.56 -10.23
N PHE B 364 0.26 -57.52 -9.94
CA PHE B 364 1.68 -57.45 -10.29
C PHE B 364 2.48 -56.80 -9.15
N PRO B 365 3.80 -57.09 -9.05
CA PRO B 365 4.61 -56.56 -7.93
C PRO B 365 4.77 -55.05 -7.84
N ASP B 366 4.51 -54.32 -8.92
CA ASP B 366 4.58 -52.84 -8.86
C ASP B 366 3.58 -52.21 -7.87
N THR B 367 2.45 -52.88 -7.62
CA THR B 367 1.60 -52.43 -6.50
C THR B 367 1.43 -53.46 -5.37
N PHE B 368 1.56 -54.75 -5.69
CA PHE B 368 1.51 -55.83 -4.69
C PHE B 368 2.89 -56.14 -4.12
N TYR B 369 3.37 -55.23 -3.27
CA TYR B 369 4.67 -55.39 -2.64
C TYR B 369 4.53 -55.16 -1.14
N GLU B 370 5.50 -55.66 -0.38
CA GLU B 370 5.45 -55.56 1.06
C GLU B 370 5.46 -54.12 1.50
N GLY B 371 4.51 -53.75 2.35
CA GLY B 371 4.40 -52.39 2.85
C GLY B 371 3.27 -51.59 2.21
N ASN B 372 2.74 -52.10 1.10
CA ASN B 372 1.62 -51.45 0.41
C ASN B 372 0.24 -52.10 0.65
N ASP B 373 -0.81 -51.27 0.63
CA ASP B 373 -2.18 -51.69 0.90
C ASP B 373 -3.02 -51.49 -0.39
N PRO B 374 -2.96 -52.47 -1.33
CA PRO B 374 -3.67 -52.41 -2.63
C PRO B 374 -5.20 -52.34 -2.55
N SER B 375 -5.78 -52.60 -1.39
CA SER B 375 -7.21 -52.46 -1.21
C SER B 375 -7.62 -50.99 -1.43
N ILE B 376 -6.81 -50.04 -0.96
CA ILE B 376 -7.07 -48.60 -1.21
C ILE B 376 -7.32 -48.34 -2.71
N GLU B 377 -6.36 -48.76 -3.55
CA GLU B 377 -6.50 -48.62 -5.00
C GLU B 377 -7.67 -49.40 -5.57
N GLY B 378 -7.93 -50.57 -5.01
CA GLY B 378 -9.03 -51.41 -5.45
C GLY B 378 -10.35 -50.68 -5.30
N LEU B 379 -10.55 -50.10 -4.11
CA LEU B 379 -11.75 -49.36 -3.84
C LEU B 379 -11.84 -48.08 -4.68
N ASP B 380 -10.70 -47.41 -4.88
CA ASP B 380 -10.65 -46.22 -5.72
C ASP B 380 -11.18 -46.53 -7.10
N ASN B 381 -10.53 -47.49 -7.74
CA ASN B 381 -10.89 -47.94 -9.06
C ASN B 381 -12.38 -48.28 -9.13
N TRP B 382 -12.89 -49.02 -8.14
CA TRP B 382 -14.29 -49.42 -8.13
C TRP B 382 -15.24 -48.21 -7.97
N ARG B 383 -14.86 -47.23 -7.15
CA ARG B 383 -15.72 -46.07 -7.01
C ARG B 383 -15.85 -45.26 -8.30
N LYS B 384 -14.74 -45.09 -9.03
CA LYS B 384 -14.75 -44.32 -10.28
C LYS B 384 -15.59 -45.01 -11.35
N ALA B 385 -15.59 -46.35 -11.37
CA ALA B 385 -16.33 -47.08 -12.40
C ALA B 385 -17.79 -47.19 -12.03
N ARG B 386 -18.05 -47.36 -10.74
CA ARG B 386 -19.40 -47.57 -10.24
C ARG B 386 -20.34 -46.41 -10.60
N ARG B 387 -19.89 -45.19 -10.31
CA ARG B 387 -20.73 -44.03 -10.61
C ARG B 387 -21.12 -44.01 -12.09
N ALA B 388 -20.25 -44.56 -12.93
CA ALA B 388 -20.50 -44.65 -14.37
C ALA B 388 -21.36 -45.87 -14.77
N ILE B 389 -21.18 -46.98 -14.06
CA ILE B 389 -21.93 -48.22 -14.31
C ILE B 389 -23.41 -48.01 -14.04
N LEU B 390 -23.71 -47.17 -13.05
CA LEU B 390 -25.09 -46.80 -12.72
C LEU B 390 -25.81 -46.18 -13.91
N ARG B 391 -25.08 -45.38 -14.69
CA ARG B 391 -25.61 -44.67 -15.84
C ARG B 391 -25.59 -45.55 -17.07
N SER B 392 -24.61 -46.45 -17.16
CA SER B 392 -24.49 -47.39 -18.30
C SER B 392 -23.86 -48.72 -17.82
N PRO B 393 -24.72 -49.69 -17.49
CA PRO B 393 -24.27 -50.93 -16.85
C PRO B 393 -23.32 -51.75 -17.74
N ILE B 394 -22.30 -52.31 -17.14
CA ILE B 394 -21.48 -53.29 -17.81
C ILE B 394 -21.86 -54.68 -17.28
N SER B 395 -21.69 -55.70 -18.11
CA SER B 395 -22.19 -57.03 -17.81
C SER B 395 -21.38 -57.78 -16.75
N ARG B 396 -20.06 -57.70 -16.90
CA ARG B 396 -19.13 -58.55 -16.21
C ARG B 396 -17.95 -57.74 -15.72
N MET B 397 -17.24 -58.26 -14.70
CA MET B 397 -16.01 -57.67 -14.18
C MET B 397 -14.91 -58.74 -14.04
N GLY B 398 -13.78 -58.39 -13.43
CA GLY B 398 -12.68 -59.36 -13.31
C GLY B 398 -11.32 -58.67 -13.28
N TYR B 399 -10.27 -59.44 -12.97
CA TYR B 399 -8.92 -58.91 -12.80
C TYR B 399 -7.90 -59.73 -13.58
N GLY B 400 -6.75 -59.11 -13.88
CA GLY B 400 -5.64 -59.78 -14.55
C GLY B 400 -4.41 -59.83 -13.65
N GLY B 401 -3.42 -60.61 -14.06
CA GLY B 401 -2.19 -60.79 -13.29
C GLY B 401 -2.11 -62.12 -12.53
N TYR B 402 -1.20 -62.18 -11.57
CA TYR B 402 -0.95 -63.41 -10.83
C TYR B 402 -1.74 -63.48 -9.53
N LEU B 403 -2.73 -64.37 -9.52
CA LEU B 403 -3.57 -64.64 -8.36
C LEU B 403 -2.74 -64.97 -7.10
N SER B 404 -1.62 -65.67 -7.30
CA SER B 404 -0.69 -66.04 -6.22
C SER B 404 -0.15 -64.83 -5.46
N LEU B 405 -0.02 -63.71 -6.16
CA LEU B 405 0.49 -62.47 -5.58
C LEU B 405 -0.57 -61.74 -4.77
N ALA B 406 -1.77 -61.63 -5.35
CA ALA B 406 -2.92 -61.05 -4.68
C ALA B 406 -3.34 -61.86 -3.45
N ALA B 407 -3.17 -63.19 -3.52
CA ALA B 407 -3.54 -64.10 -2.42
C ALA B 407 -2.68 -63.86 -1.18
N LYS B 408 -1.52 -63.25 -1.35
CA LYS B 408 -0.65 -62.91 -0.25
C LYS B 408 -1.10 -61.64 0.44
N PHE B 409 -2.31 -61.17 0.12
CA PHE B 409 -2.81 -59.86 0.59
C PHE B 409 -4.26 -59.93 1.04
N PRO B 410 -4.53 -60.55 2.21
CA PRO B 410 -5.88 -60.92 2.65
C PRO B 410 -6.87 -59.74 2.84
N LYS B 411 -6.37 -58.55 3.15
CA LYS B 411 -7.26 -57.41 3.19
C LYS B 411 -7.77 -57.05 1.77
N PHE B 412 -6.88 -57.14 0.79
CA PHE B 412 -7.25 -56.93 -0.61
C PHE B 412 -8.25 -58.00 -1.09
N VAL B 413 -8.01 -59.25 -0.72
CA VAL B 413 -8.91 -60.36 -1.03
C VAL B 413 -10.30 -60.05 -0.48
N ASP B 414 -10.37 -59.56 0.77
CA ASP B 414 -11.66 -59.16 1.37
C ASP B 414 -12.30 -58.04 0.58
N THR B 415 -11.47 -57.11 0.12
CA THR B 415 -11.95 -56.00 -0.70
C THR B 415 -12.56 -56.49 -2.03
N VAL B 416 -11.87 -57.36 -2.76
CA VAL B 416 -12.45 -57.94 -3.98
C VAL B 416 -13.79 -58.65 -3.74
N THR B 417 -13.92 -59.35 -2.63
CA THR B 417 -15.16 -60.02 -2.28
C THR B 417 -16.29 -59.00 -2.11
N HIS B 418 -15.98 -57.91 -1.41
CA HIS B 418 -16.93 -56.84 -1.20
C HIS B 418 -17.36 -56.28 -2.58
N ILE B 419 -16.37 -55.98 -3.42
CA ILE B 419 -16.59 -55.48 -4.79
C ILE B 419 -17.48 -56.38 -5.69
N ALA B 420 -17.07 -57.65 -5.86
CA ALA B 420 -17.84 -58.61 -6.65
C ALA B 420 -19.28 -58.76 -6.16
N ASN B 421 -19.45 -58.85 -4.84
CA ASN B 421 -20.80 -58.91 -4.28
C ASN B 421 -21.60 -57.66 -4.59
N GLU B 422 -20.95 -56.50 -4.51
CA GLU B 422 -21.69 -55.26 -4.70
C GLU B 422 -22.00 -55.09 -6.19
N PHE B 423 -21.05 -55.43 -7.04
CA PHE B 423 -21.27 -55.44 -8.48
C PHE B 423 -22.51 -56.28 -8.82
N ARG B 424 -22.51 -57.53 -8.36
CA ARG B 424 -23.65 -58.42 -8.62
C ARG B 424 -24.95 -57.89 -8.01
N ASP B 425 -24.86 -57.28 -6.82
CA ASP B 425 -26.06 -56.75 -6.15
C ASP B 425 -26.75 -55.62 -6.94
N ILE B 426 -25.97 -54.72 -7.51
CA ILE B 426 -26.51 -53.71 -8.43
C ILE B 426 -27.26 -54.36 -9.61
N HIS B 427 -26.64 -55.34 -10.29
CA HIS B 427 -27.34 -56.09 -11.36
C HIS B 427 -28.63 -56.73 -10.89
N ASP B 428 -28.58 -57.38 -9.73
CA ASP B 428 -29.72 -58.12 -9.16
C ASP B 428 -30.91 -57.20 -8.84
N ARG B 429 -30.61 -56.04 -8.27
CA ARG B 429 -31.63 -55.09 -7.85
C ARG B 429 -32.29 -54.32 -9.02
N THR B 430 -31.54 -54.17 -10.11
CA THR B 430 -31.95 -53.25 -11.17
C THR B 430 -32.22 -53.94 -12.49
N GLY B 431 -31.88 -55.23 -12.58
CA GLY B 431 -32.02 -56.02 -13.80
C GLY B 431 -31.08 -55.55 -14.91
N GLY B 432 -30.01 -54.84 -14.52
CA GLY B 432 -29.05 -54.30 -15.50
C GLY B 432 -29.56 -53.17 -16.39
N VAL B 433 -30.48 -52.37 -15.87
CA VAL B 433 -31.06 -51.25 -16.64
C VAL B 433 -30.35 -49.97 -16.22
N ALA B 434 -30.24 -49.01 -17.14
CA ALA B 434 -29.56 -47.77 -16.85
C ALA B 434 -30.42 -46.91 -15.94
N ALA B 435 -29.79 -46.20 -15.00
CA ALA B 435 -30.52 -45.25 -14.17
C ALA B 435 -31.22 -44.23 -15.05
N GLU B 436 -32.31 -43.67 -14.54
CA GLU B 436 -33.07 -42.59 -15.19
C GLU B 436 -32.19 -41.34 -15.37
N GLY B 437 -32.00 -40.91 -16.63
CA GLY B 437 -31.32 -39.65 -16.94
C GLY B 437 -32.27 -38.48 -16.85
N GLU B 438 -31.84 -37.41 -16.19
CA GLU B 438 -32.69 -36.27 -15.91
C GLU B 438 -32.62 -35.14 -16.94
N LEU B 439 -31.63 -35.17 -17.84
CA LEU B 439 -31.54 -34.26 -19.00
C LEU B 439 -30.90 -34.97 -20.21
N ASN B 440 -31.23 -34.55 -21.42
CA ASN B 440 -30.53 -35.05 -22.61
C ASN B 440 -29.41 -34.12 -23.05
N VAL B 441 -28.17 -34.59 -22.93
CA VAL B 441 -26.98 -33.75 -23.12
C VAL B 441 -26.17 -34.28 -24.32
N ALA B 442 -25.86 -33.41 -25.27
CA ALA B 442 -25.09 -33.78 -26.45
C ALA B 442 -23.75 -33.03 -26.51
N ILE B 443 -22.66 -33.79 -26.59
CA ILE B 443 -21.35 -33.23 -26.91
C ILE B 443 -21.20 -33.11 -28.41
N LEU B 444 -20.88 -31.91 -28.86
CA LEU B 444 -20.76 -31.64 -30.27
C LEU B 444 -19.29 -31.34 -30.64
N ASN B 445 -18.80 -32.07 -31.64
CA ASN B 445 -17.44 -31.92 -32.18
C ASN B 445 -17.37 -32.47 -33.63
N SER B 446 -16.15 -32.55 -34.19
CA SER B 446 -15.99 -32.95 -35.60
C SER B 446 -16.29 -34.43 -35.82
N TRP B 447 -16.06 -35.23 -34.78
CA TRP B 447 -16.12 -36.70 -34.86
C TRP B 447 -17.49 -37.29 -34.54
N GLY B 448 -18.20 -36.70 -33.59
CA GLY B 448 -19.46 -37.28 -33.13
C GLY B 448 -19.32 -38.64 -32.48
N LYS B 449 -20.31 -39.50 -32.70
CA LYS B 449 -20.41 -40.74 -31.93
C LYS B 449 -19.30 -41.79 -32.17
N MET B 450 -18.65 -41.76 -33.34
CA MET B 450 -17.55 -42.68 -33.64
C MET B 450 -16.43 -42.57 -32.62
N ARG B 451 -16.40 -41.43 -31.94
CA ARG B 451 -15.41 -41.17 -30.91
C ARG B 451 -16.08 -40.87 -29.56
N SER B 452 -17.21 -41.52 -29.28
CA SER B 452 -17.86 -41.44 -27.97
C SER B 452 -16.86 -41.77 -26.85
N TRP B 453 -16.77 -40.86 -25.87
CA TRP B 453 -15.91 -41.02 -24.69
C TRP B 453 -14.44 -41.08 -25.07
N MET B 454 -14.09 -40.71 -26.29
CA MET B 454 -12.71 -40.78 -26.77
C MET B 454 -12.15 -39.37 -27.01
N ALA B 455 -12.96 -38.35 -26.73
CA ALA B 455 -12.53 -36.96 -26.87
C ALA B 455 -11.49 -36.54 -25.84
N PHE B 456 -10.64 -35.60 -26.22
CA PHE B 456 -9.67 -34.99 -25.29
C PHE B 456 -8.64 -35.97 -24.75
N THR B 457 -8.28 -36.94 -25.57
CA THR B 457 -7.39 -38.03 -25.17
C THR B 457 -6.25 -38.20 -26.17
N VAL B 458 -5.06 -38.46 -25.62
CA VAL B 458 -3.87 -38.80 -26.41
C VAL B 458 -3.54 -40.28 -26.16
N ALA B 459 -3.18 -40.55 -24.91
CA ALA B 459 -2.87 -41.88 -24.41
C ALA B 459 -3.97 -42.29 -23.43
N HIS B 460 -4.40 -43.55 -23.56
CA HIS B 460 -5.48 -44.11 -22.77
C HIS B 460 -5.36 -43.68 -21.31
N ALA B 461 -6.41 -43.02 -20.81
CA ALA B 461 -6.54 -42.70 -19.38
C ALA B 461 -5.29 -42.02 -18.79
N LEU B 462 -4.70 -41.09 -19.53
CA LEU B 462 -3.53 -40.36 -19.03
C LEU B 462 -3.69 -38.86 -19.32
N PRO B 463 -4.65 -38.20 -18.66
CA PRO B 463 -4.78 -36.74 -18.90
C PRO B 463 -3.51 -36.01 -18.47
N ASN B 464 -3.22 -34.86 -19.05
CA ASN B 464 -2.00 -34.14 -18.67
C ASN B 464 -2.28 -32.63 -18.68
N LYS B 465 -1.22 -31.83 -18.64
CA LYS B 465 -1.36 -30.37 -18.54
C LYS B 465 -2.22 -29.85 -19.69
N GLN B 466 -1.97 -30.35 -20.90
CA GLN B 466 -2.69 -29.87 -22.07
C GLN B 466 -4.12 -30.41 -22.20
N THR B 467 -4.48 -31.47 -21.47
CA THR B 467 -5.80 -32.11 -21.74
C THR B 467 -6.78 -32.07 -20.59
N TYR B 468 -6.29 -31.96 -19.35
CA TYR B 468 -7.13 -32.22 -18.16
C TYR B 468 -8.26 -31.22 -17.97
N SER B 469 -8.07 -30.00 -18.49
CA SER B 469 -9.13 -28.97 -18.35
C SER B 469 -10.30 -29.28 -19.25
N TYR B 470 -10.11 -30.17 -20.22
CA TYR B 470 -11.21 -30.60 -21.11
C TYR B 470 -11.65 -32.06 -20.86
N TYR B 471 -10.70 -32.95 -20.56
CA TYR B 471 -11.02 -34.32 -20.17
C TYR B 471 -11.97 -34.34 -18.95
N GLY B 472 -11.79 -33.36 -18.06
CA GLY B 472 -12.67 -33.17 -16.91
C GLY B 472 -14.16 -33.12 -17.24
N ILE B 473 -14.52 -32.57 -18.40
CA ILE B 473 -15.89 -32.55 -18.86
C ILE B 473 -16.41 -33.98 -19.00
N LEU B 474 -15.60 -34.84 -19.61
CA LEU B 474 -16.00 -36.23 -19.83
C LEU B 474 -16.04 -36.99 -18.51
N GLU B 475 -14.98 -36.86 -17.71
CA GLU B 475 -14.95 -37.56 -16.44
C GLU B 475 -16.15 -37.15 -15.54
N SER B 476 -16.52 -35.88 -15.54
CA SER B 476 -17.72 -35.44 -14.81
C SER B 476 -19.02 -36.08 -15.35
N LEU B 477 -19.17 -36.12 -16.67
CA LEU B 477 -20.42 -36.59 -17.31
C LEU B 477 -20.52 -38.09 -17.25
N SER B 478 -19.37 -38.76 -17.22
CA SER B 478 -19.31 -40.22 -17.29
C SER B 478 -20.20 -40.86 -16.21
N GLY B 479 -20.25 -40.26 -15.03
CA GLY B 479 -21.11 -40.81 -13.97
C GLY B 479 -22.27 -39.91 -13.55
N MET B 480 -22.56 -38.88 -14.36
CA MET B 480 -23.63 -37.92 -14.04
C MET B 480 -25.04 -38.42 -14.39
N ARG B 481 -26.03 -37.99 -13.59
CA ARG B 481 -27.42 -38.42 -13.71
C ARG B 481 -28.16 -37.78 -14.90
N VAL B 482 -27.51 -37.76 -16.06
CA VAL B 482 -28.10 -37.25 -17.29
C VAL B 482 -27.78 -38.23 -18.42
N ASN B 483 -28.50 -38.16 -19.54
CA ASN B 483 -28.22 -39.00 -20.72
C ASN B 483 -27.25 -38.27 -21.64
N VAL B 484 -26.11 -38.89 -21.93
CA VAL B 484 -25.07 -38.25 -22.76
C VAL B 484 -24.97 -38.87 -24.17
N ARG B 485 -25.09 -38.04 -25.20
CA ARG B 485 -24.81 -38.46 -26.58
C ARG B 485 -23.70 -37.61 -27.19
N PHE B 486 -23.08 -38.11 -28.25
CA PHE B 486 -22.02 -37.42 -28.97
C PHE B 486 -22.50 -37.23 -30.41
N ILE B 487 -22.43 -36.00 -30.92
CA ILE B 487 -22.91 -35.68 -32.26
C ILE B 487 -21.86 -34.86 -32.97
N SER B 488 -21.94 -34.87 -34.29
CA SER B 488 -20.94 -34.20 -35.11
C SER B 488 -21.58 -33.04 -35.81
N PHE B 489 -20.74 -32.14 -36.30
CA PHE B 489 -21.21 -31.05 -37.10
C PHE B 489 -21.92 -31.55 -38.35
N ASP B 490 -21.44 -32.64 -38.95
CA ASP B 490 -22.12 -33.19 -40.13
C ASP B 490 -23.55 -33.63 -39.77
N ASP B 491 -23.72 -34.26 -38.61
CA ASP B 491 -25.06 -34.59 -38.11
C ASP B 491 -25.95 -33.33 -38.09
N VAL B 492 -25.48 -32.28 -37.42
CA VAL B 492 -26.26 -31.04 -37.25
C VAL B 492 -26.51 -30.32 -38.59
N LEU B 493 -25.50 -30.33 -39.46
CA LEU B 493 -25.69 -29.76 -40.78
C LEU B 493 -26.71 -30.52 -41.63
N ALA B 494 -26.73 -31.85 -41.54
CA ALA B 494 -27.61 -32.64 -42.40
C ALA B 494 -29.02 -32.75 -41.82
N HIS B 495 -29.15 -32.73 -40.49
CA HIS B 495 -30.45 -33.01 -39.86
C HIS B 495 -30.94 -32.01 -38.84
N GLY B 496 -30.19 -30.96 -38.58
CA GLY B 496 -30.56 -30.04 -37.51
C GLY B 496 -30.26 -30.68 -36.16
N ILE B 497 -30.84 -30.13 -35.10
CA ILE B 497 -30.64 -30.56 -33.72
C ILE B 497 -31.86 -31.34 -33.22
N ASP B 498 -31.66 -32.59 -32.79
CA ASP B 498 -32.78 -33.46 -32.40
C ASP B 498 -33.65 -32.79 -31.35
N SER B 499 -34.96 -32.95 -31.52
CA SER B 499 -35.93 -32.26 -30.66
C SER B 499 -35.90 -32.72 -29.19
N ASP B 500 -35.20 -33.82 -28.90
CA ASP B 500 -35.11 -34.29 -27.51
C ASP B 500 -33.91 -33.74 -26.69
N ILE B 501 -33.00 -33.01 -27.33
CA ILE B 501 -31.77 -32.56 -26.64
C ILE B 501 -32.11 -31.34 -25.79
N ASP B 502 -31.66 -31.35 -24.55
CA ASP B 502 -31.82 -30.19 -23.68
C ASP B 502 -30.62 -29.27 -23.79
N VAL B 503 -29.42 -29.85 -23.86
CA VAL B 503 -28.22 -29.04 -23.80
C VAL B 503 -27.17 -29.55 -24.76
N ILE B 504 -26.51 -28.63 -25.48
CA ILE B 504 -25.33 -28.97 -26.27
C ILE B 504 -24.06 -28.41 -25.57
N ILE B 505 -23.03 -29.25 -25.46
CA ILE B 505 -21.73 -28.82 -24.98
C ILE B 505 -20.75 -28.80 -26.15
N ASN B 506 -20.09 -27.65 -26.35
CA ASN B 506 -18.91 -27.54 -27.26
C ASN B 506 -17.66 -27.08 -26.46
N GLY B 507 -16.58 -27.84 -26.59
CA GLY B 507 -15.44 -27.62 -25.73
C GLY B 507 -14.12 -27.91 -26.38
N GLY B 508 -13.10 -27.20 -25.93
CA GLY B 508 -11.74 -27.47 -26.40
C GLY B 508 -10.99 -26.21 -26.78
N PRO B 509 -9.71 -26.34 -27.17
CA PRO B 509 -8.96 -25.23 -27.78
C PRO B 509 -9.38 -24.88 -29.22
N VAL B 510 -9.11 -23.65 -29.66
CA VAL B 510 -9.28 -23.29 -31.06
C VAL B 510 -8.59 -24.29 -32.03
N ASP B 511 -9.21 -24.55 -33.18
CA ASP B 511 -8.53 -25.25 -34.31
C ASP B 511 -8.24 -26.72 -33.94
N THR B 512 -9.10 -27.28 -33.11
CA THR B 512 -9.07 -28.71 -32.82
C THR B 512 -10.35 -29.37 -33.31
N ALA B 513 -10.34 -30.69 -33.39
CA ALA B 513 -11.55 -31.44 -33.76
C ALA B 513 -12.66 -31.23 -32.73
N PHE B 514 -12.30 -30.77 -31.53
CA PHE B 514 -13.27 -30.71 -30.44
C PHE B 514 -14.04 -29.42 -30.36
N THR B 515 -13.41 -28.34 -30.81
CA THR B 515 -14.19 -27.13 -31.01
C THR B 515 -14.75 -27.12 -32.40
N GLY B 516 -13.92 -27.45 -33.38
CA GLY B 516 -14.38 -27.68 -34.74
C GLY B 516 -13.71 -26.89 -35.84
N GLY B 517 -12.96 -25.83 -35.50
CA GLY B 517 -12.22 -25.10 -36.54
C GLY B 517 -13.15 -24.34 -37.48
N ASP B 518 -12.90 -24.44 -38.79
CA ASP B 518 -13.58 -23.59 -39.74
C ASP B 518 -15.05 -23.93 -39.99
N VAL B 519 -15.53 -25.04 -39.45
CA VAL B 519 -16.96 -25.32 -39.52
C VAL B 519 -17.78 -24.13 -38.91
N TRP B 520 -17.18 -23.40 -37.98
CA TRP B 520 -17.85 -22.29 -37.33
C TRP B 520 -17.97 -21.04 -38.21
N THR B 521 -17.35 -21.07 -39.39
CA THR B 521 -17.52 -20.02 -40.38
C THR B 521 -18.63 -20.39 -41.39
N ASN B 522 -19.15 -21.61 -41.28
CA ASN B 522 -20.29 -22.02 -42.09
C ASN B 522 -21.61 -21.40 -41.49
N PRO B 523 -22.23 -20.44 -42.21
CA PRO B 523 -23.40 -19.75 -41.63
C PRO B 523 -24.56 -20.68 -41.26
N LYS B 524 -24.69 -21.82 -41.96
CA LYS B 524 -25.76 -22.76 -41.68
C LYS B 524 -25.63 -23.34 -40.29
N LEU B 525 -24.40 -23.56 -39.83
CA LEU B 525 -24.16 -24.08 -38.48
C LEU B 525 -24.59 -23.05 -37.43
N VAL B 526 -24.19 -21.81 -37.68
CA VAL B 526 -24.41 -20.70 -36.77
C VAL B 526 -25.91 -20.44 -36.71
N GLU B 527 -26.57 -20.54 -37.85
CA GLU B 527 -28.02 -20.30 -37.93
C GLU B 527 -28.78 -21.33 -37.08
N THR B 528 -28.41 -22.59 -37.27
CA THR B 528 -29.06 -23.73 -36.60
C THR B 528 -28.90 -23.66 -35.08
N VAL B 529 -27.73 -23.29 -34.60
CA VAL B 529 -27.53 -23.29 -33.14
C VAL B 529 -28.22 -22.08 -32.49
N ARG B 530 -28.09 -20.93 -33.12
CA ARG B 530 -28.69 -19.71 -32.61
C ARG B 530 -30.22 -19.81 -32.56
N ALA B 531 -30.83 -20.31 -33.64
CA ALA B 531 -32.29 -20.43 -33.70
C ALA B 531 -32.77 -21.40 -32.60
N TRP B 532 -32.06 -22.52 -32.46
CA TRP B 532 -32.40 -23.54 -31.48
C TRP B 532 -32.28 -23.00 -30.05
N VAL B 533 -31.15 -22.37 -29.75
CA VAL B 533 -30.98 -21.76 -28.43
C VAL B 533 -32.09 -20.74 -28.14
N ARG B 534 -32.37 -19.87 -29.11
CA ARG B 534 -33.34 -18.77 -28.96
C ARG B 534 -34.77 -19.26 -28.61
N GLY B 535 -35.10 -20.45 -29.09
CA GLY B 535 -36.40 -21.08 -28.84
C GLY B 535 -36.37 -21.92 -27.57
N GLY B 536 -35.25 -21.92 -26.84
CA GLY B 536 -35.22 -22.61 -25.55
C GLY B 536 -34.11 -23.63 -25.34
N GLY B 537 -33.25 -23.82 -26.34
CA GLY B 537 -32.11 -24.73 -26.18
C GLY B 537 -31.10 -24.14 -25.21
N ALA B 538 -30.05 -24.92 -24.91
CA ALA B 538 -29.01 -24.52 -23.98
C ALA B 538 -27.65 -24.84 -24.60
N PHE B 539 -26.76 -23.85 -24.64
CA PHE B 539 -25.42 -24.04 -25.21
C PHE B 539 -24.34 -23.78 -24.17
N VAL B 540 -23.55 -24.80 -23.90
CA VAL B 540 -22.50 -24.68 -22.91
C VAL B 540 -21.15 -24.79 -23.62
N GLY B 541 -20.37 -23.73 -23.51
CA GLY B 541 -19.14 -23.63 -24.27
C GLY B 541 -17.97 -23.63 -23.32
N VAL B 542 -17.03 -24.55 -23.56
CA VAL B 542 -15.90 -24.69 -22.64
C VAL B 542 -14.57 -24.39 -23.30
N GLY B 543 -13.80 -23.48 -22.70
CA GLY B 543 -12.45 -23.19 -23.16
C GLY B 543 -12.48 -22.16 -24.26
N GLU B 544 -12.41 -22.64 -25.51
CA GLU B 544 -12.57 -21.77 -26.66
C GLU B 544 -13.70 -22.26 -27.61
N PRO B 545 -14.99 -22.34 -27.11
CA PRO B 545 -16.14 -22.85 -27.92
C PRO B 545 -16.34 -22.01 -29.16
N SER B 546 -16.70 -22.63 -30.28
CA SER B 546 -17.09 -21.92 -31.50
C SER B 546 -16.02 -21.01 -32.12
N SER B 547 -14.78 -21.15 -31.69
CA SER B 547 -13.69 -20.28 -32.12
C SER B 547 -13.30 -20.55 -33.57
N ALA B 548 -13.00 -19.46 -34.27
CA ALA B 548 -12.48 -19.54 -35.63
C ALA B 548 -11.58 -18.33 -35.75
N PRO B 549 -10.27 -18.57 -35.94
CA PRO B 549 -9.30 -17.47 -36.06
C PRO B 549 -9.48 -16.70 -37.36
N ARG B 550 -9.22 -15.40 -37.28
CA ARG B 550 -9.19 -14.48 -38.43
C ARG B 550 -10.51 -14.19 -39.18
N PHE B 551 -11.48 -15.10 -39.11
CA PHE B 551 -12.70 -14.92 -39.86
C PHE B 551 -13.28 -13.51 -39.64
N GLN B 552 -13.39 -13.10 -38.38
CA GLN B 552 -13.86 -11.78 -38.07
C GLN B 552 -12.83 -11.15 -37.16
N THR B 553 -12.36 -9.98 -37.55
CA THR B 553 -11.42 -9.24 -36.75
C THR B 553 -11.90 -9.02 -35.30
N GLY B 554 -13.17 -8.68 -35.13
CA GLY B 554 -13.71 -8.34 -33.81
C GLY B 554 -14.44 -9.44 -33.06
N ARG B 555 -14.39 -10.67 -33.57
CA ARG B 555 -15.15 -11.78 -32.96
C ARG B 555 -14.39 -13.10 -33.14
N PHE B 556 -14.00 -13.72 -32.02
CA PHE B 556 -13.19 -14.96 -32.05
C PHE B 556 -14.08 -16.18 -31.84
N PHE B 557 -14.78 -16.23 -30.69
CA PHE B 557 -15.83 -17.25 -30.49
C PHE B 557 -17.02 -16.85 -31.36
N GLN B 558 -17.38 -17.65 -32.35
CA GLN B 558 -18.40 -17.19 -33.31
C GLN B 558 -19.79 -17.07 -32.68
N LEU B 559 -20.02 -17.83 -31.61
CA LEU B 559 -21.25 -17.75 -30.86
C LEU B 559 -20.99 -16.97 -29.59
N ALA B 560 -20.10 -15.99 -29.64
CA ALA B 560 -19.91 -15.10 -28.48
C ALA B 560 -21.25 -14.48 -28.03
N ASP B 561 -22.14 -14.22 -28.98
CA ASP B 561 -23.42 -13.56 -28.65
C ASP B 561 -24.28 -14.47 -27.77
N VAL B 562 -24.15 -15.77 -27.99
CA VAL B 562 -24.94 -16.79 -27.25
C VAL B 562 -24.49 -16.90 -25.78
N ILE B 563 -23.19 -16.98 -25.55
CA ILE B 563 -22.63 -17.26 -24.24
C ILE B 563 -22.18 -15.99 -23.50
N GLY B 564 -22.20 -14.85 -24.18
CA GLY B 564 -21.91 -13.55 -23.55
C GLY B 564 -20.44 -13.26 -23.32
N VAL B 565 -19.56 -14.09 -23.90
CA VAL B 565 -18.12 -14.01 -23.62
C VAL B 565 -17.38 -14.19 -24.92
N ASP B 566 -16.31 -13.43 -25.11
CA ASP B 566 -15.37 -13.69 -26.22
C ASP B 566 -13.95 -13.59 -25.68
N GLU B 567 -13.00 -14.01 -26.50
CA GLU B 567 -11.61 -13.93 -26.16
C GLU B 567 -10.94 -12.82 -26.95
N GLU B 568 -10.37 -11.86 -26.22
CA GLU B 568 -9.58 -10.79 -26.83
C GLU B 568 -8.35 -11.40 -27.50
N ARG B 569 -8.14 -11.08 -28.77
CA ARG B 569 -7.03 -11.66 -29.53
C ARG B 569 -5.98 -10.60 -29.96
N TYR B 570 -5.95 -9.49 -29.22
CA TYR B 570 -5.00 -8.38 -29.40
C TYR B 570 -5.33 -7.56 -30.64
N GLN B 571 -6.49 -7.80 -31.24
CA GLN B 571 -6.99 -7.02 -32.35
C GLN B 571 -7.89 -5.90 -31.87
N THR B 572 -8.42 -6.05 -30.66
CA THR B 572 -9.41 -5.12 -30.17
C THR B 572 -9.04 -4.44 -28.86
N LEU B 573 -7.73 -4.20 -28.66
CA LEU B 573 -7.24 -3.57 -27.44
C LEU B 573 -7.69 -2.13 -27.32
N SER B 574 -7.99 -1.50 -28.44
CA SER B 574 -8.50 -0.14 -28.40
C SER B 574 -9.91 0.01 -27.80
N VAL B 575 -10.65 -1.10 -27.73
CA VAL B 575 -12.04 -1.16 -27.24
C VAL B 575 -12.02 -1.44 -25.74
N ASP B 576 -12.44 -0.46 -24.94
CA ASP B 576 -12.48 -0.65 -23.49
C ASP B 576 -13.44 -1.76 -23.15
N LYS B 577 -13.03 -2.66 -22.26
CA LYS B 577 -13.95 -3.72 -21.81
C LYS B 577 -14.53 -3.37 -20.45
N TYR B 578 -15.86 -3.36 -20.34
CA TYR B 578 -16.56 -3.08 -19.07
C TYR B 578 -17.20 -4.34 -18.48
N PHE B 579 -16.74 -4.73 -17.29
CA PHE B 579 -17.19 -5.99 -16.69
C PHE B 579 -18.29 -5.63 -15.72
N PRO B 580 -19.47 -6.25 -15.84
CA PRO B 580 -20.48 -5.98 -14.83
C PRO B 580 -20.09 -6.66 -13.52
N PRO B 581 -20.57 -6.14 -12.37
CA PRO B 581 -20.28 -6.82 -11.11
C PRO B 581 -20.60 -8.31 -11.14
N VAL B 582 -19.74 -9.08 -10.50
CA VAL B 582 -19.91 -10.52 -10.35
C VAL B 582 -21.12 -10.81 -9.46
N VAL B 583 -21.86 -11.87 -9.77
CA VAL B 583 -22.97 -12.34 -8.92
C VAL B 583 -22.44 -13.53 -8.10
N PRO B 584 -22.09 -13.29 -6.81
CA PRO B 584 -21.47 -14.34 -5.98
C PRO B 584 -22.44 -15.42 -5.40
N ASP B 585 -23.72 -15.09 -5.32
CA ASP B 585 -24.74 -15.99 -4.80
C ASP B 585 -25.66 -16.36 -5.94
N HIS B 586 -25.51 -17.57 -6.47
CA HIS B 586 -26.22 -17.91 -7.69
C HIS B 586 -26.40 -19.39 -7.70
N PHE B 587 -27.51 -19.85 -8.27
CA PHE B 587 -27.79 -21.27 -8.46
C PHE B 587 -26.59 -22.11 -8.94
N ILE B 588 -25.83 -21.61 -9.91
CA ILE B 588 -24.75 -22.42 -10.49
C ILE B 588 -23.62 -22.68 -9.47
N THR B 589 -23.37 -21.72 -8.60
CA THR B 589 -22.22 -21.75 -7.71
C THR B 589 -22.61 -22.08 -6.27
N ALA B 590 -23.91 -22.32 -6.08
CA ALA B 590 -24.54 -22.62 -4.78
C ALA B 590 -23.81 -23.65 -3.89
N ASP B 591 -23.14 -24.63 -4.50
CA ASP B 591 -22.40 -25.64 -3.74
C ASP B 591 -20.90 -25.37 -3.66
N VAL B 592 -20.44 -24.24 -4.19
CA VAL B 592 -19.04 -23.86 -4.02
C VAL B 592 -18.84 -23.37 -2.57
N PRO B 593 -17.95 -24.03 -1.81
CA PRO B 593 -17.66 -23.58 -0.45
C PRO B 593 -17.23 -22.11 -0.39
N VAL B 594 -17.85 -21.34 0.50
CA VAL B 594 -17.51 -19.94 0.75
C VAL B 594 -16.46 -19.84 1.86
N ASP B 595 -15.24 -19.45 1.49
CA ASP B 595 -14.17 -19.20 2.45
C ASP B 595 -14.23 -17.73 2.85
N PRO B 596 -14.62 -17.47 4.12
CA PRO B 596 -15.05 -16.13 4.55
C PRO B 596 -13.95 -15.08 4.53
N ALA B 597 -12.71 -15.43 4.83
CA ALA B 597 -11.59 -14.50 4.74
C ALA B 597 -11.32 -14.15 3.28
N ALA B 598 -11.49 -15.13 2.39
CA ALA B 598 -11.34 -14.89 0.94
C ALA B 598 -12.44 -13.94 0.42
N ARG B 599 -13.69 -14.27 0.72
CA ARG B 599 -14.85 -13.48 0.29
C ARG B 599 -14.79 -12.02 0.78
N GLU B 600 -14.41 -11.83 2.04
CA GLU B 600 -14.20 -10.50 2.63
C GLU B 600 -13.12 -9.71 1.90
N ALA B 601 -11.98 -10.37 1.64
CA ALA B 601 -10.85 -9.75 0.94
C ALA B 601 -11.26 -9.31 -0.44
N TRP B 602 -12.03 -10.16 -1.12
CA TRP B 602 -12.60 -9.83 -2.42
C TRP B 602 -13.62 -8.69 -2.31
N GLU B 603 -14.50 -8.72 -1.32
CA GLU B 603 -15.48 -7.65 -1.17
C GLU B 603 -14.75 -6.34 -0.88
N GLN B 604 -13.74 -6.42 -0.02
CA GLN B 604 -12.93 -5.24 0.35
C GLN B 604 -12.10 -4.56 -0.78
N ALA B 605 -11.38 -5.34 -1.59
CA ALA B 605 -10.61 -4.73 -2.66
C ALA B 605 -11.46 -4.00 -3.72
N GLY B 606 -12.73 -4.38 -3.87
CA GLY B 606 -13.65 -3.69 -4.79
C GLY B 606 -13.34 -3.91 -6.26
N TYR B 607 -13.95 -3.07 -7.12
CA TYR B 607 -13.82 -3.16 -8.57
C TYR B 607 -13.01 -2.02 -9.20
N ARG B 608 -12.32 -2.31 -10.31
CA ARG B 608 -11.55 -1.25 -11.01
C ARG B 608 -12.45 -0.14 -11.54
N ILE B 609 -12.10 1.11 -11.26
CA ILE B 609 -12.83 2.21 -11.85
C ILE B 609 -12.35 2.35 -13.32
N PRO B 610 -13.21 2.83 -14.22
CA PRO B 610 -12.80 2.92 -15.63
C PRO B 610 -11.58 3.80 -15.82
N LEU B 611 -10.59 3.31 -16.57
CA LEU B 611 -9.36 4.06 -16.85
C LEU B 611 -9.06 3.93 -18.34
N SER B 612 -8.53 5.02 -18.91
CA SER B 612 -8.27 5.09 -20.33
C SER B 612 -7.47 3.89 -20.85
N GLY B 613 -8.07 3.19 -21.82
CA GLY B 613 -7.44 2.07 -22.50
C GLY B 613 -7.40 0.82 -21.65
N CYS B 614 -8.12 0.82 -20.54
CA CYS B 614 -8.05 -0.28 -19.58
C CYS B 614 -9.40 -0.84 -19.25
N GLY B 615 -10.46 -0.21 -19.78
CA GLY B 615 -11.82 -0.55 -19.40
C GLY B 615 -12.04 -0.35 -17.91
N GLY B 616 -12.97 -1.11 -17.33
CA GLY B 616 -13.15 -1.08 -15.87
C GLY B 616 -14.12 -2.14 -15.36
N GLY B 617 -14.29 -2.25 -14.03
CA GLY B 617 -15.26 -3.20 -13.46
C GLY B 617 -14.73 -4.58 -13.13
N GLN B 618 -13.47 -4.87 -13.48
CA GLN B 618 -12.83 -6.14 -13.11
C GLN B 618 -12.48 -6.09 -11.62
N SER B 619 -12.57 -7.21 -10.90
CA SER B 619 -12.28 -7.17 -9.47
C SER B 619 -10.78 -7.08 -9.26
N ILE B 620 -10.37 -6.30 -8.25
CA ILE B 620 -8.95 -6.06 -7.97
C ILE B 620 -8.35 -7.29 -7.29
N LYS B 621 -9.16 -7.93 -6.46
CA LYS B 621 -8.76 -9.19 -5.86
C LYS B 621 -9.66 -10.32 -6.39
N PRO B 622 -9.13 -11.56 -6.39
CA PRO B 622 -9.90 -12.72 -6.84
C PRO B 622 -10.91 -13.25 -5.80
N LEU B 623 -12.09 -13.66 -6.26
CA LEU B 623 -13.06 -14.33 -5.40
C LEU B 623 -12.61 -15.79 -5.20
N GLY B 624 -12.21 -16.48 -6.28
CA GLY B 624 -11.61 -17.83 -6.19
C GLY B 624 -12.62 -18.88 -5.77
N GLY B 625 -12.13 -19.97 -5.18
CA GLY B 625 -13.00 -21.05 -4.69
C GLY B 625 -13.21 -22.17 -5.71
N ILE B 626 -12.88 -21.92 -6.98
CA ILE B 626 -13.11 -22.92 -8.04
C ILE B 626 -11.82 -23.10 -8.86
N ASP B 627 -11.44 -24.36 -9.08
CA ASP B 627 -10.32 -24.66 -9.95
C ASP B 627 -10.81 -24.86 -11.39
N PHE B 628 -10.49 -23.89 -12.23
CA PHE B 628 -10.85 -23.92 -13.66
C PHE B 628 -9.74 -24.48 -14.59
N GLY B 629 -8.65 -24.96 -14.02
CA GLY B 629 -7.59 -25.57 -14.84
C GLY B 629 -6.81 -24.50 -15.60
N GLU B 630 -6.48 -24.79 -16.85
CA GLU B 630 -5.63 -23.90 -17.67
C GLU B 630 -6.35 -22.61 -18.02
N PRO B 631 -5.68 -21.47 -17.81
CA PRO B 631 -6.31 -20.18 -18.11
C PRO B 631 -6.60 -20.00 -19.61
N VAL B 632 -7.71 -19.36 -19.94
CA VAL B 632 -7.98 -18.87 -21.28
C VAL B 632 -7.79 -17.35 -21.18
N LEU B 633 -6.70 -16.84 -21.75
CA LEU B 633 -6.32 -15.44 -21.51
C LEU B 633 -7.25 -14.43 -22.13
N ASN B 634 -7.64 -13.42 -21.33
CA ASN B 634 -8.30 -12.22 -21.85
C ASN B 634 -9.71 -12.44 -22.41
N THR B 635 -10.38 -13.49 -21.93
CA THR B 635 -11.82 -13.57 -22.12
C THR B 635 -12.48 -12.39 -21.40
N TYR B 636 -13.57 -11.90 -21.98
CA TYR B 636 -14.24 -10.71 -21.48
C TYR B 636 -15.73 -10.79 -21.86
N PRO B 637 -16.57 -10.11 -21.07
CA PRO B 637 -18.00 -10.09 -21.34
C PRO B 637 -18.35 -9.19 -22.52
N VAL B 638 -19.16 -9.69 -23.48
CA VAL B 638 -19.44 -8.89 -24.68
C VAL B 638 -20.29 -7.69 -24.36
N ASN B 639 -21.13 -7.81 -23.33
CA ASN B 639 -21.85 -6.63 -22.81
C ASN B 639 -22.08 -6.77 -21.31
N GLU B 640 -22.72 -5.77 -20.72
CA GLU B 640 -22.98 -5.80 -19.31
C GLU B 640 -24.30 -6.50 -18.89
N ASN B 641 -25.01 -7.09 -19.84
CA ASN B 641 -26.19 -7.91 -19.53
C ASN B 641 -25.87 -9.39 -19.33
N VAL B 642 -24.62 -9.77 -19.57
CA VAL B 642 -24.13 -11.11 -19.27
C VAL B 642 -23.92 -11.21 -17.77
N THR B 643 -24.28 -12.35 -17.18
CA THR B 643 -24.00 -12.59 -15.77
C THR B 643 -22.63 -13.26 -15.56
N LEU B 644 -21.72 -12.56 -14.89
CA LEU B 644 -20.42 -13.09 -14.56
C LEU B 644 -20.48 -13.72 -13.19
N LEU B 645 -20.09 -14.99 -13.14
CA LEU B 645 -20.11 -15.73 -11.90
C LEU B 645 -18.72 -15.83 -11.32
N ARG B 646 -17.71 -15.93 -12.21
CA ARG B 646 -16.28 -15.83 -11.86
C ARG B 646 -15.50 -15.10 -12.97
N ALA B 647 -14.91 -13.97 -12.58
CA ALA B 647 -14.13 -13.14 -13.46
C ALA B 647 -12.94 -12.58 -12.68
N ASP B 648 -12.05 -13.50 -12.29
CA ASP B 648 -10.86 -13.14 -11.49
C ASP B 648 -9.66 -12.89 -12.40
N GLY B 649 -8.75 -12.06 -11.91
CA GLY B 649 -7.51 -11.72 -12.60
C GLY B 649 -7.70 -11.01 -13.93
N GLY B 650 -8.72 -10.17 -14.04
CA GLY B 650 -8.97 -9.39 -15.24
C GLY B 650 -9.41 -10.17 -16.48
N GLN B 651 -9.99 -11.35 -16.25
CA GLN B 651 -10.56 -12.16 -17.32
C GLN B 651 -11.76 -12.97 -16.81
N VAL B 652 -12.39 -13.78 -17.69
CA VAL B 652 -13.63 -14.53 -17.34
C VAL B 652 -13.45 -16.05 -17.29
N GLN B 653 -13.90 -16.65 -16.19
CA GLN B 653 -13.89 -18.09 -16.05
C GLN B 653 -15.29 -18.69 -16.12
N LEU B 654 -16.29 -17.98 -15.63
CA LEU B 654 -17.64 -18.53 -15.62
C LEU B 654 -18.70 -17.45 -15.82
N ALA B 655 -19.61 -17.71 -16.75
CA ALA B 655 -20.66 -16.76 -17.06
C ALA B 655 -21.87 -17.41 -17.71
N THR B 656 -23.01 -16.75 -17.57
CA THR B 656 -24.24 -17.21 -18.18
C THR B 656 -24.95 -16.04 -18.84
N ASN B 657 -25.68 -16.33 -19.91
CA ASN B 657 -26.31 -15.30 -20.71
C ASN B 657 -27.66 -15.79 -21.17
N ASP B 658 -28.71 -14.97 -21.01
CA ASP B 658 -30.02 -15.30 -21.53
C ASP B 658 -30.02 -14.96 -23.05
N TYR B 659 -30.55 -15.85 -23.87
CA TYR B 659 -30.54 -15.63 -25.31
C TYR B 659 -31.91 -16.05 -25.83
N GLY B 660 -32.83 -15.09 -25.95
CA GLY B 660 -34.22 -15.41 -26.25
C GLY B 660 -34.78 -16.26 -25.13
N LYS B 661 -35.31 -17.42 -25.46
CA LYS B 661 -35.85 -18.35 -24.41
C LYS B 661 -34.84 -19.31 -23.82
N GLY B 662 -33.66 -19.35 -24.43
CA GLY B 662 -32.62 -20.27 -24.01
C GLY B 662 -31.50 -19.53 -23.30
N ARG B 663 -30.39 -20.23 -23.07
CA ARG B 663 -29.25 -19.68 -22.35
C ARG B 663 -27.97 -20.24 -22.94
N GLY B 664 -26.91 -19.44 -22.88
CA GLY B 664 -25.56 -19.92 -23.13
C GLY B 664 -24.76 -19.80 -21.84
N VAL B 665 -23.84 -20.72 -21.61
CA VAL B 665 -22.95 -20.64 -20.48
C VAL B 665 -21.49 -20.80 -20.95
N TYR B 666 -20.62 -19.96 -20.42
CA TYR B 666 -19.15 -20.08 -20.65
C TYR B 666 -18.44 -20.58 -19.40
N ILE B 667 -17.61 -21.61 -19.57
CA ILE B 667 -16.68 -22.13 -18.56
C ILE B 667 -15.29 -22.19 -19.17
N SER B 668 -14.29 -21.53 -18.57
CA SER B 668 -12.95 -21.49 -19.21
C SER B 668 -12.18 -22.81 -19.20
N GLY B 669 -12.45 -23.66 -18.20
CA GLY B 669 -11.89 -25.01 -18.18
C GLY B 669 -12.51 -25.77 -17.03
N LEU B 670 -12.42 -27.10 -17.04
CA LEU B 670 -13.12 -27.88 -16.03
C LEU B 670 -12.38 -29.16 -15.68
N PRO B 671 -11.32 -29.06 -14.84
CA PRO B 671 -10.72 -30.30 -14.36
C PRO B 671 -11.73 -31.08 -13.53
N TYR B 672 -11.69 -32.41 -13.62
CA TYR B 672 -12.62 -33.25 -12.86
C TYR B 672 -12.39 -33.17 -11.33
N SER B 673 -13.47 -33.04 -10.59
CA SER B 673 -13.49 -33.18 -9.12
C SER B 673 -14.98 -33.22 -8.77
N ALA B 674 -15.32 -33.68 -7.57
CA ALA B 674 -16.72 -33.67 -7.12
C ALA B 674 -17.36 -32.27 -7.23
N ALA B 675 -16.63 -31.25 -6.79
CA ALA B 675 -17.14 -29.86 -6.88
C ALA B 675 -17.42 -29.44 -8.33
N ASN B 676 -16.47 -29.70 -9.22
CA ASN B 676 -16.57 -29.28 -10.61
C ASN B 676 -17.61 -30.07 -11.38
N ALA B 677 -17.76 -31.34 -11.02
CA ALA B 677 -18.81 -32.17 -11.58
C ALA B 677 -20.13 -31.53 -11.17
N ARG B 678 -20.30 -31.23 -9.87
CA ARG B 678 -21.50 -30.51 -9.39
C ARG B 678 -21.74 -29.18 -10.11
N LEU B 679 -20.67 -28.41 -10.30
CA LEU B 679 -20.74 -27.16 -11.04
C LEU B 679 -21.31 -27.42 -12.43
N LEU B 680 -20.69 -28.32 -13.18
CA LEU B 680 -21.21 -28.68 -14.50
C LEU B 680 -22.71 -29.09 -14.46
N GLU B 681 -23.07 -29.97 -13.54
CA GLU B 681 -24.46 -30.43 -13.45
C GLU B 681 -25.42 -29.24 -13.24
N ARG B 682 -25.09 -28.33 -12.33
CA ARG B 682 -25.96 -27.18 -12.10
C ARG B 682 -25.99 -26.26 -13.33
N VAL B 683 -24.88 -26.23 -14.06
CA VAL B 683 -24.85 -25.46 -15.32
C VAL B 683 -25.86 -26.05 -16.32
N LEU B 684 -25.91 -27.37 -16.39
CA LEU B 684 -26.82 -28.04 -17.33
C LEU B 684 -28.29 -27.78 -17.00
N PHE B 685 -28.66 -27.92 -15.73
CA PHE B 685 -30.03 -27.60 -15.32
C PHE B 685 -30.34 -26.11 -15.49
N TYR B 686 -29.39 -25.25 -15.16
CA TYR B 686 -29.62 -23.82 -15.31
C TYR B 686 -29.77 -23.41 -16.77
N ALA B 687 -28.80 -23.78 -17.60
CA ALA B 687 -28.79 -23.33 -19.01
C ALA B 687 -30.06 -23.72 -19.77
N SER B 688 -30.69 -24.81 -19.33
CA SER B 688 -31.86 -25.33 -19.99
C SER B 688 -33.16 -24.92 -19.25
N HIS B 689 -33.07 -23.87 -18.42
CA HIS B 689 -34.23 -23.33 -17.69
C HIS B 689 -34.95 -24.46 -16.92
N ASN B 690 -34.18 -25.42 -16.42
CA ASN B 690 -34.74 -26.56 -15.69
C ASN B 690 -34.36 -26.51 -14.20
N GLU B 691 -34.20 -25.29 -13.64
CA GLU B 691 -33.83 -25.20 -12.23
C GLU B 691 -34.86 -25.96 -11.34
N ASP B 692 -36.14 -25.87 -11.66
CA ASP B 692 -37.18 -26.59 -10.89
C ASP B 692 -36.99 -28.10 -10.95
N LYS B 693 -36.32 -28.60 -11.99
CA LYS B 693 -36.14 -30.03 -12.12
C LYS B 693 -34.91 -30.58 -11.37
N TYR B 694 -34.01 -29.68 -10.94
CA TYR B 694 -32.74 -30.07 -10.31
C TYR B 694 -32.87 -30.91 -9.02
N ALA B 695 -33.75 -30.50 -8.11
CA ALA B 695 -33.87 -31.15 -6.78
C ALA B 695 -34.14 -32.66 -6.87
N ALA B 696 -35.12 -33.06 -7.66
CA ALA B 696 -35.59 -34.46 -7.66
C ALA B 696 -34.48 -35.46 -7.97
N TRP B 697 -34.32 -36.42 -7.08
CA TRP B 697 -33.27 -37.48 -7.19
C TRP B 697 -31.86 -36.89 -7.17
N SER B 698 -31.60 -35.99 -6.21
CA SER B 698 -30.27 -35.39 -6.05
C SER B 698 -29.74 -35.52 -4.61
N SER B 699 -28.42 -35.46 -4.49
CA SER B 699 -27.72 -35.55 -3.22
C SER B 699 -27.23 -34.17 -2.86
N SER B 700 -27.58 -33.68 -1.67
CA SER B 700 -27.11 -32.39 -1.19
C SER B 700 -25.58 -32.34 -1.22
N ASN B 701 -24.93 -33.39 -0.75
CA ASN B 701 -23.48 -33.49 -0.74
C ASN B 701 -22.96 -33.83 -2.13
N PRO B 702 -22.05 -32.99 -2.68
CA PRO B 702 -21.40 -33.23 -3.99
C PRO B 702 -20.52 -34.46 -3.99
N GLU B 703 -20.19 -34.94 -2.80
CA GLU B 703 -19.37 -36.14 -2.71
C GLU B 703 -20.17 -37.43 -2.95
N CYS B 704 -21.50 -37.31 -2.98
CA CYS B 704 -22.35 -38.48 -3.27
C CYS B 704 -23.21 -38.24 -4.50
N GLU B 705 -23.64 -39.34 -5.13
CA GLU B 705 -24.54 -39.32 -6.29
C GLU B 705 -25.73 -40.29 -6.15
N VAL B 706 -26.80 -39.97 -6.89
CA VAL B 706 -28.05 -40.66 -6.79
C VAL B 706 -28.44 -41.24 -8.16
N ALA B 707 -28.84 -42.52 -8.13
CA ALA B 707 -29.37 -43.19 -9.31
C ALA B 707 -30.81 -43.66 -8.99
N HIS B 708 -31.75 -43.24 -9.84
CA HIS B 708 -33.16 -43.54 -9.72
C HIS B 708 -33.55 -44.59 -10.75
N PHE B 709 -34.18 -45.67 -10.28
CA PHE B 709 -34.65 -46.75 -11.16
C PHE B 709 -36.14 -46.85 -10.97
N PRO B 710 -36.88 -46.04 -11.74
CA PRO B 710 -38.32 -45.92 -11.50
C PRO B 710 -39.06 -47.21 -11.81
N GLU B 711 -38.60 -47.96 -12.81
CA GLU B 711 -39.21 -49.23 -13.17
C GLU B 711 -39.08 -50.28 -12.02
N GLN B 712 -38.10 -50.09 -11.15
CA GLN B 712 -37.98 -50.95 -9.97
C GLN B 712 -38.45 -50.32 -8.68
N GLY B 713 -39.07 -49.13 -8.76
CA GLY B 713 -39.53 -48.42 -7.57
C GLY B 713 -38.40 -48.33 -6.55
N LEU B 714 -37.30 -47.68 -6.96
CA LEU B 714 -36.01 -47.87 -6.30
C LEU B 714 -35.00 -46.76 -6.69
N TYR B 715 -34.26 -46.24 -5.71
CA TYR B 715 -33.06 -45.43 -5.98
C TYR B 715 -31.92 -45.88 -5.09
N CYS B 716 -30.69 -45.54 -5.50
CA CYS B 716 -29.53 -45.72 -4.66
C CYS B 716 -28.73 -44.45 -4.60
N VAL B 717 -28.01 -44.27 -3.49
CA VAL B 717 -27.07 -43.18 -3.32
C VAL B 717 -25.73 -43.81 -3.00
N ILE B 718 -24.67 -43.27 -3.58
CA ILE B 718 -23.33 -43.82 -3.47
C ILE B 718 -22.33 -42.78 -2.99
N ASN B 719 -21.37 -43.24 -2.19
CA ASN B 719 -20.30 -42.40 -1.69
C ASN B 719 -19.14 -42.50 -2.67
N ASN B 720 -18.89 -41.42 -3.42
CA ASN B 720 -17.77 -41.42 -4.37
C ASN B 720 -16.36 -41.34 -3.75
N THR B 721 -16.29 -41.20 -2.43
CA THR B 721 -14.99 -41.06 -1.71
C THR B 721 -14.68 -42.22 -0.77
N ASP B 722 -13.47 -42.21 -0.23
CA ASP B 722 -13.09 -43.11 0.83
C ASP B 722 -13.34 -42.57 2.26
N GLN B 723 -14.12 -41.50 2.38
CA GLN B 723 -14.38 -40.89 3.67
C GLN B 723 -15.89 -40.97 3.99
N PRO B 724 -16.24 -40.97 5.30
CA PRO B 724 -17.65 -40.87 5.63
C PRO B 724 -18.22 -39.62 5.00
N GLN B 725 -19.45 -39.72 4.51
CA GLN B 725 -20.12 -38.61 3.89
C GLN B 725 -21.56 -38.59 4.36
N LYS B 726 -21.96 -37.47 4.94
CA LYS B 726 -23.38 -37.20 5.22
C LYS B 726 -24.04 -36.51 4.03
N THR B 727 -25.28 -36.90 3.74
CA THR B 727 -26.05 -36.33 2.64
C THR B 727 -27.56 -36.54 2.77
N THR B 728 -28.30 -35.55 2.28
CA THR B 728 -29.75 -35.56 2.19
C THR B 728 -30.15 -35.67 0.72
N VAL B 729 -30.88 -36.74 0.41
CA VAL B 729 -31.46 -36.90 -0.91
C VAL B 729 -32.87 -36.31 -0.95
N THR B 730 -33.15 -35.48 -1.97
CA THR B 730 -34.51 -35.05 -2.27
C THR B 730 -35.14 -35.97 -3.32
N LEU B 731 -36.37 -36.39 -3.08
CA LEU B 731 -37.12 -37.24 -4.02
C LEU B 731 -38.10 -36.41 -4.83
N ALA B 732 -38.66 -37.02 -5.88
CA ALA B 732 -39.62 -36.40 -6.80
C ALA B 732 -40.76 -35.68 -6.11
N ASP B 733 -41.27 -36.25 -5.02
CA ASP B 733 -42.42 -35.66 -4.34
C ASP B 733 -42.05 -34.47 -3.43
N GLY B 734 -40.79 -34.05 -3.46
CA GLY B 734 -40.34 -32.92 -2.63
C GLY B 734 -39.85 -33.39 -1.28
N THR B 735 -40.04 -34.68 -1.01
CA THR B 735 -39.57 -35.33 0.22
C THR B 735 -38.05 -35.45 0.32
N THR B 736 -37.55 -35.48 1.56
CA THR B 736 -36.14 -35.74 1.83
C THR B 736 -35.92 -37.00 2.67
N GLU B 737 -34.72 -37.57 2.54
CA GLU B 737 -34.27 -38.72 3.32
C GLU B 737 -32.77 -38.53 3.57
N ASP B 738 -32.32 -38.87 4.78
CA ASP B 738 -30.97 -38.61 5.22
C ASP B 738 -30.13 -39.87 5.24
N PHE B 739 -28.82 -39.68 5.07
CA PHE B 739 -27.87 -40.79 5.03
C PHE B 739 -26.57 -40.41 5.71
N ASP B 740 -25.89 -41.42 6.22
CA ASP B 740 -24.52 -41.28 6.61
C ASP B 740 -23.79 -42.50 6.06
N LEU B 741 -23.06 -42.30 4.97
CA LEU B 741 -22.43 -43.42 4.24
C LEU B 741 -20.97 -43.60 4.68
N PRO B 742 -20.52 -44.86 4.83
CA PRO B 742 -19.11 -45.11 5.10
C PRO B 742 -18.30 -45.02 3.80
N ASP B 743 -16.98 -45.11 3.94
CA ASP B 743 -16.04 -45.22 2.82
C ASP B 743 -16.62 -46.10 1.71
N SER B 744 -16.66 -45.54 0.50
CA SER B 744 -17.16 -46.21 -0.72
C SER B 744 -18.56 -46.77 -0.61
N GLY B 745 -19.36 -46.26 0.32
CA GLY B 745 -20.65 -46.86 0.61
C GLY B 745 -21.75 -46.70 -0.44
N ILE B 746 -22.77 -47.54 -0.27
CA ILE B 746 -23.95 -47.52 -1.11
C ILE B 746 -25.16 -47.74 -0.18
N ALA B 747 -26.31 -47.18 -0.56
CA ALA B 747 -27.53 -47.33 0.20
C ALA B 747 -28.70 -47.36 -0.76
N TRP B 748 -29.60 -48.33 -0.56
CA TRP B 748 -30.78 -48.48 -1.41
C TRP B 748 -32.07 -48.13 -0.67
N ARG B 749 -32.99 -47.45 -1.35
CA ARG B 749 -34.27 -47.07 -0.76
C ARG B 749 -35.43 -47.30 -1.73
N GLU B 750 -36.57 -47.71 -1.17
CA GLU B 750 -37.85 -47.76 -1.87
C GLU B 750 -38.27 -46.40 -2.42
N ALA B 751 -38.77 -46.37 -3.66
CA ALA B 751 -39.22 -45.12 -4.28
C ALA B 751 -40.60 -45.26 -4.95
N SER C 3 19.09 -33.95 13.22
CA SER C 3 18.60 -32.68 13.84
C SER C 3 17.15 -32.86 14.30
N THR C 4 16.97 -33.09 15.60
CA THR C 4 15.63 -33.32 16.10
C THR C 4 15.31 -32.77 17.50
N GLY C 5 14.03 -32.52 17.76
CA GLY C 5 13.56 -32.08 19.06
C GLY C 5 13.48 -30.58 19.25
N ARG C 6 13.32 -30.17 20.53
CA ARG C 6 13.18 -28.77 20.94
C ARG C 6 12.00 -28.15 20.24
N PHE C 7 10.99 -28.98 19.97
CA PHE C 7 9.90 -28.53 19.12
C PHE C 7 8.61 -29.20 19.52
N THR C 8 7.58 -28.40 19.72
CA THR C 8 6.27 -28.90 20.11
C THR C 8 5.23 -28.78 19.01
N LEU C 9 4.58 -29.91 18.73
CA LEU C 9 3.61 -30.07 17.68
C LEU C 9 2.18 -30.15 18.25
N PRO C 10 1.23 -29.37 17.68
CA PRO C 10 -0.17 -29.43 18.15
C PRO C 10 -0.97 -30.61 17.57
N SER C 11 -1.85 -31.17 18.38
CA SER C 11 -2.59 -32.40 18.06
C SER C 11 -4.04 -32.16 17.68
N GLU C 12 -4.67 -33.20 17.14
CA GLU C 12 -6.14 -33.28 16.99
C GLU C 12 -6.66 -34.68 16.63
N GLU C 13 -7.98 -34.83 16.73
CA GLU C 13 -8.66 -36.11 16.49
C GLU C 13 -8.61 -36.55 15.02
N ASN C 14 -8.61 -37.87 14.80
CA ASN C 14 -8.66 -38.48 13.45
C ASN C 14 -7.54 -37.97 12.54
N PHE C 15 -6.30 -38.04 13.02
CA PHE C 15 -5.18 -37.44 12.31
C PHE C 15 -3.82 -38.08 12.61
N ALA C 16 -3.84 -39.32 13.07
CA ALA C 16 -2.61 -40.05 13.33
C ALA C 16 -1.88 -40.28 12.00
N GLU C 17 -2.54 -39.89 10.93
CA GLU C 17 -1.96 -39.88 9.59
C GLU C 17 -0.76 -38.91 9.52
N LYS C 18 -1.05 -37.63 9.32
CA LYS C 18 -0.01 -36.64 9.11
C LYS C 18 0.66 -36.18 10.42
N THR C 19 0.02 -36.46 11.55
CA THR C 19 0.64 -36.17 12.84
C THR C 19 2.00 -36.85 12.95
N LYS C 20 2.06 -38.15 12.69
CA LYS C 20 3.36 -38.84 12.63
C LYS C 20 4.26 -38.36 11.48
N GLU C 21 3.68 -37.87 10.38
CA GLU C 21 4.50 -37.34 9.28
C GLU C 21 5.15 -36.00 9.65
N LEU C 22 4.33 -35.08 10.13
CA LEU C 22 4.79 -33.74 10.44
C LEU C 22 5.79 -33.74 11.59
N ALA C 23 5.57 -34.61 12.58
CA ALA C 23 6.48 -34.74 13.73
C ALA C 23 7.86 -35.15 13.26
N GLU C 24 7.89 -36.10 12.33
CA GLU C 24 9.14 -36.54 11.75
C GLU C 24 9.75 -35.42 10.89
N LEU C 25 8.93 -34.85 9.99
CA LEU C 25 9.32 -33.77 9.08
C LEU C 25 9.86 -32.55 9.85
N TRP C 26 9.16 -32.16 10.91
CA TRP C 26 9.60 -31.02 11.73
C TRP C 26 10.54 -31.40 12.89
N GLY C 27 10.71 -32.69 13.13
CA GLY C 27 11.55 -33.16 14.23
C GLY C 27 10.98 -32.83 15.61
N ALA C 28 9.65 -32.93 15.74
CA ALA C 28 8.95 -32.75 17.00
C ALA C 28 9.27 -33.86 18.00
N ASP C 29 9.55 -33.45 19.23
CA ASP C 29 9.79 -34.35 20.34
C ASP C 29 8.69 -34.22 21.39
N ALA C 30 7.77 -33.28 21.20
CA ALA C 30 6.61 -33.17 22.06
C ALA C 30 5.37 -32.94 21.22
N ILE C 31 4.23 -33.33 21.79
CA ILE C 31 2.91 -33.07 21.22
C ILE C 31 2.01 -32.48 22.29
N ARG C 32 1.19 -31.51 21.87
CA ARG C 32 0.20 -30.89 22.72
C ARG C 32 -1.18 -31.37 22.28
N ASN C 33 -1.86 -32.06 23.20
CA ASN C 33 -3.22 -32.55 23.01
C ASN C 33 -4.19 -31.39 22.78
N SER C 34 -5.03 -31.52 21.74
CA SER C 34 -6.04 -30.54 21.35
C SER C 34 -6.64 -29.73 22.51
N ASP C 35 -7.04 -30.45 23.57
CA ASP C 35 -7.67 -29.91 24.79
C ASP C 35 -8.97 -30.68 25.05
N HIS C 38 -7.67 -37.28 25.87
CA HIS C 38 -6.81 -38.41 25.51
C HIS C 38 -6.98 -38.75 24.04
N LEU C 39 -5.96 -39.39 23.43
CA LEU C 39 -6.02 -39.80 22.02
C LEU C 39 -5.02 -40.90 21.67
N ASP C 40 -5.44 -41.79 20.75
CA ASP C 40 -4.60 -42.85 20.19
C ASP C 40 -3.98 -43.78 21.23
N VAL C 43 -0.48 -42.61 17.96
CA VAL C 43 0.53 -41.57 18.05
C VAL C 43 1.38 -41.68 19.31
N LEU C 44 0.76 -42.00 20.45
CA LEU C 44 1.55 -42.13 21.67
C LEU C 44 2.48 -43.35 21.67
N ALA C 45 2.23 -44.32 20.78
CA ALA C 45 3.20 -45.40 20.51
C ALA C 45 4.55 -44.84 20.01
N LEU C 46 4.49 -43.60 19.50
CA LEU C 46 5.65 -42.81 19.11
C LEU C 46 6.50 -42.43 20.31
N GLY C 47 5.83 -42.31 21.47
CA GLY C 47 6.53 -41.98 22.71
C GLY C 47 7.08 -40.57 22.67
N LYS C 48 6.25 -39.61 22.25
CA LYS C 48 6.58 -38.18 22.37
C LYS C 48 6.17 -37.70 23.76
N LYS C 49 6.96 -36.78 24.31
CA LYS C 49 6.63 -36.06 25.54
C LYS C 49 5.26 -35.39 25.35
N ILE C 50 4.27 -35.76 26.15
CA ILE C 50 2.92 -35.22 25.94
C ILE C 50 2.62 -34.00 26.84
N TYR C 51 2.28 -32.85 26.24
CA TYR C 51 1.82 -31.68 26.99
C TYR C 51 0.29 -31.71 27.14
N ASN C 52 -0.21 -31.41 28.33
CA ASN C 52 -1.63 -31.22 28.53
C ASN C 52 -1.86 -29.94 29.30
N ALA C 53 -2.68 -29.04 28.75
CA ALA C 53 -3.02 -27.81 29.45
C ALA C 53 -3.94 -28.09 30.63
N TYR C 54 -3.76 -27.32 31.70
CA TYR C 54 -4.65 -27.37 32.86
C TYR C 54 -5.07 -25.95 33.20
N PHE C 55 -6.36 -25.82 33.55
CA PHE C 55 -7.00 -24.53 33.73
C PHE C 55 -7.49 -24.40 35.19
N PRO C 56 -6.59 -24.01 36.10
CA PRO C 56 -6.80 -24.11 37.55
C PRO C 56 -8.02 -23.39 38.11
N THR C 57 -8.34 -22.19 37.61
CA THR C 57 -9.42 -21.42 38.23
C THR C 57 -10.64 -21.19 37.34
N ARG C 58 -10.85 -22.09 36.38
CA ARG C 58 -12.10 -22.12 35.61
C ARG C 58 -12.56 -23.53 35.24
N ALA C 59 -13.68 -23.59 34.51
CA ALA C 59 -14.21 -24.84 33.94
C ALA C 59 -14.87 -25.75 34.97
N HIS C 60 -15.41 -25.17 36.05
CA HIS C 60 -16.05 -25.93 37.12
C HIS C 60 -17.21 -25.16 37.72
N ASN C 61 -18.15 -24.76 36.87
CA ASN C 61 -19.33 -24.05 37.33
C ASN C 61 -20.13 -24.83 38.39
N GLU C 62 -20.07 -26.15 38.32
CA GLU C 62 -20.73 -26.99 39.33
C GLU C 62 -20.17 -26.75 40.73
N TRP C 63 -18.90 -26.35 40.83
CA TRP C 63 -18.37 -25.89 42.14
C TRP C 63 -18.82 -24.46 42.48
N ILE C 64 -18.37 -23.50 41.66
CA ILE C 64 -18.48 -22.08 41.97
C ILE C 64 -19.90 -21.53 42.05
N THR C 65 -20.82 -22.06 41.25
CA THR C 65 -22.23 -21.65 41.41
C THR C 65 -22.76 -21.96 42.84
N LEU C 66 -22.02 -22.75 43.61
CA LEU C 66 -22.41 -23.03 44.99
C LEU C 66 -21.75 -22.09 46.00
N HIS C 67 -20.75 -21.32 45.55
CA HIS C 67 -20.01 -20.45 46.45
C HIS C 67 -19.70 -19.14 45.72
N MET C 68 -20.76 -18.46 45.30
CA MET C 68 -20.62 -17.33 44.41
C MET C 68 -19.89 -16.14 45.03
N ASP C 69 -19.86 -16.10 46.36
CA ASP C 69 -19.08 -15.09 47.07
C ASP C 69 -17.58 -15.39 47.00
N GLU C 70 -17.22 -16.49 46.32
CA GLU C 70 -15.81 -16.87 46.16
C GLU C 70 -15.30 -16.72 44.72
N THR C 71 -16.06 -16.04 43.87
CA THR C 71 -15.49 -15.59 42.57
C THR C 71 -14.47 -14.45 42.82
N PRO C 72 -13.47 -14.27 41.92
CA PRO C 72 -12.56 -13.11 42.09
C PRO C 72 -13.31 -11.78 42.01
N GLN C 73 -12.69 -10.70 42.48
CA GLN C 73 -13.33 -9.41 42.59
C GLN C 73 -12.37 -8.29 42.21
N VAL C 74 -12.92 -7.11 41.95
CA VAL C 74 -12.15 -5.96 41.51
C VAL C 74 -12.87 -4.72 42.02
N TYR C 75 -12.10 -3.74 42.49
CA TYR C 75 -12.66 -2.40 42.68
C TYR C 75 -12.93 -1.69 41.36
N LEU C 76 -14.18 -1.27 41.16
CA LEU C 76 -14.58 -0.50 39.97
C LEU C 76 -14.86 0.93 40.35
N LEU C 77 -14.47 1.84 39.44
CA LEU C 77 -14.76 3.26 39.60
C LEU C 77 -15.91 3.64 38.65
N THR C 78 -17.01 4.21 39.19
CA THR C 78 -18.11 4.65 38.31
C THR C 78 -17.72 5.85 37.42
N ASP C 79 -18.58 6.21 36.48
CA ASP C 79 -18.50 7.50 35.82
C ASP C 79 -18.60 8.63 36.86
N ARG C 80 -18.08 9.79 36.49
CA ARG C 80 -18.21 11.03 37.24
C ARG C 80 -19.59 11.57 37.00
N ILE C 81 -20.34 11.78 38.07
CA ILE C 81 -21.70 12.29 37.94
C ILE C 81 -21.67 13.67 38.51
N LEU C 82 -22.17 14.63 37.72
CA LEU C 82 -22.26 16.00 38.18
C LEU C 82 -23.51 16.20 39.06
N ALA C 83 -23.29 16.68 40.29
CA ALA C 83 -24.35 17.06 41.20
C ALA C 83 -24.76 18.47 40.82
N GLU C 84 -26.05 18.74 40.85
CA GLU C 84 -26.57 20.04 40.51
C GLU C 84 -27.37 20.59 41.69
N SER C 85 -27.26 19.90 42.82
CA SER C 85 -27.76 20.39 44.10
C SER C 85 -26.98 19.62 45.14
N ASP C 86 -27.51 19.50 46.36
CA ASP C 86 -26.79 18.84 47.43
C ASP C 86 -27.05 17.33 47.48
N THR C 87 -27.76 16.81 46.48
CA THR C 87 -27.93 15.39 46.38
C THR C 87 -27.47 14.94 45.01
N VAL C 88 -27.23 13.65 44.87
CA VAL C 88 -26.80 13.10 43.60
C VAL C 88 -26.95 11.59 43.63
N ASP C 89 -27.47 11.04 42.56
CA ASP C 89 -27.57 9.61 42.39
C ASP C 89 -26.47 9.07 41.46
N ILE C 90 -25.79 8.00 41.89
CA ILE C 90 -24.74 7.43 41.05
C ILE C 90 -25.06 6.01 40.64
N PRO C 91 -25.26 5.79 39.32
CA PRO C 91 -25.37 4.39 38.88
C PRO C 91 -24.04 3.66 38.98
N LEU C 92 -24.05 2.39 39.37
CA LEU C 92 -22.81 1.62 39.47
C LEU C 92 -22.40 0.96 38.16
N MET C 93 -23.38 0.49 37.39
CA MET C 93 -23.10 -0.50 36.35
C MET C 93 -23.28 0.02 34.93
N GLU C 94 -23.80 1.22 34.79
CA GLU C 94 -24.04 1.80 33.46
C GLU C 94 -22.84 1.79 32.50
N SER C 95 -21.61 1.87 33.02
CA SER C 95 -20.45 1.95 32.13
C SER C 95 -19.70 0.63 31.99
N PHE C 96 -20.18 -0.43 32.66
CA PHE C 96 -19.53 -1.76 32.66
C PHE C 96 -20.39 -2.85 32.03
N PHE C 97 -19.72 -3.87 31.52
CA PHE C 97 -20.36 -5.02 30.93
C PHE C 97 -20.94 -5.95 32.02
N ALA C 98 -22.27 -6.03 32.10
CA ALA C 98 -22.94 -6.75 33.19
C ALA C 98 -22.87 -8.25 33.10
N GLU C 99 -22.43 -8.78 31.95
CA GLU C 99 -22.17 -10.21 31.79
C GLU C 99 -20.82 -10.61 32.43
N GLN C 100 -19.96 -9.62 32.67
CA GLN C 100 -18.62 -9.86 33.24
C GLN C 100 -18.55 -9.51 34.72
N LEU C 101 -19.38 -8.56 35.14
CA LEU C 101 -19.17 -7.83 36.38
C LEU C 101 -20.45 -7.54 37.14
N LYS C 102 -20.41 -7.75 38.46
CA LYS C 102 -21.62 -7.64 39.27
C LYS C 102 -21.30 -7.04 40.64
N PRO C 103 -21.95 -5.92 41.00
CA PRO C 103 -21.65 -5.34 42.30
C PRO C 103 -21.80 -6.36 43.42
N ASN C 104 -20.86 -6.32 44.35
CA ASN C 104 -20.86 -7.15 45.56
C ASN C 104 -21.75 -6.53 46.62
N ARG C 105 -22.93 -7.09 46.81
CA ARG C 105 -23.87 -6.60 47.84
C ARG C 105 -23.69 -7.36 49.16
N ASP C 106 -22.96 -8.46 49.14
CA ASP C 106 -22.75 -9.29 50.33
C ASP C 106 -21.85 -8.63 51.37
N ALA C 107 -20.72 -8.08 50.92
CA ALA C 107 -19.80 -7.44 51.82
C ALA C 107 -20.19 -5.98 52.08
N ASP C 108 -20.51 -5.68 53.33
CA ASP C 108 -20.98 -4.36 53.78
C ASP C 108 -20.37 -3.18 52.99
N PRO C 109 -21.15 -2.64 52.02
CA PRO C 109 -20.70 -1.52 51.19
C PRO C 109 -20.09 -0.35 51.98
N HIS C 110 -20.61 -0.08 53.17
CA HIS C 110 -20.06 1.02 53.98
C HIS C 110 -18.66 0.71 54.58
N LYS C 111 -18.31 -0.56 54.71
CA LYS C 111 -16.96 -0.88 55.16
C LYS C 111 -16.00 -0.88 53.97
N TYR C 112 -16.46 -1.36 52.82
CA TYR C 112 -15.54 -1.70 51.72
C TYR C 112 -15.51 -0.75 50.53
N TRP C 113 -16.44 0.20 50.48
CA TRP C 113 -16.61 1.11 49.33
C TRP C 113 -16.28 2.53 49.74
N GLU C 114 -16.00 3.40 48.77
CA GLU C 114 -15.76 4.83 49.00
C GLU C 114 -16.55 5.65 48.00
N VAL C 115 -17.25 6.67 48.51
CA VAL C 115 -17.81 7.70 47.65
C VAL C 115 -16.82 8.83 47.70
N VAL C 116 -16.43 9.32 46.52
CA VAL C 116 -15.45 10.38 46.46
C VAL C 116 -15.96 11.58 45.67
N ASP C 117 -15.82 12.75 46.27
CA ASP C 117 -15.99 14.01 45.59
C ASP C 117 -14.71 14.29 44.78
N ARG C 118 -14.77 14.08 43.47
CA ARG C 118 -13.54 14.12 42.66
C ARG C 118 -13.02 15.52 42.46
N THR C 119 -13.93 16.48 42.57
CA THR C 119 -13.60 17.89 42.45
C THR C 119 -12.74 18.40 43.62
N THR C 120 -12.85 17.75 44.78
CA THR C 120 -12.01 18.11 45.91
C THR C 120 -11.04 16.99 46.27
N GLY C 121 -11.33 15.79 45.78
CA GLY C 121 -10.62 14.61 46.23
C GLY C 121 -10.99 14.09 47.62
N GLU C 122 -11.95 14.72 48.30
CA GLU C 122 -12.38 14.25 49.63
C GLU C 122 -13.37 13.09 49.54
N VAL C 123 -13.24 12.16 50.49
CA VAL C 123 -14.14 11.04 50.68
C VAL C 123 -15.43 11.57 51.32
N VAL C 124 -16.57 11.24 50.74
CA VAL C 124 -17.87 11.56 51.32
C VAL C 124 -18.16 10.61 52.50
N ASP C 125 -18.48 11.19 53.65
CA ASP C 125 -18.75 10.42 54.86
C ASP C 125 -19.78 9.32 54.59
N SER C 126 -19.47 8.10 55.06
CA SER C 126 -20.36 6.91 54.88
C SER C 126 -21.83 7.16 55.22
N ALA C 127 -22.03 8.02 56.22
CA ALA C 127 -23.34 8.36 56.75
C ALA C 127 -24.13 9.16 55.75
N ASN C 128 -23.44 9.76 54.78
CA ASN C 128 -24.09 10.57 53.78
C ASN C 128 -24.54 9.83 52.53
N TRP C 129 -24.32 8.52 52.46
CA TRP C 129 -24.89 7.80 51.32
C TRP C 129 -25.48 6.45 51.65
N THR C 130 -26.33 5.98 50.75
CA THR C 130 -26.92 4.65 50.91
C THR C 130 -26.92 3.90 49.59
N LEU C 131 -26.92 2.58 49.63
CA LEU C 131 -27.10 1.81 48.42
C LEU C 131 -28.56 1.41 48.27
N ASP C 132 -29.16 1.77 47.13
CA ASP C 132 -30.57 1.39 46.88
C ASP C 132 -30.77 -0.11 47.04
N ALA C 133 -31.85 -0.47 47.73
CA ALA C 133 -32.24 -1.88 47.92
C ALA C 133 -32.57 -2.59 46.61
N ASP C 134 -33.04 -1.87 45.61
CA ASP C 134 -33.69 -2.49 44.44
C ASP C 134 -32.93 -2.33 43.15
N GLU C 135 -32.04 -1.34 43.09
CA GLU C 135 -31.19 -1.16 41.91
C GLU C 135 -29.77 -0.80 42.30
N ASP C 136 -28.85 -0.92 41.34
CA ASP C 136 -27.43 -0.65 41.57
C ASP C 136 -27.14 0.84 41.44
N THR C 137 -27.62 1.61 42.43
CA THR C 137 -27.49 3.06 42.45
C THR C 137 -27.18 3.51 43.86
N VAL C 138 -26.23 4.44 44.00
CA VAL C 138 -25.97 5.03 45.32
C VAL C 138 -26.60 6.41 45.43
N HIS C 139 -27.30 6.65 46.53
CA HIS C 139 -27.94 7.95 46.75
C HIS C 139 -27.07 8.75 47.70
N VAL C 140 -26.59 9.91 47.27
CA VAL C 140 -25.66 10.69 48.10
C VAL C 140 -26.38 11.94 48.49
N SER C 141 -26.13 12.44 49.70
CA SER C 141 -26.80 13.64 50.19
C SER C 141 -25.88 14.48 51.06
N GLY C 142 -26.29 15.71 51.33
CA GLY C 142 -25.43 16.66 52.04
C GLY C 142 -24.11 16.95 51.31
N VAL C 143 -24.09 16.90 49.97
CA VAL C 143 -22.84 17.22 49.24
C VAL C 143 -22.88 18.58 48.52
N ALA C 144 -21.75 18.99 47.94
CA ALA C 144 -21.67 20.26 47.24
C ALA C 144 -22.21 20.18 45.81
N ALA C 145 -23.07 21.14 45.44
CA ALA C 145 -23.55 21.32 44.08
C ALA C 145 -22.38 21.58 43.11
N TRP C 146 -22.43 21.00 41.90
CA TRP C 146 -21.45 21.34 40.83
C TRP C 146 -20.07 20.69 41.01
N HIS C 147 -19.98 19.69 41.87
CA HIS C 147 -18.79 18.84 41.94
C HIS C 147 -19.16 17.57 41.20
N GLU C 148 -18.15 16.81 40.80
CA GLU C 148 -18.30 15.49 40.24
C GLU C 148 -18.07 14.48 41.36
N TYR C 149 -18.87 13.40 41.37
CA TYR C 149 -18.86 12.35 42.41
C TYR C 149 -18.79 10.99 41.79
N THR C 150 -18.02 10.10 42.41
CA THR C 150 -17.93 8.72 41.96
C THR C 150 -18.07 7.76 43.14
N VAL C 151 -18.35 6.49 42.83
CA VAL C 151 -18.31 5.40 43.79
C VAL C 151 -17.21 4.42 43.38
N SER C 152 -16.39 4.03 44.34
CA SER C 152 -15.50 2.88 44.17
C SER C 152 -16.12 1.68 44.91
N PHE C 153 -16.46 0.64 44.18
CA PHE C 153 -17.20 -0.47 44.77
C PHE C 153 -16.56 -1.78 44.37
N LEU C 154 -16.74 -2.80 45.21
CA LEU C 154 -16.37 -4.19 44.85
C LEU C 154 -17.35 -4.80 43.88
N ALA C 155 -16.80 -5.43 42.85
CA ALA C 155 -17.59 -6.19 41.88
C ALA C 155 -17.07 -7.58 41.81
N TYR C 156 -18.01 -8.54 41.77
CA TYR C 156 -17.67 -9.90 41.49
C TYR C 156 -17.39 -10.06 40.00
N ILE C 157 -16.32 -10.80 39.67
CA ILE C 157 -16.01 -11.15 38.28
C ILE C 157 -16.69 -12.50 38.02
N ILE C 158 -17.75 -12.48 37.20
CA ILE C 158 -18.58 -13.69 36.97
C ILE C 158 -18.28 -14.34 35.63
N TRP C 159 -17.21 -13.90 34.99
CA TRP C 159 -16.88 -14.46 33.68
C TRP C 159 -15.39 -14.38 33.42
N ASP C 160 -14.77 -15.55 33.29
CA ASP C 160 -13.34 -15.68 33.04
C ASP C 160 -13.01 -14.87 31.80
N PRO C 161 -11.92 -14.07 31.84
CA PRO C 161 -11.67 -13.15 30.71
C PRO C 161 -11.24 -13.86 29.42
N VAL C 162 -10.56 -15.01 29.55
CA VAL C 162 -10.10 -15.76 28.39
C VAL C 162 -11.29 -16.38 27.66
N GLU C 163 -12.07 -17.17 28.40
CA GLU C 163 -13.27 -17.78 27.90
C GLU C 163 -14.18 -16.67 27.31
N MET C 164 -14.26 -15.53 28.02
CA MET C 164 -15.11 -14.40 27.57
C MET C 164 -14.67 -13.81 26.23
N TYR C 165 -13.35 -13.59 26.10
CA TYR C 165 -12.78 -13.01 24.89
C TYR C 165 -12.98 -13.93 23.69
N ASN C 166 -12.76 -15.22 23.87
CA ASN C 166 -12.90 -16.18 22.79
C ASN C 166 -14.37 -16.35 22.34
N HIS C 167 -15.29 -16.32 23.31
CA HIS C 167 -16.72 -16.27 23.04
C HIS C 167 -17.11 -15.05 22.19
N LEU C 168 -16.53 -13.89 22.49
CA LEU C 168 -16.90 -12.62 21.85
C LEU C 168 -16.23 -12.37 20.50
N THR C 169 -15.12 -13.08 20.23
CA THR C 169 -14.38 -12.92 18.97
C THR C 169 -14.63 -14.09 18.02
N ASN C 170 -15.17 -15.19 18.53
CA ASN C 170 -15.50 -16.36 17.72
C ASN C 170 -16.98 -16.66 17.81
N ASP C 171 -17.76 -15.60 18.07
CA ASP C 171 -19.17 -15.69 18.57
C ASP C 171 -19.74 -17.11 18.80
N TRP C 172 -19.72 -17.53 20.07
CA TRP C 172 -20.23 -18.82 20.49
C TRP C 172 -21.68 -18.71 20.99
N GLY C 173 -22.16 -17.47 21.12
CA GLY C 173 -23.53 -17.14 21.52
C GLY C 173 -24.24 -17.99 22.57
N ASP C 174 -24.46 -19.26 22.23
CA ASP C 174 -25.14 -20.23 23.09
C ASP C 174 -24.38 -20.47 24.40
N LYS C 175 -23.10 -20.82 24.30
CA LYS C 175 -22.38 -21.52 25.36
C LYS C 175 -22.50 -20.90 26.76
N GLU C 176 -22.55 -21.77 27.77
CA GLU C 176 -22.56 -21.34 29.16
C GLU C 176 -21.26 -20.60 29.48
N HIS C 177 -21.36 -19.48 30.18
CA HIS C 177 -20.16 -18.70 30.52
C HIS C 177 -19.40 -19.39 31.67
N GLU C 178 -18.09 -19.56 31.50
CA GLU C 178 -17.27 -20.13 32.55
C GLU C 178 -17.02 -19.08 33.61
N ILE C 179 -17.46 -19.36 34.83
CA ILE C 179 -17.28 -18.48 36.00
C ILE C 179 -15.94 -18.80 36.71
N PRO C 180 -15.01 -17.82 36.78
CA PRO C 180 -13.74 -18.14 37.43
C PRO C 180 -13.88 -18.17 38.96
N PHE C 181 -12.91 -18.75 39.66
CA PHE C 181 -12.96 -18.78 41.13
C PHE C 181 -11.64 -18.42 41.80
N ASP C 182 -11.75 -17.83 42.98
CA ASP C 182 -10.63 -17.23 43.71
C ASP C 182 -10.15 -18.17 44.81
N ILE C 183 -8.98 -18.76 44.65
CA ILE C 183 -8.44 -19.71 45.63
C ILE C 183 -8.01 -19.05 46.95
N TYR C 184 -8.17 -17.74 47.07
CA TYR C 184 -7.89 -17.10 48.36
C TYR C 184 -8.81 -17.65 49.45
N HIS C 185 -10.03 -18.02 49.05
CA HIS C 185 -10.97 -18.65 49.95
C HIS C 185 -10.65 -20.14 50.16
N PRO C 186 -10.53 -20.56 51.44
CA PRO C 186 -10.16 -21.93 51.78
C PRO C 186 -10.96 -23.04 51.07
N ALA C 187 -12.27 -22.86 50.93
CA ALA C 187 -13.14 -23.91 50.35
C ALA C 187 -12.82 -24.12 48.84
N THR C 188 -12.82 -23.02 48.08
CA THR C 188 -12.39 -23.00 46.69
C THR C 188 -10.97 -23.54 46.55
N ARG C 189 -10.08 -23.10 47.44
CA ARG C 189 -8.72 -23.61 47.39
C ARG C 189 -8.67 -25.15 47.51
N LYS C 190 -9.41 -25.70 48.46
CA LYS C 190 -9.43 -27.17 48.67
C LYS C 190 -10.00 -27.88 47.44
N PHE C 191 -11.08 -27.35 46.87
CA PHE C 191 -11.62 -27.88 45.64
C PHE C 191 -10.58 -27.94 44.52
N VAL C 192 -9.87 -26.83 44.31
CA VAL C 192 -8.87 -26.72 43.26
C VAL C 192 -7.81 -27.80 43.40
N PHE C 193 -7.23 -27.90 44.60
CA PHE C 193 -6.20 -28.91 44.84
C PHE C 193 -6.70 -30.37 44.81
N ASP C 194 -7.92 -30.60 45.30
CA ASP C 194 -8.56 -31.94 45.23
C ASP C 194 -8.81 -32.38 43.78
N THR C 195 -9.31 -31.44 42.98
CA THR C 195 -9.58 -31.68 41.57
C THR C 195 -8.32 -31.98 40.80
N PHE C 196 -7.27 -31.21 41.09
CA PHE C 196 -5.97 -31.42 40.45
C PHE C 196 -5.37 -32.76 40.84
N GLU C 197 -5.48 -33.09 42.12
CA GLU C 197 -4.95 -34.36 42.65
C GLU C 197 -5.58 -35.52 41.87
N GLN C 198 -6.91 -35.48 41.71
CA GLN C 198 -7.65 -36.46 40.94
C GLN C 198 -7.24 -36.44 39.46
N TRP C 199 -7.08 -35.22 38.92
CA TRP C 199 -6.68 -35.05 37.53
C TRP C 199 -5.32 -35.70 37.24
N LEU C 200 -4.36 -35.51 38.14
CA LEU C 200 -3.06 -36.19 38.02
C LEU C 200 -3.22 -37.73 37.97
N LYS C 201 -4.08 -38.26 38.85
CA LYS C 201 -4.40 -39.71 38.83
C LYS C 201 -5.03 -40.11 37.48
N ASP C 202 -5.96 -39.29 36.98
CA ASP C 202 -6.65 -39.61 35.71
C ASP C 202 -5.82 -39.26 34.46
N SER C 203 -4.57 -38.84 34.62
CA SER C 203 -3.77 -38.40 33.48
C SER C 203 -2.40 -39.07 33.43
N PRO C 204 -2.36 -40.41 33.33
CA PRO C 204 -1.05 -41.07 33.34
C PRO C 204 -0.22 -40.84 32.07
N GLN C 205 -0.86 -40.55 30.94
CA GLN C 205 -0.12 -40.35 29.67
C GLN C 205 0.51 -38.94 29.53
N THR C 206 0.12 -38.02 30.43
CA THR C 206 0.58 -36.62 30.39
C THR C 206 1.96 -36.49 31.02
N ASP C 207 2.91 -35.93 30.28
CA ASP C 207 4.28 -35.79 30.79
C ASP C 207 4.57 -34.38 31.30
N VAL C 208 3.91 -33.40 30.69
CA VAL C 208 4.02 -31.97 31.05
C VAL C 208 2.64 -31.34 31.26
N VAL C 209 2.44 -30.80 32.47
CA VAL C 209 1.25 -30.04 32.80
C VAL C 209 1.54 -28.59 32.44
N ARG C 210 0.78 -28.09 31.47
CA ARG C 210 0.93 -26.72 30.95
C ARG C 210 -0.11 -25.81 31.61
N PHE C 211 0.27 -25.22 32.74
CA PHE C 211 -0.67 -24.38 33.48
C PHE C 211 -0.94 -23.07 32.71
N THR C 212 -2.21 -22.91 32.34
CA THR C 212 -2.67 -21.87 31.41
C THR C 212 -3.87 -21.14 32.04
N THR C 213 -3.62 -20.36 33.09
CA THR C 213 -2.32 -20.26 33.73
C THR C 213 -2.53 -20.64 35.19
N PHE C 214 -2.71 -19.65 36.06
CA PHE C 214 -2.88 -19.91 37.49
C PHE C 214 -4.15 -19.32 38.11
N PHE C 215 -4.00 -18.29 38.95
CA PHE C 215 -5.11 -17.87 39.88
C PHE C 215 -5.77 -16.51 39.71
N TYR C 216 -5.06 -15.56 39.10
CA TYR C 216 -5.62 -14.22 38.90
C TYR C 216 -5.37 -13.75 37.48
N GLN C 217 -6.43 -13.35 36.80
CA GLN C 217 -6.33 -12.68 35.50
C GLN C 217 -5.57 -11.35 35.65
N PHE C 218 -4.93 -10.91 34.57
CA PHE C 218 -4.43 -9.52 34.46
C PHE C 218 -5.59 -8.52 34.31
N THR C 219 -5.34 -7.26 34.66
CA THR C 219 -6.42 -6.25 34.64
C THR C 219 -7.10 -6.19 33.27
N LEU C 220 -8.41 -6.51 33.22
CA LEU C 220 -9.17 -6.48 31.97
C LEU C 220 -10.65 -6.36 32.27
N LEU C 221 -11.22 -5.27 31.81
CA LEU C 221 -12.58 -4.88 32.11
C LEU C 221 -13.23 -4.48 30.79
N PHE C 222 -14.50 -4.85 30.61
CA PHE C 222 -15.28 -4.46 29.45
C PHE C 222 -16.39 -3.49 29.86
N ASP C 223 -16.75 -2.58 28.94
CA ASP C 223 -17.81 -1.59 29.15
C ASP C 223 -19.17 -2.15 28.71
N GLU C 224 -20.23 -1.35 28.83
CA GLU C 224 -21.61 -1.82 28.58
C GLU C 224 -21.92 -2.14 27.12
N LYS C 225 -21.01 -1.75 26.22
CA LYS C 225 -21.15 -1.97 24.81
C LYS C 225 -20.33 -3.19 24.41
N ARG C 226 -19.90 -3.95 25.41
CA ARG C 226 -19.08 -5.14 25.21
C ARG C 226 -17.74 -4.82 24.54
N ARG C 227 -17.23 -3.59 24.71
CA ARG C 227 -15.85 -3.31 24.25
C ARG C 227 -14.89 -3.35 25.46
N GLU C 228 -13.61 -3.58 25.21
CA GLU C 228 -12.60 -3.43 26.24
C GLU C 228 -12.65 -2.00 26.82
N LYS C 229 -12.70 -1.90 28.14
CA LYS C 229 -12.83 -0.64 28.84
C LYS C 229 -11.49 -0.25 29.46
N VAL C 230 -10.81 -1.23 30.06
CA VAL C 230 -9.55 -1.05 30.74
C VAL C 230 -8.69 -2.29 30.58
N VAL C 231 -7.41 -2.11 30.26
CA VAL C 231 -6.48 -3.23 30.14
C VAL C 231 -5.08 -2.86 30.68
N ASP C 232 -4.49 -3.77 31.46
CA ASP C 232 -3.09 -3.71 31.88
C ASP C 232 -2.63 -5.15 31.99
N TRP C 233 -1.84 -5.60 31.01
CA TRP C 233 -1.36 -6.97 30.98
C TRP C 233 -0.49 -7.34 32.21
N PHE C 234 -0.02 -6.34 32.94
CA PHE C 234 0.81 -6.56 34.12
C PHE C 234 0.04 -6.27 35.39
N GLY C 235 -1.21 -5.83 35.27
CA GLY C 235 -1.92 -5.22 36.39
C GLY C 235 -2.60 -6.25 37.28
N CYS C 236 -2.77 -5.90 38.55
CA CYS C 236 -3.40 -6.79 39.51
C CYS C 236 -4.67 -6.21 40.14
N ALA C 237 -5.43 -5.45 39.37
CA ALA C 237 -6.76 -4.99 39.77
C ALA C 237 -7.69 -6.13 40.21
N CYS C 238 -7.68 -7.22 39.46
CA CYS C 238 -8.72 -8.25 39.63
C CYS C 238 -8.30 -9.33 40.65
N THR C 239 -7.91 -8.90 41.83
CA THR C 239 -7.25 -9.79 42.78
C THR C 239 -7.70 -9.52 44.21
N VAL C 240 -8.76 -8.73 44.39
CA VAL C 240 -9.21 -8.38 45.74
C VAL C 240 -10.35 -9.26 46.26
N SER C 241 -10.61 -9.16 47.56
CA SER C 241 -11.81 -9.71 48.19
C SER C 241 -11.90 -9.07 49.56
N PRO C 242 -13.09 -9.08 50.17
CA PRO C 242 -13.16 -8.55 51.54
C PRO C 242 -12.20 -9.29 52.53
N ARG C 243 -12.09 -10.61 52.41
CA ARG C 243 -11.16 -11.39 53.25
C ARG C 243 -9.67 -10.98 53.00
N ALA C 244 -9.20 -11.03 51.75
CA ALA C 244 -7.83 -10.61 51.42
C ALA C 244 -7.57 -9.17 51.91
N LEU C 245 -8.51 -8.26 51.67
CA LEU C 245 -8.35 -6.85 52.11
C LEU C 245 -8.17 -6.73 53.64
N ASP C 246 -9.07 -7.38 54.39
CA ASP C 246 -9.00 -7.39 55.86
C ASP C 246 -7.75 -8.06 56.38
N ASP C 247 -7.35 -9.17 55.74
CA ASP C 247 -6.12 -9.88 56.07
C ASP C 247 -4.92 -8.95 55.82
N PHE C 248 -4.96 -8.20 54.72
CA PHE C 248 -3.90 -7.24 54.42
C PHE C 248 -3.75 -6.25 55.59
N GLU C 249 -4.84 -5.64 56.03
CA GLU C 249 -4.75 -4.67 57.13
C GLU C 249 -3.96 -5.23 58.33
N ALA C 250 -4.32 -6.45 58.74
CA ALA C 250 -3.70 -7.13 59.88
C ALA C 250 -2.21 -7.40 59.68
N LYS C 251 -1.80 -7.82 58.48
CA LYS C 251 -0.38 -8.13 58.23
C LYS C 251 0.49 -6.89 58.07
N TYR C 252 -0.04 -5.83 57.46
CA TYR C 252 0.78 -4.67 57.08
C TYR C 252 0.59 -3.48 58.00
N GLY C 253 -0.42 -3.55 58.87
CA GLY C 253 -0.63 -2.55 59.90
C GLY C 253 -1.30 -1.30 59.38
N TYR C 254 -1.85 -1.34 58.17
CA TYR C 254 -2.72 -0.24 57.73
C TYR C 254 -3.79 -0.76 56.78
N ARG C 255 -4.89 -0.03 56.72
CA ARG C 255 -5.98 -0.30 55.82
C ARG C 255 -5.83 0.39 54.45
N LEU C 256 -5.79 -0.40 53.38
CA LEU C 256 -5.94 0.10 52.02
C LEU C 256 -7.28 0.80 51.78
N ARG C 257 -7.26 1.87 50.98
CA ARG C 257 -8.49 2.51 50.52
C ARG C 257 -8.85 1.85 49.19
N PRO C 258 -10.15 1.85 48.83
CA PRO C 258 -10.48 1.48 47.44
C PRO C 258 -9.67 2.33 46.44
N GLU C 259 -9.35 3.57 46.82
CA GLU C 259 -8.54 4.46 45.99
C GLU C 259 -7.17 3.89 45.62
N ASP C 260 -6.63 3.03 46.49
CA ASP C 260 -5.31 2.42 46.25
C ASP C 260 -5.35 1.43 45.10
N PHE C 261 -6.56 1.10 44.64
CA PHE C 261 -6.77 0.25 43.47
C PHE C 261 -7.35 1.01 42.29
N VAL C 262 -8.44 1.75 42.47
CA VAL C 262 -8.99 2.47 41.29
C VAL C 262 -8.03 3.57 40.82
N ASP C 263 -7.25 4.08 41.76
CA ASP C 263 -6.14 4.98 41.42
C ASP C 263 -6.63 6.15 40.54
N GLY C 264 -7.70 6.84 40.98
CA GLY C 264 -8.29 7.99 40.25
C GLY C 264 -8.84 7.68 38.87
N GLY C 265 -8.99 6.40 38.56
CA GLY C 265 -9.35 5.99 37.21
C GLY C 265 -8.23 5.38 36.40
N ALA C 266 -6.99 5.45 36.89
CA ALA C 266 -5.82 4.82 36.20
C ALA C 266 -5.70 3.31 36.42
N TYR C 267 -6.27 2.83 37.54
CA TYR C 267 -6.29 1.41 37.88
C TYR C 267 -4.87 0.82 38.00
N ASN C 268 -3.94 1.58 38.58
CA ASN C 268 -2.57 1.09 38.80
C ASN C 268 -1.86 0.55 37.56
N SER C 269 -2.09 1.19 36.43
CA SER C 269 -1.34 1.02 35.19
C SER C 269 0.18 0.98 35.50
N ALA C 270 0.93 0.09 34.84
CA ALA C 270 2.40 -0.02 34.99
C ALA C 270 3.16 1.28 34.70
N TRP C 271 2.50 2.23 34.04
CA TRP C 271 3.09 3.53 33.70
C TRP C 271 3.02 4.48 34.88
N ARG C 272 2.19 4.17 35.86
CA ARG C 272 2.07 5.00 37.05
C ARG C 272 3.29 4.75 37.93
N VAL C 273 3.88 5.79 38.50
CA VAL C 273 4.94 5.61 39.50
C VAL C 273 4.33 4.88 40.73
N PRO C 274 4.81 3.66 41.06
CA PRO C 274 4.20 2.92 42.16
C PRO C 274 4.52 3.57 43.51
N ARG C 275 3.50 3.70 44.36
CA ARG C 275 3.71 4.06 45.76
C ARG C 275 3.72 2.79 46.63
N LYS C 276 3.86 3.01 47.93
CA LYS C 276 3.95 1.92 48.87
C LYS C 276 2.73 0.99 48.85
N ALA C 277 1.52 1.54 48.75
CA ALA C 277 0.33 0.68 48.72
C ALA C 277 0.36 -0.25 47.49
N GLN C 278 0.82 0.23 46.35
CA GLN C 278 0.93 -0.70 45.20
C GLN C 278 2.04 -1.73 45.39
N ARG C 279 3.16 -1.35 46.02
CA ARG C 279 4.23 -2.34 46.24
C ARG C 279 3.83 -3.40 47.29
N ASP C 280 3.19 -2.91 48.36
CA ASP C 280 2.75 -3.80 49.40
C ASP C 280 1.75 -4.80 48.84
N TRP C 281 0.77 -4.35 48.07
CA TRP C 281 -0.18 -5.28 47.43
C TRP C 281 0.53 -6.33 46.58
N ILE C 282 1.44 -5.87 45.74
CA ILE C 282 2.26 -6.77 44.92
C ILE C 282 2.93 -7.83 45.79
N ASP C 283 3.55 -7.41 46.89
CA ASP C 283 4.21 -8.35 47.81
C ASP C 283 3.24 -9.32 48.49
N PHE C 284 2.11 -8.78 48.97
CA PHE C 284 1.08 -9.59 49.62
C PHE C 284 0.53 -10.69 48.69
N LEU C 285 0.04 -10.27 47.53
CA LEU C 285 -0.60 -11.16 46.56
C LEU C 285 0.39 -12.14 45.99
N SER C 286 1.57 -11.62 45.67
CA SER C 286 2.65 -12.46 45.17
C SER C 286 3.08 -13.58 46.15
N GLY C 287 3.25 -13.24 47.44
CA GLY C 287 3.59 -14.27 48.44
C GLY C 287 2.61 -15.44 48.41
N PHE C 288 1.32 -15.09 48.35
CA PHE C 288 0.21 -16.06 48.30
C PHE C 288 0.19 -16.88 47.01
N VAL C 289 0.26 -16.20 45.89
CA VAL C 289 0.27 -16.85 44.58
C VAL C 289 1.41 -17.83 44.54
N ARG C 290 2.58 -17.36 44.96
CA ARG C 290 3.80 -18.18 44.90
C ARG C 290 3.68 -19.49 45.70
N GLU C 291 3.23 -19.42 46.94
CA GLU C 291 3.08 -20.66 47.74
C GLU C 291 2.16 -21.67 47.07
N ASN C 292 1.14 -21.17 46.38
CA ASN C 292 0.18 -22.02 45.74
C ASN C 292 0.62 -22.58 44.40
N VAL C 293 1.43 -21.82 43.67
CA VAL C 293 2.07 -22.32 42.47
C VAL C 293 3.09 -23.40 42.87
N LYS C 294 3.85 -23.13 43.95
CA LYS C 294 4.82 -24.12 44.40
C LYS C 294 4.11 -25.44 44.73
N GLN C 295 2.92 -25.36 45.34
CA GLN C 295 2.19 -26.57 45.66
C GLN C 295 1.75 -27.34 44.40
N LEU C 296 1.26 -26.63 43.39
CA LEU C 296 0.94 -27.28 42.12
C LEU C 296 2.14 -27.99 41.47
N ALA C 297 3.29 -27.31 41.50
CA ALA C 297 4.56 -27.83 40.98
C ALA C 297 5.03 -29.07 41.70
N ASP C 298 4.99 -29.04 43.03
CA ASP C 298 5.32 -30.20 43.89
C ASP C 298 4.40 -31.37 43.62
N MET C 299 3.10 -31.10 43.48
CA MET C 299 2.13 -32.14 43.17
C MET C 299 2.37 -32.75 41.80
N SER C 300 2.77 -31.92 40.83
CA SER C 300 3.04 -32.44 39.49
C SER C 300 4.27 -33.34 39.52
N HIS C 301 5.33 -32.88 40.18
CA HIS C 301 6.55 -33.66 40.26
C HIS C 301 6.32 -35.00 40.97
N ALA C 302 5.61 -34.96 42.11
CA ALA C 302 5.29 -36.19 42.83
C ALA C 302 4.55 -37.22 41.95
N ALA C 303 3.83 -36.74 40.93
CA ALA C 303 3.20 -37.61 39.93
C ALA C 303 4.12 -37.94 38.73
N GLY C 304 5.40 -37.58 38.82
CA GLY C 304 6.36 -37.80 37.73
C GLY C 304 6.15 -36.92 36.50
N LYS C 305 5.61 -35.72 36.72
CA LYS C 305 5.29 -34.80 35.64
C LYS C 305 6.07 -33.50 35.81
N GLU C 306 6.44 -32.86 34.69
CA GLU C 306 6.98 -31.50 34.71
C GLU C 306 5.83 -30.49 34.88
N ALA C 307 6.16 -29.33 35.45
CA ALA C 307 5.24 -28.21 35.61
C ALA C 307 5.66 -26.98 34.77
N MET C 308 4.77 -26.55 33.87
CA MET C 308 5.05 -25.53 32.86
C MET C 308 4.00 -24.43 32.98
N MET C 309 4.49 -23.18 32.99
CA MET C 309 3.68 -21.99 33.15
C MET C 309 3.55 -21.26 31.81
N PHE C 310 2.33 -20.92 31.41
CA PHE C 310 2.11 -20.03 30.26
C PHE C 310 2.23 -18.57 30.74
N LEU C 311 3.14 -17.82 30.11
CA LEU C 311 3.35 -16.43 30.47
C LEU C 311 2.23 -15.59 29.83
N GLY C 312 1.07 -15.59 30.47
CA GLY C 312 -0.11 -14.89 29.93
C GLY C 312 -1.33 -15.43 30.66
N ASP C 313 -2.52 -15.12 30.16
CA ASP C 313 -3.76 -15.43 30.84
C ASP C 313 -3.67 -15.11 32.35
N GLN C 314 -4.02 -16.05 33.23
CA GLN C 314 -4.08 -15.75 34.67
C GLN C 314 -2.70 -15.84 35.33
N TRP C 315 -1.78 -15.02 34.83
CA TRP C 315 -0.40 -15.07 35.26
C TRP C 315 -0.06 -14.13 36.41
N ILE C 316 -1.03 -13.34 36.84
CA ILE C 316 -0.69 -12.28 37.82
C ILE C 316 -0.25 -12.83 39.18
N GLY C 317 0.82 -12.25 39.74
CA GLY C 317 1.28 -12.58 41.08
C GLY C 317 2.45 -13.57 41.11
N THR C 318 2.73 -14.20 39.95
CA THR C 318 3.90 -15.05 39.81
C THR C 318 5.23 -14.25 39.93
N GLU C 319 5.26 -13.03 39.40
CA GLU C 319 6.46 -12.18 39.40
C GLU C 319 7.73 -12.93 38.98
N PRO C 320 7.81 -13.39 37.72
CA PRO C 320 8.88 -14.25 37.25
C PRO C 320 10.28 -13.66 37.38
N TYR C 321 10.37 -12.33 37.35
CA TYR C 321 11.64 -11.60 37.45
C TYR C 321 12.00 -11.17 38.88
N LYS C 322 11.07 -11.28 39.82
CA LYS C 322 11.40 -11.01 41.22
C LYS C 322 12.19 -12.16 41.82
N ASP C 323 13.05 -11.86 42.80
CA ASP C 323 13.88 -12.90 43.46
C ASP C 323 13.02 -14.00 44.08
N GLY C 324 13.52 -15.23 44.10
CA GLY C 324 12.79 -16.33 44.72
C GLY C 324 11.86 -17.06 43.77
N PHE C 325 11.71 -16.56 42.55
CA PHE C 325 10.93 -17.28 41.56
C PHE C 325 11.46 -18.73 41.42
N ASP C 326 12.79 -18.87 41.47
CA ASP C 326 13.42 -20.20 41.38
C ASP C 326 12.89 -21.20 42.44
N GLU C 327 12.43 -20.67 43.56
CA GLU C 327 11.94 -21.48 44.67
C GLU C 327 10.62 -22.21 44.37
N LEU C 328 9.88 -21.77 43.35
CA LEU C 328 8.68 -22.50 42.96
C LEU C 328 9.03 -23.85 42.32
N GLY C 329 10.24 -23.94 41.77
CA GLY C 329 10.69 -25.18 41.09
C GLY C 329 9.94 -25.50 39.80
N LEU C 330 9.40 -24.47 39.16
CA LEU C 330 8.77 -24.63 37.86
C LEU C 330 9.82 -25.09 36.87
N ASP C 331 9.48 -26.11 36.08
CA ASP C 331 10.38 -26.59 35.04
C ASP C 331 10.52 -25.61 33.88
N ALA C 332 9.41 -25.01 33.45
CA ALA C 332 9.47 -24.17 32.25
C ALA C 332 8.48 -23.01 32.20
N VAL C 333 8.86 -21.99 31.43
CA VAL C 333 7.90 -20.97 30.98
C VAL C 333 7.73 -21.09 29.46
N VAL C 334 6.46 -21.13 29.01
CA VAL C 334 6.13 -20.98 27.58
C VAL C 334 5.38 -19.65 27.38
N GLY C 335 5.66 -18.97 26.26
CA GLY C 335 4.99 -17.69 25.99
C GLY C 335 4.78 -17.47 24.51
N SER C 336 3.98 -16.47 24.16
CA SER C 336 3.73 -16.10 22.77
C SER C 336 4.82 -15.20 22.20
N ILE C 337 5.32 -15.57 21.04
CA ILE C 337 6.33 -14.75 20.39
C ILE C 337 5.62 -13.71 19.53
N GLY C 338 5.64 -12.45 19.98
CA GLY C 338 4.99 -11.38 19.24
C GLY C 338 6.00 -10.53 18.49
N ASP C 339 7.24 -10.52 18.98
CA ASP C 339 8.32 -9.64 18.49
C ASP C 339 9.61 -9.89 19.30
N GLY C 340 10.66 -9.11 19.05
CA GLY C 340 11.91 -9.27 19.78
C GLY C 340 11.72 -9.07 21.28
N THR C 341 11.04 -7.97 21.64
CA THR C 341 10.82 -7.59 23.04
C THR C 341 10.13 -8.70 23.80
N THR C 342 9.08 -9.29 23.19
CA THR C 342 8.28 -10.30 23.89
C THR C 342 9.02 -11.65 23.94
N THR C 343 9.90 -11.88 22.97
CA THR C 343 10.82 -13.03 22.97
C THR C 343 11.80 -12.97 24.19
N ARG C 344 12.43 -11.81 24.38
CA ARG C 344 13.31 -11.58 25.53
C ARG C 344 12.58 -11.68 26.86
N MET C 345 11.33 -11.21 26.88
CA MET C 345 10.52 -11.28 28.07
C MET C 345 10.47 -12.74 28.56
N ILE C 346 10.34 -13.69 27.63
CA ILE C 346 10.36 -15.14 27.95
C ILE C 346 11.78 -15.63 28.24
N ALA C 347 12.69 -15.36 27.30
CA ALA C 347 14.05 -15.86 27.31
C ALA C 347 14.82 -15.53 28.57
N ASP C 348 14.68 -14.29 29.05
CA ASP C 348 15.48 -13.79 30.15
C ASP C 348 15.03 -14.23 31.56
N ILE C 349 13.87 -14.89 31.69
CA ILE C 349 13.35 -15.33 33.01
C ILE C 349 14.33 -16.25 33.74
N PRO C 350 14.76 -15.86 34.95
CA PRO C 350 15.61 -16.75 35.76
C PRO C 350 14.81 -17.79 36.56
N GLY C 351 15.48 -18.89 36.89
CA GLY C 351 14.89 -19.84 37.84
C GLY C 351 13.88 -20.86 37.33
N VAL C 352 13.90 -21.11 36.01
CA VAL C 352 13.26 -22.27 35.39
C VAL C 352 14.31 -23.10 34.63
N LYS C 353 13.99 -24.33 34.27
CA LYS C 353 14.99 -25.22 33.66
C LYS C 353 15.05 -25.02 32.17
N TYR C 354 13.92 -24.72 31.56
CA TYR C 354 13.94 -24.35 30.14
C TYR C 354 12.81 -23.40 29.75
N THR C 355 12.90 -22.84 28.55
CA THR C 355 11.91 -21.87 28.07
C THR C 355 11.43 -22.28 26.69
N GLU C 356 10.23 -21.87 26.35
CA GLU C 356 9.63 -22.26 25.10
C GLU C 356 8.87 -21.09 24.46
N GLY C 357 9.05 -20.92 23.16
CA GLY C 357 8.28 -19.93 22.41
C GLY C 357 7.16 -20.58 21.59
N ARG C 358 5.99 -19.95 21.62
CA ARG C 358 4.89 -20.29 20.70
C ARG C 358 4.97 -19.30 19.51
N PHE C 359 5.41 -19.80 18.36
CA PHE C 359 5.61 -18.91 17.22
C PHE C 359 4.32 -18.68 16.44
N LEU C 360 4.35 -17.70 15.54
CA LEU C 360 3.19 -17.35 14.72
C LEU C 360 3.45 -17.71 13.25
N PRO C 361 2.38 -17.87 12.44
CA PRO C 361 0.96 -17.73 12.78
C PRO C 361 0.35 -18.92 13.52
N TYR C 362 -0.65 -18.61 14.33
CA TYR C 362 -1.59 -19.61 14.83
C TYR C 362 -2.16 -20.36 13.62
N PHE C 363 -2.31 -21.69 13.73
CA PHE C 363 -2.93 -22.47 12.64
C PHE C 363 -4.45 -22.29 12.64
N PHE C 364 -4.91 -21.20 12.03
CA PHE C 364 -6.30 -20.74 12.11
C PHE C 364 -6.74 -20.14 10.76
N PRO C 365 -8.08 -20.18 10.46
CA PRO C 365 -8.64 -19.71 9.18
C PRO C 365 -8.46 -18.24 8.82
N ASP C 366 -8.08 -17.40 9.79
CA ASP C 366 -7.94 -15.98 9.53
C ASP C 366 -6.67 -15.66 8.70
N THR C 367 -5.67 -16.53 8.78
CA THR C 367 -4.49 -16.45 7.91
C THR C 367 -4.36 -17.69 7.00
N PHE C 368 -4.85 -18.83 7.45
CA PHE C 368 -4.80 -20.04 6.63
C PHE C 368 -6.06 -20.16 5.76
N TYR C 369 -6.07 -19.38 4.67
CA TYR C 369 -7.18 -19.39 3.74
C TYR C 369 -6.73 -19.37 2.29
N GLU C 370 -7.47 -20.09 1.45
CA GLU C 370 -7.31 -20.10 0.00
C GLU C 370 -6.86 -18.74 -0.52
N GLY C 371 -5.72 -18.72 -1.19
CA GLY C 371 -5.17 -17.47 -1.69
C GLY C 371 -3.93 -17.03 -0.93
N ASN C 372 -4.05 -16.98 0.40
CA ASN C 372 -3.00 -16.44 1.28
C ASN C 372 -1.73 -17.29 1.38
N ASP C 373 -0.60 -16.62 1.65
CA ASP C 373 0.72 -17.26 1.78
C ASP C 373 1.20 -17.01 3.22
N PRO C 374 0.94 -17.95 4.14
CA PRO C 374 1.28 -17.77 5.56
C PRO C 374 2.76 -17.99 5.85
N SER C 375 3.48 -18.52 4.87
CA SER C 375 4.92 -18.69 5.03
C SER C 375 5.64 -17.33 5.23
N ILE C 376 5.08 -16.26 4.67
CA ILE C 376 5.62 -14.91 4.83
C ILE C 376 5.52 -14.49 6.29
N GLU C 377 4.32 -14.61 6.86
CA GLU C 377 4.13 -14.35 8.27
C GLU C 377 5.02 -15.25 9.15
N GLY C 378 5.18 -16.52 8.77
CA GLY C 378 6.00 -17.46 9.52
C GLY C 378 7.46 -17.02 9.62
N LEU C 379 8.00 -16.57 8.50
CA LEU C 379 9.39 -16.12 8.46
C LEU C 379 9.54 -14.78 9.17
N ASP C 380 8.57 -13.89 8.98
CA ASP C 380 8.54 -12.61 9.66
C ASP C 380 8.68 -12.78 11.18
N ASN C 381 7.75 -13.55 11.75
CA ASN C 381 7.79 -13.89 13.17
C ASN C 381 9.13 -14.52 13.59
N TRP C 382 9.64 -15.49 12.81
CA TRP C 382 10.95 -16.12 13.11
C TRP C 382 12.15 -15.13 13.08
N ARG C 383 12.17 -14.22 12.12
CA ARG C 383 13.28 -13.27 12.03
C ARG C 383 13.31 -12.34 13.25
N LYS C 384 12.14 -11.81 13.61
CA LYS C 384 12.00 -10.92 14.78
C LYS C 384 12.42 -11.60 16.10
N ALA C 385 12.12 -12.89 16.24
CA ALA C 385 12.49 -13.64 17.44
C ALA C 385 13.98 -14.06 17.41
N ARG C 386 14.46 -14.40 16.22
CA ARG C 386 15.83 -14.91 16.01
C ARG C 386 16.90 -13.92 16.42
N ARG C 387 16.75 -12.65 16.05
CA ARG C 387 17.74 -11.65 16.44
C ARG C 387 17.86 -11.49 17.96
N ALA C 388 16.76 -11.74 18.67
CA ALA C 388 16.73 -11.74 20.13
C ALA C 388 17.25 -13.06 20.78
N ILE C 389 16.93 -14.19 20.16
CA ILE C 389 17.40 -15.51 20.63
C ILE C 389 18.92 -15.63 20.65
N LEU C 390 19.58 -15.04 19.66
CA LEU C 390 21.07 -14.99 19.65
C LEU C 390 21.63 -14.29 20.87
N ARG C 391 20.88 -13.31 21.37
CA ARG C 391 21.32 -12.52 22.50
C ARG C 391 20.93 -13.25 23.78
N SER C 392 19.81 -13.98 23.72
CA SER C 392 19.32 -14.69 24.88
C SER C 392 18.48 -15.88 24.44
N PRO C 393 19.11 -17.08 24.36
CA PRO C 393 18.51 -18.30 23.79
C PRO C 393 17.26 -18.79 24.51
N ILE C 394 16.27 -19.25 23.73
CA ILE C 394 15.17 -19.99 24.31
C ILE C 394 15.34 -21.48 23.94
N SER C 395 14.95 -22.34 24.87
CA SER C 395 15.22 -23.77 24.79
C SER C 395 14.40 -24.44 23.69
N ARG C 396 13.15 -24.00 23.49
CA ARG C 396 12.25 -24.75 22.63
C ARG C 396 11.32 -23.85 21.83
N MET C 397 10.85 -24.40 20.71
CA MET C 397 9.88 -23.68 19.91
C MET C 397 8.62 -24.52 19.70
N GLY C 398 7.62 -23.93 19.06
CA GLY C 398 6.40 -24.67 18.75
C GLY C 398 5.32 -23.80 18.16
N TYR C 399 4.24 -24.44 17.68
CA TYR C 399 3.08 -23.73 17.15
C TYR C 399 1.81 -24.30 17.78
N GLY C 400 0.70 -23.59 17.65
CA GLY C 400 -0.58 -24.05 18.21
C GLY C 400 -1.67 -23.89 17.16
N GLY C 401 -2.85 -24.50 17.40
CA GLY C 401 -3.97 -24.44 16.44
C GLY C 401 -4.28 -25.78 15.78
N TYR C 402 -4.82 -25.74 14.56
CA TYR C 402 -5.16 -26.97 13.83
C TYR C 402 -4.07 -27.44 12.88
N LEU C 403 -3.46 -28.58 13.22
CA LEU C 403 -2.42 -29.18 12.40
C LEU C 403 -2.90 -29.51 10.97
N SER C 404 -4.20 -29.75 10.83
CA SER C 404 -4.81 -30.13 9.55
C SER C 404 -5.04 -28.95 8.61
N LEU C 405 -5.26 -27.77 9.19
CA LEU C 405 -5.35 -26.51 8.43
C LEU C 405 -4.06 -26.15 7.70
N ALA C 406 -2.94 -26.35 8.39
CA ALA C 406 -1.63 -25.97 7.87
C ALA C 406 -1.12 -27.03 6.90
N ALA C 407 -1.52 -28.28 7.17
CA ALA C 407 -1.13 -29.40 6.32
C ALA C 407 -1.57 -29.22 4.87
N LYS C 408 -2.53 -28.32 4.64
CA LYS C 408 -3.06 -28.03 3.31
C LYS C 408 -2.27 -26.91 2.61
N PHE C 409 -1.20 -26.46 3.26
CA PHE C 409 -0.35 -25.41 2.71
C PHE C 409 1.06 -25.93 2.65
N PRO C 410 1.42 -26.67 1.58
CA PRO C 410 2.71 -27.34 1.49
C PRO C 410 3.92 -26.39 1.56
N LYS C 411 3.79 -25.14 1.12
CA LYS C 411 4.90 -24.20 1.18
C LYS C 411 5.22 -23.83 2.64
N PHE C 412 4.18 -23.52 3.40
CA PHE C 412 4.28 -23.24 4.82
C PHE C 412 4.89 -24.41 5.59
N VAL C 413 4.46 -25.63 5.25
CA VAL C 413 4.97 -26.84 5.89
C VAL C 413 6.49 -26.98 5.70
N ASP C 414 7.00 -26.60 4.52
CA ASP C 414 8.45 -26.60 4.23
C ASP C 414 9.13 -25.48 5.01
N THR C 415 8.45 -24.34 5.06
CA THR C 415 8.93 -23.21 5.84
C THR C 415 9.20 -23.60 7.31
N VAL C 416 8.24 -24.26 7.94
CA VAL C 416 8.41 -24.73 9.30
C VAL C 416 9.55 -25.71 9.45
N THR C 417 9.70 -26.65 8.50
CA THR C 417 10.87 -27.54 8.45
C THR C 417 12.19 -26.74 8.50
N HIS C 418 12.27 -25.70 7.69
CA HIS C 418 13.42 -24.83 7.65
C HIS C 418 13.63 -24.13 9.01
N ILE C 419 12.57 -23.52 9.55
CA ILE C 419 12.69 -22.82 10.83
C ILE C 419 13.13 -23.76 11.97
N ALA C 420 12.37 -24.84 12.18
CA ALA C 420 12.75 -25.88 13.14
C ALA C 420 14.23 -26.24 13.00
N ASN C 421 14.68 -26.51 11.77
CA ASN C 421 16.05 -26.95 11.54
C ASN C 421 17.06 -25.88 11.89
N GLU C 422 16.79 -24.65 11.46
CA GLU C 422 17.64 -23.52 11.84
C GLU C 422 17.65 -23.29 13.37
N PHE C 423 16.48 -23.30 13.99
CA PHE C 423 16.38 -23.14 15.45
C PHE C 423 17.34 -24.14 16.12
N ARG C 424 17.22 -25.40 15.72
CA ARG C 424 18.04 -26.46 16.23
C ARG C 424 19.49 -26.25 15.87
N ASP C 425 19.76 -25.77 14.65
CA ASP C 425 21.16 -25.61 14.23
C ASP C 425 21.88 -24.56 15.06
N ILE C 426 21.17 -23.48 15.38
CA ILE C 426 21.71 -22.44 16.28
C ILE C 426 22.09 -23.03 17.65
N HIS C 427 21.20 -23.83 18.25
CA HIS C 427 21.54 -24.47 19.54
C HIS C 427 22.82 -25.28 19.45
N ASP C 428 22.94 -26.08 18.39
CA ASP C 428 24.01 -27.09 18.32
C ASP C 428 25.37 -26.48 18.07
N ARG C 429 25.38 -25.36 17.35
CA ARG C 429 26.63 -24.68 17.08
C ARG C 429 27.07 -23.86 18.29
N THR C 430 26.11 -23.39 19.07
CA THR C 430 26.43 -22.41 20.11
C THR C 430 26.33 -22.99 21.50
N GLY C 431 25.82 -24.23 21.59
CA GLY C 431 25.58 -24.89 22.86
C GLY C 431 24.55 -24.18 23.71
N GLY C 432 23.71 -23.36 23.08
CA GLY C 432 22.68 -22.62 23.81
C GLY C 432 23.23 -21.48 24.65
N VAL C 433 24.42 -21.01 24.30
CA VAL C 433 25.09 -19.94 25.00
C VAL C 433 24.70 -18.62 24.32
N ALA C 434 24.53 -17.56 25.11
CA ALA C 434 24.23 -16.21 24.57
C ALA C 434 25.43 -15.68 23.79
N ALA C 435 25.17 -14.93 22.72
CA ALA C 435 26.23 -14.19 22.01
C ALA C 435 26.99 -13.23 22.92
N GLU C 436 28.26 -12.99 22.61
CA GLU C 436 29.05 -11.96 23.28
C GLU C 436 28.41 -10.58 23.13
N GLY C 437 28.18 -9.90 24.26
CA GLY C 437 27.72 -8.51 24.28
C GLY C 437 28.90 -7.55 24.30
N GLU C 438 28.86 -6.54 23.44
CA GLU C 438 29.98 -5.62 23.27
C GLU C 438 29.93 -4.41 24.23
N LEU C 439 28.77 -4.19 24.84
CA LEU C 439 28.61 -3.17 25.87
C LEU C 439 27.60 -3.70 26.86
N ASN C 440 27.60 -3.07 28.04
CA ASN C 440 26.63 -3.32 29.10
C ASN C 440 25.74 -2.10 29.29
N VAL C 441 24.45 -2.31 29.03
CA VAL C 441 23.48 -1.25 28.96
C VAL C 441 22.45 -1.53 30.05
N ALA C 442 22.10 -0.50 30.82
CA ALA C 442 21.09 -0.64 31.85
C ALA C 442 19.92 0.33 31.57
N ILE C 443 18.71 -0.19 31.55
CA ILE C 443 17.53 0.65 31.49
C ILE C 443 17.14 0.95 32.93
N LEU C 444 17.07 2.23 33.26
CA LEU C 444 16.78 2.69 34.59
C LEU C 444 15.35 3.26 34.64
N ASN C 445 14.52 2.72 35.53
CA ASN C 445 13.14 3.17 35.72
C ASN C 445 12.70 2.84 37.15
N SER C 446 11.44 3.11 37.49
CA SER C 446 10.93 2.81 38.83
C SER C 446 10.88 1.33 39.17
N TRP C 447 10.71 0.47 38.19
CA TRP C 447 10.43 -0.97 38.46
C TRP C 447 11.68 -1.84 38.50
N GLY C 448 12.59 -1.57 37.56
CA GLY C 448 13.81 -2.32 37.40
C GLY C 448 13.51 -3.69 36.87
N LYS C 449 14.28 -4.65 37.36
CA LYS C 449 14.28 -6.03 36.88
C LYS C 449 12.91 -6.72 36.93
N MET C 450 12.10 -6.45 37.94
CA MET C 450 10.77 -7.11 38.02
C MET C 450 9.91 -6.83 36.78
N ARG C 451 10.18 -5.74 36.07
CA ARG C 451 9.45 -5.47 34.83
C ARG C 451 10.37 -5.54 33.61
N SER C 452 11.31 -6.48 33.62
CA SER C 452 12.24 -6.63 32.51
C SER C 452 11.47 -6.90 31.26
N TRP C 453 11.78 -6.13 30.21
CA TRP C 453 11.17 -6.24 28.88
C TRP C 453 9.66 -5.93 28.91
N MET C 454 9.19 -5.33 30.01
CA MET C 454 7.77 -5.06 30.19
C MET C 454 7.48 -3.57 30.28
N ALA C 455 8.49 -2.75 30.00
CA ALA C 455 8.30 -1.31 29.99
C ALA C 455 7.58 -0.85 28.72
N PHE C 456 6.92 0.31 28.81
CA PHE C 456 6.29 0.94 27.66
C PHE C 456 5.18 0.10 27.00
N THR C 457 4.50 -0.71 27.80
CA THR C 457 3.50 -1.64 27.31
C THR C 457 2.17 -1.43 28.07
N VAL C 458 1.05 -1.62 27.37
CA VAL C 458 -0.26 -1.58 27.98
C VAL C 458 -0.86 -2.96 27.72
N ALA C 459 -1.04 -3.29 26.44
CA ALA C 459 -1.47 -4.63 26.06
C ALA C 459 -0.31 -5.33 25.34
N HIS C 460 -0.26 -6.66 25.45
CA HIS C 460 0.88 -7.47 24.95
C HIS C 460 1.18 -7.28 23.44
N ALA C 461 2.41 -6.85 23.11
CA ALA C 461 2.89 -6.78 21.72
C ALA C 461 2.05 -5.89 20.81
N LEU C 462 1.43 -4.84 21.36
CA LEU C 462 0.57 -3.95 20.57
C LEU C 462 0.89 -2.47 20.80
N PRO C 463 2.06 -1.99 20.30
CA PRO C 463 2.42 -0.58 20.56
C PRO C 463 1.51 0.36 19.78
N ASN C 464 1.28 1.55 20.29
CA ASN C 464 0.27 2.42 19.71
C ASN C 464 0.83 3.83 19.65
N LYS C 465 0.01 4.80 19.27
CA LYS C 465 0.48 6.19 19.12
C LYS C 465 1.21 6.68 20.37
N GLN C 466 0.67 6.30 21.54
CA GLN C 466 1.19 6.81 22.79
C GLN C 466 2.46 6.07 23.23
N THR C 467 2.70 4.87 22.69
CA THR C 467 3.79 4.06 23.22
C THR C 467 4.93 3.83 22.24
N TYR C 468 4.64 3.82 20.95
CA TYR C 468 5.61 3.33 19.97
C TYR C 468 6.97 4.09 19.95
N SER C 469 6.97 5.37 20.34
CA SER C 469 8.22 6.17 20.36
C SER C 469 9.19 5.74 21.45
N TYR C 470 8.67 4.99 22.44
CA TYR C 470 9.46 4.44 23.54
C TYR C 470 9.60 2.92 23.49
N TYR C 471 8.51 2.21 23.20
CA TYR C 471 8.62 0.76 22.98
C TYR C 471 9.74 0.48 21.95
N GLY C 472 9.95 1.40 20.99
CA GLY C 472 10.96 1.21 19.94
C GLY C 472 12.37 1.00 20.51
N ILE C 473 12.61 1.54 21.69
CA ILE C 473 13.90 1.43 22.38
C ILE C 473 14.12 -0.04 22.77
N LEU C 474 13.07 -0.67 23.30
CA LEU C 474 13.14 -2.06 23.74
C LEU C 474 13.28 -2.94 22.51
N GLU C 475 12.46 -2.70 21.49
CA GLU C 475 12.52 -3.55 20.29
C GLU C 475 13.92 -3.54 19.65
N SER C 476 14.53 -2.35 19.60
CA SER C 476 15.90 -2.16 19.10
C SER C 476 16.95 -2.98 19.85
N LEU C 477 16.84 -2.94 21.18
CA LEU C 477 17.82 -3.56 22.07
C LEU C 477 17.62 -5.07 22.20
N SER C 478 16.38 -5.55 22.03
CA SER C 478 16.06 -6.97 22.21
C SER C 478 17.00 -7.87 21.40
N GLY C 479 17.37 -7.41 20.21
CA GLY C 479 18.27 -8.20 19.36
C GLY C 479 19.61 -7.55 19.05
N MET C 480 19.94 -6.49 19.80
CA MET C 480 21.21 -5.75 19.62
C MET C 480 22.41 -6.46 20.30
N ARG C 481 23.61 -6.30 19.73
CA ARG C 481 24.83 -6.95 20.21
C ARG C 481 25.45 -6.33 21.48
N VAL C 482 24.59 -6.00 22.44
CA VAL C 482 25.03 -5.48 23.76
C VAL C 482 24.30 -6.31 24.84
N ASN C 483 24.75 -6.23 26.11
CA ASN C 483 24.06 -6.86 27.25
C ASN C 483 23.08 -5.86 27.88
N VAL C 484 21.82 -6.28 27.99
CA VAL C 484 20.80 -5.37 28.49
C VAL C 484 20.36 -5.89 29.83
N ARG C 485 20.28 -5.00 30.83
CA ARG C 485 19.68 -5.32 32.14
C ARG C 485 18.72 -4.16 32.51
N PHE C 486 17.83 -4.42 33.46
CA PHE C 486 16.85 -3.42 33.95
C PHE C 486 17.12 -3.16 35.41
N ILE C 487 17.27 -1.90 35.76
CA ILE C 487 17.52 -1.52 37.15
C ILE C 487 16.53 -0.44 37.64
N SER C 488 16.42 -0.28 38.95
CA SER C 488 15.47 0.64 39.56
C SER C 488 16.17 1.75 40.30
N PHE C 489 15.50 2.89 40.42
CA PHE C 489 15.92 3.97 41.29
C PHE C 489 16.24 3.51 42.70
N ASP C 490 15.44 2.60 43.26
CA ASP C 490 15.80 2.01 44.58
C ASP C 490 17.18 1.30 44.58
N ASP C 491 17.46 0.52 43.53
CA ASP C 491 18.73 -0.19 43.38
C ASP C 491 19.86 0.85 43.44
N VAL C 492 19.67 1.91 42.66
CA VAL C 492 20.68 2.93 42.50
C VAL C 492 20.88 3.73 43.80
N LEU C 493 19.78 4.15 44.45
CA LEU C 493 19.92 4.83 45.72
C LEU C 493 20.57 3.96 46.81
N ALA C 494 20.19 2.68 46.85
CA ALA C 494 20.76 1.77 47.83
C ALA C 494 22.23 1.34 47.58
N HIS C 495 22.61 1.15 46.32
CA HIS C 495 23.93 0.57 46.01
C HIS C 495 24.77 1.40 45.04
N GLY C 496 24.26 2.51 44.55
CA GLY C 496 24.94 3.23 43.48
C GLY C 496 24.89 2.45 42.16
N ILE C 497 25.72 2.87 41.20
CA ILE C 497 25.69 2.30 39.85
C ILE C 497 26.76 1.22 39.73
N ASP C 498 26.36 -0.01 39.39
CA ASP C 498 27.32 -1.12 39.24
C ASP C 498 28.44 -0.74 38.30
N SER C 499 29.67 -1.11 38.70
CA SER C 499 30.86 -0.64 37.98
C SER C 499 31.06 -1.28 36.60
N ASP C 500 30.30 -2.32 36.26
CA ASP C 500 30.43 -2.90 34.90
C ASP C 500 29.51 -2.24 33.85
N ILE C 501 28.66 -1.31 34.28
CA ILE C 501 27.74 -0.64 33.36
C ILE C 501 28.44 0.40 32.49
N ASP C 502 28.20 0.32 31.19
CA ASP C 502 28.69 1.30 30.21
C ASP C 502 27.73 2.47 29.96
N VAL C 503 26.44 2.17 29.87
CA VAL C 503 25.44 3.15 29.49
C VAL C 503 24.19 2.95 30.32
N ILE C 504 23.66 4.07 30.81
CA ILE C 504 22.31 4.08 31.35
C ILE C 504 21.34 4.78 30.39
N ILE C 505 20.19 4.15 30.19
CA ILE C 505 19.10 4.75 29.42
C ILE C 505 17.94 5.06 30.35
N ASN C 506 17.38 6.25 30.18
CA ASN C 506 16.19 6.65 30.94
C ASN C 506 15.28 7.30 29.92
N GLY C 507 14.08 6.76 29.79
CA GLY C 507 13.21 7.24 28.73
C GLY C 507 11.74 7.25 29.10
N GLY C 508 11.02 8.10 28.41
CA GLY C 508 9.56 8.11 28.59
C GLY C 508 9.04 9.52 28.79
N PRO C 509 7.73 9.66 28.95
CA PRO C 509 7.12 10.93 29.24
C PRO C 509 7.27 11.25 30.73
N VAL C 510 7.13 12.53 31.08
CA VAL C 510 7.19 13.02 32.47
C VAL C 510 6.11 12.33 33.31
N ASP C 511 6.41 12.12 34.60
CA ASP C 511 5.45 11.57 35.59
C ASP C 511 5.01 10.15 35.24
N THR C 512 5.92 9.36 34.67
CA THR C 512 5.64 7.96 34.51
C THR C 512 6.67 7.14 35.28
N ALA C 513 6.34 5.87 35.53
CA ALA C 513 7.29 4.92 36.12
C ALA C 513 8.59 4.84 35.32
N PHE C 514 8.53 5.17 34.02
CA PHE C 514 9.63 4.98 33.13
C PHE C 514 10.65 6.10 33.16
N THR C 515 10.18 7.33 33.33
CA THR C 515 11.11 8.40 33.61
C THR C 515 11.43 8.47 35.11
N GLY C 516 10.40 8.44 35.96
CA GLY C 516 10.65 8.27 37.38
C GLY C 516 9.89 9.24 38.29
N GLY C 517 9.46 10.37 37.77
CA GLY C 517 8.60 11.28 38.53
C GLY C 517 9.46 11.98 39.55
N ASP C 518 8.92 12.19 40.75
CA ASP C 518 9.60 12.99 41.77
C ASP C 518 10.92 12.47 42.34
N VAL C 519 11.24 11.23 42.04
CA VAL C 519 12.51 10.71 42.48
C VAL C 519 13.68 11.56 41.92
N TRP C 520 13.44 12.28 40.83
CA TRP C 520 14.48 13.15 40.25
C TRP C 520 14.75 14.42 41.06
N THR C 521 13.92 14.64 42.09
CA THR C 521 14.12 15.72 43.05
C THR C 521 14.88 15.24 44.28
N ASN C 522 15.20 13.94 44.31
CA ASN C 522 16.04 13.40 45.37
C ASN C 522 17.53 13.71 45.03
N PRO C 523 18.16 14.58 45.83
CA PRO C 523 19.52 14.99 45.48
C PRO C 523 20.48 13.82 45.39
N LYS C 524 20.26 12.76 46.18
CA LYS C 524 21.19 11.64 46.17
C LYS C 524 21.15 10.91 44.80
N LEU C 525 19.99 10.89 44.15
CA LEU C 525 19.93 10.31 42.80
C LEU C 525 20.70 11.17 41.80
N VAL C 526 20.46 12.48 41.80
CA VAL C 526 21.13 13.38 40.88
C VAL C 526 22.68 13.32 41.04
N GLU C 527 23.15 13.38 42.30
CA GLU C 527 24.58 13.27 42.62
C GLU C 527 25.17 11.97 42.07
N THR C 528 24.50 10.83 42.31
CA THR C 528 24.99 9.51 41.91
C THR C 528 25.19 9.45 40.40
N VAL C 529 24.16 9.81 39.65
CA VAL C 529 24.25 9.84 38.19
C VAL C 529 25.27 10.85 37.66
N ARG C 530 25.26 12.09 38.16
CA ARG C 530 26.20 13.11 37.66
C ARG C 530 27.64 12.67 37.88
N ALA C 531 27.95 12.21 39.09
CA ALA C 531 29.32 11.81 39.41
C ALA C 531 29.75 10.62 38.52
N TRP C 532 28.82 9.69 38.29
CA TRP C 532 29.10 8.57 37.41
C TRP C 532 29.38 8.94 35.97
N VAL C 533 28.54 9.80 35.38
CA VAL C 533 28.76 10.25 34.01
C VAL C 533 30.09 11.04 33.95
N ARG C 534 30.31 11.92 34.93
CA ARG C 534 31.54 12.69 34.99
C ARG C 534 32.82 11.82 34.95
N GLY C 535 32.75 10.68 35.62
CA GLY C 535 33.81 9.71 35.66
C GLY C 535 33.95 8.83 34.43
N GLY C 536 33.08 8.97 33.42
CA GLY C 536 33.23 8.14 32.21
C GLY C 536 31.99 7.39 31.81
N GLY C 537 30.95 7.43 32.64
CA GLY C 537 29.66 6.81 32.28
C GLY C 537 28.96 7.52 31.14
N ALA C 538 27.87 6.92 30.67
CA ALA C 538 27.10 7.44 29.56
C ALA C 538 25.63 7.39 29.93
N PHE C 539 24.92 8.47 29.66
CA PHE C 539 23.52 8.58 30.02
C PHE C 539 22.77 8.99 28.78
N VAL C 540 21.84 8.14 28.36
CA VAL C 540 21.05 8.40 27.15
C VAL C 540 19.63 8.63 27.63
N GLY C 541 19.09 9.81 27.33
CA GLY C 541 17.77 10.17 27.79
C GLY C 541 16.85 10.26 26.60
N VAL C 542 15.66 9.68 26.69
CA VAL C 542 14.76 9.67 25.53
C VAL C 542 13.43 10.26 25.94
N GLY C 543 12.97 11.28 25.20
CA GLY C 543 11.64 11.88 25.43
C GLY C 543 11.70 12.96 26.49
N GLU C 544 11.35 12.59 27.72
CA GLU C 544 11.46 13.53 28.85
C GLU C 544 12.26 12.91 29.99
N PRO C 545 13.53 12.59 29.73
CA PRO C 545 14.37 11.95 30.72
C PRO C 545 14.60 12.86 31.93
N SER C 546 14.63 12.26 33.11
CA SER C 546 14.92 12.97 34.36
C SER C 546 13.94 14.12 34.67
N SER C 547 12.74 14.08 34.07
CA SER C 547 11.83 15.19 34.19
C SER C 547 11.10 15.21 35.53
N ALA C 548 10.91 16.42 36.06
CA ALA C 548 10.10 16.62 37.26
C ALA C 548 9.52 18.03 37.16
N PRO C 549 8.19 18.11 37.16
CA PRO C 549 7.52 19.38 36.96
C PRO C 549 7.51 20.21 38.24
N ARG C 550 7.65 21.51 38.08
CA ARG C 550 7.46 22.49 39.15
C ARG C 550 8.64 22.66 40.09
N PHE C 551 9.43 21.63 40.27
CA PHE C 551 10.50 21.65 41.26
C PHE C 551 11.49 22.79 40.97
N GLN C 552 11.89 22.98 39.71
CA GLN C 552 12.70 24.14 39.31
C GLN C 552 12.02 24.94 38.23
N THR C 553 11.85 26.23 38.47
CA THR C 553 11.17 27.04 37.48
C THR C 553 11.95 26.93 36.15
N GLY C 554 13.28 26.95 36.23
CA GLY C 554 14.12 27.04 35.01
C GLY C 554 14.69 25.73 34.49
N ARG C 555 14.28 24.60 35.08
CA ARG C 555 14.89 23.32 34.77
C ARG C 555 13.85 22.23 34.96
N PHE C 556 13.48 21.61 33.84
CA PHE C 556 12.46 20.57 33.79
C PHE C 556 13.13 19.16 33.74
N PHE C 557 13.97 18.93 32.74
CA PHE C 557 14.83 17.73 32.73
C PHE C 557 15.85 17.99 33.81
N GLN C 558 15.85 17.23 34.90
CA GLN C 558 16.75 17.56 36.03
C GLN C 558 18.22 17.33 35.69
N LEU C 559 18.48 16.43 34.72
CA LEU C 559 19.82 16.18 34.23
C LEU C 559 20.04 16.87 32.85
N ALA C 560 19.34 17.98 32.61
CA ALA C 560 19.57 18.81 31.42
C ALA C 560 21.06 19.09 31.22
N ASP C 561 21.79 19.25 32.32
CA ASP C 561 23.20 19.67 32.18
C ASP C 561 24.03 18.54 31.58
N VAL C 562 23.62 17.32 31.85
CA VAL C 562 24.29 16.11 31.39
C VAL C 562 24.04 15.87 29.92
N ILE C 563 22.78 15.92 29.50
CA ILE C 563 22.46 15.68 28.11
C ILE C 563 22.48 16.92 27.22
N GLY C 564 22.57 18.11 27.81
CA GLY C 564 22.71 19.35 27.03
C GLY C 564 21.41 19.94 26.50
N VAL C 565 20.29 19.35 26.93
CA VAL C 565 18.96 19.69 26.41
C VAL C 565 17.95 19.78 27.55
N ASP C 566 17.04 20.75 27.45
CA ASP C 566 15.93 20.84 28.37
C ASP C 566 14.68 21.10 27.55
N GLU C 567 13.52 21.02 28.18
CA GLU C 567 12.24 21.31 27.53
C GLU C 567 11.65 22.58 28.10
N GLU C 568 11.40 23.54 27.21
CA GLU C 568 10.79 24.80 27.57
C GLU C 568 9.35 24.49 28.02
N ARG C 569 8.96 25.00 29.19
CA ARG C 569 7.65 24.69 29.76
C ARG C 569 6.76 25.93 29.88
N TYR C 570 7.05 26.94 29.05
CA TYR C 570 6.35 28.21 29.00
C TYR C 570 6.57 29.09 30.25
N GLN C 571 7.55 28.70 31.08
CA GLN C 571 8.02 29.56 32.20
C GLN C 571 9.21 30.42 31.80
N THR C 572 9.88 30.04 30.71
CA THR C 572 11.13 30.74 30.38
C THR C 572 11.15 31.36 28.96
N LEU C 573 9.96 31.68 28.46
CA LEU C 573 9.83 32.35 27.14
C LEU C 573 10.57 33.69 27.04
N SER C 574 10.79 34.36 28.18
CA SER C 574 11.55 35.62 28.18
C SER C 574 13.03 35.38 27.81
N VAL C 575 13.52 34.15 28.00
CA VAL C 575 14.94 33.81 27.79
C VAL C 575 15.15 33.41 26.31
N ASP C 576 15.95 34.20 25.59
CA ASP C 576 16.24 33.88 24.19
C ASP C 576 17.04 32.57 24.15
N LYS C 577 16.59 31.60 23.35
CA LYS C 577 17.37 30.36 23.19
C LYS C 577 18.22 30.42 21.92
N TYR C 578 19.49 30.06 22.05
CA TYR C 578 20.43 30.17 20.92
C TYR C 578 20.95 28.78 20.56
N PHE C 579 20.68 28.36 19.32
CA PHE C 579 20.96 27.01 18.85
C PHE C 579 22.29 27.07 18.12
N PRO C 580 23.26 26.25 18.53
CA PRO C 580 24.50 26.22 17.73
C PRO C 580 24.23 25.51 16.39
N PRO C 581 25.12 25.66 15.39
CA PRO C 581 24.85 25.01 14.11
C PRO C 581 24.75 23.49 14.25
N VAL C 582 23.81 22.89 13.53
CA VAL C 582 23.71 21.42 13.47
C VAL C 582 24.91 20.78 12.74
N VAL C 583 25.35 19.62 13.24
CA VAL C 583 26.47 18.85 12.69
C VAL C 583 25.90 17.66 11.91
N PRO C 584 25.77 17.83 10.58
CA PRO C 584 25.20 16.74 9.77
C PRO C 584 26.11 15.52 9.59
N ASP C 585 27.43 15.68 9.62
CA ASP C 585 28.32 14.51 9.47
C ASP C 585 28.92 14.13 10.83
N HIS C 586 28.46 13.01 11.39
CA HIS C 586 28.90 12.62 12.74
C HIS C 586 28.80 11.11 12.85
N PHE C 587 29.69 10.53 13.64
CA PHE C 587 29.63 9.10 13.95
C PHE C 587 28.20 8.61 14.17
N ILE C 588 27.40 9.36 14.93
CA ILE C 588 26.06 8.85 15.34
C ILE C 588 25.11 8.65 14.18
N THR C 589 25.14 9.57 13.23
CA THR C 589 24.22 9.57 12.10
C THR C 589 24.85 9.02 10.79
N ALA C 590 25.98 8.33 10.90
CA ALA C 590 26.73 7.90 9.70
C ALA C 590 25.91 6.95 8.83
N ASP C 591 25.03 6.16 9.44
CA ASP C 591 24.19 5.25 8.65
C ASP C 591 22.80 5.81 8.27
N VAL C 592 22.52 7.05 8.58
CA VAL C 592 21.23 7.63 8.20
C VAL C 592 21.20 7.86 6.69
N PRO C 593 20.16 7.34 5.98
CA PRO C 593 20.16 7.56 4.51
C PRO C 593 20.13 9.05 4.19
N VAL C 594 20.96 9.42 3.22
CA VAL C 594 21.11 10.80 2.79
C VAL C 594 19.94 11.16 1.86
N ASP C 595 19.43 12.37 1.97
CA ASP C 595 18.46 12.92 1.02
C ASP C 595 19.12 14.21 0.49
N PRO C 596 19.65 14.17 -0.75
CA PRO C 596 20.37 15.33 -1.30
C PRO C 596 19.56 16.61 -1.42
N ALA C 597 18.35 16.51 -1.97
CA ALA C 597 17.43 17.64 -2.09
C ALA C 597 17.18 18.34 -0.76
N ALA C 598 16.90 17.57 0.28
CA ALA C 598 16.61 18.14 1.62
C ALA C 598 17.84 18.82 2.22
N ARG C 599 18.99 18.15 2.15
CA ARG C 599 20.26 18.73 2.64
C ARG C 599 20.63 19.99 1.89
N GLU C 600 20.45 19.96 0.58
CA GLU C 600 20.71 21.12 -0.25
C GLU C 600 19.82 22.32 0.13
N ALA C 601 18.52 22.09 0.28
CA ALA C 601 17.63 23.18 0.68
C ALA C 601 17.97 23.71 2.09
N TRP C 602 18.30 22.79 3.00
CA TRP C 602 18.68 23.08 4.37
C TRP C 602 19.94 23.95 4.36
N GLU C 603 20.96 23.58 3.56
CA GLU C 603 22.20 24.36 3.51
C GLU C 603 21.93 25.79 3.04
N GLN C 604 21.06 25.91 2.04
CA GLN C 604 20.74 27.19 1.40
C GLN C 604 19.89 28.12 2.26
N ALA C 605 18.93 27.54 2.97
CA ALA C 605 17.98 28.34 3.72
C ALA C 605 18.66 28.93 4.95
N GLY C 606 19.63 28.21 5.50
CA GLY C 606 20.44 28.69 6.61
C GLY C 606 19.77 28.68 7.97
N TYR C 607 20.31 29.47 8.88
CA TYR C 607 19.86 29.53 10.29
C TYR C 607 19.23 30.87 10.62
N ARG C 608 18.21 30.85 11.47
CA ARG C 608 17.52 32.07 11.89
C ARG C 608 18.48 33.06 12.53
N ILE C 609 18.43 34.31 12.11
CA ILE C 609 19.27 35.32 12.76
C ILE C 609 18.58 35.74 14.07
N PRO C 610 19.40 36.11 15.08
CA PRO C 610 18.80 36.51 16.37
C PRO C 610 17.68 37.51 16.16
N LEU C 611 16.54 37.27 16.78
CA LEU C 611 15.40 38.19 16.71
C LEU C 611 14.77 38.31 18.10
N SER C 612 14.39 39.54 18.48
CA SER C 612 13.83 39.79 19.81
C SER C 612 12.74 38.81 20.22
N GLY C 613 12.95 38.16 21.37
CA GLY C 613 11.98 37.24 21.94
C GLY C 613 11.94 35.90 21.23
N CYS C 614 12.83 35.69 20.25
CA CYS C 614 12.83 34.49 19.44
C CYS C 614 14.14 33.69 19.45
N GLY C 615 15.13 34.16 20.22
CA GLY C 615 16.49 33.63 20.14
C GLY C 615 16.99 33.55 18.70
N GLY C 616 17.76 32.51 18.37
CA GLY C 616 18.36 32.40 17.03
C GLY C 616 19.09 31.10 16.79
N GLY C 617 19.56 30.90 15.55
CA GLY C 617 20.38 29.72 15.26
C GLY C 617 19.61 28.48 14.81
N GLN C 618 18.28 28.56 14.85
CA GLN C 618 17.44 27.44 14.42
C GLN C 618 17.43 27.35 12.88
N SER C 619 17.48 26.16 12.31
CA SER C 619 17.49 26.12 10.85
C SER C 619 16.11 26.51 10.35
N ILE C 620 16.10 27.29 9.29
CA ILE C 620 14.86 27.73 8.66
C ILE C 620 14.18 26.56 7.93
N LYS C 621 14.99 25.63 7.43
CA LYS C 621 14.43 24.43 6.81
C LYS C 621 14.86 23.19 7.56
N PRO C 622 14.02 22.13 7.51
CA PRO C 622 14.36 20.89 8.20
C PRO C 622 15.34 20.00 7.40
N LEU C 623 16.34 19.46 8.07
CA LEU C 623 17.23 18.45 7.48
C LEU C 623 16.48 17.10 7.28
N GLY C 624 15.82 16.63 8.35
CA GLY C 624 14.99 15.43 8.27
C GLY C 624 15.82 14.18 8.18
N GLY C 625 15.21 13.12 7.66
CA GLY C 625 15.90 11.89 7.34
C GLY C 625 15.76 10.81 8.43
N ILE C 626 15.22 11.22 9.58
CA ILE C 626 15.04 10.32 10.72
C ILE C 626 13.67 10.45 11.34
N ASP C 627 13.00 9.32 11.51
CA ASP C 627 11.72 9.26 12.21
C ASP C 627 11.93 9.19 13.74
N PHE C 628 11.62 10.30 14.43
CA PHE C 628 11.73 10.37 15.88
C PHE C 628 10.38 10.16 16.59
N GLY C 629 9.36 9.77 15.82
CA GLY C 629 8.04 9.52 16.39
C GLY C 629 7.41 10.74 17.03
N GLU C 630 6.85 10.60 18.23
CA GLU C 630 6.06 11.70 18.82
C GLU C 630 6.96 12.88 19.21
N PRO C 631 6.56 14.12 18.85
CA PRO C 631 7.43 15.26 19.16
C PRO C 631 7.40 15.62 20.64
N VAL C 632 8.54 16.12 21.13
CA VAL C 632 8.65 16.72 22.46
C VAL C 632 8.83 18.22 22.13
N LEU C 633 7.74 18.99 22.32
CA LEU C 633 7.69 20.38 21.87
C LEU C 633 8.69 21.26 22.62
N ASN C 634 9.41 22.13 21.90
CA ASN C 634 10.22 23.17 22.53
C ASN C 634 11.44 22.70 23.38
N THR C 635 11.96 21.52 23.08
CA THR C 635 13.29 21.13 23.59
C THR C 635 14.32 22.10 23.01
N TYR C 636 15.32 22.49 23.79
CA TYR C 636 16.28 23.48 23.28
C TYR C 636 17.65 23.13 23.85
N PRO C 637 18.76 23.56 23.19
CA PRO C 637 20.08 23.29 23.77
C PRO C 637 20.33 24.23 24.97
N VAL C 638 20.86 23.72 26.07
CA VAL C 638 21.06 24.58 27.25
C VAL C 638 22.25 25.56 27.12
N ASN C 639 23.15 25.29 26.19
CA ASN C 639 24.24 26.22 25.85
C ASN C 639 24.75 25.84 24.45
N GLU C 640 25.65 26.65 23.91
CA GLU C 640 26.10 26.44 22.55
C GLU C 640 27.24 25.44 22.41
N ASN C 641 27.61 24.81 23.52
CA ASN C 641 28.65 23.78 23.39
C ASN C 641 28.07 22.39 23.23
N VAL C 642 26.74 22.28 23.31
CA VAL C 642 26.05 21.04 23.03
C VAL C 642 26.19 20.73 21.53
N THR C 643 26.37 19.46 21.15
CA THR C 643 26.34 19.12 19.71
C THR C 643 24.91 18.76 19.29
N LEU C 644 24.31 19.61 18.44
CA LEU C 644 23.01 19.28 17.88
C LEU C 644 23.24 18.48 16.59
N LEU C 645 22.57 17.34 16.51
CA LEU C 645 22.63 16.41 15.38
C LEU C 645 21.36 16.48 14.54
N ARG C 646 20.20 16.61 15.20
CA ARG C 646 18.95 17.03 14.57
C ARG C 646 18.19 18.03 15.46
N ALA C 647 17.88 19.18 14.86
CA ALA C 647 17.10 20.20 15.54
C ALA C 647 16.21 20.89 14.51
N ASP C 648 15.29 20.13 13.93
CA ASP C 648 14.34 20.66 12.97
C ASP C 648 13.06 21.21 13.63
N GLY C 649 12.42 22.12 12.91
CA GLY C 649 11.15 22.72 13.30
C GLY C 649 11.26 23.57 14.59
N GLY C 650 12.44 24.14 14.86
CA GLY C 650 12.57 25.06 16.02
C GLY C 650 12.68 24.35 17.37
N GLN C 651 13.03 23.07 17.34
CA GLN C 651 13.23 22.31 18.58
C GLN C 651 14.25 21.18 18.37
N VAL C 652 14.56 20.42 19.41
CA VAL C 652 15.67 19.45 19.36
C VAL C 652 15.21 17.98 19.29
N GLN C 653 15.72 17.22 18.32
CA GLN C 653 15.42 15.79 18.29
C GLN C 653 16.60 14.93 18.72
N LEU C 654 17.82 15.37 18.40
CA LEU C 654 19.00 14.54 18.68
C LEU C 654 20.21 15.41 18.99
N ALA C 655 20.86 15.09 20.10
CA ALA C 655 22.00 15.88 20.56
C ALA C 655 22.91 15.07 21.44
N THR C 656 24.15 15.53 21.55
CA THR C 656 25.18 14.86 22.38
C THR C 656 26.02 15.93 23.10
N ASN C 657 26.41 15.64 24.32
CA ASN C 657 27.08 16.62 25.16
C ASN C 657 28.20 15.96 25.98
N ASP C 658 29.38 16.56 25.96
CA ASP C 658 30.49 16.02 26.76
C ASP C 658 30.27 16.45 28.21
N TYR C 659 30.56 15.55 29.16
CA TYR C 659 30.32 15.87 30.57
C TYR C 659 31.44 15.22 31.39
N GLY C 660 32.50 15.99 31.66
CA GLY C 660 33.68 15.42 32.30
C GLY C 660 34.25 14.40 31.32
N LYS C 661 34.54 13.22 31.82
CA LYS C 661 35.03 12.12 30.95
C LYS C 661 33.90 11.44 30.17
N GLY C 662 32.65 11.63 30.63
CA GLY C 662 31.50 10.92 30.07
C GLY C 662 30.72 11.78 29.09
N ARG C 663 29.56 11.29 28.69
CA ARG C 663 28.70 11.96 27.70
C ARG C 663 27.26 11.70 28.02
N GLY C 664 26.42 12.68 27.72
CA GLY C 664 24.97 12.49 27.69
C GLY C 664 24.46 12.64 26.27
N VAL C 665 23.41 11.90 25.95
CA VAL C 665 22.83 11.99 24.65
C VAL C 665 21.34 12.18 24.82
N TYR C 666 20.79 13.13 24.06
CA TYR C 666 19.34 13.25 24.02
C TYR C 666 18.73 12.76 22.68
N ILE C 667 17.64 11.99 22.79
CA ILE C 667 16.82 11.55 21.64
C ILE C 667 15.34 11.81 21.98
N SER C 668 14.60 12.50 21.11
CA SER C 668 13.24 12.91 21.45
C SER C 668 12.28 11.71 21.41
N GLY C 669 12.59 10.73 20.57
CA GLY C 669 11.82 9.51 20.48
C GLY C 669 12.48 8.56 19.50
N LEU C 670 12.15 7.27 19.60
CA LEU C 670 12.83 6.28 18.78
C LEU C 670 11.91 5.14 18.39
N PRO C 671 10.98 5.38 17.43
CA PRO C 671 10.28 4.22 16.85
C PRO C 671 11.28 3.16 16.34
N TYR C 672 10.93 1.89 16.47
CA TYR C 672 11.79 0.80 16.01
C TYR C 672 11.88 0.78 14.47
N SER C 673 13.09 0.62 13.94
CA SER C 673 13.33 0.25 12.52
C SER C 673 14.81 -0.15 12.44
N ALA C 674 15.20 -0.81 11.35
CA ALA C 674 16.63 -1.09 11.10
C ALA C 674 17.46 0.17 11.30
N ALA C 675 17.06 1.26 10.68
CA ALA C 675 17.83 2.50 10.73
C ALA C 675 17.96 3.12 12.16
N ASN C 676 16.87 3.15 12.90
CA ASN C 676 16.81 3.70 14.26
C ASN C 676 17.48 2.81 15.31
N ALA C 677 17.40 1.50 15.09
CA ALA C 677 18.16 0.56 15.94
C ALA C 677 19.67 0.76 15.76
N ARG C 678 20.12 0.88 14.52
CA ARG C 678 21.52 1.26 14.23
C ARG C 678 21.87 2.64 14.86
N LEU C 679 20.92 3.58 14.79
CA LEU C 679 21.11 4.92 15.37
C LEU C 679 21.35 4.77 16.86
N LEU C 680 20.48 3.98 17.52
CA LEU C 680 20.61 3.75 18.93
C LEU C 680 21.98 3.09 19.23
N GLU C 681 22.31 2.07 18.46
CA GLU C 681 23.55 1.35 18.67
C GLU C 681 24.76 2.27 18.60
N ARG C 682 24.81 3.16 17.60
CA ARG C 682 25.89 4.12 17.50
C ARG C 682 25.86 5.11 18.68
N VAL C 683 24.68 5.52 19.11
CA VAL C 683 24.58 6.33 20.31
C VAL C 683 25.29 5.59 21.49
N LEU C 684 25.03 4.29 21.66
CA LEU C 684 25.63 3.58 22.81
C LEU C 684 27.17 3.57 22.76
N PHE C 685 27.72 3.26 21.59
CA PHE C 685 29.18 3.22 21.46
C PHE C 685 29.76 4.61 21.63
N TYR C 686 29.10 5.60 21.02
CA TYR C 686 29.59 6.98 21.07
C TYR C 686 29.58 7.56 22.49
N ALA C 687 28.44 7.44 23.16
CA ALA C 687 28.23 8.03 24.47
C ALA C 687 29.22 7.47 25.48
N SER C 688 29.55 6.19 25.33
CA SER C 688 30.47 5.48 26.22
C SER C 688 31.93 5.63 25.81
N HIS C 689 32.21 6.53 24.86
CA HIS C 689 33.55 6.78 24.35
C HIS C 689 34.13 5.47 23.79
N ASN C 690 33.30 4.68 23.12
CA ASN C 690 33.77 3.40 22.61
C ASN C 690 33.66 3.33 21.09
N GLU C 691 33.81 4.48 20.42
CA GLU C 691 33.84 4.51 18.97
C GLU C 691 34.84 3.49 18.44
N ASP C 692 35.98 3.35 19.11
CA ASP C 692 37.04 2.44 18.60
C ASP C 692 36.67 0.95 18.69
N LYS C 693 35.60 0.65 19.43
CA LYS C 693 35.09 -0.72 19.65
C LYS C 693 33.91 -1.06 18.74
N TYR C 694 33.39 -0.04 18.07
CA TYR C 694 32.18 -0.20 17.29
C TYR C 694 32.37 -1.25 16.20
N ALA C 695 33.50 -1.19 15.50
CA ALA C 695 33.63 -1.92 14.23
C ALA C 695 33.72 -3.40 14.43
N ALA C 696 34.34 -3.83 15.52
CA ALA C 696 34.56 -5.27 15.74
C ALA C 696 33.23 -6.02 15.87
N TRP C 697 33.03 -7.03 15.02
CA TRP C 697 31.82 -7.87 15.06
C TRP C 697 30.55 -7.05 14.74
N SER C 698 30.67 -6.25 13.68
CA SER C 698 29.59 -5.41 13.16
C SER C 698 29.28 -5.73 11.69
N SER C 699 28.04 -5.44 11.31
CA SER C 699 27.54 -5.56 9.95
C SER C 699 27.48 -4.14 9.38
N SER C 700 28.09 -3.92 8.20
CA SER C 700 27.99 -2.62 7.51
C SER C 700 26.52 -2.26 7.22
N ASN C 701 25.77 -3.24 6.73
CA ASN C 701 24.35 -3.05 6.38
C ASN C 701 23.47 -3.14 7.64
N PRO C 702 22.67 -2.08 7.97
CA PRO C 702 21.82 -2.11 9.19
C PRO C 702 20.69 -3.17 9.17
N GLU C 703 20.44 -3.75 8.01
CA GLU C 703 19.37 -4.77 7.87
C GLU C 703 19.81 -6.14 8.38
N CYS C 704 21.13 -6.27 8.64
CA CYS C 704 21.76 -7.49 9.15
C CYS C 704 22.41 -7.23 10.51
N GLU C 705 22.55 -8.30 11.27
CA GLU C 705 23.24 -8.27 12.56
C GLU C 705 24.27 -9.39 12.68
N VAL C 706 25.28 -9.14 13.51
CA VAL C 706 26.34 -10.11 13.81
C VAL C 706 26.25 -10.57 15.25
N ALA C 707 26.42 -11.87 15.43
CA ALA C 707 26.55 -12.49 16.74
C ALA C 707 27.89 -13.22 16.81
N HIS C 708 28.70 -12.90 17.83
CA HIS C 708 30.02 -13.49 18.05
C HIS C 708 29.96 -14.43 19.24
N PHE C 709 30.50 -15.63 19.06
CA PHE C 709 30.48 -16.66 20.10
C PHE C 709 31.91 -17.10 20.32
N PRO C 710 32.66 -16.36 21.18
CA PRO C 710 34.10 -16.59 21.36
C PRO C 710 34.46 -18.00 21.78
N GLU C 711 33.67 -18.59 22.66
CA GLU C 711 33.97 -19.91 23.19
C GLU C 711 33.82 -21.06 22.16
N GLN C 712 33.17 -20.79 21.03
CA GLN C 712 33.08 -21.79 19.94
C GLN C 712 33.94 -21.46 18.71
N GLY C 713 34.64 -20.34 18.75
CA GLY C 713 35.41 -19.88 17.58
C GLY C 713 34.51 -19.52 16.41
N LEU C 714 33.31 -19.05 16.73
CA LEU C 714 32.29 -18.79 15.71
C LEU C 714 31.70 -17.37 15.73
N TYR C 715 31.30 -16.92 14.54
CA TYR C 715 30.32 -15.84 14.41
C TYR C 715 29.28 -16.12 13.32
N CYS C 716 28.08 -15.61 13.52
CA CYS C 716 27.10 -15.65 12.44
C CYS C 716 26.71 -14.24 12.04
N VAL C 717 26.13 -14.13 10.85
CA VAL C 717 25.50 -12.89 10.39
C VAL C 717 24.10 -13.22 9.87
N ILE C 718 23.10 -12.49 10.36
CA ILE C 718 21.72 -12.74 9.98
C ILE C 718 21.09 -11.59 9.20
N ASN C 719 20.17 -11.96 8.31
CA ASN C 719 19.34 -11.05 7.53
C ASN C 719 18.03 -10.86 8.27
N ASN C 720 17.80 -9.64 8.79
CA ASN C 720 16.56 -9.35 9.53
C ASN C 720 15.34 -9.06 8.67
N THR C 721 15.52 -9.06 7.34
CA THR C 721 14.43 -8.81 6.39
C THR C 721 14.11 -10.04 5.52
N ASP C 722 13.10 -9.88 4.67
CA ASP C 722 12.70 -10.90 3.71
C ASP C 722 13.22 -10.59 2.31
N GLN C 723 14.26 -9.76 2.21
CA GLN C 723 14.82 -9.31 0.93
C GLN C 723 16.28 -9.66 0.93
N PRO C 724 16.89 -9.88 -0.24
CA PRO C 724 18.34 -10.14 -0.28
C PRO C 724 19.13 -8.96 0.33
N GLN C 725 20.19 -9.27 1.06
CA GLN C 725 21.02 -8.21 1.66
C GLN C 725 22.49 -8.50 1.58
N LYS C 726 23.21 -7.56 0.99
CA LYS C 726 24.65 -7.58 0.97
C LYS C 726 25.19 -6.85 2.19
N THR C 727 26.21 -7.41 2.83
CA THR C 727 26.82 -6.72 3.97
C THR C 727 28.23 -7.23 4.14
N THR C 728 29.06 -6.35 4.68
CA THR C 728 30.45 -6.63 5.00
C THR C 728 30.54 -6.72 6.51
N VAL C 729 31.02 -7.85 7.01
CA VAL C 729 31.24 -8.00 8.43
C VAL C 729 32.70 -7.69 8.79
N THR C 730 32.92 -6.93 9.86
CA THR C 730 34.30 -6.64 10.33
C THR C 730 34.58 -7.47 11.57
N LEU C 731 35.65 -8.24 11.53
CA LEU C 731 36.08 -9.11 12.64
C LEU C 731 36.96 -8.32 13.60
N ALA C 732 37.30 -8.89 14.76
CA ALA C 732 38.04 -8.16 15.81
C ALA C 732 39.40 -7.61 15.36
N ASP C 733 40.05 -8.30 14.43
CA ASP C 733 41.38 -7.90 13.94
C ASP C 733 41.33 -6.93 12.76
N GLY C 734 40.14 -6.46 12.41
CA GLY C 734 40.02 -5.50 11.31
C GLY C 734 39.90 -6.17 9.94
N THR C 735 39.90 -7.49 9.92
CA THR C 735 39.65 -8.26 8.70
C THR C 735 38.15 -8.21 8.35
N THR C 736 37.81 -8.33 7.07
CA THR C 736 36.42 -8.26 6.64
C THR C 736 36.04 -9.45 5.75
N GLU C 737 34.75 -9.79 5.75
CA GLU C 737 34.22 -10.72 4.78
C GLU C 737 32.88 -10.18 4.29
N ASP C 738 32.64 -10.30 2.98
CA ASP C 738 31.41 -9.86 2.36
C ASP C 738 30.41 -11.03 2.28
N PHE C 739 29.13 -10.72 2.45
CA PHE C 739 28.10 -11.75 2.36
C PHE C 739 26.99 -11.26 1.44
N ASP C 740 26.30 -12.21 0.80
CA ASP C 740 25.12 -11.87 0.08
C ASP C 740 24.06 -12.76 0.68
N LEU C 741 23.23 -12.22 1.56
CA LEU C 741 22.29 -13.06 2.28
C LEU C 741 20.90 -13.08 1.66
N PRO C 742 20.33 -14.28 1.42
CA PRO C 742 18.94 -14.33 0.96
C PRO C 742 17.92 -14.00 2.06
N ASP C 743 16.66 -13.99 1.65
CA ASP C 743 15.52 -13.79 2.53
C ASP C 743 15.71 -14.54 3.86
N SER C 744 15.62 -13.83 4.99
CA SER C 744 15.75 -14.46 6.32
C SER C 744 17.02 -15.29 6.47
N GLY C 745 18.01 -15.00 5.63
CA GLY C 745 19.25 -15.78 5.61
C GLY C 745 20.12 -15.73 6.86
N ILE C 746 21.01 -16.71 6.97
CA ILE C 746 22.02 -16.71 8.01
C ILE C 746 23.33 -17.31 7.48
N ALA C 747 24.48 -16.80 7.93
CA ALA C 747 25.76 -17.38 7.55
C ALA C 747 26.65 -17.55 8.75
N TRP C 748 27.32 -18.70 8.84
CA TRP C 748 28.30 -19.00 9.89
C TRP C 748 29.73 -19.04 9.36
N ARG C 749 30.65 -18.52 10.16
CA ARG C 749 32.07 -18.47 9.84
C ARG C 749 32.91 -18.65 11.08
N GLU C 750 34.15 -19.09 10.87
CA GLU C 750 35.15 -19.24 11.92
C GLU C 750 35.90 -17.93 12.17
N SER D 3 -11.01 66.74 3.60
CA SER D 3 -10.88 66.41 5.04
C SER D 3 -9.57 66.93 5.50
N THR D 4 -9.47 67.29 6.76
CA THR D 4 -8.18 67.61 7.25
C THR D 4 -7.98 67.29 8.73
N GLY D 5 -6.74 67.02 9.10
CA GLY D 5 -6.38 66.82 10.48
C GLY D 5 -6.27 65.39 10.95
N ARG D 6 -6.24 65.23 12.26
CA ARG D 6 -6.11 63.92 12.92
C ARG D 6 -4.87 63.15 12.45
N PHE D 7 -3.77 63.86 12.17
CA PHE D 7 -2.61 63.27 11.47
C PHE D 7 -1.35 64.02 11.84
N THR D 8 -0.35 63.27 12.30
CA THR D 8 0.90 63.82 12.78
C THR D 8 2.01 63.45 11.81
N LEU D 9 2.74 64.47 11.37
CA LEU D 9 3.79 64.31 10.35
C LEU D 9 5.18 64.44 11.00
N PRO D 10 6.15 63.62 10.56
CA PRO D 10 7.49 63.92 11.06
C PRO D 10 8.11 65.02 10.23
N SER D 11 8.91 65.87 10.87
CA SER D 11 9.73 66.78 10.11
C SER D 11 11.20 66.59 10.41
N GLU D 12 12.02 67.41 9.77
CA GLU D 12 13.44 67.20 9.63
C GLU D 12 14.07 68.56 9.41
N GLU D 13 15.28 68.76 9.94
CA GLU D 13 16.03 70.01 9.69
C GLU D 13 16.36 70.17 8.21
N ASN D 14 16.31 71.41 7.73
CA ASN D 14 16.63 71.78 6.33
C ASN D 14 15.65 71.21 5.32
N PHE D 15 14.39 71.07 5.73
CA PHE D 15 13.42 70.36 4.91
C PHE D 15 12.03 70.99 4.97
N ALA D 16 11.98 72.32 5.12
CA ALA D 16 10.73 73.07 5.33
C ALA D 16 9.77 73.01 4.14
N GLU D 17 10.32 73.17 2.94
CA GLU D 17 9.58 73.14 1.69
C GLU D 17 8.78 71.84 1.48
N LYS D 18 9.42 70.69 1.71
CA LYS D 18 8.78 69.40 1.53
C LYS D 18 7.79 69.07 2.65
N THR D 19 8.16 69.44 3.88
CA THR D 19 7.28 69.37 5.06
C THR D 19 5.96 70.11 4.80
N LYS D 20 6.06 71.35 4.31
CA LYS D 20 4.91 72.15 3.90
C LYS D 20 4.03 71.38 2.92
N GLU D 21 4.66 70.93 1.84
CA GLU D 21 4.00 70.22 0.76
C GLU D 21 3.30 68.95 1.25
N LEU D 22 4.05 68.15 2.00
CA LEU D 22 3.52 66.92 2.60
C LEU D 22 2.43 67.17 3.66
N ALA D 23 2.61 68.20 4.51
CA ALA D 23 1.59 68.58 5.52
C ALA D 23 0.28 68.87 4.82
N GLU D 24 0.36 69.63 3.73
CA GLU D 24 -0.83 69.93 2.95
C GLU D 24 -1.40 68.67 2.27
N LEU D 25 -0.54 67.85 1.64
CA LEU D 25 -1.05 66.71 0.87
C LEU D 25 -1.74 65.66 1.76
N TRP D 26 -1.19 65.44 2.96
CA TRP D 26 -1.72 64.40 3.86
C TRP D 26 -2.77 64.94 4.83
N GLY D 27 -2.90 66.27 4.87
CA GLY D 27 -3.80 66.95 5.80
C GLY D 27 -3.36 66.84 7.25
N ALA D 28 -2.08 67.07 7.51
CA ALA D 28 -1.58 67.05 8.88
C ALA D 28 -2.00 68.28 9.65
N ASP D 29 -2.45 68.08 10.90
CA ASP D 29 -2.65 69.21 11.81
C ASP D 29 -1.62 69.21 12.94
N ALA D 30 -0.67 68.28 12.89
CA ALA D 30 0.38 68.24 13.89
C ALA D 30 1.72 67.86 13.28
N ILE D 31 2.80 68.40 13.85
CA ILE D 31 4.13 68.13 13.32
C ILE D 31 5.02 67.71 14.47
N ARG D 32 5.72 66.60 14.29
CA ARG D 32 6.68 66.20 15.30
C ARG D 32 8.05 66.78 14.96
N ASN D 33 8.54 67.58 15.88
CA ASN D 33 9.86 68.17 15.81
C ASN D 33 10.85 67.05 16.06
N SER D 34 11.33 66.42 14.99
CA SER D 34 12.33 65.38 15.12
C SER D 34 13.66 66.09 15.35
N ASP D 35 14.03 66.18 16.62
CA ASP D 35 15.11 67.05 17.04
C ASP D 35 16.07 66.33 18.00
N LEU D 39 14.00 74.25 16.44
CA LEU D 39 13.79 74.19 14.99
C LEU D 39 13.21 75.49 14.37
N ASP D 40 13.27 75.56 13.03
CA ASP D 40 12.96 76.76 12.23
C ASP D 40 11.49 77.20 12.17
N GLU D 41 11.25 78.49 12.44
CA GLU D 41 9.90 79.03 12.32
C GLU D 41 9.48 79.22 10.85
N ALA D 42 10.26 78.65 9.94
CA ALA D 42 9.77 78.35 8.58
C ALA D 42 8.69 77.28 8.68
N VAL D 43 8.90 76.33 9.57
CA VAL D 43 7.91 75.28 9.84
C VAL D 43 6.87 75.71 10.86
N LEU D 44 7.25 76.45 11.88
CA LEU D 44 6.31 76.99 12.84
C LEU D 44 5.25 77.86 12.19
N ALA D 45 5.64 78.62 11.17
CA ALA D 45 4.70 79.45 10.41
C ALA D 45 3.57 78.66 9.73
N LEU D 46 3.64 77.33 9.76
CA LEU D 46 2.59 76.49 9.19
C LEU D 46 1.32 76.48 10.04
N GLY D 47 1.43 76.94 11.28
CA GLY D 47 0.28 76.98 12.20
C GLY D 47 -0.17 75.60 12.65
N LYS D 48 0.77 74.66 12.69
CA LYS D 48 0.49 73.29 13.15
C LYS D 48 0.70 73.13 14.65
N LYS D 49 0.04 72.13 15.21
CA LYS D 49 0.29 71.64 16.57
C LYS D 49 1.67 70.98 16.59
N ILE D 50 2.54 71.46 17.47
CA ILE D 50 3.94 70.99 17.56
C ILE D 50 4.13 69.95 18.67
N TYR D 51 4.51 68.72 18.29
CA TYR D 51 4.89 67.69 19.25
C TYR D 51 6.38 67.78 19.45
N ASN D 52 6.82 67.63 20.69
CA ASN D 52 8.25 67.59 20.98
C ASN D 52 8.52 66.51 22.06
N ALA D 53 9.24 65.47 21.64
CA ALA D 53 9.59 64.34 22.52
C ALA D 53 10.45 64.76 23.70
N TYR D 54 10.15 64.17 24.87
CA TYR D 54 10.94 64.36 26.07
C TYR D 54 11.43 63.02 26.63
N PHE D 55 12.71 62.96 27.02
CA PHE D 55 13.37 61.73 27.45
C PHE D 55 13.82 61.90 28.90
N PRO D 56 12.90 61.70 29.85
CA PRO D 56 13.11 62.04 31.25
C PRO D 56 14.37 61.48 31.90
N THR D 57 14.70 60.21 31.63
CA THR D 57 15.76 59.56 32.45
C THR D 57 16.98 59.07 31.65
N ARG D 58 17.31 59.79 30.59
CA ARG D 58 18.55 59.58 29.86
C ARG D 58 19.04 60.89 29.23
N ALA D 59 20.16 60.81 28.51
CA ALA D 59 20.78 61.94 27.78
C ALA D 59 21.34 63.03 28.67
N HIS D 60 21.73 62.68 29.90
CA HIS D 60 22.43 63.60 30.83
C HIS D 60 23.57 62.89 31.55
N ASN D 61 24.56 62.49 30.75
CA ASN D 61 25.72 61.82 31.31
C ASN D 61 26.46 62.75 32.28
N GLU D 62 26.47 64.04 31.95
CA GLU D 62 27.11 65.06 32.79
C GLU D 62 26.56 65.07 34.23
N TRP D 63 25.29 64.71 34.40
CA TRP D 63 24.74 64.44 35.74
C TRP D 63 25.10 63.07 36.34
N ILE D 64 24.72 62.00 35.64
CA ILE D 64 24.73 60.65 36.24
C ILE D 64 26.14 60.12 36.51
N THR D 65 27.13 60.57 35.73
CA THR D 65 28.53 60.17 36.00
C THR D 65 29.01 60.58 37.40
N LEU D 66 28.37 61.60 37.98
CA LEU D 66 28.71 62.08 39.33
C LEU D 66 27.90 61.40 40.45
N HIS D 67 26.95 60.53 40.09
CA HIS D 67 26.17 59.77 41.08
C HIS D 67 25.87 58.39 40.54
N MET D 68 26.91 57.65 40.17
CA MET D 68 26.71 56.40 39.47
C MET D 68 25.97 55.33 40.28
N ASP D 69 25.82 55.55 41.59
CA ASP D 69 25.00 54.62 42.37
C ASP D 69 23.50 54.94 42.27
N GLU D 70 23.15 55.84 41.34
CA GLU D 70 21.74 56.21 41.09
C GLU D 70 21.22 55.76 39.74
N THR D 71 21.99 54.93 39.04
CA THR D 71 21.53 54.34 37.77
C THR D 71 20.48 53.28 38.13
N PRO D 72 19.54 53.00 37.21
CA PRO D 72 18.65 51.87 37.51
C PRO D 72 19.45 50.58 37.75
N GLN D 73 18.86 49.62 38.45
CA GLN D 73 19.48 48.32 38.70
C GLN D 73 18.48 47.18 38.52
N VAL D 74 19.01 45.96 38.49
CA VAL D 74 18.25 44.74 38.20
C VAL D 74 18.95 43.58 38.89
N TYR D 75 18.18 42.60 39.38
CA TYR D 75 18.77 41.33 39.84
C TYR D 75 19.08 40.43 38.65
N LEU D 76 20.31 39.93 38.61
CA LEU D 76 20.83 39.07 37.55
C LEU D 76 21.08 37.69 38.15
N LEU D 77 20.75 36.65 37.37
CA LEU D 77 21.03 35.25 37.76
C LEU D 77 22.18 34.73 36.93
N THR D 78 23.23 34.23 37.59
CA THR D 78 24.37 33.64 36.87
C THR D 78 23.98 32.34 36.16
N ASP D 79 24.86 31.85 35.28
CA ASP D 79 24.74 30.46 34.78
C ASP D 79 24.84 29.51 35.97
N ARG D 80 24.39 28.27 35.76
CA ARG D 80 24.46 27.22 36.74
C ARG D 80 25.86 26.60 36.74
N ILE D 81 26.57 26.69 37.86
CA ILE D 81 27.93 26.11 37.90
C ILE D 81 27.89 24.80 38.69
N LEU D 82 28.42 23.74 38.08
CA LEU D 82 28.47 22.44 38.73
C LEU D 82 29.61 22.39 39.75
N ALA D 83 29.29 22.17 41.02
CA ALA D 83 30.31 21.84 42.00
C ALA D 83 30.79 20.39 41.82
N GLU D 84 32.10 20.21 41.79
CA GLU D 84 32.73 18.88 41.69
C GLU D 84 33.43 18.47 43.00
N SER D 85 33.37 19.35 43.99
CA SER D 85 33.81 19.08 45.36
C SER D 85 32.97 19.98 46.26
N ASP D 86 33.51 20.30 47.43
CA ASP D 86 32.80 21.07 48.44
C ASP D 86 33.00 22.58 48.21
N THR D 87 33.73 22.93 47.15
CA THR D 87 33.88 24.33 46.74
C THR D 87 33.48 24.52 45.28
N VAL D 88 33.15 25.76 44.93
CA VAL D 88 32.78 26.08 43.57
C VAL D 88 32.89 27.58 43.40
N ASP D 89 33.49 27.99 42.28
CA ASP D 89 33.61 29.40 41.96
C ASP D 89 32.60 29.72 40.90
N ILE D 90 31.96 30.88 41.02
CA ILE D 90 30.90 31.30 40.12
C ILE D 90 31.18 32.72 39.57
N PRO D 91 31.57 32.80 38.30
CA PRO D 91 31.72 34.07 37.59
C PRO D 91 30.34 34.76 37.48
N LEU D 92 30.30 36.06 37.79
CA LEU D 92 29.05 36.83 37.81
C LEU D 92 28.67 37.30 36.44
N MET D 93 29.68 37.71 35.66
CA MET D 93 29.47 38.47 34.44
C MET D 93 29.72 37.71 33.12
N GLU D 94 30.22 36.49 33.15
CA GLU D 94 30.53 35.73 31.90
C GLU D 94 29.37 35.62 30.91
N SER D 95 28.13 35.60 31.39
CA SER D 95 26.96 35.48 30.46
C SER D 95 26.21 36.79 30.12
N PHE D 96 26.70 37.92 30.61
CA PHE D 96 26.02 39.19 30.40
C PHE D 96 26.86 40.16 29.60
N PHE D 97 26.19 41.11 28.96
CA PHE D 97 26.83 42.21 28.26
C PHE D 97 27.42 43.29 29.19
N ALA D 98 28.75 43.33 29.23
CA ALA D 98 29.50 44.19 30.15
C ALA D 98 29.33 45.69 29.91
N GLU D 99 29.00 46.08 28.68
CA GLU D 99 28.70 47.48 28.38
C GLU D 99 27.29 47.95 28.82
N GLN D 100 26.46 47.00 29.27
CA GLN D 100 25.07 47.28 29.69
C GLN D 100 24.93 47.15 31.21
N LEU D 101 25.69 46.21 31.78
CA LEU D 101 25.47 45.72 33.13
C LEU D 101 26.79 45.62 33.90
N LYS D 102 26.76 46.05 35.17
CA LYS D 102 27.95 46.05 36.02
C LYS D 102 27.52 45.61 37.41
N PRO D 103 28.19 44.59 37.98
CA PRO D 103 27.88 44.20 39.36
C PRO D 103 27.95 45.41 40.33
N ASN D 104 26.96 45.49 41.21
CA ASN D 104 26.95 46.51 42.25
C ASN D 104 27.80 45.99 43.42
N ARG D 105 28.99 46.57 43.62
CA ARG D 105 29.79 46.21 44.77
C ARG D 105 29.63 47.22 45.92
N ASP D 106 28.81 48.24 45.77
CA ASP D 106 28.71 49.24 46.83
C ASP D 106 27.80 48.76 47.95
N ALA D 107 26.68 48.18 47.55
CA ALA D 107 25.68 47.76 48.48
C ALA D 107 26.04 46.34 48.90
N ASP D 108 26.20 46.16 50.22
CA ASP D 108 26.63 44.90 50.84
C ASP D 108 26.05 43.62 50.20
N PRO D 109 26.92 42.86 49.49
CA PRO D 109 26.49 41.65 48.78
C PRO D 109 25.87 40.62 49.72
N HIS D 110 26.38 40.54 50.94
CA HIS D 110 25.77 39.63 51.91
C HIS D 110 24.38 40.00 52.38
N LYS D 111 24.01 41.26 52.24
CA LYS D 111 22.67 41.68 52.60
C LYS D 111 21.72 41.51 51.41
N TYR D 112 22.19 41.88 50.22
CA TYR D 112 21.34 42.08 49.04
C TYR D 112 21.32 40.92 48.02
N TRP D 113 22.31 40.02 48.11
CA TRP D 113 22.45 38.89 47.16
C TRP D 113 22.08 37.55 47.77
N GLU D 114 22.03 36.52 46.94
CA GLU D 114 21.66 35.19 47.35
C GLU D 114 22.41 34.19 46.47
N VAL D 115 23.03 33.20 47.10
CA VAL D 115 23.61 32.08 46.38
C VAL D 115 22.67 30.91 46.63
N VAL D 116 22.29 30.23 45.55
CA VAL D 116 21.27 29.19 45.63
C VAL D 116 21.85 27.90 45.11
N ASP D 117 21.65 26.83 45.88
CA ASP D 117 21.84 25.48 45.42
C ASP D 117 20.61 25.15 44.58
N ARG D 118 20.75 25.15 43.25
CA ARG D 118 19.57 24.92 42.37
C ARG D 118 19.06 23.50 42.41
N THR D 119 19.94 22.58 42.80
CA THR D 119 19.62 21.16 42.84
C THR D 119 18.67 20.87 44.01
N THR D 120 18.78 21.61 45.12
CA THR D 120 17.86 21.40 46.25
C THR D 120 16.91 22.56 46.42
N GLY D 121 17.23 23.70 45.82
CA GLY D 121 16.46 24.91 46.00
C GLY D 121 16.77 25.67 47.27
N GLU D 122 17.72 25.18 48.06
CA GLU D 122 18.14 25.88 49.27
C GLU D 122 19.05 27.06 49.01
N VAL D 123 18.84 28.12 49.78
CA VAL D 123 19.77 29.25 49.86
C VAL D 123 21.06 28.80 50.57
N VAL D 124 22.21 29.12 49.98
CA VAL D 124 23.50 28.90 50.63
C VAL D 124 23.74 29.95 51.73
N ASP D 125 24.03 29.50 52.95
CA ASP D 125 24.31 30.40 54.08
C ASP D 125 25.32 31.45 53.65
N SER D 126 25.05 32.73 53.91
CA SER D 126 26.00 33.78 53.49
C SER D 126 27.43 33.61 54.07
N ALA D 127 27.58 32.82 55.12
CA ALA D 127 28.92 32.50 55.69
C ALA D 127 29.72 31.59 54.78
N ASN D 128 29.04 30.88 53.88
CA ASN D 128 29.72 29.93 53.00
C ASN D 128 30.14 30.52 51.65
N TRP D 129 30.07 31.84 51.51
CA TRP D 129 30.49 32.45 50.26
C TRP D 129 31.05 33.83 50.43
N THR D 130 31.91 34.19 49.49
CA THR D 130 32.53 35.49 49.50
C THR D 130 32.67 35.99 48.07
N LEU D 131 32.70 37.30 47.95
CA LEU D 131 32.95 37.95 46.68
C LEU D 131 34.43 38.27 46.55
N ASP D 132 35.07 37.77 45.48
CA ASP D 132 36.46 38.10 45.19
C ASP D 132 36.70 39.62 45.18
N ALA D 133 37.80 40.05 45.80
CA ALA D 133 38.11 41.49 45.89
C ALA D 133 38.52 42.11 44.55
N ASP D 134 39.10 41.33 43.65
CA ASP D 134 39.65 41.87 42.39
C ASP D 134 38.93 41.43 41.10
N GLU D 135 38.06 40.43 41.22
CA GLU D 135 37.28 40.03 40.06
C GLU D 135 35.83 39.71 40.45
N ASP D 136 34.95 39.74 39.46
CA ASP D 136 33.52 39.49 39.67
C ASP D 136 33.27 37.99 39.65
N THR D 137 33.66 37.36 40.76
CA THR D 137 33.55 35.94 40.95
C THR D 137 33.18 35.68 42.39
N VAL D 138 32.15 34.87 42.59
CA VAL D 138 31.82 34.40 43.93
C VAL D 138 32.48 33.05 44.24
N HIS D 139 33.11 32.96 45.42
CA HIS D 139 33.70 31.69 45.93
C HIS D 139 32.76 31.09 46.92
N VAL D 140 32.32 29.86 46.67
CA VAL D 140 31.38 29.23 47.57
C VAL D 140 32.08 28.05 48.16
N SER D 141 31.89 27.83 49.45
CA SER D 141 32.47 26.66 50.07
C SER D 141 31.47 25.96 51.00
N GLY D 142 31.87 24.83 51.56
CA GLY D 142 31.01 24.04 52.44
C GLY D 142 29.81 23.47 51.71
N VAL D 143 29.91 23.22 50.40
CA VAL D 143 28.73 22.80 49.67
C VAL D 143 28.78 21.35 49.21
N ALA D 144 27.66 20.86 48.70
CA ALA D 144 27.53 19.48 48.24
C ALA D 144 28.02 19.33 46.80
N ALA D 145 28.88 18.33 46.58
CA ALA D 145 29.40 18.01 45.27
C ALA D 145 28.27 17.51 44.39
N TRP D 146 28.30 17.90 43.11
CA TRP D 146 27.37 17.41 42.05
C TRP D 146 26.03 18.11 42.06
N HIS D 147 25.98 19.23 42.75
CA HIS D 147 24.82 20.14 42.70
C HIS D 147 25.20 21.30 41.78
N GLU D 148 24.20 21.99 41.24
CA GLU D 148 24.43 23.18 40.46
C GLU D 148 24.16 24.38 41.37
N TYR D 149 25.02 25.40 41.25
CA TYR D 149 24.90 26.64 42.05
C TYR D 149 24.84 27.90 41.19
N THR D 150 24.07 28.89 41.63
CA THR D 150 23.98 30.19 40.98
C THR D 150 24.12 31.31 42.01
N VAL D 151 24.40 32.52 41.54
CA VAL D 151 24.31 33.72 42.38
C VAL D 151 23.29 34.62 41.74
N SER D 152 22.49 35.28 42.58
CA SER D 152 21.55 36.31 42.12
C SER D 152 22.13 37.58 42.66
N PHE D 153 22.51 38.50 41.78
CA PHE D 153 23.20 39.69 42.26
C PHE D 153 22.61 40.94 41.67
N LEU D 154 22.73 42.04 42.42
CA LEU D 154 22.38 43.35 41.90
C LEU D 154 23.40 43.88 40.93
N ALA D 155 22.89 44.43 39.83
CA ALA D 155 23.71 45.01 38.82
C ALA D 155 23.23 46.40 38.46
N TYR D 156 24.17 47.30 38.27
CA TYR D 156 23.87 48.63 37.77
C TYR D 156 23.63 48.50 36.28
N ILE D 157 22.60 49.21 35.78
CA ILE D 157 22.34 49.29 34.38
C ILE D 157 23.01 50.58 33.87
N ILE D 158 24.06 50.42 33.06
CA ILE D 158 24.92 51.53 32.65
C ILE D 158 24.71 52.05 31.22
N TRP D 159 23.73 51.49 30.51
CA TRP D 159 23.41 51.91 29.17
C TRP D 159 21.89 51.78 28.95
N ASP D 160 21.24 52.89 28.61
CA ASP D 160 19.80 52.92 28.40
C ASP D 160 19.47 52.00 27.23
N PRO D 161 18.41 51.16 27.34
CA PRO D 161 18.18 50.09 26.34
C PRO D 161 17.80 50.60 24.98
N VAL D 162 17.08 51.71 24.94
CA VAL D 162 16.62 52.25 23.67
C VAL D 162 17.84 52.79 22.92
N GLU D 163 18.64 53.59 23.59
CA GLU D 163 19.82 54.17 22.98
C GLU D 163 20.81 53.06 22.63
N MET D 164 20.83 52.01 23.46
CA MET D 164 21.70 50.86 23.22
C MET D 164 21.26 50.02 22.01
N TYR D 165 19.97 49.63 21.99
CA TYR D 165 19.42 48.90 20.85
C TYR D 165 19.70 49.64 19.54
N ASN D 166 19.51 50.97 19.55
CA ASN D 166 19.75 51.80 18.36
C ASN D 166 21.22 51.88 17.92
N HIS D 167 22.11 51.97 18.90
CA HIS D 167 23.55 51.95 18.65
C HIS D 167 23.93 50.63 17.98
N LEU D 168 23.52 49.51 18.58
CA LEU D 168 23.89 48.19 18.09
C LEU D 168 23.27 47.88 16.71
N THR D 169 22.03 48.32 16.49
CA THR D 169 21.30 48.06 15.24
C THR D 169 21.80 48.94 14.07
N ASN D 170 22.28 50.14 14.40
CA ASN D 170 22.76 51.09 13.38
C ASN D 170 24.27 51.29 13.38
N ASP D 171 25.01 50.39 14.03
CA ASP D 171 26.49 50.43 14.07
C ASP D 171 27.08 51.85 14.29
N TRP D 172 26.71 52.49 15.40
CA TRP D 172 27.18 53.85 15.72
C TRP D 172 28.65 53.93 16.21
N GLY D 173 29.30 52.79 16.41
CA GLY D 173 30.72 52.74 16.78
C GLY D 173 31.11 53.36 18.12
N ASP D 174 31.91 54.43 18.04
CA ASP D 174 32.51 55.09 19.21
C ASP D 174 31.63 56.16 19.86
N LYS D 175 30.47 56.44 19.29
CA LYS D 175 29.54 57.39 19.89
C LYS D 175 29.28 57.03 21.36
N GLU D 176 29.34 58.05 22.22
CA GLU D 176 29.19 57.85 23.65
C GLU D 176 27.89 57.16 24.03
N HIS D 177 27.97 56.27 25.01
CA HIS D 177 26.80 55.53 25.52
C HIS D 177 26.02 56.37 26.54
N GLU D 178 24.74 56.61 26.24
CA GLU D 178 23.83 57.29 27.16
C GLU D 178 23.53 56.43 28.38
N ILE D 179 23.92 56.92 29.55
CA ILE D 179 23.75 56.20 30.81
C ILE D 179 22.39 56.61 31.37
N PRO D 180 21.54 55.64 31.84
CA PRO D 180 20.24 56.05 32.37
C PRO D 180 20.27 56.32 33.89
N PHE D 181 19.24 56.94 34.42
CA PHE D 181 19.21 57.22 35.86
C PHE D 181 17.86 57.00 36.53
N ASP D 182 17.90 56.66 37.81
CA ASP D 182 16.73 56.19 38.53
C ASP D 182 16.23 57.32 39.46
N ILE D 183 15.03 57.85 39.18
CA ILE D 183 14.44 58.94 40.00
C ILE D 183 13.96 58.54 41.40
N TYR D 184 14.19 57.28 41.78
CA TYR D 184 13.80 56.81 43.09
C TYR D 184 14.69 57.45 44.14
N HIS D 185 15.93 57.73 43.74
CA HIS D 185 16.89 58.48 44.53
C HIS D 185 16.60 59.99 44.41
N PRO D 186 16.49 60.71 45.55
CA PRO D 186 16.01 62.10 45.53
C PRO D 186 16.90 63.03 44.72
N ALA D 187 18.22 62.82 44.81
CA ALA D 187 19.18 63.68 44.13
C ALA D 187 18.89 63.66 42.63
N THR D 188 18.79 62.46 42.05
CA THR D 188 18.45 62.34 40.61
C THR D 188 17.03 62.87 40.30
N ARG D 189 16.10 62.58 41.20
CA ARG D 189 14.75 63.06 41.04
C ARG D 189 14.69 64.61 40.87
N LYS D 190 15.36 65.33 41.77
CA LYS D 190 15.40 66.80 41.67
C LYS D 190 16.04 67.27 40.36
N PHE D 191 17.08 66.58 39.93
CA PHE D 191 17.73 66.94 38.69
C PHE D 191 16.75 66.85 37.53
N VAL D 192 15.94 65.80 37.53
CA VAL D 192 14.99 65.55 36.43
C VAL D 192 13.88 66.61 36.36
N PHE D 193 13.29 66.93 37.49
CA PHE D 193 12.22 67.92 37.51
C PHE D 193 12.69 69.36 37.22
N ASP D 194 13.84 69.74 37.79
CA ASP D 194 14.47 71.02 37.47
C ASP D 194 14.77 71.15 35.98
N THR D 195 15.36 70.10 35.40
CA THR D 195 15.64 70.09 33.95
C THR D 195 14.37 70.16 33.12
N PHE D 196 13.34 69.40 33.52
CA PHE D 196 12.05 69.50 32.83
C PHE D 196 11.42 70.89 32.95
N GLU D 197 11.49 71.48 34.13
CA GLU D 197 11.07 72.86 34.36
C GLU D 197 11.78 73.85 33.41
N GLN D 198 13.11 73.84 33.41
CA GLN D 198 13.90 74.68 32.49
C GLN D 198 13.46 74.47 31.04
N TRP D 199 13.47 73.21 30.60
CA TRP D 199 13.07 72.82 29.24
C TRP D 199 11.70 73.37 28.81
N LEU D 200 10.72 73.33 29.71
CA LEU D 200 9.42 73.91 29.44
C LEU D 200 9.58 75.41 29.10
N LYS D 201 10.32 76.14 29.95
CA LYS D 201 10.64 77.55 29.71
C LYS D 201 11.37 77.74 28.39
N ASP D 202 12.23 76.79 28.04
CA ASP D 202 12.99 76.86 26.77
C ASP D 202 12.25 76.43 25.50
N SER D 203 11.03 75.92 25.64
CA SER D 203 10.29 75.42 24.47
C SER D 203 8.90 76.03 24.34
N PRO D 204 8.82 77.38 24.15
CA PRO D 204 7.47 78.00 24.22
C PRO D 204 6.57 77.55 23.06
N GLN D 205 7.19 77.14 21.95
CA GLN D 205 6.49 76.71 20.74
C GLN D 205 5.93 75.28 20.80
N THR D 206 6.46 74.46 21.71
CA THR D 206 6.00 73.07 21.85
C THR D 206 4.60 73.07 22.39
N ASP D 207 3.72 72.39 21.69
CA ASP D 207 2.30 72.29 22.04
C ASP D 207 1.98 71.01 22.82
N VAL D 208 2.65 69.92 22.45
CA VAL D 208 2.49 68.59 23.06
C VAL D 208 3.85 68.06 23.49
N VAL D 209 4.04 67.83 24.79
CA VAL D 209 5.24 67.13 25.29
C VAL D 209 5.02 65.62 25.09
N ARG D 210 5.77 65.00 24.18
CA ARG D 210 5.62 63.57 23.98
C ARG D 210 6.66 62.84 24.81
N PHE D 211 6.25 62.41 25.99
CA PHE D 211 7.19 61.71 26.87
C PHE D 211 7.47 60.35 26.29
N THR D 212 8.75 60.13 25.97
CA THR D 212 9.21 58.89 25.35
C THR D 212 10.39 58.28 26.15
N THR D 213 10.09 57.67 27.30
CA THR D 213 8.77 57.62 27.89
C THR D 213 8.87 58.22 29.30
N PHE D 214 9.06 57.39 30.32
CA PHE D 214 9.20 57.87 31.69
C PHE D 214 10.42 57.33 32.44
N PHE D 215 10.22 56.47 33.42
CA PHE D 215 11.29 56.23 34.42
C PHE D 215 11.97 54.87 34.43
N TYR D 216 11.27 53.83 33.98
CA TYR D 216 11.81 52.48 34.07
C TYR D 216 11.59 51.74 32.78
N GLN D 217 12.68 51.18 32.24
CA GLN D 217 12.63 50.32 31.06
C GLN D 217 11.89 49.06 31.41
N PHE D 218 11.35 48.42 30.37
CA PHE D 218 10.88 47.05 30.48
C PHE D 218 12.06 46.08 30.48
N THR D 219 11.82 44.89 31.03
CA THR D 219 12.85 43.87 31.19
C THR D 219 13.54 43.62 29.84
N LEU D 220 14.83 43.91 29.78
CA LEU D 220 15.59 43.79 28.56
C LEU D 220 17.07 43.69 28.92
N LEU D 221 17.61 42.47 28.80
CA LEU D 221 19.00 42.15 29.18
C LEU D 221 19.70 41.49 27.99
N PHE D 222 20.96 41.89 27.78
CA PHE D 222 21.81 41.35 26.72
C PHE D 222 22.94 40.47 27.23
N ASP D 223 23.40 39.54 26.38
CA ASP D 223 24.45 38.59 26.77
C ASP D 223 25.85 39.07 26.33
N GLU D 224 26.89 38.32 26.71
CA GLU D 224 28.26 38.69 26.40
C GLU D 224 28.59 38.75 24.89
N LYS D 225 27.72 38.16 24.05
CA LYS D 225 27.86 38.25 22.61
C LYS D 225 27.05 39.39 21.99
N ARG D 226 26.53 40.30 22.84
CA ARG D 226 25.78 41.47 22.35
C ARG D 226 24.41 41.09 21.76
N ARG D 227 23.90 39.93 22.17
CA ARG D 227 22.60 39.41 21.74
C ARG D 227 21.59 39.61 22.84
N GLU D 228 20.34 39.84 22.47
CA GLU D 228 19.29 39.88 23.48
C GLU D 228 19.31 38.57 24.29
N LYS D 229 19.35 38.69 25.60
CA LYS D 229 19.39 37.52 26.49
C LYS D 229 18.00 37.26 27.15
N VAL D 230 17.37 38.32 27.67
CA VAL D 230 16.08 38.22 28.33
C VAL D 230 15.24 39.42 27.90
N VAL D 231 13.95 39.21 27.60
CA VAL D 231 13.05 40.33 27.28
C VAL D 231 11.64 40.03 27.78
N ASP D 232 10.98 41.06 28.31
CA ASP D 232 9.56 41.01 28.68
C ASP D 232 9.06 42.45 28.56
N TRP D 233 8.32 42.71 27.49
CA TRP D 233 7.78 44.02 27.21
C TRP D 233 6.92 44.55 28.38
N PHE D 234 6.46 43.65 29.25
CA PHE D 234 5.64 44.04 30.43
C PHE D 234 6.36 43.99 31.76
N GLY D 235 7.62 43.54 31.76
CA GLY D 235 8.28 43.19 33.00
C GLY D 235 8.95 44.34 33.75
N CYS D 236 8.99 44.22 35.07
CA CYS D 236 9.62 45.22 35.91
C CYS D 236 10.90 44.75 36.60
N ALA D 237 11.71 43.94 35.92
CA ALA D 237 12.96 43.49 36.52
C ALA D 237 13.90 44.67 36.80
N CYS D 238 13.91 45.63 35.88
CA CYS D 238 14.92 46.66 35.91
C CYS D 238 14.47 47.89 36.73
N THR D 239 14.08 47.62 37.98
CA THR D 239 13.37 48.60 38.79
C THR D 239 13.77 48.60 40.25
N VAL D 240 14.84 47.89 40.58
CA VAL D 240 15.21 47.73 41.97
C VAL D 240 16.38 48.64 42.34
N SER D 241 16.62 48.72 43.63
CA SER D 241 17.76 49.41 44.17
C SER D 241 17.81 49.01 45.61
N PRO D 242 19.00 49.09 46.23
CA PRO D 242 19.04 48.82 47.66
C PRO D 242 18.03 49.70 48.48
N ARG D 243 17.86 50.96 48.09
CA ARG D 243 16.95 51.84 48.82
C ARG D 243 15.48 51.36 48.65
N ALA D 244 15.07 51.07 47.41
CA ALA D 244 13.69 50.64 47.16
C ALA D 244 13.34 49.31 47.84
N LEU D 245 14.30 48.37 47.85
CA LEU D 245 14.13 47.06 48.51
C LEU D 245 14.00 47.20 50.04
N ASP D 246 14.84 48.06 50.61
CA ASP D 246 14.74 48.38 52.04
C ASP D 246 13.41 49.09 52.38
N ASP D 247 13.00 50.06 51.56
CA ASP D 247 11.70 50.75 51.73
C ASP D 247 10.53 49.80 51.59
N PHE D 248 10.64 48.89 50.63
CA PHE D 248 9.61 47.90 50.42
C PHE D 248 9.43 47.08 51.70
N GLU D 249 10.55 46.62 52.29
CA GLU D 249 10.43 45.81 53.51
C GLU D 249 9.69 46.54 54.66
N ALA D 250 10.08 47.81 54.88
CA ALA D 250 9.40 48.68 55.85
C ALA D 250 7.90 48.86 55.55
N LYS D 251 7.52 49.05 54.28
CA LYS D 251 6.09 49.23 53.92
C LYS D 251 5.24 47.93 53.95
N TYR D 252 5.85 46.79 53.64
CA TYR D 252 5.10 45.54 53.42
C TYR D 252 5.16 44.49 54.51
N GLY D 253 6.05 44.71 55.48
CA GLY D 253 6.22 43.76 56.59
C GLY D 253 6.89 42.43 56.24
N TYR D 254 7.66 42.42 55.15
CA TYR D 254 8.48 41.26 54.77
C TYR D 254 9.54 41.67 53.77
N ARG D 255 10.66 40.94 53.76
CA ARG D 255 11.75 41.23 52.85
C ARG D 255 11.73 40.33 51.61
N LEU D 256 11.74 40.94 50.42
CA LEU D 256 11.77 40.17 49.15
C LEU D 256 13.08 39.43 49.04
N ARG D 257 13.04 38.23 48.47
CA ARG D 257 14.27 37.52 48.14
C ARG D 257 14.73 37.98 46.78
N PRO D 258 16.06 37.93 46.50
CA PRO D 258 16.43 38.08 45.08
C PRO D 258 15.61 37.12 44.20
N GLU D 259 15.29 35.94 44.73
CA GLU D 259 14.49 34.95 44.00
C GLU D 259 13.13 35.49 43.57
N ASP D 260 12.56 36.45 44.29
CA ASP D 260 11.26 37.03 43.92
C ASP D 260 11.40 37.88 42.63
N PHE D 261 12.64 38.10 42.17
CA PHE D 261 12.87 38.84 40.94
C PHE D 261 13.42 37.91 39.81
N VAL D 262 14.49 37.18 40.10
CA VAL D 262 15.11 36.32 39.06
C VAL D 262 14.17 35.14 38.78
N ASP D 263 13.42 34.71 39.80
CA ASP D 263 12.29 33.76 39.61
C ASP D 263 12.76 32.46 38.89
N GLY D 264 13.87 31.90 39.37
CA GLY D 264 14.42 30.63 38.89
C GLY D 264 15.04 30.70 37.51
N GLY D 265 15.17 31.91 37.00
CA GLY D 265 15.61 32.14 35.64
C GLY D 265 14.51 32.62 34.69
N ALA D 266 13.29 32.68 35.22
CA ALA D 266 12.11 33.13 34.48
C ALA D 266 12.03 34.65 34.41
N TYR D 267 12.62 35.33 35.38
CA TYR D 267 12.54 36.81 35.51
C TYR D 267 11.12 37.40 35.46
N ASN D 268 10.14 36.70 36.03
CA ASN D 268 8.75 37.22 36.17
C ASN D 268 8.06 37.57 34.86
N SER D 269 8.39 36.82 33.82
CA SER D 269 7.61 36.73 32.61
C SER D 269 6.10 36.84 32.92
N ALA D 270 5.39 37.69 32.18
CA ALA D 270 3.91 37.75 32.28
C ALA D 270 3.22 36.39 32.09
N TRP D 271 3.93 35.43 31.50
CA TRP D 271 3.37 34.08 31.38
C TRP D 271 3.34 33.31 32.67
N ARG D 272 4.13 33.72 33.67
CA ARG D 272 4.15 33.04 34.95
C ARG D 272 2.90 33.40 35.77
N VAL D 273 2.28 32.42 36.42
CA VAL D 273 1.17 32.74 37.35
C VAL D 273 1.74 33.69 38.44
N PRO D 274 1.24 34.95 38.53
CA PRO D 274 1.90 35.84 39.50
C PRO D 274 1.55 35.45 40.90
N ARG D 275 2.48 35.61 41.82
CA ARG D 275 2.02 35.51 43.18
C ARG D 275 2.25 36.76 43.97
N LYS D 276 2.10 36.68 45.29
CA LYS D 276 1.95 37.85 46.13
C LYS D 276 3.12 38.81 45.95
N ALA D 277 4.34 38.27 45.96
CA ALA D 277 5.54 39.10 45.82
C ALA D 277 5.57 39.91 44.52
N GLN D 278 5.16 39.29 43.41
CA GLN D 278 5.09 40.01 42.14
C GLN D 278 4.02 41.10 42.17
N ARG D 279 2.84 40.76 42.68
CA ARG D 279 1.75 41.72 42.79
C ARG D 279 2.12 42.88 43.73
N ASP D 280 2.77 42.56 44.84
CA ASP D 280 3.18 43.59 45.81
C ASP D 280 4.19 44.56 45.15
N TRP D 281 5.14 44.00 44.41
CA TRP D 281 6.14 44.84 43.75
C TRP D 281 5.52 45.76 42.72
N ILE D 282 4.64 45.20 41.88
CA ILE D 282 3.88 46.01 40.91
C ILE D 282 3.13 47.18 41.56
N ASP D 283 2.50 46.94 42.71
CA ASP D 283 1.74 47.98 43.41
C ASP D 283 2.71 49.03 43.98
N PHE D 284 3.75 48.53 44.63
CA PHE D 284 4.80 49.41 45.15
C PHE D 284 5.39 50.32 44.08
N LEU D 285 5.95 49.72 43.02
CA LEU D 285 6.53 50.48 41.90
C LEU D 285 5.53 51.44 41.22
N SER D 286 4.34 50.94 40.95
CA SER D 286 3.28 51.74 40.32
C SER D 286 2.89 52.98 41.11
N GLY D 287 2.72 52.86 42.42
CA GLY D 287 2.40 54.00 43.29
C GLY D 287 3.40 55.13 43.02
N PHE D 288 4.67 54.78 43.05
CA PHE D 288 5.76 55.70 42.86
C PHE D 288 5.82 56.32 41.45
N VAL D 289 5.83 55.47 40.41
CA VAL D 289 5.85 55.92 39.00
C VAL D 289 4.70 56.90 38.70
N ARG D 290 3.48 56.50 39.09
CA ARG D 290 2.27 57.27 38.84
C ARG D 290 2.32 58.66 39.50
N GLU D 291 2.68 58.69 40.77
CA GLU D 291 2.88 59.96 41.46
C GLU D 291 3.80 60.91 40.66
N ASN D 292 4.88 60.38 40.09
CA ASN D 292 5.81 61.21 39.32
C ASN D 292 5.39 61.53 37.88
N VAL D 293 4.67 60.62 37.25
CA VAL D 293 4.05 60.94 35.98
C VAL D 293 3.08 62.10 36.17
N LYS D 294 2.30 62.05 37.25
CA LYS D 294 1.26 63.07 37.51
C LYS D 294 1.90 64.45 37.57
N GLN D 295 3.03 64.53 38.28
CA GLN D 295 3.77 65.77 38.43
C GLN D 295 4.28 66.29 37.08
N LEU D 296 4.80 65.38 36.23
CA LEU D 296 5.20 65.75 34.87
C LEU D 296 4.04 66.33 34.06
N ALA D 297 2.87 65.72 34.20
CA ALA D 297 1.67 66.14 33.48
C ALA D 297 1.14 67.49 34.00
N ASP D 298 1.08 67.65 35.33
CA ASP D 298 0.74 68.93 35.96
C ASP D 298 1.67 70.06 35.55
N MET D 299 2.97 69.78 35.47
CA MET D 299 3.93 70.76 35.00
C MET D 299 3.67 71.12 33.55
N SER D 300 3.43 70.12 32.71
CA SER D 300 3.10 70.36 31.30
C SER D 300 1.86 71.28 31.16
N HIS D 301 0.80 70.94 31.89
CA HIS D 301 -0.47 71.69 31.85
C HIS D 301 -0.34 73.15 32.34
N ALA D 302 0.45 73.38 33.40
CA ALA D 302 0.71 74.73 33.91
C ALA D 302 1.61 75.56 32.96
N ALA D 303 2.31 74.88 32.06
CA ALA D 303 3.12 75.56 31.05
C ALA D 303 2.27 75.78 29.81
N GLY D 304 1.02 75.29 29.88
CA GLY D 304 0.02 75.42 28.84
C GLY D 304 0.19 74.41 27.72
N LYS D 305 0.69 73.23 28.06
CA LYS D 305 1.05 72.20 27.08
C LYS D 305 0.38 70.90 27.42
N GLU D 306 0.10 70.09 26.41
CA GLU D 306 -0.47 68.76 26.65
C GLU D 306 0.60 67.74 27.05
N ALA D 307 0.21 66.78 27.90
CA ALA D 307 1.09 65.65 28.24
C ALA D 307 0.65 64.39 27.48
N MET D 308 1.59 63.81 26.75
CA MET D 308 1.36 62.61 25.94
C MET D 308 2.41 61.54 26.29
N MET D 309 1.94 60.31 26.50
CA MET D 309 2.83 59.18 26.85
C MET D 309 2.98 58.20 25.66
N PHE D 310 4.22 57.82 25.36
CA PHE D 310 4.46 56.73 24.41
C PHE D 310 4.20 55.39 25.12
N LEU D 311 3.33 54.56 24.52
CA LEU D 311 3.05 53.23 25.05
C LEU D 311 4.17 52.28 24.65
N GLY D 312 5.31 52.41 25.32
CA GLY D 312 6.52 51.69 24.94
C GLY D 312 7.72 52.26 25.65
N ASP D 313 8.92 51.77 25.29
CA ASP D 313 10.18 52.17 25.96
C ASP D 313 10.06 52.12 27.48
N GLN D 314 10.55 53.16 28.17
CA GLN D 314 10.46 53.22 29.63
C GLN D 314 9.03 53.50 30.13
N TRP D 315 8.12 52.59 29.83
CA TRP D 315 6.71 52.75 30.20
C TRP D 315 6.31 52.00 31.45
N ILE D 316 7.29 51.36 32.09
CA ILE D 316 6.99 50.44 33.19
C ILE D 316 6.54 51.14 34.48
N GLY D 317 5.52 50.56 35.12
CA GLY D 317 4.95 51.10 36.34
C GLY D 317 3.79 52.05 36.10
N THR D 318 3.48 52.35 34.82
CA THR D 318 2.32 53.17 34.50
C THR D 318 0.97 52.43 34.64
N GLU D 319 0.90 51.19 34.17
CA GLU D 319 -0.31 50.37 34.32
C GLU D 319 -1.57 51.10 33.82
N PRO D 320 -1.65 51.39 32.49
CA PRO D 320 -2.75 52.12 31.84
C PRO D 320 -4.14 51.49 32.05
N TYR D 321 -4.17 50.19 32.28
CA TYR D 321 -5.44 49.48 32.47
C TYR D 321 -5.80 49.20 33.94
N LYS D 322 -4.97 49.65 34.88
CA LYS D 322 -5.30 49.60 36.31
C LYS D 322 -6.04 50.86 36.72
N ASP D 323 -7.00 50.68 37.63
CA ASP D 323 -7.80 51.78 38.19
C ASP D 323 -6.95 52.95 38.67
N GLY D 324 -7.45 54.16 38.44
CA GLY D 324 -6.74 55.34 38.85
C GLY D 324 -5.73 55.87 37.85
N PHE D 325 -5.61 55.21 36.69
CA PHE D 325 -4.78 55.77 35.61
C PHE D 325 -5.28 57.17 35.20
N ASP D 326 -6.61 57.34 35.22
CA ASP D 326 -7.27 58.61 34.87
C ASP D 326 -6.81 59.80 35.69
N GLU D 327 -6.29 59.56 36.87
CA GLU D 327 -5.96 60.64 37.80
C GLU D 327 -4.59 61.26 37.56
N LEU D 328 -3.83 60.69 36.62
CA LEU D 328 -2.55 61.30 36.21
C LEU D 328 -2.82 62.56 35.38
N GLY D 329 -3.94 62.56 34.68
CA GLY D 329 -4.33 63.71 33.89
C GLY D 329 -3.65 63.76 32.55
N LEU D 330 -3.12 62.61 32.08
CA LEU D 330 -2.51 62.53 30.76
C LEU D 330 -3.52 62.79 29.65
N ASP D 331 -3.17 63.67 28.74
CA ASP D 331 -4.07 64.01 27.65
C ASP D 331 -4.20 62.91 26.60
N ALA D 332 -3.10 62.21 26.33
CA ALA D 332 -3.08 61.19 25.31
C ALA D 332 -2.08 60.07 25.59
N VAL D 333 -2.34 58.92 24.97
CA VAL D 333 -1.30 57.91 24.81
C VAL D 333 -1.08 57.76 23.31
N VAL D 334 0.19 57.64 22.93
CA VAL D 334 0.56 57.30 21.56
C VAL D 334 1.28 55.93 21.56
N GLY D 335 1.06 55.11 20.54
CA GLY D 335 1.75 53.80 20.49
C GLY D 335 1.92 53.24 19.08
N SER D 336 2.77 52.21 18.95
CA SER D 336 3.07 51.62 17.65
C SER D 336 2.01 50.64 17.21
N ILE D 337 1.57 50.81 15.99
CA ILE D 337 0.58 49.94 15.40
C ILE D 337 1.36 48.83 14.72
N GLY D 338 1.44 47.67 15.39
CA GLY D 338 2.10 46.47 14.84
C GLY D 338 1.12 45.52 14.18
N ASP D 339 -0.14 45.58 14.64
CA ASP D 339 -1.19 44.66 14.21
C ASP D 339 -2.52 45.05 14.89
N GLY D 340 -3.54 44.23 14.71
CA GLY D 340 -4.83 44.48 15.36
C GLY D 340 -4.75 44.52 16.87
N THR D 341 -4.01 43.57 17.46
CA THR D 341 -3.94 43.43 18.90
C THR D 341 -3.31 44.64 19.55
N THR D 342 -2.23 45.15 18.97
CA THR D 342 -1.50 46.29 19.53
C THR D 342 -2.25 47.59 19.24
N THR D 343 -3.00 47.62 18.14
CA THR D 343 -3.94 48.70 17.89
C THR D 343 -4.94 48.79 19.05
N ARG D 344 -5.65 47.69 19.33
CA ARG D 344 -6.52 47.63 20.50
C ARG D 344 -5.88 47.99 21.84
N MET D 345 -4.64 47.56 22.06
CA MET D 345 -3.94 47.86 23.31
C MET D 345 -3.81 49.38 23.55
N ILE D 346 -3.71 50.16 22.48
CA ILE D 346 -3.74 51.63 22.59
C ILE D 346 -5.20 52.11 22.71
N ALA D 347 -6.05 51.58 21.83
CA ALA D 347 -7.42 52.13 21.60
C ALA D 347 -8.33 52.01 22.82
N ASP D 348 -8.23 50.89 23.55
CA ASP D 348 -9.11 50.64 24.70
C ASP D 348 -8.61 51.32 25.99
N ILE D 349 -7.44 51.95 25.99
CA ILE D 349 -6.93 52.53 27.22
C ILE D 349 -7.92 53.57 27.77
N PRO D 350 -8.35 53.44 29.04
CA PRO D 350 -9.18 54.51 29.65
C PRO D 350 -8.31 55.53 30.36
N GLY D 351 -8.87 56.69 30.69
CA GLY D 351 -8.12 57.66 31.50
C GLY D 351 -7.46 58.78 30.71
N VAL D 352 -7.55 58.71 29.37
CA VAL D 352 -6.98 59.79 28.55
C VAL D 352 -8.03 60.47 27.67
N LYS D 353 -7.70 61.65 27.13
CA LYS D 353 -8.67 62.36 26.29
C LYS D 353 -8.68 61.82 24.87
N TYR D 354 -7.53 61.39 24.39
CA TYR D 354 -7.46 60.86 23.05
C TYR D 354 -6.30 59.89 22.91
N THR D 355 -6.33 59.12 21.83
CA THR D 355 -5.29 58.15 21.55
C THR D 355 -4.74 58.38 20.15
N GLU D 356 -3.50 57.97 19.92
CA GLU D 356 -2.88 58.14 18.59
C GLU D 356 -2.06 56.90 18.24
N GLY D 357 -2.15 56.48 16.99
CA GLY D 357 -1.32 55.41 16.44
C GLY D 357 -0.18 55.91 15.56
N ARG D 358 1.01 55.37 15.80
CA ARG D 358 2.15 55.52 14.91
C ARG D 358 2.22 54.29 13.96
N PHE D 359 1.85 54.51 12.70
CA PHE D 359 1.68 53.44 11.73
C PHE D 359 3.01 53.07 11.10
N LEU D 360 2.99 51.97 10.35
CA LEU D 360 4.19 51.43 9.69
C LEU D 360 4.06 51.48 8.17
N PRO D 361 5.19 51.53 7.43
CA PRO D 361 6.57 51.44 7.93
C PRO D 361 7.07 52.74 8.51
N TYR D 362 7.99 52.62 9.48
CA TYR D 362 8.80 53.73 9.96
C TYR D 362 9.62 54.29 8.78
N PHE D 363 9.87 55.59 8.73
CA PHE D 363 10.56 56.17 7.55
C PHE D 363 12.06 56.05 7.74
N PHE D 364 12.62 54.97 7.20
CA PHE D 364 13.97 54.52 7.51
C PHE D 364 14.45 53.63 6.36
N PRO D 365 15.79 53.57 6.10
CA PRO D 365 16.27 52.83 4.91
C PRO D 365 16.02 51.31 4.87
N ASP D 366 15.74 50.67 6.01
CA ASP D 366 15.43 49.23 6.01
C ASP D 366 14.19 48.88 5.18
N THR D 367 13.31 49.87 4.99
CA THR D 367 12.15 49.77 4.10
C THR D 367 12.31 50.69 2.87
N PHE D 368 12.76 51.92 3.10
CA PHE D 368 12.84 52.95 2.05
C PHE D 368 14.20 52.95 1.34
N TYR D 369 14.38 51.96 0.48
CA TYR D 369 15.54 51.83 -0.39
C TYR D 369 15.08 51.57 -1.82
N GLU D 370 15.92 51.95 -2.77
CA GLU D 370 15.67 51.72 -4.19
C GLU D 370 15.34 50.27 -4.52
N GLY D 371 14.21 50.08 -5.17
CA GLY D 371 13.77 48.75 -5.54
C GLY D 371 12.57 48.32 -4.75
N ASN D 372 12.43 48.80 -3.51
CA ASN D 372 11.30 48.37 -2.65
C ASN D 372 10.07 49.19 -2.90
N ASP D 373 8.90 48.60 -2.63
CA ASP D 373 7.61 49.27 -2.80
C ASP D 373 6.87 49.38 -1.44
N PRO D 374 7.23 50.38 -0.61
CA PRO D 374 6.75 50.52 0.78
C PRO D 374 5.22 50.64 0.90
N SER D 375 4.57 51.03 -0.20
CA SER D 375 3.13 51.16 -0.23
C SER D 375 2.45 49.85 0.14
N ILE D 376 3.04 48.73 -0.29
CA ILE D 376 2.55 47.40 0.09
C ILE D 376 2.54 47.23 1.61
N GLU D 377 3.65 47.51 2.29
CA GLU D 377 3.70 47.47 3.77
C GLU D 377 2.72 48.45 4.43
N GLY D 378 2.57 49.62 3.83
CA GLY D 378 1.72 50.70 4.35
C GLY D 378 0.25 50.30 4.38
N LEU D 379 -0.23 49.72 3.27
CA LEU D 379 -1.61 49.25 3.21
C LEU D 379 -1.85 47.99 4.05
N ASP D 380 -0.83 47.12 4.15
CA ASP D 380 -0.86 45.94 5.01
C ASP D 380 -1.14 46.38 6.45
N ASN D 381 -0.31 47.29 6.95
CA ASN D 381 -0.49 47.89 8.27
C ASN D 381 -1.86 48.56 8.45
N TRP D 382 -2.25 49.38 7.48
CA TRP D 382 -3.54 50.04 7.58
C TRP D 382 -4.70 49.03 7.69
N ARG D 383 -4.73 48.02 6.83
CA ARG D 383 -5.77 46.96 6.89
C ARG D 383 -5.90 46.30 8.27
N LYS D 384 -4.77 45.96 8.87
CA LYS D 384 -4.74 45.29 10.17
C LYS D 384 -5.19 46.21 11.30
N ALA D 385 -4.87 47.50 11.19
CA ALA D 385 -5.32 48.44 12.23
C ALA D 385 -6.79 48.84 12.05
N ARG D 386 -7.21 48.94 10.78
CA ARG D 386 -8.56 49.39 10.40
C ARG D 386 -9.67 48.45 10.94
N ARG D 387 -9.48 47.15 10.75
CA ARG D 387 -10.47 46.21 11.26
C ARG D 387 -10.71 46.37 12.78
N ALA D 388 -9.66 46.75 13.52
CA ALA D 388 -9.73 46.97 14.98
C ALA D 388 -10.27 48.35 15.34
N ILE D 389 -9.90 49.33 14.53
CA ILE D 389 -10.37 50.70 14.73
C ILE D 389 -11.91 50.78 14.67
N LEU D 390 -12.54 50.03 13.76
CA LEU D 390 -13.98 50.05 13.68
C LEU D 390 -14.63 49.55 14.98
N ARG D 391 -13.93 48.66 15.69
CA ARG D 391 -14.44 48.09 16.95
C ARG D 391 -14.03 48.98 18.12
N SER D 392 -12.94 49.70 17.98
CA SER D 392 -12.47 50.59 19.06
C SER D 392 -11.63 51.73 18.45
N PRO D 393 -12.30 52.86 18.12
CA PRO D 393 -11.67 53.92 17.34
C PRO D 393 -10.45 54.54 18.03
N ILE D 394 -9.37 54.79 17.28
CA ILE D 394 -8.32 55.66 17.83
C ILE D 394 -8.57 57.07 17.29
N SER D 395 -8.15 58.08 18.03
CA SER D 395 -8.49 59.45 17.65
C SER D 395 -7.64 59.97 16.49
N ARG D 396 -6.38 59.53 16.42
CA ARG D 396 -5.40 60.12 15.54
C ARG D 396 -4.46 59.08 14.91
N MET D 397 -3.84 59.50 13.81
CA MET D 397 -2.81 58.72 13.13
C MET D 397 -1.56 59.53 12.80
N GLY D 398 -0.53 58.85 12.29
CA GLY D 398 0.72 59.49 11.92
C GLY D 398 1.83 58.49 11.69
N TYR D 399 2.99 59.00 11.29
CA TYR D 399 4.14 58.18 10.96
C TYR D 399 5.36 58.79 11.59
N GLY D 400 6.44 58.03 11.67
CA GLY D 400 7.68 58.55 12.24
C GLY D 400 8.88 58.26 11.36
N GLY D 401 10.01 58.87 11.69
CA GLY D 401 11.24 58.71 10.92
C GLY D 401 11.58 59.94 10.10
N TYR D 402 12.39 59.73 9.06
CA TYR D 402 12.87 60.82 8.21
C TYR D 402 11.93 61.01 7.04
N LEU D 403 11.24 62.15 7.05
CA LEU D 403 10.37 62.54 5.96
C LEU D 403 11.08 62.54 4.60
N SER D 404 12.34 62.98 4.61
CA SER D 404 13.12 63.12 3.37
C SER D 404 13.26 61.80 2.60
N LEU D 405 13.33 60.69 3.34
CA LEU D 405 13.32 59.36 2.76
C LEU D 405 11.99 59.00 2.12
N ALA D 406 10.90 59.17 2.86
CA ALA D 406 9.56 58.88 2.35
C ALA D 406 9.22 59.71 1.10
N ALA D 407 9.64 60.97 1.10
CA ALA D 407 9.33 61.90 0.01
C ALA D 407 9.88 61.41 -1.33
N LYS D 408 10.78 60.42 -1.30
CA LYS D 408 11.42 59.89 -2.49
C LYS D 408 10.71 58.72 -3.11
N PHE D 409 9.57 58.33 -2.50
CA PHE D 409 8.81 57.18 -2.98
C PHE D 409 7.41 57.64 -3.33
N PRO D 410 7.21 58.03 -4.60
CA PRO D 410 5.96 58.66 -5.04
C PRO D 410 4.70 57.80 -4.81
N LYS D 411 4.77 56.50 -5.12
CA LYS D 411 3.66 55.60 -4.90
C LYS D 411 3.31 55.54 -3.39
N PHE D 412 4.33 55.49 -2.54
CA PHE D 412 4.11 55.47 -1.09
C PHE D 412 3.40 56.72 -0.59
N VAL D 413 3.93 57.89 -0.96
CA VAL D 413 3.33 59.20 -0.65
C VAL D 413 1.83 59.27 -0.98
N ASP D 414 1.43 58.73 -2.13
CA ASP D 414 0.00 58.70 -2.53
C ASP D 414 -0.80 57.72 -1.69
N THR D 415 -0.13 56.68 -1.20
CA THR D 415 -0.77 55.66 -0.40
C THR D 415 -1.11 56.27 0.94
N VAL D 416 -0.20 57.07 1.47
CA VAL D 416 -0.47 57.79 2.72
C VAL D 416 -1.63 58.76 2.55
N THR D 417 -1.62 59.51 1.43
CA THR D 417 -2.76 60.39 1.14
C THR D 417 -4.06 59.61 1.25
N HIS D 418 -4.15 58.49 0.54
CA HIS D 418 -5.33 57.62 0.59
C HIS D 418 -5.68 57.18 2.02
N ILE D 419 -4.66 56.79 2.79
CA ILE D 419 -4.89 56.29 4.14
C ILE D 419 -5.37 57.39 5.10
N ALA D 420 -4.77 58.57 5.02
CA ALA D 420 -5.15 59.73 5.84
C ALA D 420 -6.60 60.15 5.56
N ASN D 421 -6.97 60.11 4.28
CA ASN D 421 -8.31 60.43 3.84
C ASN D 421 -9.38 59.42 4.28
N GLU D 422 -9.08 58.13 4.16
CA GLU D 422 -10.02 57.10 4.61
C GLU D 422 -10.13 57.07 6.13
N PHE D 423 -9.01 57.22 6.82
CA PHE D 423 -9.02 57.41 8.26
C PHE D 423 -10.02 58.49 8.66
N ARG D 424 -9.87 59.69 8.09
CA ARG D 424 -10.76 60.82 8.40
C ARG D 424 -12.22 60.51 8.06
N ASP D 425 -12.46 59.90 6.91
CA ASP D 425 -13.81 59.54 6.44
C ASP D 425 -14.54 58.65 7.44
N ILE D 426 -13.81 57.64 7.96
CA ILE D 426 -14.33 56.73 8.98
C ILE D 426 -14.75 57.53 10.22
N HIS D 427 -13.90 58.44 10.65
CA HIS D 427 -14.17 59.21 11.86
C HIS D 427 -15.34 60.19 11.70
N ASP D 428 -15.43 60.81 10.54
CA ASP D 428 -16.44 61.85 10.30
C ASP D 428 -17.83 61.25 10.17
N ARG D 429 -17.91 60.08 9.57
CA ARG D 429 -19.18 59.39 9.39
C ARG D 429 -19.79 58.86 10.69
N THR D 430 -18.95 58.58 11.70
CA THR D 430 -19.36 57.81 12.88
C THR D 430 -19.21 58.60 14.19
N GLY D 431 -18.57 59.76 14.11
CA GLY D 431 -18.31 60.54 15.31
C GLY D 431 -17.30 59.91 16.25
N GLY D 432 -16.57 58.89 15.76
CA GLY D 432 -15.55 58.22 16.57
C GLY D 432 -16.20 57.25 17.53
N VAL D 433 -17.29 56.66 17.06
CA VAL D 433 -18.08 55.69 17.83
C VAL D 433 -17.69 54.25 17.43
N ALA D 434 -17.55 53.35 18.41
CA ALA D 434 -17.34 51.91 18.18
C ALA D 434 -18.52 51.27 17.43
N ALA D 435 -18.26 50.39 16.47
CA ALA D 435 -19.31 49.59 15.85
C ALA D 435 -20.08 48.80 16.90
N GLU D 436 -21.29 48.37 16.54
CA GLU D 436 -22.10 47.56 17.44
C GLU D 436 -21.52 46.13 17.59
N GLY D 437 -21.28 45.71 18.83
CA GLY D 437 -20.80 44.36 19.11
C GLY D 437 -21.98 43.41 19.21
N GLU D 438 -21.87 42.23 18.61
CA GLU D 438 -23.03 41.34 18.50
C GLU D 438 -23.13 40.31 19.62
N LEU D 439 -22.04 40.14 20.39
CA LEU D 439 -22.00 39.27 21.57
C LEU D 439 -21.00 39.89 22.53
N ASN D 440 -21.10 39.53 23.79
CA ASN D 440 -20.16 40.04 24.80
C ASN D 440 -19.29 38.86 25.19
N VAL D 441 -18.00 38.98 24.92
CA VAL D 441 -17.06 37.90 25.11
C VAL D 441 -16.04 38.31 26.19
N ALA D 442 -15.78 37.44 27.17
CA ALA D 442 -14.75 37.70 28.19
C ALA D 442 -13.57 36.72 28.10
N ILE D 443 -12.37 37.26 28.01
CA ILE D 443 -11.15 36.45 28.15
C ILE D 443 -10.79 36.35 29.64
N LEU D 444 -10.75 35.12 30.15
CA LEU D 444 -10.48 34.89 31.56
C LEU D 444 -9.04 34.37 31.79
N ASN D 445 -8.25 35.09 32.58
CA ASN D 445 -6.92 34.61 32.97
C ASN D 445 -6.54 35.21 34.34
N SER D 446 -5.29 35.04 34.78
CA SER D 446 -4.83 35.49 36.11
C SER D 446 -4.76 37.00 36.24
N TRP D 447 -4.47 37.68 35.13
CA TRP D 447 -4.26 39.14 35.15
C TRP D 447 -5.54 39.96 34.94
N GLY D 448 -6.43 39.48 34.08
CA GLY D 448 -7.62 40.25 33.78
C GLY D 448 -7.26 41.56 33.08
N LYS D 449 -7.93 42.63 33.52
CA LYS D 449 -8.02 43.90 32.82
C LYS D 449 -6.68 44.61 32.66
N MET D 450 -5.84 44.50 33.69
CA MET D 450 -4.54 45.13 33.70
C MET D 450 -3.62 44.63 32.58
N ARG D 451 -3.95 43.49 31.98
CA ARG D 451 -3.24 43.04 30.78
C ARG D 451 -4.16 42.88 29.55
N SER D 452 -5.09 43.81 29.37
CA SER D 452 -5.93 43.85 28.17
C SER D 452 -5.07 43.92 26.94
N TRP D 453 -5.27 42.95 26.04
CA TRP D 453 -4.54 42.86 24.76
C TRP D 453 -3.05 42.68 24.93
N MET D 454 -2.65 42.16 26.10
CA MET D 454 -1.25 41.99 26.49
C MET D 454 -0.98 40.53 26.83
N ALA D 455 -1.95 39.67 26.60
CA ALA D 455 -1.73 38.25 26.84
C ALA D 455 -0.91 37.64 25.70
N PHE D 456 -0.30 36.49 25.97
CA PHE D 456 0.36 35.66 24.96
C PHE D 456 1.48 36.40 24.21
N THR D 457 2.15 37.30 24.94
CA THR D 457 3.12 38.20 24.36
C THR D 457 4.41 38.15 25.17
N VAL D 458 5.55 38.15 24.48
CA VAL D 458 6.86 38.25 25.12
C VAL D 458 7.50 39.59 24.72
N ALA D 459 7.84 39.73 23.44
CA ALA D 459 8.26 41.00 22.86
C ALA D 459 7.12 41.58 22.03
N HIS D 460 7.06 42.92 21.97
CA HIS D 460 5.94 43.64 21.34
C HIS D 460 5.71 43.21 19.88
N ALA D 461 4.47 42.84 19.53
CA ALA D 461 4.06 42.44 18.17
C ALA D 461 4.99 41.45 17.41
N LEU D 462 5.61 40.52 18.13
CA LEU D 462 6.55 39.57 17.52
C LEU D 462 6.21 38.12 17.96
N PRO D 463 5.06 37.58 17.52
CA PRO D 463 4.66 36.21 17.90
C PRO D 463 5.56 35.14 17.27
N ASN D 464 5.72 34.02 17.95
CA ASN D 464 6.71 33.06 17.53
C ASN D 464 6.12 31.68 17.70
N LYS D 465 6.98 30.67 17.57
CA LYS D 465 6.55 29.27 17.55
C LYS D 465 5.75 28.94 18.80
N GLN D 466 6.20 29.49 19.92
CA GLN D 466 5.65 29.15 21.22
C GLN D 466 4.42 29.97 21.53
N THR D 467 4.24 31.12 20.87
CA THR D 467 3.06 31.95 21.21
C THR D 467 1.96 32.06 20.19
N TYR D 468 2.24 31.78 18.91
CA TYR D 468 1.32 32.18 17.85
C TYR D 468 -0.04 31.47 17.83
N SER D 469 -0.07 30.25 18.34
CA SER D 469 -1.32 29.47 18.49
C SER D 469 -2.33 30.09 19.47
N TYR D 470 -1.85 30.96 20.36
CA TYR D 470 -2.67 31.63 21.37
C TYR D 470 -2.77 33.12 21.06
N TYR D 471 -1.67 33.73 20.63
CA TYR D 471 -1.74 35.13 20.14
C TYR D 471 -2.83 35.35 19.07
N GLY D 472 -2.98 34.36 18.17
CA GLY D 472 -4.03 34.34 17.14
C GLY D 472 -5.46 34.51 17.64
N ILE D 473 -5.74 34.06 18.86
CA ILE D 473 -7.03 34.35 19.52
C ILE D 473 -7.25 35.86 19.62
N LEU D 474 -6.26 36.56 20.17
CA LEU D 474 -6.35 38.03 20.35
C LEU D 474 -6.42 38.78 19.02
N GLU D 475 -5.56 38.39 18.06
CA GLU D 475 -5.55 39.03 16.75
C GLU D 475 -6.90 38.83 16.04
N SER D 476 -7.48 37.64 16.14
CA SER D 476 -8.81 37.41 15.58
C SER D 476 -9.84 38.31 16.27
N LEU D 477 -9.84 38.33 17.59
CA LEU D 477 -10.82 39.15 18.33
C LEU D 477 -10.65 40.66 18.13
N SER D 478 -9.42 41.11 17.89
CA SER D 478 -9.12 42.54 17.92
C SER D 478 -10.00 43.32 16.94
N GLY D 479 -10.38 42.66 15.83
CA GLY D 479 -11.22 43.31 14.83
C GLY D 479 -12.57 42.63 14.61
N MET D 480 -12.97 41.82 15.58
CA MET D 480 -14.15 40.99 15.39
C MET D 480 -15.38 41.79 15.85
N ARG D 481 -16.53 41.52 15.24
CA ARG D 481 -17.79 42.23 15.58
C ARG D 481 -18.42 41.76 16.92
N VAL D 482 -17.61 41.59 17.96
CA VAL D 482 -18.13 41.28 19.30
C VAL D 482 -17.54 42.31 20.25
N ASN D 483 -18.12 42.49 21.44
CA ASN D 483 -17.49 43.27 22.53
C ASN D 483 -16.57 42.37 23.39
N VAL D 484 -15.29 42.73 23.48
CA VAL D 484 -14.29 41.93 24.24
C VAL D 484 -13.90 42.63 25.53
N ARG D 485 -13.99 41.92 26.65
CA ARG D 485 -13.48 42.36 27.92
C ARG D 485 -12.53 41.31 28.47
N PHE D 486 -11.71 41.73 29.43
CA PHE D 486 -10.68 40.89 30.08
C PHE D 486 -10.95 40.82 31.56
N ILE D 487 -11.12 39.61 32.11
CA ILE D 487 -11.45 39.42 33.51
C ILE D 487 -10.47 38.45 34.15
N SER D 488 -10.28 38.58 35.46
CA SER D 488 -9.37 37.74 36.25
C SER D 488 -10.13 36.70 37.05
N PHE D 489 -9.44 35.64 37.43
CA PHE D 489 -9.98 34.67 38.39
C PHE D 489 -10.39 35.34 39.70
N ASP D 490 -9.61 36.32 40.16
CA ASP D 490 -10.03 37.10 41.34
C ASP D 490 -11.38 37.83 41.16
N ASP D 491 -11.64 38.42 40.00
CA ASP D 491 -12.93 39.04 39.71
C ASP D 491 -14.07 38.00 39.86
N VAL D 492 -13.86 36.82 39.25
CA VAL D 492 -14.86 35.76 39.24
C VAL D 492 -15.15 35.22 40.65
N LEU D 493 -14.09 34.95 41.41
CA LEU D 493 -14.19 34.45 42.77
C LEU D 493 -14.89 35.45 43.71
N ALA D 494 -14.62 36.74 43.52
CA ALA D 494 -15.21 37.80 44.35
C ALA D 494 -16.67 38.14 43.98
N HIS D 495 -17.02 38.07 42.69
CA HIS D 495 -18.28 38.66 42.17
C HIS D 495 -19.13 37.74 41.30
N GLY D 496 -18.72 36.48 41.11
CA GLY D 496 -19.33 35.65 40.09
C GLY D 496 -19.09 36.20 38.67
N ILE D 497 -19.83 35.69 37.70
CA ILE D 497 -19.72 36.09 36.31
C ILE D 497 -20.86 37.05 35.93
N ASP D 498 -20.49 38.22 35.42
CA ASP D 498 -21.47 39.25 35.11
C ASP D 498 -22.52 38.72 34.16
N SER D 499 -23.77 39.15 34.40
CA SER D 499 -24.95 38.58 33.73
C SER D 499 -25.05 38.93 32.25
N ASP D 500 -24.25 39.92 31.81
CA ASP D 500 -24.28 40.31 30.39
C ASP D 500 -23.29 39.51 29.50
N ILE D 501 -22.36 38.78 30.10
CA ILE D 501 -21.34 38.01 29.36
C ILE D 501 -22.02 36.84 28.66
N ASP D 502 -21.76 36.71 27.35
CA ASP D 502 -22.23 35.56 26.58
C ASP D 502 -21.27 34.40 26.54
N VAL D 503 -19.97 34.69 26.46
CA VAL D 503 -18.96 33.65 26.29
C VAL D 503 -17.74 33.97 27.14
N ILE D 504 -17.18 32.97 27.82
CA ILE D 504 -15.86 33.07 28.44
C ILE D 504 -14.84 32.22 27.66
N ILE D 505 -13.67 32.82 27.38
CA ILE D 505 -12.56 32.15 26.72
C ILE D 505 -11.45 32.01 27.76
N ASN D 506 -10.97 30.78 27.95
CA ASN D 506 -9.77 30.50 28.74
C ASN D 506 -8.79 29.77 27.83
N GLY D 507 -7.53 30.16 27.82
CA GLY D 507 -6.63 29.61 26.83
C GLY D 507 -5.16 29.74 27.18
N GLY D 508 -4.36 28.83 26.60
CA GLY D 508 -2.89 28.84 26.77
C GLY D 508 -2.36 27.48 27.20
N PRO D 509 -1.05 27.38 27.50
CA PRO D 509 -0.49 26.14 28.05
C PRO D 509 -0.79 25.99 29.54
N VAL D 510 -0.69 24.75 30.04
CA VAL D 510 -0.79 24.48 31.45
C VAL D 510 0.24 25.34 32.21
N ASP D 511 -0.09 25.71 33.43
CA ASP D 511 0.86 26.36 34.38
C ASP D 511 1.39 27.72 33.90
N THR D 512 0.53 28.46 33.19
CA THR D 512 0.82 29.83 32.82
C THR D 512 -0.27 30.74 33.41
N ALA D 513 0.03 32.04 33.57
CA ALA D 513 -0.98 33.01 33.98
C ALA D 513 -2.20 32.98 33.09
N PHE D 514 -2.08 32.46 31.86
CA PHE D 514 -3.19 32.56 30.92
C PHE D 514 -4.23 31.44 31.07
N THR D 515 -3.79 30.25 31.47
CA THR D 515 -4.74 29.19 31.83
C THR D 515 -5.13 29.31 33.29
N GLY D 516 -4.14 29.41 34.17
CA GLY D 516 -4.42 29.84 35.55
C GLY D 516 -3.75 29.04 36.64
N GLY D 517 -3.22 27.86 36.30
CA GLY D 517 -2.50 27.07 37.29
C GLY D 517 -3.47 26.51 38.31
N ASP D 518 -3.02 26.49 39.57
CA ASP D 518 -3.73 25.83 40.65
C ASP D 518 -5.03 26.49 41.08
N VAL D 519 -5.31 27.67 40.53
CA VAL D 519 -6.62 28.30 40.71
C VAL D 519 -7.73 27.32 40.29
N TRP D 520 -7.44 26.44 39.34
CA TRP D 520 -8.41 25.46 38.87
C TRP D 520 -8.68 24.29 39.86
N THR D 521 -7.94 24.23 40.96
CA THR D 521 -8.20 23.28 42.07
C THR D 521 -9.07 23.93 43.17
N ASN D 522 -9.28 25.23 43.06
CA ASN D 522 -10.21 25.96 43.93
C ASN D 522 -11.67 25.61 43.54
N PRO D 523 -12.41 24.89 44.41
CA PRO D 523 -13.73 24.39 43.99
C PRO D 523 -14.75 25.50 43.69
N LYS D 524 -14.59 26.63 44.38
CA LYS D 524 -15.45 27.77 44.17
C LYS D 524 -15.37 28.31 42.73
N LEU D 525 -14.19 28.22 42.12
CA LEU D 525 -14.07 28.61 40.72
C LEU D 525 -14.81 27.63 39.80
N VAL D 526 -14.58 26.33 40.04
CA VAL D 526 -15.17 25.29 39.22
C VAL D 526 -16.70 25.29 39.33
N GLU D 527 -17.19 25.49 40.54
CA GLU D 527 -18.62 25.62 40.81
C GLU D 527 -19.21 26.79 40.03
N THR D 528 -18.55 27.94 40.10
CA THR D 528 -19.09 29.17 39.52
C THR D 528 -19.23 28.99 38.00
N VAL D 529 -18.18 28.45 37.38
CA VAL D 529 -18.19 28.28 35.94
C VAL D 529 -19.19 27.22 35.49
N ARG D 530 -19.21 26.08 36.19
CA ARG D 530 -20.11 25.00 35.83
C ARG D 530 -21.58 25.43 35.93
N ALA D 531 -21.94 26.11 37.01
CA ALA D 531 -23.33 26.52 37.24
C ALA D 531 -23.76 27.51 36.15
N TRP D 532 -22.84 28.43 35.81
CA TRP D 532 -23.09 29.43 34.80
C TRP D 532 -23.31 28.81 33.43
N VAL D 533 -22.45 27.88 33.04
CA VAL D 533 -22.60 27.22 31.73
C VAL D 533 -23.90 26.40 31.75
N ARG D 534 -24.16 25.68 32.84
CA ARG D 534 -25.39 24.86 32.91
C ARG D 534 -26.67 25.69 32.69
N GLY D 535 -26.67 26.95 33.13
CA GLY D 535 -27.82 27.82 32.97
C GLY D 535 -27.89 28.55 31.62
N GLY D 536 -26.91 28.32 30.74
CA GLY D 536 -26.93 28.92 29.38
C GLY D 536 -25.62 29.63 28.96
N GLY D 537 -24.63 29.66 29.85
CA GLY D 537 -23.34 30.27 29.54
C GLY D 537 -22.60 29.49 28.45
N ALA D 538 -21.50 30.07 27.98
CA ALA D 538 -20.64 29.43 26.97
C ALA D 538 -19.18 29.52 27.38
N PHE D 539 -18.51 28.38 27.32
CA PHE D 539 -17.10 28.32 27.71
C PHE D 539 -16.33 27.72 26.57
N VAL D 540 -15.34 28.48 26.13
CA VAL D 540 -14.48 28.09 25.00
C VAL D 540 -13.06 27.93 25.53
N GLY D 541 -12.52 26.74 25.41
CA GLY D 541 -11.24 26.44 25.98
C GLY D 541 -10.25 26.19 24.87
N VAL D 542 -9.11 26.88 24.95
CA VAL D 542 -8.12 26.76 23.88
C VAL D 542 -6.81 26.22 24.42
N GLY D 543 -6.35 25.12 23.83
CA GLY D 543 -4.97 24.65 24.13
C GLY D 543 -5.01 23.74 25.32
N GLU D 544 -4.69 24.26 26.51
CA GLU D 544 -4.83 23.49 27.75
C GLU D 544 -5.73 24.20 28.76
N PRO D 545 -7.00 24.41 28.38
CA PRO D 545 -7.90 25.23 29.25
C PRO D 545 -8.18 24.56 30.59
N SER D 546 -8.28 25.35 31.67
CA SER D 546 -8.53 24.81 33.03
C SER D 546 -7.58 23.70 33.51
N SER D 547 -6.37 23.65 32.99
CA SER D 547 -5.46 22.56 33.31
C SER D 547 -4.79 22.74 34.68
N ALA D 548 -4.71 21.63 35.41
CA ALA D 548 -4.07 21.58 36.71
C ALA D 548 -3.37 20.22 36.80
N PRO D 549 -2.02 20.22 36.76
CA PRO D 549 -1.32 18.94 36.74
C PRO D 549 -1.39 18.28 38.11
N ARG D 550 -1.38 16.96 38.12
CA ARG D 550 -1.33 16.17 39.36
C ARG D 550 -2.57 16.14 40.28
N PHE D 551 -3.39 17.17 40.30
CA PHE D 551 -4.50 17.29 41.26
C PHE D 551 -5.42 16.08 41.25
N GLN D 552 -5.83 15.64 40.05
CA GLN D 552 -6.58 14.44 39.86
C GLN D 552 -5.81 13.55 38.91
N THR D 553 -5.63 12.29 39.29
CA THR D 553 -4.88 11.40 38.44
C THR D 553 -5.53 11.28 37.05
N GLY D 554 -6.85 11.35 37.01
CA GLY D 554 -7.60 10.96 35.81
C GLY D 554 -8.27 12.10 35.09
N ARG D 555 -7.92 13.33 35.45
CA ARG D 555 -8.54 14.51 34.85
C ARG D 555 -7.52 15.66 34.91
N PHE D 556 -7.10 16.14 33.75
CA PHE D 556 -6.08 17.19 33.63
C PHE D 556 -6.77 18.55 33.40
N PHE D 557 -7.60 18.62 32.37
CA PHE D 557 -8.46 19.79 32.17
C PHE D 557 -9.54 19.66 33.25
N GLN D 558 -9.56 20.58 34.21
CA GLN D 558 -10.51 20.47 35.30
C GLN D 558 -11.96 20.61 34.81
N LEU D 559 -12.14 21.34 33.70
CA LEU D 559 -13.46 21.51 33.07
C LEU D 559 -13.62 20.65 31.83
N ALA D 560 -12.93 19.52 31.75
CA ALA D 560 -13.14 18.56 30.65
C ALA D 560 -14.62 18.14 30.50
N ASP D 561 -15.35 18.01 31.60
CA ASP D 561 -16.77 17.64 31.52
C ASP D 561 -17.56 18.68 30.69
N VAL D 562 -17.18 19.95 30.81
CA VAL D 562 -17.87 21.07 30.13
C VAL D 562 -17.57 21.08 28.62
N ILE D 563 -16.28 21.00 28.28
CA ILE D 563 -15.85 21.12 26.89
C ILE D 563 -15.81 19.77 26.18
N GLY D 564 -15.96 18.68 26.95
CA GLY D 564 -16.07 17.33 26.38
C GLY D 564 -14.77 16.65 25.93
N VAL D 565 -13.62 17.26 26.25
CA VAL D 565 -12.26 16.83 25.83
C VAL D 565 -11.32 16.93 27.04
N ASP D 566 -10.42 15.96 27.22
CA ASP D 566 -9.32 16.10 28.18
C ASP D 566 -8.03 15.73 27.45
N GLU D 567 -6.89 15.99 28.08
CA GLU D 567 -5.60 15.55 27.59
C GLU D 567 -5.07 14.31 28.35
N GLU D 568 -4.79 13.22 27.63
CA GLU D 568 -4.13 12.05 28.20
C GLU D 568 -2.75 12.50 28.72
N ARG D 569 -2.39 12.12 29.95
CA ARG D 569 -1.09 12.52 30.54
C ARG D 569 -0.23 11.30 30.86
N TYR D 570 -0.52 10.19 30.15
CA TYR D 570 0.15 8.89 30.28
C TYR D 570 -0.11 8.20 31.62
N GLN D 571 -1.07 8.73 32.39
CA GLN D 571 -1.58 8.09 33.61
C GLN D 571 -2.77 7.17 33.33
N THR D 572 -3.48 7.44 32.23
CA THR D 572 -4.69 6.68 31.89
C THR D 572 -4.61 5.86 30.59
N LEU D 573 -3.42 5.35 30.25
CA LEU D 573 -3.25 4.55 29.03
C LEU D 573 -4.00 3.21 29.08
N SER D 574 -4.26 2.68 30.28
CA SER D 574 -5.07 1.49 30.39
C SER D 574 -6.54 1.70 29.96
N VAL D 575 -7.01 2.94 29.97
CA VAL D 575 -8.38 3.27 29.60
C VAL D 575 -8.49 3.48 28.09
N ASP D 576 -9.17 2.55 27.41
CA ASP D 576 -9.43 2.66 25.96
C ASP D 576 -10.22 3.93 25.73
N LYS D 577 -9.77 4.74 24.77
CA LYS D 577 -10.46 5.95 24.34
C LYS D 577 -11.32 5.64 23.11
N TYR D 578 -12.60 5.98 23.16
CA TYR D 578 -13.50 5.72 22.02
C TYR D 578 -13.97 7.04 21.41
N PHE D 579 -13.58 7.28 20.16
CA PHE D 579 -13.93 8.55 19.50
C PHE D 579 -15.22 8.34 18.72
N PRO D 580 -16.21 9.21 18.89
CA PRO D 580 -17.37 9.12 17.99
C PRO D 580 -17.03 9.69 16.59
N PRO D 581 -17.80 9.29 15.54
CA PRO D 581 -17.48 9.82 14.21
C PRO D 581 -17.43 11.34 14.19
N VAL D 582 -16.50 11.90 13.43
CA VAL D 582 -16.45 13.35 13.21
C VAL D 582 -17.68 13.81 12.46
N VAL D 583 -18.16 15.00 12.79
CA VAL D 583 -19.23 15.65 12.05
C VAL D 583 -18.64 16.71 11.12
N PRO D 584 -18.42 16.35 9.83
CA PRO D 584 -17.78 17.26 8.88
C PRO D 584 -18.63 18.48 8.49
N ASP D 585 -19.95 18.36 8.49
CA ASP D 585 -20.81 19.46 8.06
C ASP D 585 -21.53 19.99 9.26
N HIS D 586 -21.10 21.14 9.74
CA HIS D 586 -21.56 21.70 10.99
C HIS D 586 -21.49 23.20 10.85
N PHE D 587 -22.35 23.91 11.57
CA PHE D 587 -22.29 25.36 11.68
C PHE D 587 -20.87 25.93 11.88
N ILE D 588 -20.12 25.38 12.84
CA ILE D 588 -18.83 25.99 13.19
C ILE D 588 -17.83 26.00 12.02
N THR D 589 -17.88 24.96 11.19
CA THR D 589 -16.92 24.75 10.12
C THR D 589 -17.44 25.07 8.70
N ALA D 590 -18.57 25.76 8.59
CA ALA D 590 -19.24 25.99 7.29
C ALA D 590 -18.44 26.85 6.28
N ASP D 591 -17.57 27.71 6.78
CA ASP D 591 -16.72 28.53 5.92
C ASP D 591 -15.34 27.93 5.67
N VAL D 592 -15.14 26.70 6.10
CA VAL D 592 -13.86 26.04 5.87
C VAL D 592 -13.89 25.37 4.51
N PRO D 593 -13.02 25.85 3.58
CA PRO D 593 -12.99 25.37 2.18
C PRO D 593 -12.76 23.88 2.08
N VAL D 594 -13.63 23.19 1.35
CA VAL D 594 -13.38 21.79 1.00
C VAL D 594 -12.06 21.65 0.22
N ASP D 595 -11.37 20.55 0.47
CA ASP D 595 -10.22 20.14 -0.32
C ASP D 595 -10.68 18.74 -0.74
N PRO D 596 -11.27 18.63 -1.94
CA PRO D 596 -12.05 17.44 -2.32
C PRO D 596 -11.26 16.15 -2.37
N ALA D 597 -9.98 16.22 -2.75
CA ALA D 597 -9.11 15.04 -2.76
C ALA D 597 -8.76 14.59 -1.34
N ALA D 598 -8.58 15.57 -0.45
CA ALA D 598 -8.39 15.32 0.99
C ALA D 598 -9.64 14.72 1.64
N ARG D 599 -10.81 15.34 1.39
CA ARG D 599 -12.08 14.84 1.92
C ARG D 599 -12.34 13.40 1.49
N GLU D 600 -12.14 13.12 0.20
CA GLU D 600 -12.32 11.78 -0.33
C GLU D 600 -11.39 10.76 0.32
N ALA D 601 -10.12 11.13 0.47
CA ALA D 601 -9.12 10.26 1.11
C ALA D 601 -9.47 9.96 2.58
N TRP D 602 -9.91 11.00 3.30
CA TRP D 602 -10.46 10.85 4.66
C TRP D 602 -11.65 9.86 4.68
N GLU D 603 -12.67 10.11 3.86
CA GLU D 603 -13.86 9.24 3.81
C GLU D 603 -13.52 7.80 3.45
N GLN D 604 -12.55 7.60 2.55
CA GLN D 604 -12.19 6.25 2.11
C GLN D 604 -11.33 5.45 3.10
N ALA D 605 -10.43 6.13 3.80
CA ALA D 605 -9.60 5.42 4.77
C ALA D 605 -10.40 4.86 5.95
N GLY D 606 -11.46 5.55 6.39
CA GLY D 606 -12.34 5.05 7.49
C GLY D 606 -11.87 5.31 8.93
N TYR D 607 -12.64 4.78 9.89
CA TYR D 607 -12.33 4.82 11.33
C TYR D 607 -11.68 3.53 11.84
N ARG D 608 -10.67 3.68 12.69
CA ARG D 608 -10.04 2.56 13.39
C ARG D 608 -11.08 1.74 14.16
N ILE D 609 -11.10 0.42 13.92
CA ILE D 609 -11.97 -0.45 14.70
C ILE D 609 -11.27 -0.74 16.06
N PRO D 610 -12.04 -0.97 17.14
CA PRO D 610 -11.45 -1.15 18.49
C PRO D 610 -10.38 -2.22 18.52
N LEU D 611 -9.21 -1.89 19.04
CA LEU D 611 -8.15 -2.85 19.28
C LEU D 611 -7.74 -2.76 20.75
N SER D 612 -7.39 -3.90 21.32
CA SER D 612 -6.99 -3.96 22.72
C SER D 612 -5.86 -2.96 23.04
N GLY D 613 -6.10 -2.10 24.03
CA GLY D 613 -5.15 -1.09 24.44
C GLY D 613 -4.99 0.11 23.53
N CYS D 614 -5.93 0.33 22.62
CA CYS D 614 -5.78 1.38 21.61
C CYS D 614 -7.08 2.15 21.41
N GLY D 615 -8.11 1.75 22.14
CA GLY D 615 -9.45 2.29 21.89
C GLY D 615 -9.87 2.14 20.44
N GLY D 616 -10.66 3.10 19.96
CA GLY D 616 -11.18 3.03 18.61
C GLY D 616 -11.91 4.28 18.15
N GLY D 617 -12.19 4.36 16.86
CA GLY D 617 -13.02 5.45 16.34
C GLY D 617 -12.24 6.59 15.71
N GLN D 618 -10.92 6.57 15.84
CA GLN D 618 -10.06 7.63 15.30
C GLN D 618 -9.95 7.49 13.78
N SER D 619 -9.92 8.61 13.04
CA SER D 619 -9.78 8.55 11.59
C SER D 619 -8.38 8.12 11.19
N ILE D 620 -8.31 7.11 10.33
CA ILE D 620 -7.03 6.56 9.86
C ILE D 620 -6.28 7.65 9.06
N LYS D 621 -7.03 8.52 8.37
CA LYS D 621 -6.42 9.64 7.64
C LYS D 621 -7.04 10.92 8.13
N PRO D 622 -6.32 12.03 7.96
CA PRO D 622 -6.84 13.31 8.50
C PRO D 622 -7.81 13.95 7.54
N LEU D 623 -8.88 14.54 8.06
CA LEU D 623 -9.71 15.43 7.28
C LEU D 623 -8.98 16.75 6.90
N GLY D 624 -8.25 17.34 7.85
CA GLY D 624 -7.42 18.53 7.57
C GLY D 624 -8.28 19.72 7.19
N GLY D 625 -7.68 20.71 6.54
CA GLY D 625 -8.38 21.93 6.12
C GLY D 625 -8.29 23.14 7.06
N ILE D 626 -7.89 22.90 8.31
CA ILE D 626 -7.76 23.99 9.28
C ILE D 626 -6.38 23.96 9.93
N ASP D 627 -5.79 25.14 10.10
CA ASP D 627 -4.49 25.22 10.74
C ASP D 627 -4.69 25.54 12.21
N PHE D 628 -4.37 24.57 13.07
CA PHE D 628 -4.58 24.65 14.53
C PHE D 628 -3.28 24.95 15.28
N GLY D 629 -2.20 25.20 14.52
CA GLY D 629 -0.93 25.64 15.12
C GLY D 629 -0.27 24.51 15.89
N GLU D 630 0.28 24.80 17.07
CA GLU D 630 1.03 23.77 17.81
C GLU D 630 0.07 22.64 18.32
N PRO D 631 0.42 21.36 18.08
CA PRO D 631 -0.51 20.32 18.57
C PRO D 631 -0.53 20.17 20.10
N VAL D 632 -1.70 19.76 20.63
CA VAL D 632 -1.80 19.33 22.01
C VAL D 632 -1.97 17.83 21.92
N LEU D 633 -0.94 17.10 22.36
CA LEU D 633 -0.83 15.68 22.10
C LEU D 633 -1.84 14.92 22.93
N ASN D 634 -2.48 13.95 22.29
CA ASN D 634 -3.35 13.00 22.98
C ASN D 634 -4.59 13.57 23.69
N THR D 635 -5.09 14.69 23.19
CA THR D 635 -6.45 15.11 23.51
C THR D 635 -7.41 14.02 23.03
N TYR D 636 -8.47 13.73 23.80
CA TYR D 636 -9.45 12.70 23.43
C TYR D 636 -10.84 13.13 23.96
N PRO D 637 -11.95 12.58 23.39
CA PRO D 637 -13.28 12.97 23.87
C PRO D 637 -13.58 12.27 25.19
N VAL D 638 -14.14 12.95 26.20
CA VAL D 638 -14.41 12.28 27.47
C VAL D 638 -15.48 11.19 27.37
N ASN D 639 -16.35 11.31 26.39
CA ASN D 639 -17.40 10.32 26.13
C ASN D 639 -17.85 10.52 24.69
N GLU D 640 -18.78 9.68 24.25
CA GLU D 640 -19.20 9.69 22.87
C GLU D 640 -20.41 10.60 22.59
N ASN D 641 -20.81 11.41 23.56
CA ASN D 641 -21.86 12.43 23.32
C ASN D 641 -21.29 13.80 22.88
N VAL D 642 -19.97 13.92 22.92
CA VAL D 642 -19.24 15.11 22.48
C VAL D 642 -19.21 15.10 20.97
N THR D 643 -19.41 16.27 20.37
CA THR D 643 -19.38 16.41 18.93
C THR D 643 -17.96 16.77 18.50
N LEU D 644 -17.32 15.88 17.75
CA LEU D 644 -15.98 16.12 17.25
C LEU D 644 -16.07 16.74 15.85
N LEU D 645 -15.40 17.87 15.66
CA LEU D 645 -15.42 18.58 14.38
C LEU D 645 -14.12 18.36 13.64
N ARG D 646 -13.03 18.22 14.39
CA ARG D 646 -11.72 17.79 13.87
C ARG D 646 -11.03 16.96 14.95
N ALA D 647 -10.70 15.73 14.59
CA ALA D 647 -9.98 14.77 15.43
C ALA D 647 -9.05 13.94 14.55
N ASP D 648 -8.08 14.64 13.97
CA ASP D 648 -7.05 14.13 13.07
C ASP D 648 -5.80 13.67 13.83
N GLY D 649 -5.14 12.63 13.30
CA GLY D 649 -3.85 12.17 13.83
C GLY D 649 -3.99 11.48 15.18
N GLY D 650 -5.16 10.91 15.44
CA GLY D 650 -5.40 10.16 16.69
C GLY D 650 -5.57 11.04 17.94
N GLN D 651 -5.95 12.31 17.75
CA GLN D 651 -6.22 13.25 18.85
C GLN D 651 -7.25 14.33 18.45
N VAL D 652 -7.53 15.26 19.34
CA VAL D 652 -8.65 16.21 19.09
C VAL D 652 -8.16 17.63 18.86
N GLN D 653 -8.65 18.27 17.83
CA GLN D 653 -8.39 19.69 17.62
C GLN D 653 -9.63 20.55 17.84
N LEU D 654 -10.82 20.00 17.61
CA LEU D 654 -12.04 20.83 17.64
C LEU D 654 -13.26 19.97 17.96
N ALA D 655 -13.99 20.42 18.97
CA ALA D 655 -15.15 19.69 19.53
C ALA D 655 -16.07 20.69 20.18
N THR D 656 -17.33 20.28 20.30
CA THR D 656 -18.33 21.03 21.03
C THR D 656 -19.16 20.06 21.89
N ASN D 657 -19.58 20.53 23.05
CA ASN D 657 -20.33 19.72 23.99
C ASN D 657 -21.50 20.53 24.58
N ASP D 658 -22.70 19.96 24.53
CA ASP D 658 -23.83 20.52 25.30
C ASP D 658 -23.66 20.22 26.76
N TYR D 659 -23.92 21.23 27.57
CA TYR D 659 -23.71 21.14 29.01
C TYR D 659 -24.87 21.82 29.69
N GLY D 660 -25.93 21.06 29.95
CA GLY D 660 -27.21 21.67 30.37
C GLY D 660 -27.73 22.59 29.28
N LYS D 661 -28.05 23.82 29.64
CA LYS D 661 -28.57 24.80 28.68
C LYS D 661 -27.44 25.47 27.96
N GLY D 662 -26.19 25.28 28.43
CA GLY D 662 -25.05 25.95 27.79
C GLY D 662 -24.24 25.00 26.92
N ARG D 663 -23.06 25.48 26.49
CA ARG D 663 -22.15 24.68 25.68
C ARG D 663 -20.68 24.95 26.01
N GLY D 664 -19.88 23.90 25.92
CA GLY D 664 -18.43 24.04 25.90
C GLY D 664 -17.86 23.69 24.53
N VAL D 665 -16.79 24.38 24.15
CA VAL D 665 -16.06 24.15 22.92
C VAL D 665 -14.58 24.04 23.22
N TYR D 666 -13.93 23.05 22.59
CA TYR D 666 -12.48 22.88 22.69
C TYR D 666 -11.82 23.20 21.35
N ILE D 667 -10.75 23.98 21.41
CA ILE D 667 -9.93 24.26 20.24
C ILE D 667 -8.49 24.04 20.65
N SER D 668 -7.78 23.13 19.99
CA SER D 668 -6.37 22.86 20.38
C SER D 668 -5.44 24.05 20.20
N GLY D 669 -5.65 24.82 19.14
CA GLY D 669 -4.82 26.00 18.81
C GLY D 669 -5.50 26.85 17.73
N LEU D 670 -5.09 28.11 17.63
CA LEU D 670 -5.77 29.09 16.74
C LEU D 670 -4.83 30.22 16.29
N PRO D 671 -3.88 29.90 15.38
CA PRO D 671 -3.15 30.97 14.67
C PRO D 671 -4.11 31.85 13.92
N TYR D 672 -3.75 33.13 13.81
CA TYR D 672 -4.56 34.11 13.13
C TYR D 672 -4.56 33.89 11.64
N SER D 673 -5.76 33.88 11.04
CA SER D 673 -5.97 34.00 9.59
C SER D 673 -7.44 34.38 9.42
N ALA D 674 -7.83 34.80 8.22
CA ALA D 674 -9.23 35.11 7.98
C ALA D 674 -10.12 33.89 8.27
N ALA D 675 -9.72 32.73 7.78
CA ALA D 675 -10.47 31.51 8.03
C ALA D 675 -10.56 31.18 9.54
N ASN D 676 -9.47 31.38 10.26
CA ASN D 676 -9.46 31.04 11.68
C ASN D 676 -10.19 32.07 12.54
N ALA D 677 -10.18 33.32 12.10
CA ALA D 677 -10.98 34.33 12.79
C ALA D 677 -12.49 34.06 12.62
N ARG D 678 -12.87 33.63 11.43
CA ARG D 678 -14.27 33.26 11.13
C ARG D 678 -14.68 31.97 11.90
N LEU D 679 -13.78 31.00 11.96
CA LEU D 679 -13.95 29.81 12.79
C LEU D 679 -14.20 30.18 14.25
N LEU D 680 -13.35 31.02 14.85
CA LEU D 680 -13.58 31.48 16.22
C LEU D 680 -14.95 32.19 16.38
N GLU D 681 -15.19 33.17 15.52
CA GLU D 681 -16.47 33.89 15.51
C GLU D 681 -17.68 32.95 15.51
N ARG D 682 -17.68 31.92 14.67
CA ARG D 682 -18.77 30.94 14.65
C ARG D 682 -18.86 30.10 15.93
N VAL D 683 -17.70 29.72 16.47
CA VAL D 683 -17.63 29.10 17.78
C VAL D 683 -18.37 29.99 18.77
N LEU D 684 -18.11 31.30 18.72
CA LEU D 684 -18.72 32.15 19.73
C LEU D 684 -20.25 32.19 19.59
N PHE D 685 -20.74 32.19 18.35
CA PHE D 685 -22.19 32.30 18.16
C PHE D 685 -22.85 30.99 18.57
N TYR D 686 -22.21 29.89 18.16
CA TYR D 686 -22.75 28.56 18.37
C TYR D 686 -22.79 28.21 19.85
N ALA D 687 -21.72 28.54 20.57
CA ALA D 687 -21.57 28.07 21.95
C ALA D 687 -22.57 28.78 22.86
N SER D 688 -22.90 30.00 22.47
CA SER D 688 -23.82 30.86 23.20
C SER D 688 -25.27 30.66 22.73
N HIS D 689 -25.52 29.63 21.94
CA HIS D 689 -26.86 29.33 21.42
C HIS D 689 -27.44 30.50 20.60
N ASN D 690 -26.55 31.21 19.90
CA ASN D 690 -26.89 32.38 19.14
C ASN D 690 -26.69 32.23 17.62
N GLU D 691 -26.85 31.01 17.11
CA GLU D 691 -26.73 30.77 15.66
C GLU D 691 -27.73 31.63 14.86
N ASP D 692 -28.96 31.74 15.38
CA ASP D 692 -30.00 32.57 14.76
C ASP D 692 -29.59 34.06 14.72
N LYS D 693 -28.64 34.47 15.56
CA LYS D 693 -28.16 35.86 15.65
C LYS D 693 -26.91 36.17 14.77
N TYR D 694 -26.25 35.11 14.31
CA TYR D 694 -25.04 35.19 13.49
C TYR D 694 -25.19 35.99 12.18
N ALA D 695 -26.29 35.73 11.46
CA ALA D 695 -26.46 36.26 10.07
C ALA D 695 -26.53 37.81 9.97
N ALA D 696 -27.18 38.44 10.93
CA ALA D 696 -27.26 39.90 11.01
C ALA D 696 -25.90 40.65 11.04
N TRP D 697 -25.66 41.49 10.01
CA TRP D 697 -24.44 42.33 9.88
C TRP D 697 -23.17 41.48 9.77
N SER D 698 -23.22 40.50 8.88
CA SER D 698 -22.08 39.63 8.61
C SER D 698 -21.74 39.69 7.11
N SER D 699 -20.47 39.41 6.78
CA SER D 699 -19.98 39.22 5.41
C SER D 699 -19.86 37.72 5.10
N SER D 700 -20.37 37.29 3.94
CA SER D 700 -20.29 35.89 3.52
C SER D 700 -18.84 35.46 3.30
N ASN D 701 -18.04 36.35 2.73
CA ASN D 701 -16.62 36.10 2.51
C ASN D 701 -15.79 36.45 3.75
N PRO D 702 -15.04 35.47 4.27
CA PRO D 702 -14.28 35.67 5.51
C PRO D 702 -13.15 36.69 5.35
N GLU D 703 -12.73 36.97 4.12
CA GLU D 703 -11.73 38.03 3.87
C GLU D 703 -12.24 39.46 4.13
N CYS D 704 -13.55 39.61 4.27
CA CYS D 704 -14.16 40.91 4.57
C CYS D 704 -14.90 40.88 5.90
N GLU D 705 -15.01 42.04 6.53
CA GLU D 705 -15.78 42.21 7.77
C GLU D 705 -16.78 43.37 7.71
N VAL D 706 -17.82 43.29 8.55
CA VAL D 706 -18.90 44.28 8.58
C VAL D 706 -18.95 45.04 9.91
N ALA D 707 -19.17 46.35 9.84
CA ALA D 707 -19.33 47.14 11.04
C ALA D 707 -20.66 47.89 10.95
N HIS D 708 -21.45 47.83 12.02
CA HIS D 708 -22.77 48.45 12.03
C HIS D 708 -22.79 49.62 13.00
N PHE D 709 -23.26 50.77 12.51
CA PHE D 709 -23.36 52.00 13.31
C PHE D 709 -24.80 52.53 13.31
N PRO D 710 -25.66 51.89 14.13
CA PRO D 710 -27.09 52.19 14.22
C PRO D 710 -27.42 53.67 14.47
N GLU D 711 -26.66 54.36 15.32
CA GLU D 711 -26.95 55.76 15.60
C GLU D 711 -26.65 56.72 14.43
N GLN D 712 -26.20 56.15 13.31
CA GLN D 712 -25.94 56.91 12.09
C GLN D 712 -26.69 56.29 10.93
N GLY D 713 -27.42 55.19 11.19
CA GLY D 713 -28.10 54.45 10.12
C GLY D 713 -27.09 54.23 9.02
N LEU D 714 -26.13 53.35 9.29
CA LEU D 714 -24.92 53.23 8.48
C LEU D 714 -24.21 51.94 8.80
N TYR D 715 -23.87 51.18 7.77
CA TYR D 715 -22.84 50.14 7.94
C TYR D 715 -21.75 50.26 6.89
N CYS D 716 -20.56 49.77 7.22
CA CYS D 716 -19.49 49.59 6.23
C CYS D 716 -19.07 48.11 6.11
N VAL D 717 -18.51 47.77 4.95
CA VAL D 717 -17.86 46.49 4.75
C VAL D 717 -16.45 46.77 4.28
N ILE D 718 -15.50 46.04 4.84
CA ILE D 718 -14.06 46.24 4.57
C ILE D 718 -13.41 44.99 4.00
N ASN D 719 -12.40 45.21 3.16
CA ASN D 719 -11.62 44.14 2.58
C ASN D 719 -10.31 44.04 3.34
N ASN D 720 -10.11 42.93 4.05
CA ASN D 720 -8.92 42.76 4.89
C ASN D 720 -7.68 42.28 4.13
N THR D 721 -7.79 42.17 2.80
CA THR D 721 -6.69 41.73 1.92
C THR D 721 -6.30 42.78 0.85
N ASP D 722 -5.20 42.53 0.17
CA ASP D 722 -4.75 43.36 -0.95
C ASP D 722 -5.27 42.83 -2.29
N GLN D 723 -6.19 41.87 -2.21
CA GLN D 723 -6.78 41.24 -3.40
C GLN D 723 -8.21 41.74 -3.59
N PRO D 724 -8.76 41.63 -4.82
CA PRO D 724 -10.18 41.93 -5.01
C PRO D 724 -11.01 40.88 -4.29
N GLN D 725 -12.14 41.27 -3.69
CA GLN D 725 -12.98 40.30 -2.97
C GLN D 725 -14.45 40.55 -3.22
N LYS D 726 -15.17 39.50 -3.63
CA LYS D 726 -16.64 39.54 -3.68
C LYS D 726 -17.23 39.03 -2.36
N THR D 727 -18.28 39.71 -1.90
CA THR D 727 -18.95 39.38 -0.65
C THR D 727 -20.43 39.82 -0.62
N THR D 728 -21.27 39.05 0.06
CA THR D 728 -22.64 39.40 0.33
C THR D 728 -22.76 39.67 1.81
N VAL D 729 -23.25 40.86 2.14
CA VAL D 729 -23.53 41.28 3.50
C VAL D 729 -25.01 41.02 3.72
N THR D 730 -25.34 40.36 4.83
CA THR D 730 -26.70 40.15 5.32
C THR D 730 -27.08 41.20 6.36
N LEU D 731 -28.19 41.89 6.12
CA LEU D 731 -28.70 42.89 7.03
C LEU D 731 -29.63 42.25 8.07
N ALA D 732 -30.01 43.01 9.10
CA ALA D 732 -30.84 42.47 10.21
C ALA D 732 -32.25 42.09 9.76
N ASP D 733 -32.68 42.61 8.62
CA ASP D 733 -34.02 42.35 8.11
C ASP D 733 -34.10 41.08 7.26
N GLY D 734 -32.96 40.44 7.05
CA GLY D 734 -32.92 39.24 6.21
C GLY D 734 -32.51 39.54 4.78
N THR D 735 -32.40 40.83 4.45
CA THR D 735 -31.91 41.30 3.14
C THR D 735 -30.41 41.04 2.89
N THR D 736 -30.04 40.84 1.63
CA THR D 736 -28.65 40.61 1.25
C THR D 736 -28.20 41.60 0.17
N GLU D 737 -27.03 42.19 0.38
CA GLU D 737 -26.48 43.18 -0.54
C GLU D 737 -25.07 42.78 -0.96
N ASP D 738 -24.80 42.91 -2.25
CA ASP D 738 -23.58 42.40 -2.87
C ASP D 738 -22.50 43.45 -3.08
N PHE D 739 -21.24 43.03 -2.93
CA PHE D 739 -20.09 43.91 -3.11
C PHE D 739 -19.00 43.23 -3.92
N ASP D 740 -18.13 44.05 -4.52
CA ASP D 740 -16.93 43.57 -5.17
C ASP D 740 -15.89 44.64 -4.87
N LEU D 741 -15.04 44.37 -3.88
CA LEU D 741 -14.15 45.40 -3.37
C LEU D 741 -12.73 45.25 -3.89
N PRO D 742 -12.08 46.38 -4.24
CA PRO D 742 -10.67 46.34 -4.61
C PRO D 742 -9.74 46.12 -3.41
N ASP D 743 -8.48 45.85 -3.71
CA ASP D 743 -7.36 45.88 -2.77
C ASP D 743 -7.58 46.88 -1.64
N SER D 744 -7.61 46.38 -0.40
CA SER D 744 -7.80 47.22 0.80
C SER D 744 -9.06 48.09 0.80
N GLY D 745 -10.04 47.72 -0.01
CA GLY D 745 -11.23 48.56 -0.22
C GLY D 745 -12.19 48.62 0.97
N ILE D 746 -13.01 49.67 0.96
CA ILE D 746 -14.07 49.92 1.95
C ILE D 746 -15.30 50.45 1.19
N ALA D 747 -16.49 50.04 1.60
CA ALA D 747 -17.74 50.57 1.04
C ALA D 747 -18.73 50.84 2.14
N TRP D 748 -19.45 51.96 2.01
CA TRP D 748 -20.48 52.36 2.97
C TRP D 748 -21.90 52.31 2.39
N ARG D 749 -22.86 51.97 3.25
CA ARG D 749 -24.27 51.89 2.86
C ARG D 749 -25.18 52.37 3.96
N GLU D 750 -26.43 52.64 3.56
CA GLU D 750 -27.54 52.90 4.47
C GLU D 750 -28.00 51.58 5.09
#